data_8CFF
#
_entry.id   8CFF
#
_cell.length_a   90.306
_cell.length_b   108.982
_cell.length_c   116.892
_cell.angle_alpha   97.50
_cell.angle_beta   90.21
_cell.angle_gamma   96.06
#
_symmetry.space_group_name_H-M   'P 1'
#
loop_
_entity.id
_entity.type
_entity.pdbx_description
1 polymer 'Arsenite oxidase subunit AioA'
2 polymer 'Arsenite oxidase subunit AioB'
3 non-polymer '2-AMINO-5,6-DIMERCAPTO-7-METHYL-3,7,8A,9-TETRAHYDRO-8-OXA-1,3,9,10-TETRAAZA-ANTHRACEN-4-ONE GUANOSINE DINUCLEOTIDE'
4 non-polymer 'MOLYBDENUM ATOM'
5 non-polymer 'FE3-S4 CLUSTER'
6 non-polymer 'TRIETHYLENE GLYCOL'
7 non-polymer GLYCEROL
8 non-polymer ARSENITE
9 non-polymer 1,2-ETHANEDIOL
10 non-polymer DI(HYDROXYETHYL)ETHER
11 non-polymer 'ISOPROPYL ALCOHOL'
12 non-polymer 'FE2/S2 (INORGANIC) CLUSTER'
13 water water
#
loop_
_entity_poly.entity_id
_entity_poly.type
_entity_poly.pdbx_seq_one_letter_code
_entity_poly.pdbx_strand_id
1 'polypeptide(L)'
;PNDRITLPPANAQRTNMTCHFCIVGCGYHVYKWPELQEGGRAPEQNALGLDFRKQLPPLAVTLTPAMTNVVTEHNGRRYN
IMVVPDKACVVNSGLSSTRGGKMASYMYTPTGDGKQRLKAPRLYAADQWVDTTWDHAMALYAGLIKKTLDKDGPQGVFFS
CFDHGGAGGGFENTWGTGKLMFSAIQTPMVRIHNRPAYNSECHATREMGIGELNNAYEDAQLADVIWSIGNNPYESQTNY
FLNHWLPNLQGATTSKKKERFPNENFPQARIIFVDPRETPSVAIARHVAGNDRVLHLAIEPGTDTALFNGLFTYVVEQGW
IDKPFIEAHTKGFDDAVKTNRLSLDECSNITGVPVDMLKRAAEWSYKPKASGQAPRTMHAYEKGIIWGNDNYVIQSALLD
LVIATHNVGRRGTGCVRMGGHQEGYTRPPYPGDKKIYIDQELIKGKGRIMTWWGCNNFQTSNNAQALREAILQRSAIVKQ
AMQKARGATTEEMVDVIYEATQNGGLFVTSINLYPTKLAEAAHLMLPAAHPGEMNLTSMNGERRIRLSEKFMDPPGTAMA
DCLIAARIANALRDMYQKDGKAEMAAQFEGFDWKTEEDAFNDGFRRAGQPGAPAIDSQGGSTGHLVTYDRLRKSGNNGVQ
LPVVSWDESKGLVGTEMLYTEGKFDTDDGKAHFKPAPWNGLPATVQQQKDKYRFWLNNGRNNEVWQTAYHDQYNSLMQER
YPMAYIEMNPDDCKQLDVTGGDIVEVYNDFGSTFAMVYPVAEIKRGQTFMLFGYVNGIQGDVTTDWTDRNIIPYYKGTWG
DIRKVGSMEEFKRTVSFKSRRFA
;
A,C,E,G
2 'polypeptide(L)'
;LRTTLQYPATQVSVAKNLKANEPVSFTYPDTSSPCVAVKLGSPVPGGVGPNNDIVAYSVLCTHMGCPTSYDKSSKTFKCP
CHFTEFDAEKAGQMICGQATENLPRVLLRYDEASDALTAVGVDGLIYGRQANVI
;
B,D,F,H
#
loop_
_chem_comp.id
_chem_comp.type
_chem_comp.name
_chem_comp.formula
AST non-polymer ARSENITE 'As O3 -3'
EDO non-polymer 1,2-ETHANEDIOL 'C2 H6 O2'
F3S non-polymer 'FE3-S4 CLUSTER' 'Fe3 S4'
FES non-polymer 'FE2/S2 (INORGANIC) CLUSTER' 'Fe2 S2'
GOL non-polymer GLYCEROL 'C3 H8 O3'
IPA non-polymer 'ISOPROPYL ALCOHOL' 'C3 H8 O'
MGD non-polymer '2-AMINO-5,6-DIMERCAPTO-7-METHYL-3,7,8A,9-TETRAHYDRO-8-OXA-1,3,9,10-TETRAAZA-ANTHRACEN-4-ONE GUANOSINE DINUCLEOTIDE' 'C20 H26 N10 O13 P2 S2'
MO non-polymer 'MOLYBDENUM ATOM' Mo
PEG non-polymer DI(HYDROXYETHYL)ETHER 'C4 H10 O3'
PGE non-polymer 'TRIETHYLENE GLYCOL' 'C6 H14 O4'
#
# COMPACT_ATOMS: atom_id res chain seq x y z
N PRO A 1 -10.19 41.70 35.88
CA PRO A 1 -11.42 42.51 36.25
C PRO A 1 -12.44 42.73 35.10
N ASN A 2 -13.71 42.79 35.48
CA ASN A 2 -14.89 42.68 34.60
C ASN A 2 -15.51 44.05 34.35
N ASP A 3 -15.03 45.08 35.06
CA ASP A 3 -15.70 46.39 35.16
C ASP A 3 -14.89 47.50 34.49
N ARG A 4 -13.95 47.14 33.62
CA ARG A 4 -13.23 48.16 32.84
C ARG A 4 -12.50 47.53 31.67
N ILE A 5 -12.02 48.35 30.77
CA ILE A 5 -11.19 47.85 29.65
C ILE A 5 -10.07 48.85 29.44
N THR A 6 -8.99 48.34 28.87
CA THR A 6 -7.80 49.12 28.52
C THR A 6 -7.99 49.63 27.09
N LEU A 7 -8.05 50.94 26.93
CA LEU A 7 -8.23 51.62 25.63
C LEU A 7 -6.94 51.50 24.81
N PRO A 8 -7.08 51.29 23.49
CA PRO A 8 -5.91 51.31 22.62
C PRO A 8 -5.31 52.72 22.57
N PRO A 9 -3.98 52.90 22.68
CA PRO A 9 -3.37 54.21 22.51
C PRO A 9 -3.63 54.85 21.13
N ALA A 10 -3.57 56.17 21.04
CA ALA A 10 -3.86 56.87 19.79
C ALA A 10 -3.02 56.24 18.67
N ASN A 11 -1.77 55.85 18.96
CA ASN A 11 -0.80 55.39 17.93
C ASN A 11 -0.74 53.85 17.90
N ALA A 12 -1.73 53.15 18.44
CA ALA A 12 -1.71 51.67 18.46
C ALA A 12 -1.63 51.16 17.00
N GLN A 13 -0.97 50.05 16.82
CA GLN A 13 -1.00 49.34 15.52
C GLN A 13 -2.40 48.87 15.24
N ARG A 14 -2.85 49.02 14.00
CA ARG A 14 -4.17 48.62 13.54
C ARG A 14 -3.97 47.82 12.25
N THR A 15 -4.57 46.65 12.23
CA THR A 15 -4.61 45.80 11.03
C THR A 15 -6.03 45.45 10.71
N ASN A 16 -6.24 45.03 9.48
CA ASN A 16 -7.56 44.57 8.99
C ASN A 16 -7.76 43.07 9.24
N MET A 17 -9.00 42.72 9.59
CA MET A 17 -9.36 41.31 9.85
C MET A 17 -10.80 41.12 9.39
N THR A 18 -11.01 40.22 8.45
CA THR A 18 -12.39 39.76 8.18
C THR A 18 -12.78 38.80 9.29
N CYS A 19 -14.04 38.78 9.68
CA CYS A 19 -14.52 37.80 10.67
C CYS A 19 -14.05 36.40 10.25
N HIS A 20 -13.62 35.61 11.22
CA HIS A 20 -13.22 34.20 11.02
C HIS A 20 -14.38 33.37 10.47
N PHE A 21 -15.64 33.71 10.74
CA PHE A 21 -16.70 32.70 10.84
C PHE A 21 -17.66 32.78 9.62
N CYS A 22 -18.85 33.38 9.72
CA CYS A 22 -19.87 33.08 8.68
C CYS A 22 -19.55 33.80 7.36
N ILE A 23 -20.25 33.35 6.32
CA ILE A 23 -20.30 33.92 4.94
C ILE A 23 -20.32 35.45 4.89
N VAL A 24 -20.95 36.13 5.81
CA VAL A 24 -21.14 37.59 5.60
C VAL A 24 -19.76 38.26 5.52
N GLY A 25 -18.82 37.86 6.35
CA GLY A 25 -17.46 38.38 6.20
C GLY A 25 -17.38 39.83 6.63
N CYS A 26 -17.95 40.12 7.78
CA CYS A 26 -17.95 41.46 8.38
C CYS A 26 -16.49 41.91 8.53
N GLY A 27 -16.27 43.19 8.31
CA GLY A 27 -14.95 43.84 8.48
C GLY A 27 -14.68 44.18 9.94
N TYR A 28 -13.45 43.85 10.40
CA TYR A 28 -12.97 44.21 11.76
C TYR A 28 -11.61 44.89 11.64
N HIS A 29 -11.32 45.66 12.68
CA HIS A 29 -9.95 46.14 13.01
C HIS A 29 -9.39 45.36 14.18
N VAL A 30 -8.09 45.12 14.12
CA VAL A 30 -7.32 44.57 15.25
C VAL A 30 -6.37 45.66 15.70
N TYR A 31 -6.55 46.16 16.91
CA TYR A 31 -5.61 47.07 17.58
C TYR A 31 -4.67 46.22 18.43
N LYS A 32 -3.38 46.48 18.35
CA LYS A 32 -2.33 45.71 19.10
C LYS A 32 -1.36 46.68 19.70
N TRP A 33 -1.15 46.61 21.01
CA TRP A 33 -0.19 47.52 21.66
C TRP A 33 0.42 46.88 22.89
N PRO A 34 1.58 47.39 23.38
CA PRO A 34 2.24 46.76 24.52
C PRO A 34 1.26 46.71 25.69
N GLU A 35 1.30 45.65 26.45
CA GLU A 35 0.38 45.40 27.58
C GLU A 35 0.32 46.58 28.55
N LEU A 36 1.46 47.23 28.83
CA LEU A 36 1.58 48.25 29.91
C LEU A 36 1.29 49.67 29.40
N GLN A 37 0.77 49.80 28.18
CA GLN A 37 0.35 51.09 27.60
C GLN A 37 -1.18 51.08 27.49
N GLU A 38 -1.75 52.27 27.49
CA GLU A 38 -3.19 52.46 27.29
C GLU A 38 -3.40 53.86 26.73
N GLY A 39 -4.50 53.95 25.99
CA GLY A 39 -5.06 55.21 25.47
C GLY A 39 -5.75 55.98 26.59
N GLY A 40 -5.96 57.27 26.34
CA GLY A 40 -6.68 58.15 27.26
C GLY A 40 -8.15 58.19 26.84
N ARG A 41 -9.00 58.69 27.73
CA ARG A 41 -10.44 58.68 27.48
C ARG A 41 -10.83 59.73 26.43
N ALA A 42 -10.08 60.83 26.32
CA ALA A 42 -10.38 61.87 25.31
C ALA A 42 -10.28 61.24 23.91
N PRO A 43 -11.22 61.62 23.00
CA PRO A 43 -11.35 60.94 21.72
C PRO A 43 -10.05 60.97 20.88
N GLU A 44 -9.28 62.06 20.96
CA GLU A 44 -8.03 62.17 20.18
C GLU A 44 -6.84 61.49 20.90
N GLN A 45 -7.07 60.86 22.06
CA GLN A 45 -6.02 60.15 22.85
C GLN A 45 -6.28 58.64 22.91
N ASN A 46 -7.25 58.11 22.17
CA ASN A 46 -7.35 56.67 21.94
C ASN A 46 -7.57 56.36 20.46
N ALA A 47 -7.21 55.15 20.06
CA ALA A 47 -7.26 54.76 18.63
C ALA A 47 -8.73 54.68 18.14
N LEU A 48 -9.72 54.55 19.04
CA LEU A 48 -11.12 54.43 18.53
C LEU A 48 -11.67 55.80 18.13
N GLY A 49 -11.09 56.89 18.61
CA GLY A 49 -11.61 58.23 18.29
C GLY A 49 -12.94 58.48 19.03
N LEU A 50 -13.20 57.74 20.11
CA LEU A 50 -14.46 57.84 20.89
C LEU A 50 -14.19 58.53 22.22
N ASP A 51 -15.20 59.26 22.69
CA ASP A 51 -15.06 60.12 23.89
C ASP A 51 -15.53 59.29 25.09
N PHE A 52 -14.62 58.68 25.81
CA PHE A 52 -14.89 57.93 27.06
C PHE A 52 -14.90 58.84 28.30
N ARG A 53 -14.94 60.17 28.16
CA ARG A 53 -14.98 61.07 29.33
C ARG A 53 -16.43 61.18 29.82
N LYS A 54 -17.35 60.65 29.02
CA LYS A 54 -18.78 60.60 29.39
C LYS A 54 -19.43 59.43 28.67
N GLN A 55 -20.60 59.06 29.16
CA GLN A 55 -21.41 57.99 28.56
C GLN A 55 -21.46 58.13 27.03
N LEU A 56 -21.17 57.04 26.32
CA LEU A 56 -21.36 57.02 24.85
C LEU A 56 -22.84 56.84 24.55
N PRO A 57 -23.36 57.48 23.48
CA PRO A 57 -24.73 57.20 23.06
C PRO A 57 -24.92 55.83 22.44
N PRO A 58 -26.18 55.37 22.30
CA PRO A 58 -26.40 54.09 21.65
C PRO A 58 -25.87 54.10 20.22
N LEU A 59 -25.43 52.92 19.79
CA LEU A 59 -24.89 52.57 18.44
C LEU A 59 -23.53 53.22 18.17
N ALA A 60 -22.88 53.85 19.15
CA ALA A 60 -21.57 54.53 18.97
C ALA A 60 -20.45 53.52 18.84
N VAL A 61 -20.59 52.32 19.43
CA VAL A 61 -19.44 51.39 19.58
C VAL A 61 -20.01 50.00 19.87
N THR A 62 -19.23 48.98 19.52
CA THR A 62 -19.41 47.61 20.00
C THR A 62 -18.12 47.30 20.74
N LEU A 63 -18.17 47.29 22.05
CA LEU A 63 -16.97 47.05 22.88
C LEU A 63 -17.37 46.39 24.20
N THR A 64 -16.83 45.21 24.44
CA THR A 64 -17.04 44.42 25.67
C THR A 64 -15.69 43.82 26.03
N PRO A 65 -15.50 43.38 27.28
CA PRO A 65 -14.29 42.60 27.63
C PRO A 65 -14.00 41.39 26.74
N ALA A 66 -15.02 40.72 26.19
CA ALA A 66 -14.80 39.52 25.33
C ALA A 66 -14.08 39.97 24.04
N MET A 67 -14.08 41.27 23.72
CA MET A 67 -13.53 41.82 22.45
C MET A 67 -12.07 42.26 22.68
N THR A 68 -11.50 41.89 23.82
CA THR A 68 -10.13 42.27 24.20
C THR A 68 -9.39 41.01 24.64
N ASN A 69 -8.06 41.07 24.60
CA ASN A 69 -7.24 39.98 25.17
C ASN A 69 -5.84 40.53 25.33
N VAL A 70 -4.99 39.71 25.96
CA VAL A 70 -3.53 39.95 26.02
C VAL A 70 -2.83 38.71 25.52
N VAL A 71 -2.09 38.88 24.43
CA VAL A 71 -1.39 37.77 23.74
C VAL A 71 0.07 37.83 24.18
N THR A 72 0.72 36.68 24.13
CA THR A 72 2.16 36.58 24.46
C THR A 72 2.83 36.05 23.19
N GLU A 73 3.71 36.85 22.60
CA GLU A 73 4.39 36.43 21.37
C GLU A 73 5.55 35.46 21.67
N HIS A 74 6.11 34.88 20.61
CA HIS A 74 7.23 33.91 20.74
C HIS A 74 8.43 34.56 21.42
N ASN A 75 8.63 35.87 21.30
CA ASN A 75 9.71 36.59 22.05
C ASN A 75 9.33 36.84 23.52
N GLY A 76 8.20 36.30 23.99
CA GLY A 76 7.70 36.41 25.38
C GLY A 76 7.11 37.79 25.71
N ARG A 77 7.03 38.73 24.76
CA ARG A 77 6.45 40.06 25.08
C ARG A 77 4.93 39.98 25.01
N ARG A 78 4.28 40.74 25.86
CA ARG A 78 2.80 40.71 26.02
C ARG A 78 2.23 41.97 25.35
N TYR A 79 1.14 41.82 24.61
CA TYR A 79 0.45 42.92 23.90
C TYR A 79 -1.06 42.84 24.20
N ASN A 80 -1.67 43.98 24.54
CA ASN A 80 -3.13 44.14 24.44
C ASN A 80 -3.54 43.90 22.98
N ILE A 81 -4.63 43.17 22.79
CA ILE A 81 -5.38 43.25 21.52
C ILE A 81 -6.84 43.66 21.76
N MET A 82 -7.39 44.30 20.73
CA MET A 82 -8.81 44.68 20.73
C MET A 82 -9.31 44.44 19.30
N VAL A 83 -10.33 43.63 19.14
CA VAL A 83 -10.88 43.21 17.82
C VAL A 83 -12.31 43.69 17.75
N VAL A 84 -12.52 44.72 16.94
CA VAL A 84 -13.79 45.47 16.95
C VAL A 84 -14.22 45.69 15.50
N PRO A 85 -15.55 45.75 15.25
CA PRO A 85 -16.05 45.93 13.89
C PRO A 85 -15.75 47.30 13.29
N ASP A 86 -15.53 47.28 12.00
CA ASP A 86 -15.12 48.45 11.22
C ASP A 86 -16.40 49.16 10.76
N LYS A 87 -16.59 50.36 11.30
CA LYS A 87 -17.76 51.23 11.00
C LYS A 87 -17.86 51.58 9.51
N ALA A 88 -16.75 51.64 8.80
CA ALA A 88 -16.71 52.12 7.41
C ALA A 88 -16.78 50.93 6.47
N CYS A 89 -16.78 49.69 6.94
CA CYS A 89 -16.88 48.54 6.02
C CYS A 89 -18.30 48.47 5.47
N VAL A 90 -18.45 48.31 4.15
CA VAL A 90 -19.80 48.31 3.51
C VAL A 90 -20.60 47.07 3.90
N VAL A 91 -19.92 45.98 4.20
CA VAL A 91 -20.66 44.75 4.49
C VAL A 91 -21.51 44.92 5.74
N ASN A 92 -20.90 45.40 6.83
CA ASN A 92 -21.53 45.31 8.17
C ASN A 92 -21.77 46.70 8.76
N SER A 93 -21.14 47.76 8.24
CA SER A 93 -21.31 49.16 8.73
C SER A 93 -21.10 49.18 10.25
N GLY A 94 -20.09 48.46 10.78
CA GLY A 94 -19.79 48.55 12.23
C GLY A 94 -20.56 47.52 13.05
N LEU A 95 -21.41 46.69 12.43
CA LEU A 95 -22.07 45.60 13.20
C LEU A 95 -21.07 44.45 13.44
N SER A 96 -21.29 43.76 14.54
CA SER A 96 -20.59 42.55 15.02
C SER A 96 -21.68 41.56 15.52
N SER A 97 -21.66 40.33 15.01
CA SER A 97 -22.50 39.26 15.56
C SER A 97 -21.91 38.79 16.88
N THR A 98 -22.71 38.08 17.67
CA THR A 98 -22.16 37.44 18.90
C THR A 98 -21.00 36.52 18.55
N ARG A 99 -20.94 35.96 17.35
CA ARG A 99 -19.87 34.99 17.01
C ARG A 99 -18.61 35.74 16.63
N GLY A 100 -18.65 36.75 15.75
CA GLY A 100 -17.44 37.50 15.43
C GLY A 100 -17.00 38.36 16.61
N GLY A 101 -17.92 38.80 17.45
CA GLY A 101 -17.54 39.66 18.57
C GLY A 101 -16.61 38.92 19.54
N LYS A 102 -16.61 37.58 19.53
CA LYS A 102 -15.76 36.78 20.47
C LYS A 102 -14.36 36.61 19.90
N MET A 103 -14.07 37.15 18.71
CA MET A 103 -12.77 36.82 18.08
C MET A 103 -11.62 37.12 19.04
N ALA A 104 -11.60 38.25 19.77
CA ALA A 104 -10.41 38.50 20.60
C ALA A 104 -10.24 37.38 21.60
N SER A 105 -11.36 36.91 22.18
CA SER A 105 -11.37 35.83 23.20
C SER A 105 -10.83 34.53 22.61
N TYR A 106 -11.04 34.29 21.34
CA TYR A 106 -10.70 33.01 20.67
C TYR A 106 -9.35 33.11 19.94
N MET A 107 -8.66 34.24 20.01
CA MET A 107 -7.21 34.30 19.71
C MET A 107 -6.45 33.44 20.75
N TYR A 108 -5.33 32.90 20.35
CA TYR A 108 -4.53 31.98 21.18
C TYR A 108 -3.87 32.82 22.28
N THR A 109 -4.10 32.40 23.51
CA THR A 109 -3.31 32.85 24.70
C THR A 109 -3.01 31.62 25.53
N PRO A 110 -1.90 31.57 26.28
CA PRO A 110 -1.60 30.41 27.10
C PRO A 110 -2.60 30.18 28.24
N THR A 111 -3.37 31.20 28.62
CA THR A 111 -4.23 31.18 29.83
C THR A 111 -5.74 31.31 29.53
N GLY A 112 -6.14 31.69 28.31
CA GLY A 112 -7.55 31.96 27.94
C GLY A 112 -8.21 30.80 27.21
N ASP A 113 -9.29 31.13 26.49
CA ASP A 113 -10.16 30.14 25.83
C ASP A 113 -9.37 29.30 24.83
N GLY A 114 -8.26 29.80 24.34
CA GLY A 114 -7.42 29.07 23.38
C GLY A 114 -6.30 28.26 24.05
N LYS A 115 -6.34 28.07 25.38
CA LYS A 115 -5.21 27.40 26.10
C LYS A 115 -4.93 26.02 25.50
N GLN A 116 -5.96 25.30 25.06
CA GLN A 116 -5.82 23.89 24.65
C GLN A 116 -5.47 23.79 23.16
N ARG A 117 -5.21 24.90 22.47
CA ARG A 117 -4.75 24.85 21.05
C ARG A 117 -3.65 23.81 20.86
N LEU A 118 -3.69 23.04 19.78
CA LEU A 118 -2.50 22.24 19.41
C LEU A 118 -1.29 23.15 19.16
N LYS A 119 -0.16 22.78 19.76
CA LYS A 119 1.08 23.59 19.82
C LYS A 119 2.24 22.83 19.21
N ALA A 120 2.08 21.54 19.04
CA ALA A 120 3.12 20.62 18.57
C ALA A 120 2.42 19.43 17.95
N PRO A 121 3.13 18.66 17.12
CA PRO A 121 2.57 17.37 16.72
C PRO A 121 2.35 16.47 17.95
N ARG A 122 1.31 15.67 17.87
CA ARG A 122 0.84 14.74 18.94
C ARG A 122 0.69 13.38 18.30
N LEU A 123 1.21 12.38 18.99
CA LEU A 123 1.26 11.01 18.47
C LEU A 123 0.63 10.08 19.52
N TYR A 124 -0.32 9.25 19.09
CA TYR A 124 -0.85 8.18 19.98
C TYR A 124 0.08 7.00 19.77
N ALA A 125 1.04 6.83 20.68
CA ALA A 125 2.06 5.76 20.63
C ALA A 125 1.44 4.49 21.24
N ALA A 126 0.43 3.90 20.53
CA ALA A 126 -0.30 2.64 20.84
C ALA A 126 -1.27 2.81 22.03
N ASP A 127 -0.85 3.45 23.14
CA ASP A 127 -1.60 3.37 24.43
C ASP A 127 -1.48 4.69 25.22
N GLN A 128 -0.93 5.77 24.62
CA GLN A 128 -0.83 7.10 25.28
C GLN A 128 -0.55 8.19 24.22
N TRP A 129 -1.06 9.36 24.50
CA TRP A 129 -0.79 10.58 23.73
C TRP A 129 0.56 11.11 24.22
N VAL A 130 1.44 11.40 23.27
CA VAL A 130 2.73 12.08 23.55
C VAL A 130 3.00 13.16 22.50
N ASP A 131 3.87 14.09 22.85
CA ASP A 131 4.38 15.03 21.84
C ASP A 131 5.32 14.25 20.91
N THR A 132 5.43 14.70 19.66
CA THR A 132 6.51 14.23 18.74
C THR A 132 7.03 15.41 17.92
N THR A 133 8.18 15.23 17.23
CA THR A 133 8.73 16.31 16.39
C THR A 133 7.99 16.37 15.08
N TRP A 134 8.06 17.51 14.46
CA TRP A 134 7.60 17.71 13.07
C TRP A 134 8.31 16.76 12.10
N ASP A 135 9.62 16.58 12.21
CA ASP A 135 10.37 15.68 11.29
C ASP A 135 9.90 14.22 11.51
N HIS A 136 9.69 13.81 12.75
CA HIS A 136 9.16 12.44 13.03
C HIS A 136 7.73 12.28 12.50
N ALA A 137 6.86 13.26 12.72
CA ALA A 137 5.47 13.25 12.22
C ALA A 137 5.46 13.08 10.69
N MET A 138 6.25 13.91 10.03
CA MET A 138 6.40 13.90 8.57
C MET A 138 6.96 12.55 8.08
N ALA A 139 7.94 11.97 8.77
CA ALA A 139 8.55 10.69 8.38
C ALA A 139 7.52 9.57 8.47
N LEU A 140 6.66 9.61 9.48
CA LEU A 140 5.57 8.62 9.67
C LEU A 140 4.48 8.84 8.60
N TYR A 141 4.00 10.07 8.50
CA TYR A 141 2.82 10.42 7.67
C TYR A 141 3.20 10.22 6.21
N ALA A 142 4.28 10.84 5.80
CA ALA A 142 4.74 10.71 4.40
C ALA A 142 5.17 9.28 4.19
N GLY A 143 5.81 8.61 5.16
CA GLY A 143 6.20 7.20 5.01
C GLY A 143 4.99 6.34 4.71
N LEU A 144 3.88 6.60 5.41
CA LEU A 144 2.68 5.74 5.17
C LEU A 144 2.06 6.08 3.81
N ILE A 145 1.99 7.36 3.45
CA ILE A 145 1.40 7.75 2.14
C ILE A 145 2.28 7.10 1.06
N LYS A 146 3.60 7.16 1.21
CA LYS A 146 4.50 6.68 0.14
C LYS A 146 4.29 5.18 -0.01
N LYS A 147 4.21 4.44 1.09
CA LYS A 147 4.08 2.97 1.05
C LYS A 147 2.73 2.63 0.38
N THR A 148 1.68 3.39 0.70
CA THR A 148 0.34 3.14 0.13
C THR A 148 0.40 3.43 -1.37
N LEU A 149 0.97 4.55 -1.77
CA LEU A 149 1.09 4.87 -3.21
C LEU A 149 1.85 3.76 -3.90
N ASP A 150 2.95 3.29 -3.32
CA ASP A 150 3.82 2.30 -3.99
C ASP A 150 3.15 0.94 -4.10
N LYS A 151 2.26 0.55 -3.19
CA LYS A 151 1.64 -0.79 -3.18
C LYS A 151 0.21 -0.72 -3.71
N ASP A 152 -0.59 0.24 -3.28
CA ASP A 152 -2.04 0.23 -3.52
C ASP A 152 -2.36 1.30 -4.56
N GLY A 153 -1.47 2.27 -4.78
CA GLY A 153 -1.79 3.51 -5.50
C GLY A 153 -2.59 4.52 -4.67
N PRO A 154 -2.96 5.65 -5.32
CA PRO A 154 -3.64 6.76 -4.64
C PRO A 154 -4.97 6.37 -3.98
N GLN A 155 -5.65 5.35 -4.48
CA GLN A 155 -6.95 4.87 -3.96
C GLN A 155 -6.85 4.41 -2.50
N GLY A 156 -5.64 4.22 -1.96
CA GLY A 156 -5.44 3.82 -0.56
C GLY A 156 -5.33 5.05 0.36
N VAL A 157 -5.27 6.26 -0.19
CA VAL A 157 -5.03 7.51 0.58
C VAL A 157 -6.31 8.36 0.61
N PHE A 158 -6.90 8.55 1.79
CA PHE A 158 -8.23 9.17 1.97
C PHE A 158 -8.06 10.53 2.65
N PHE A 159 -8.88 11.49 2.22
CA PHE A 159 -9.00 12.79 2.92
C PHE A 159 -10.46 13.14 3.17
N SER A 160 -10.72 13.87 4.26
CA SER A 160 -11.89 14.76 4.33
C SER A 160 -11.33 16.13 4.65
N CYS A 161 -11.55 17.09 3.74
CA CYS A 161 -10.83 18.36 3.83
C CYS A 161 -11.79 19.48 3.58
N PHE A 162 -11.62 20.58 4.35
CA PHE A 162 -12.30 21.86 4.07
C PHE A 162 -12.22 22.15 2.57
N ASP A 163 -13.25 22.77 2.01
CA ASP A 163 -13.12 23.45 0.70
C ASP A 163 -13.57 24.89 0.81
N HIS A 164 -13.76 25.39 2.05
CA HIS A 164 -14.42 26.68 2.30
C HIS A 164 -13.38 27.81 2.46
N GLY A 165 -13.92 29.01 2.76
CA GLY A 165 -13.16 30.23 3.09
C GLY A 165 -13.07 30.50 4.59
N GLY A 166 -12.62 31.70 4.88
CA GLY A 166 -12.42 32.19 6.24
C GLY A 166 -11.45 31.31 6.99
N ALA A 167 -11.55 31.35 8.31
CA ALA A 167 -10.65 30.58 9.18
C ALA A 167 -10.79 29.09 8.87
N GLY A 168 -9.68 28.38 8.78
CA GLY A 168 -9.63 26.97 8.34
C GLY A 168 -10.08 26.75 6.91
N GLY A 169 -9.90 27.78 6.06
CA GLY A 169 -9.99 27.71 4.61
C GLY A 169 -9.32 28.86 3.90
N GLY A 170 -9.94 29.36 2.82
CA GLY A 170 -9.44 30.49 2.03
C GLY A 170 -8.50 30.10 0.89
N PHE A 171 -8.17 31.07 0.07
CA PHE A 171 -7.54 30.80 -1.27
C PHE A 171 -6.16 30.17 -1.11
N GLU A 172 -5.40 30.57 -0.09
CA GLU A 172 -4.04 30.00 0.12
C GLU A 172 -4.23 28.50 0.46
N ASN A 173 -5.09 28.21 1.45
CA ASN A 173 -5.22 26.88 2.10
C ASN A 173 -5.93 25.86 1.18
N THR A 174 -6.98 26.27 0.46
CA THR A 174 -7.68 25.37 -0.53
C THR A 174 -6.70 25.01 -1.64
N TRP A 175 -5.86 25.96 -2.06
CA TRP A 175 -4.81 25.68 -3.06
C TRP A 175 -3.77 24.70 -2.54
N GLY A 176 -3.18 24.97 -1.36
CA GLY A 176 -2.13 24.10 -0.81
C GLY A 176 -2.60 22.66 -0.70
N THR A 177 -3.77 22.49 -0.10
CA THR A 177 -4.41 21.19 0.14
C THR A 177 -4.85 20.56 -1.19
N GLY A 178 -5.45 21.34 -2.08
CA GLY A 178 -5.86 20.78 -3.39
C GLY A 178 -4.71 20.38 -4.27
N LYS A 179 -3.65 21.18 -4.28
CA LYS A 179 -2.42 20.84 -5.07
C LYS A 179 -1.86 19.54 -4.49
N LEU A 180 -1.79 19.44 -3.16
CA LEU A 180 -1.22 18.25 -2.53
C LEU A 180 -2.09 17.03 -2.86
N MET A 181 -3.39 17.14 -2.63
CA MET A 181 -4.27 15.96 -2.76
C MET A 181 -4.37 15.54 -4.22
N PHE A 182 -4.53 16.48 -5.13
CA PHE A 182 -4.99 16.20 -6.52
C PHE A 182 -3.83 16.20 -7.52
N SER A 183 -2.84 17.09 -7.35
CA SER A 183 -1.74 17.18 -8.34
C SER A 183 -0.62 16.22 -7.90
N ALA A 184 -0.32 16.19 -6.62
CA ALA A 184 0.89 15.53 -6.09
C ALA A 184 0.56 14.09 -5.74
N ILE A 185 -0.29 13.83 -4.74
CA ILE A 185 -0.72 12.44 -4.36
C ILE A 185 -1.57 11.85 -5.51
N GLN A 186 -2.43 12.70 -6.09
CA GLN A 186 -3.42 12.37 -7.14
C GLN A 186 -4.47 11.37 -6.65
N THR A 187 -4.97 11.54 -5.41
CA THR A 187 -6.00 10.61 -4.89
C THR A 187 -7.39 11.16 -5.20
N PRO A 188 -8.28 10.31 -5.70
CA PRO A 188 -9.70 10.68 -5.85
C PRO A 188 -10.50 10.40 -4.58
N MET A 189 -9.86 9.87 -3.52
CA MET A 189 -10.57 9.41 -2.31
C MET A 189 -10.73 10.58 -1.30
N VAL A 190 -11.42 11.62 -1.78
CA VAL A 190 -11.47 12.94 -1.08
C VAL A 190 -12.94 13.32 -0.90
N ARG A 191 -13.33 13.64 0.33
CA ARG A 191 -14.65 14.23 0.59
C ARG A 191 -14.36 15.63 1.12
N ILE A 192 -15.46 16.34 1.39
CA ILE A 192 -15.38 17.77 1.73
C ILE A 192 -15.87 17.85 3.18
N HIS A 193 -15.58 18.92 3.84
CA HIS A 193 -15.88 19.05 5.27
C HIS A 193 -17.36 18.79 5.53
N ASN A 194 -18.26 19.20 4.62
CA ASN A 194 -19.70 19.17 4.96
C ASN A 194 -20.47 18.16 4.08
N ARG A 195 -19.78 17.38 3.25
CA ARG A 195 -20.52 16.44 2.36
C ARG A 195 -19.57 15.33 1.93
N PRO A 196 -20.08 14.08 1.85
CA PRO A 196 -19.22 12.89 1.94
C PRO A 196 -18.73 12.37 0.59
N ALA A 197 -18.64 13.26 -0.37
CA ALA A 197 -18.04 12.99 -1.70
C ALA A 197 -17.40 14.29 -2.22
N TYR A 198 -16.71 14.25 -3.35
CA TYR A 198 -16.16 15.49 -3.95
C TYR A 198 -17.18 16.06 -4.94
N ASN A 199 -18.05 16.90 -4.46
CA ASN A 199 -19.23 17.37 -5.18
C ASN A 199 -19.50 18.84 -4.87
N SER A 200 -20.59 19.36 -5.45
CA SER A 200 -21.05 20.74 -5.24
C SER A 200 -22.42 20.72 -4.56
N GLU A 201 -22.66 21.68 -3.68
CA GLU A 201 -24.01 22.01 -3.14
C GLU A 201 -24.95 22.50 -4.26
N CYS A 202 -24.40 22.87 -5.42
CA CYS A 202 -25.15 23.71 -6.39
C CYS A 202 -24.95 23.16 -7.82
N HIS A 203 -24.88 21.86 -7.97
CA HIS A 203 -24.85 21.24 -9.34
C HIS A 203 -26.01 21.75 -10.24
N ALA A 204 -27.27 21.68 -9.81
CA ALA A 204 -28.42 22.05 -10.67
C ALA A 204 -28.31 23.52 -11.08
N THR A 205 -28.20 24.49 -10.16
CA THR A 205 -28.17 25.93 -10.56
C THR A 205 -26.96 26.17 -11.47
N ARG A 206 -25.79 25.59 -11.17
CA ARG A 206 -24.59 25.78 -12.03
C ARG A 206 -24.85 25.22 -13.45
N GLU A 207 -25.41 24.03 -13.54
CA GLU A 207 -25.69 23.37 -14.83
C GLU A 207 -26.72 24.18 -15.63
N MET A 208 -27.65 24.85 -14.95
CA MET A 208 -28.68 25.70 -15.59
C MET A 208 -28.05 27.03 -16.03
N GLY A 209 -26.81 27.31 -15.61
CA GLY A 209 -26.05 28.50 -16.04
C GLY A 209 -25.92 29.58 -14.98
N ILE A 210 -26.39 29.34 -13.74
CA ILE A 210 -26.50 30.39 -12.68
C ILE A 210 -25.63 29.96 -11.52
N GLY A 211 -24.41 30.50 -11.52
CA GLY A 211 -23.54 30.40 -10.34
C GLY A 211 -24.29 30.95 -9.12
N GLU A 212 -24.12 30.32 -7.97
CA GLU A 212 -24.99 30.50 -6.79
C GLU A 212 -24.74 31.82 -6.04
N LEU A 213 -23.62 32.52 -6.27
CA LEU A 213 -23.36 33.84 -5.63
C LEU A 213 -23.31 34.87 -6.75
N ASN A 214 -24.50 35.25 -7.22
CA ASN A 214 -24.71 36.03 -8.46
C ASN A 214 -25.16 37.46 -8.22
N ASN A 215 -25.21 37.95 -6.98
CA ASN A 215 -25.67 39.35 -6.77
C ASN A 215 -24.76 40.03 -5.76
N ALA A 216 -25.18 41.18 -5.29
CA ALA A 216 -24.50 41.97 -4.26
C ALA A 216 -25.45 42.02 -3.05
N TYR A 217 -24.91 42.30 -1.87
CA TYR A 217 -25.74 42.51 -0.66
C TYR A 217 -26.67 43.71 -0.92
N GLU A 218 -26.21 44.68 -1.71
CA GLU A 218 -27.00 45.87 -2.02
C GLU A 218 -28.30 45.40 -2.68
N ASP A 219 -28.29 44.30 -3.45
CA ASP A 219 -29.54 43.79 -4.08
C ASP A 219 -30.62 43.50 -3.01
N ALA A 220 -30.26 43.04 -1.81
CA ALA A 220 -31.26 42.87 -0.74
C ALA A 220 -31.85 44.24 -0.34
N GLN A 221 -31.13 45.36 -0.54
CA GLN A 221 -31.67 46.70 -0.23
C GLN A 221 -32.66 47.15 -1.31
N LEU A 222 -32.48 46.63 -2.52
CA LEU A 222 -33.24 47.13 -3.70
C LEU A 222 -34.46 46.25 -3.97
N ALA A 223 -34.58 45.07 -3.38
CA ALA A 223 -35.69 44.14 -3.64
C ALA A 223 -37.04 44.73 -3.22
N ASP A 224 -38.07 44.34 -3.95
CA ASP A 224 -39.49 44.49 -3.52
C ASP A 224 -39.86 43.37 -2.54
N VAL A 225 -39.37 42.18 -2.80
CA VAL A 225 -39.69 40.98 -2.01
C VAL A 225 -38.42 40.20 -1.82
N ILE A 226 -38.17 39.71 -0.61
CA ILE A 226 -37.08 38.74 -0.37
C ILE A 226 -37.71 37.42 0.01
N TRP A 227 -37.39 36.34 -0.73
CA TRP A 227 -37.64 34.97 -0.24
C TRP A 227 -36.42 34.51 0.55
N SER A 228 -36.65 33.87 1.70
CA SER A 228 -35.65 33.15 2.50
C SER A 228 -36.08 31.69 2.54
N ILE A 229 -35.39 30.85 1.77
CA ILE A 229 -35.82 29.44 1.55
C ILE A 229 -34.83 28.48 2.25
N GLY A 230 -35.30 27.72 3.23
CA GLY A 230 -34.52 26.77 4.00
C GLY A 230 -33.37 27.49 4.69
N ASN A 231 -33.73 28.55 5.41
CA ASN A 231 -32.76 29.61 5.80
C ASN A 231 -33.24 30.30 7.07
N ASN A 232 -32.34 30.52 7.98
CA ASN A 232 -32.71 31.18 9.28
C ASN A 232 -31.73 32.34 9.48
N PRO A 233 -31.83 33.41 8.65
CA PRO A 233 -30.68 34.30 8.42
C PRO A 233 -30.33 35.22 9.60
N TYR A 234 -31.31 35.53 10.46
CA TYR A 234 -30.94 36.33 11.66
C TYR A 234 -29.87 35.58 12.43
N GLU A 235 -30.05 34.25 12.50
CA GLU A 235 -29.14 33.42 13.29
C GLU A 235 -27.90 33.07 12.46
N SER A 236 -28.04 32.78 11.18
CA SER A 236 -26.93 32.15 10.41
C SER A 236 -26.22 33.13 9.45
N GLN A 237 -26.83 34.27 9.06
CA GLN A 237 -26.16 35.32 8.24
C GLN A 237 -26.48 36.70 8.81
N THR A 238 -26.19 36.84 10.12
CA THR A 238 -26.82 37.86 11.00
C THR A 238 -26.70 39.23 10.36
N ASN A 239 -25.49 39.67 10.01
CA ASN A 239 -25.28 41.08 9.66
C ASN A 239 -25.66 41.34 8.20
N TYR A 240 -25.81 40.31 7.37
CA TYR A 240 -26.48 40.53 6.07
C TYR A 240 -27.96 40.86 6.35
N PHE A 241 -28.63 40.01 7.10
CA PHE A 241 -30.04 40.24 7.54
C PHE A 241 -30.19 41.63 8.18
N LEU A 242 -29.29 41.97 9.14
CA LEU A 242 -29.48 43.18 9.99
C LEU A 242 -29.08 44.46 9.23
N ASN A 243 -27.98 44.43 8.46
CA ASN A 243 -27.46 45.62 7.74
C ASN A 243 -28.07 45.86 6.33
N HIS A 244 -28.74 44.91 5.73
CA HIS A 244 -29.25 45.08 4.34
C HIS A 244 -30.74 44.71 4.26
N TRP A 245 -31.18 43.57 4.83
CA TRP A 245 -32.59 43.11 4.70
C TRP A 245 -33.51 44.00 5.55
N LEU A 246 -33.10 44.26 6.77
CA LEU A 246 -34.03 44.96 7.68
C LEU A 246 -34.18 46.41 7.22
N PRO A 247 -33.10 47.09 6.79
CA PRO A 247 -33.28 48.46 6.34
C PRO A 247 -34.30 48.53 5.22
N ASN A 248 -34.31 47.52 4.33
CA ASN A 248 -35.32 47.46 3.25
C ASN A 248 -36.72 47.36 3.88
N LEU A 249 -36.91 46.44 4.83
CA LEU A 249 -38.25 46.20 5.44
C LEU A 249 -38.73 47.47 6.17
N GLN A 250 -37.79 48.18 6.79
CA GLN A 250 -38.03 49.43 7.56
C GLN A 250 -38.32 50.60 6.62
N GLY A 251 -38.15 50.51 5.30
CA GLY A 251 -38.33 51.67 4.41
C GLY A 251 -37.14 52.61 4.31
N ALA A 252 -35.97 52.27 4.86
CA ALA A 252 -34.78 53.15 4.83
C ALA A 252 -34.10 53.14 3.43
N THR A 253 -34.49 52.24 2.52
CA THR A 253 -33.83 52.12 1.20
C THR A 253 -34.77 52.53 0.05
N THR A 254 -35.98 52.94 0.36
CA THR A 254 -37.03 53.27 -0.64
C THR A 254 -36.51 54.42 -1.54
N SER A 255 -35.85 55.41 -0.96
N SER A 255 -35.89 55.43 -0.94
CA SER A 255 -35.32 56.58 -1.70
CA SER A 255 -35.31 56.58 -1.69
C SER A 255 -34.18 56.15 -2.65
C SER A 255 -34.29 56.06 -2.70
N LYS A 256 -33.44 55.10 -2.31
CA LYS A 256 -32.39 54.55 -3.18
C LYS A 256 -33.05 53.81 -4.37
N LYS A 257 -34.06 52.98 -4.12
CA LYS A 257 -34.81 52.32 -5.21
C LYS A 257 -35.34 53.42 -6.18
N LYS A 258 -36.00 54.46 -5.66
CA LYS A 258 -36.69 55.45 -6.51
C LYS A 258 -35.63 56.22 -7.31
N GLU A 259 -34.51 56.57 -6.70
CA GLU A 259 -33.38 57.25 -7.40
C GLU A 259 -32.91 56.40 -8.57
N ARG A 260 -32.83 55.08 -8.38
CA ARG A 260 -32.27 54.23 -9.46
C ARG A 260 -33.27 53.95 -10.54
N PHE A 261 -34.55 53.86 -10.19
CA PHE A 261 -35.63 53.50 -11.14
C PHE A 261 -36.72 54.55 -11.01
N PRO A 262 -36.56 55.70 -11.70
CA PRO A 262 -37.47 56.83 -11.57
C PRO A 262 -38.94 56.53 -11.92
N ASN A 263 -39.16 55.57 -12.82
CA ASN A 263 -40.52 55.33 -13.39
C ASN A 263 -41.09 53.98 -12.91
N GLU A 264 -40.70 53.55 -11.72
CA GLU A 264 -41.12 52.26 -11.18
C GLU A 264 -41.72 52.42 -9.77
N ASN A 265 -42.89 51.81 -9.54
CA ASN A 265 -43.50 51.76 -8.20
C ASN A 265 -42.66 50.86 -7.27
N PHE A 266 -42.44 51.33 -6.06
CA PHE A 266 -41.84 50.50 -5.01
C PHE A 266 -42.80 50.47 -3.84
N PRO A 267 -43.60 49.37 -3.71
CA PRO A 267 -44.40 49.18 -2.51
C PRO A 267 -43.48 48.89 -1.31
N GLN A 268 -44.07 48.95 -0.13
CA GLN A 268 -43.34 48.52 1.07
C GLN A 268 -42.80 47.11 0.81
N ALA A 269 -41.58 46.88 1.25
CA ALA A 269 -40.93 45.58 0.95
C ALA A 269 -41.58 44.49 1.78
N ARG A 270 -41.65 43.30 1.22
CA ARG A 270 -42.25 42.14 1.90
C ARG A 270 -41.28 40.99 1.91
N ILE A 271 -41.55 40.01 2.78
CA ILE A 271 -40.61 38.89 2.99
C ILE A 271 -41.38 37.58 3.15
N ILE A 272 -40.88 36.55 2.48
CA ILE A 272 -41.47 35.20 2.44
C ILE A 272 -40.44 34.17 2.90
N PHE A 273 -40.82 33.37 3.90
CA PHE A 273 -39.99 32.30 4.48
C PHE A 273 -40.56 30.98 4.07
N VAL A 274 -39.76 30.16 3.40
CA VAL A 274 -40.12 28.75 3.16
C VAL A 274 -39.30 27.91 4.16
N ASP A 275 -39.97 27.48 5.23
CA ASP A 275 -39.31 26.75 6.32
C ASP A 275 -40.42 26.01 7.06
N PRO A 276 -40.29 24.70 7.26
CA PRO A 276 -41.29 24.00 8.08
C PRO A 276 -41.44 24.59 9.48
N ARG A 277 -40.39 25.23 9.94
CA ARG A 277 -40.27 25.71 11.34
C ARG A 277 -40.43 27.22 11.40
N GLU A 278 -41.13 27.68 12.45
CA GLU A 278 -41.27 29.10 12.79
C GLU A 278 -40.03 29.48 13.59
N THR A 279 -39.16 30.29 13.01
CA THR A 279 -37.78 30.55 13.54
C THR A 279 -37.69 31.96 14.11
N PRO A 280 -36.60 32.26 14.87
CA PRO A 280 -36.31 33.64 15.27
C PRO A 280 -36.37 34.62 14.09
N SER A 281 -35.98 34.20 12.89
CA SER A 281 -35.96 35.14 11.75
C SER A 281 -37.41 35.50 11.38
N VAL A 282 -38.31 34.53 11.38
CA VAL A 282 -39.75 34.82 11.06
C VAL A 282 -40.28 35.79 12.13
N ALA A 283 -39.99 35.52 13.40
CA ALA A 283 -40.49 36.35 14.53
C ALA A 283 -39.97 37.77 14.37
N ILE A 284 -38.68 37.94 14.10
CA ILE A 284 -38.05 39.30 13.95
C ILE A 284 -38.64 40.02 12.70
N ALA A 285 -38.78 39.32 11.59
CA ALA A 285 -39.37 39.91 10.39
C ALA A 285 -40.77 40.46 10.73
N ARG A 286 -41.60 39.68 11.40
CA ARG A 286 -42.95 40.10 11.79
C ARG A 286 -42.88 41.31 12.74
N HIS A 287 -41.96 41.27 13.70
CA HIS A 287 -41.77 42.42 14.62
C HIS A 287 -41.47 43.69 13.80
N VAL A 288 -40.55 43.60 12.85
CA VAL A 288 -40.04 44.78 12.11
C VAL A 288 -41.08 45.22 11.08
N ALA A 289 -41.61 44.33 10.26
CA ALA A 289 -42.40 44.65 9.04
C ALA A 289 -43.91 44.63 9.36
N GLY A 290 -44.32 43.95 10.42
CA GLY A 290 -45.74 43.62 10.66
C GLY A 290 -46.13 42.27 10.07
N ASN A 291 -47.13 41.64 10.62
CA ASN A 291 -47.61 40.33 10.15
C ASN A 291 -48.09 40.40 8.69
N ASP A 292 -48.72 41.51 8.26
CA ASP A 292 -49.27 41.63 6.89
C ASP A 292 -48.14 41.69 5.85
N ARG A 293 -46.85 41.89 6.24
CA ARG A 293 -45.69 41.99 5.29
C ARG A 293 -44.75 40.76 5.37
N VAL A 294 -45.18 39.74 6.09
CA VAL A 294 -44.45 38.47 6.22
C VAL A 294 -45.37 37.35 5.85
N LEU A 295 -44.91 36.49 4.94
N LEU A 295 -44.90 36.45 5.01
CA LEU A 295 -45.56 35.19 4.69
CA LEU A 295 -45.61 35.19 4.68
C LEU A 295 -44.63 34.08 5.15
C LEU A 295 -44.73 33.99 5.04
N HIS A 296 -45.04 33.33 6.16
CA HIS A 296 -44.39 32.08 6.59
C HIS A 296 -45.12 30.92 5.88
N LEU A 297 -44.46 30.39 4.86
CA LEU A 297 -44.96 29.16 4.23
C LEU A 297 -44.31 28.02 5.01
N ALA A 298 -45.08 27.53 5.99
CA ALA A 298 -44.70 26.47 6.93
C ALA A 298 -44.93 25.12 6.25
N ILE A 299 -44.14 24.81 5.21
CA ILE A 299 -44.32 23.59 4.38
C ILE A 299 -44.10 22.33 5.21
N GLU A 300 -44.74 21.23 4.80
CA GLU A 300 -44.36 19.89 5.27
C GLU A 300 -42.88 19.70 4.94
N PRO A 301 -42.11 19.11 5.88
CA PRO A 301 -40.70 18.78 5.64
C PRO A 301 -40.53 18.03 4.28
N GLY A 302 -39.56 18.49 3.47
CA GLY A 302 -39.20 17.80 2.21
C GLY A 302 -40.11 18.12 1.03
N THR A 303 -41.02 19.11 1.12
CA THR A 303 -42.04 19.36 0.06
C THR A 303 -41.69 20.61 -0.77
N ASP A 304 -40.48 21.15 -0.63
CA ASP A 304 -39.99 22.27 -1.46
C ASP A 304 -40.23 22.06 -2.96
N THR A 305 -39.96 20.88 -3.50
CA THR A 305 -40.13 20.70 -4.95
C THR A 305 -41.59 20.92 -5.34
N ALA A 306 -42.52 20.42 -4.53
CA ALA A 306 -43.97 20.58 -4.81
C ALA A 306 -44.36 22.05 -4.72
N LEU A 307 -43.83 22.80 -3.75
CA LEU A 307 -44.11 24.22 -3.59
C LEU A 307 -43.72 24.98 -4.88
N PHE A 308 -42.47 24.81 -5.33
CA PHE A 308 -41.91 25.58 -6.44
C PHE A 308 -42.61 25.16 -7.74
N ASN A 309 -42.96 23.90 -7.90
CA ASN A 309 -43.65 23.47 -9.15
C ASN A 309 -45.07 24.05 -9.20
N GLY A 310 -45.77 24.07 -8.07
CA GLY A 310 -47.08 24.74 -7.98
C GLY A 310 -46.98 26.23 -8.35
N LEU A 311 -46.03 26.95 -7.75
CA LEU A 311 -45.84 28.39 -8.00
C LEU A 311 -45.44 28.62 -9.45
N PHE A 312 -44.52 27.82 -9.96
CA PHE A 312 -44.09 27.86 -11.38
C PHE A 312 -45.35 27.68 -12.24
N THR A 313 -46.12 26.64 -11.99
CA THR A 313 -47.28 26.33 -12.87
C THR A 313 -48.26 27.51 -12.82
N TYR A 314 -48.46 28.07 -11.62
CA TYR A 314 -49.43 29.18 -11.41
C TYR A 314 -48.95 30.46 -12.11
N VAL A 315 -47.67 30.83 -12.00
CA VAL A 315 -47.22 32.10 -12.63
C VAL A 315 -47.31 31.93 -14.16
N VAL A 316 -47.03 30.75 -14.67
CA VAL A 316 -47.21 30.50 -16.14
C VAL A 316 -48.68 30.62 -16.51
N GLU A 317 -49.57 30.00 -15.74
CA GLU A 317 -50.99 30.07 -16.09
C GLU A 317 -51.43 31.53 -16.04
N GLN A 318 -50.93 32.31 -15.07
CA GLN A 318 -51.33 33.72 -14.90
C GLN A 318 -50.65 34.62 -15.94
N GLY A 319 -49.59 34.16 -16.62
CA GLY A 319 -48.81 35.03 -17.50
C GLY A 319 -47.94 36.01 -16.73
N TRP A 320 -47.70 35.74 -15.44
CA TRP A 320 -46.76 36.52 -14.58
C TRP A 320 -45.31 36.05 -14.82
N ILE A 321 -44.90 36.00 -16.09
CA ILE A 321 -43.51 35.60 -16.46
C ILE A 321 -43.05 36.66 -17.46
N ASP A 322 -41.79 36.58 -17.88
CA ASP A 322 -41.16 37.57 -18.77
C ASP A 322 -40.93 36.84 -20.11
N LYS A 323 -41.95 36.85 -20.95
CA LYS A 323 -41.89 36.08 -22.21
C LYS A 323 -40.72 36.51 -23.07
N PRO A 324 -40.45 37.83 -23.28
CA PRO A 324 -39.31 38.23 -24.12
C PRO A 324 -37.99 37.69 -23.55
N PHE A 325 -37.85 37.70 -22.22
CA PHE A 325 -36.64 37.22 -21.54
C PHE A 325 -36.48 35.72 -21.84
N ILE A 326 -37.59 34.98 -21.71
CA ILE A 326 -37.62 33.53 -21.93
C ILE A 326 -37.21 33.27 -23.38
N GLU A 327 -37.74 34.03 -24.35
CA GLU A 327 -37.50 33.78 -25.78
C GLU A 327 -36.04 34.05 -26.13
N ALA A 328 -35.46 35.13 -25.62
CA ALA A 328 -34.10 35.61 -25.98
C ALA A 328 -33.02 34.85 -25.19
N HIS A 329 -33.26 34.47 -23.94
CA HIS A 329 -32.13 34.13 -23.04
C HIS A 329 -32.29 32.76 -22.37
N THR A 330 -33.28 31.94 -22.77
CA THR A 330 -33.51 30.65 -22.10
C THR A 330 -33.74 29.52 -23.09
N LYS A 331 -33.61 28.28 -22.63
CA LYS A 331 -33.89 27.04 -23.37
C LYS A 331 -34.66 26.10 -22.44
N GLY A 332 -35.68 25.41 -22.93
CA GLY A 332 -36.35 24.32 -22.18
C GLY A 332 -37.61 24.77 -21.43
N PHE A 333 -38.09 26.00 -21.60
CA PHE A 333 -39.29 26.51 -20.88
C PHE A 333 -40.53 25.61 -21.16
N ASP A 334 -40.90 25.39 -22.42
CA ASP A 334 -42.14 24.63 -22.74
C ASP A 334 -42.08 23.22 -22.16
N ASP A 335 -40.92 22.58 -22.21
CA ASP A 335 -40.71 21.25 -21.59
C ASP A 335 -40.96 21.32 -20.08
N ALA A 336 -40.40 22.35 -19.41
CA ALA A 336 -40.51 22.50 -17.94
C ALA A 336 -41.95 22.72 -17.52
N VAL A 337 -42.70 23.49 -18.30
CA VAL A 337 -44.14 23.72 -18.01
C VAL A 337 -44.87 22.37 -18.01
N LYS A 338 -44.54 21.47 -18.95
CA LYS A 338 -45.21 20.14 -19.03
C LYS A 338 -44.78 19.26 -17.87
N THR A 339 -43.47 19.15 -17.67
CA THR A 339 -42.92 18.15 -16.72
C THR A 339 -43.22 18.61 -15.29
N ASN A 340 -43.41 19.90 -15.05
CA ASN A 340 -43.47 20.44 -13.67
C ASN A 340 -44.90 20.83 -13.32
N ARG A 341 -45.85 20.48 -14.18
CA ARG A 341 -47.23 20.92 -14.00
C ARG A 341 -47.75 20.38 -12.65
N LEU A 342 -48.30 21.25 -11.82
CA LEU A 342 -48.89 20.84 -10.54
C LEU A 342 -49.90 21.91 -10.18
N SER A 343 -51.14 21.52 -9.91
CA SER A 343 -52.23 22.46 -9.61
C SER A 343 -52.01 23.04 -8.23
N LEU A 344 -52.64 24.17 -7.96
CA LEU A 344 -52.56 24.74 -6.58
C LEU A 344 -53.20 23.80 -5.54
N ASP A 345 -54.30 23.10 -5.88
CA ASP A 345 -54.99 22.19 -4.95
C ASP A 345 -54.04 21.06 -4.62
N GLU A 346 -53.34 20.46 -5.62
CA GLU A 346 -52.35 19.39 -5.36
C GLU A 346 -51.19 19.96 -4.52
N CYS A 347 -50.68 21.10 -4.94
CA CYS A 347 -49.54 21.79 -4.28
C CYS A 347 -49.89 21.97 -2.78
N SER A 348 -51.10 22.41 -2.48
CA SER A 348 -51.57 22.67 -1.08
C SER A 348 -51.65 21.35 -0.30
N ASN A 349 -52.21 20.33 -0.91
CA ASN A 349 -52.39 19.01 -0.28
C ASN A 349 -51.01 18.45 0.04
N ILE A 350 -50.03 18.55 -0.85
CA ILE A 350 -48.65 18.03 -0.60
C ILE A 350 -47.92 18.86 0.50
N THR A 351 -47.90 20.17 0.37
CA THR A 351 -47.06 21.06 1.20
C THR A 351 -47.80 21.37 2.51
N GLY A 352 -49.13 21.31 2.47
CA GLY A 352 -49.99 21.71 3.61
C GLY A 352 -50.17 23.21 3.67
N VAL A 353 -49.64 23.93 2.70
CA VAL A 353 -49.81 25.40 2.67
C VAL A 353 -51.16 25.69 2.00
N PRO A 354 -52.05 26.49 2.63
CA PRO A 354 -53.33 26.79 2.00
C PRO A 354 -53.20 27.49 0.63
N VAL A 355 -54.18 27.26 -0.23
CA VAL A 355 -54.18 27.87 -1.57
C VAL A 355 -54.07 29.39 -1.47
N ASP A 356 -54.78 30.04 -0.54
CA ASP A 356 -54.81 31.51 -0.48
C ASP A 356 -53.38 32.03 -0.20
N MET A 357 -52.58 31.30 0.58
CA MET A 357 -51.18 31.71 0.90
CA MET A 357 -51.21 31.77 0.86
C MET A 357 -50.27 31.47 -0.33
N LEU A 358 -50.42 30.35 -1.05
CA LEU A 358 -49.68 30.12 -2.33
C LEU A 358 -49.99 31.28 -3.30
N LYS A 359 -51.26 31.59 -3.53
CA LYS A 359 -51.64 32.72 -4.43
C LYS A 359 -51.02 34.04 -3.96
N ARG A 360 -51.11 34.34 -2.67
CA ARG A 360 -50.58 35.62 -2.12
C ARG A 360 -49.06 35.69 -2.35
N ALA A 361 -48.34 34.59 -2.10
CA ALA A 361 -46.87 34.51 -2.34
C ALA A 361 -46.61 34.95 -3.78
N ALA A 362 -47.35 34.38 -4.72
CA ALA A 362 -47.15 34.62 -6.15
C ALA A 362 -47.56 36.07 -6.50
N GLU A 363 -48.69 36.54 -5.97
CA GLU A 363 -49.16 37.94 -6.19
C GLU A 363 -48.11 38.93 -5.66
N TRP A 364 -47.54 38.73 -4.47
CA TRP A 364 -46.52 39.69 -3.99
C TRP A 364 -45.27 39.71 -4.91
N SER A 365 -44.88 38.54 -5.37
CA SER A 365 -43.51 38.24 -5.89
C SER A 365 -43.43 38.40 -7.41
N TYR A 366 -44.50 38.04 -8.14
CA TYR A 366 -44.41 37.86 -9.62
C TYR A 366 -45.43 38.69 -10.41
N LYS A 367 -46.56 39.02 -9.80
CA LYS A 367 -47.61 39.76 -10.52
C LYS A 367 -47.07 41.16 -10.81
N PRO A 368 -47.18 41.68 -12.05
CA PRO A 368 -46.63 43.00 -12.37
C PRO A 368 -47.14 44.08 -11.40
N LYS A 369 -46.25 45.01 -11.12
CA LYS A 369 -46.59 46.21 -10.32
C LYS A 369 -47.39 47.14 -11.23
N ALA A 370 -48.04 48.12 -10.61
CA ALA A 370 -48.92 49.08 -11.30
C ALA A 370 -48.16 49.75 -12.46
N SER A 371 -46.87 50.07 -12.26
CA SER A 371 -46.03 50.81 -13.26
C SER A 371 -45.58 49.88 -14.40
N GLY A 372 -45.85 48.58 -14.30
CA GLY A 372 -45.72 47.63 -15.41
C GLY A 372 -44.55 46.69 -15.23
N GLN A 373 -43.59 47.00 -14.37
CA GLN A 373 -42.42 46.09 -14.16
C GLN A 373 -42.77 44.95 -13.21
N ALA A 374 -42.17 43.80 -13.41
CA ALA A 374 -42.20 42.68 -12.46
C ALA A 374 -41.61 43.16 -11.13
N PRO A 375 -42.12 42.68 -9.99
CA PRO A 375 -41.45 42.90 -8.71
C PRO A 375 -40.00 42.40 -8.79
N ARG A 376 -39.11 43.10 -8.13
CA ARG A 376 -37.71 42.69 -7.93
C ARG A 376 -37.73 41.72 -6.76
N THR A 377 -37.69 40.44 -7.05
CA THR A 377 -37.81 39.39 -6.03
C THR A 377 -36.49 38.67 -5.89
N MET A 378 -35.81 38.92 -4.79
CA MET A 378 -34.52 38.23 -4.51
C MET A 378 -34.84 36.90 -3.83
N HIS A 379 -34.39 35.79 -4.40
CA HIS A 379 -34.63 34.44 -3.88
C HIS A 379 -33.37 33.90 -3.18
N ALA A 380 -33.36 33.85 -1.86
CA ALA A 380 -32.17 33.45 -1.08
C ALA A 380 -32.49 32.07 -0.55
N TYR A 381 -31.56 31.15 -0.57
CA TYR A 381 -31.79 29.78 -0.07
C TYR A 381 -30.56 29.30 0.66
N GLU A 382 -30.72 28.35 1.55
CA GLU A 382 -29.56 27.71 2.23
C GLU A 382 -29.91 26.26 2.61
N LYS A 383 -29.45 25.78 3.77
CA LYS A 383 -29.35 24.31 4.00
C LYS A 383 -30.72 23.64 4.09
N GLY A 384 -31.80 24.36 4.41
CA GLY A 384 -33.14 23.75 4.41
C GLY A 384 -33.39 23.10 3.07
N ILE A 385 -32.81 23.64 1.96
CA ILE A 385 -33.05 22.98 0.62
C ILE A 385 -31.75 22.35 0.15
N ILE A 386 -30.60 22.89 0.55
CA ILE A 386 -29.32 22.29 0.06
C ILE A 386 -29.17 20.90 0.67
N TRP A 387 -29.52 20.76 1.94
CA TRP A 387 -29.61 19.46 2.66
C TRP A 387 -31.06 18.99 2.76
N GLY A 388 -31.87 19.38 1.78
CA GLY A 388 -33.31 19.02 1.76
C GLY A 388 -33.55 17.78 0.90
N ASN A 389 -34.79 17.58 0.53
CA ASN A 389 -35.24 16.32 -0.08
C ASN A 389 -34.92 16.36 -1.57
N ASP A 390 -33.70 15.94 -1.92
CA ASP A 390 -33.20 15.84 -3.29
C ASP A 390 -32.69 17.22 -3.68
N ASN A 391 -31.46 17.52 -3.27
CA ASN A 391 -30.80 18.83 -3.54
C ASN A 391 -30.95 19.22 -5.01
N TYR A 392 -30.66 18.30 -5.94
CA TYR A 392 -30.66 18.65 -7.38
C TYR A 392 -32.06 19.03 -7.87
N VAL A 393 -33.06 18.28 -7.46
CA VAL A 393 -34.45 18.47 -7.92
C VAL A 393 -35.03 19.76 -7.31
N ILE A 394 -34.69 20.11 -6.09
CA ILE A 394 -35.27 21.36 -5.51
C ILE A 394 -34.68 22.57 -6.22
N GLN A 395 -33.39 22.60 -6.46
CA GLN A 395 -32.81 23.75 -7.19
C GLN A 395 -33.40 23.77 -8.61
N SER A 396 -33.61 22.58 -9.20
CA SER A 396 -34.20 22.53 -10.56
C SER A 396 -35.54 23.28 -10.54
N ALA A 397 -36.39 22.97 -9.57
CA ALA A 397 -37.75 23.55 -9.46
C ALA A 397 -37.64 25.04 -9.21
N LEU A 398 -36.82 25.42 -8.23
CA LEU A 398 -36.77 26.85 -7.85
C LEU A 398 -36.16 27.70 -8.98
N LEU A 399 -35.06 27.24 -9.60
CA LEU A 399 -34.44 28.05 -10.66
C LEU A 399 -35.43 28.24 -11.81
N ASP A 400 -36.25 27.24 -12.08
CA ASP A 400 -37.25 27.33 -13.18
C ASP A 400 -38.16 28.51 -12.86
N LEU A 401 -38.62 28.60 -11.62
CA LEU A 401 -39.50 29.71 -11.22
C LEU A 401 -38.77 31.06 -11.40
N VAL A 402 -37.51 31.11 -10.96
CA VAL A 402 -36.66 32.33 -10.99
C VAL A 402 -36.39 32.75 -12.43
N ILE A 403 -36.04 31.77 -13.28
CA ILE A 403 -35.68 32.11 -14.68
C ILE A 403 -36.92 32.63 -15.38
N ALA A 404 -38.05 31.92 -15.27
CA ALA A 404 -39.29 32.32 -15.97
C ALA A 404 -39.68 33.75 -15.56
N THR A 405 -39.41 34.14 -14.31
CA THR A 405 -39.83 35.46 -13.79
C THR A 405 -38.64 36.46 -13.84
N HIS A 406 -37.58 36.13 -14.55
CA HIS A 406 -36.45 37.09 -14.75
C HIS A 406 -35.94 37.61 -13.40
N ASN A 407 -35.78 36.74 -12.39
CA ASN A 407 -35.27 37.20 -11.07
C ASN A 407 -33.80 36.80 -10.88
N VAL A 408 -33.06 36.79 -12.01
CA VAL A 408 -31.59 36.84 -12.03
C VAL A 408 -31.19 37.97 -12.96
N GLY A 409 -30.13 38.69 -12.60
CA GLY A 409 -29.51 39.64 -13.53
C GLY A 409 -30.18 41.00 -13.52
N ARG A 410 -31.28 41.21 -12.77
CA ARG A 410 -31.89 42.55 -12.56
CA ARG A 410 -31.89 42.55 -12.56
C ARG A 410 -31.52 43.01 -11.16
N ARG A 411 -31.20 44.28 -10.98
CA ARG A 411 -30.87 44.73 -9.60
C ARG A 411 -32.09 44.50 -8.68
N GLY A 412 -31.81 44.16 -7.42
CA GLY A 412 -32.83 43.83 -6.43
C GLY A 412 -33.29 42.41 -6.59
N THR A 413 -32.65 41.62 -7.45
CA THR A 413 -33.02 40.20 -7.60
C THR A 413 -31.82 39.28 -7.29
N GLY A 414 -31.87 38.07 -7.84
CA GLY A 414 -30.83 37.08 -7.69
C GLY A 414 -31.50 35.83 -7.18
N CYS A 415 -30.95 34.66 -7.49
CA CYS A 415 -31.35 33.42 -6.81
C CYS A 415 -30.07 32.83 -6.25
N VAL A 416 -29.83 33.10 -4.96
CA VAL A 416 -28.46 32.99 -4.40
C VAL A 416 -28.48 32.06 -3.18
N ARG A 417 -27.37 31.36 -2.99
CA ARG A 417 -27.02 30.84 -1.66
C ARG A 417 -26.85 32.01 -0.70
N MET A 418 -27.41 31.85 0.48
CA MET A 418 -27.02 32.71 1.63
C MET A 418 -25.61 32.39 2.10
N GLY A 419 -25.16 31.16 1.94
CA GLY A 419 -23.80 30.72 2.26
C GLY A 419 -23.68 30.20 3.68
N GLY A 420 -22.54 29.59 4.00
CA GLY A 420 -22.26 28.98 5.29
C GLY A 420 -21.03 29.62 5.88
N HIS A 421 -19.89 29.04 5.57
CA HIS A 421 -18.61 29.73 5.74
C HIS A 421 -18.48 30.82 4.67
N GLN A 422 -17.45 31.63 4.79
CA GLN A 422 -16.93 32.38 3.64
C GLN A 422 -16.45 31.39 2.58
N GLU A 423 -16.13 31.92 1.41
CA GLU A 423 -15.69 31.13 0.23
C GLU A 423 -14.23 31.47 -0.03
N GLY A 424 -13.46 30.50 -0.49
CA GLY A 424 -12.08 30.81 -0.87
C GLY A 424 -11.42 29.69 -1.64
N TYR A 425 -12.07 29.28 -2.74
CA TYR A 425 -11.70 28.04 -3.44
C TYR A 425 -10.82 28.33 -4.65
N THR A 426 -9.62 27.76 -4.62
CA THR A 426 -8.69 27.66 -5.79
C THR A 426 -8.06 26.27 -5.73
N ARG A 427 -8.34 25.38 -6.72
CA ARG A 427 -7.80 24.02 -6.64
C ARG A 427 -7.62 23.47 -8.05
N PRO A 428 -6.70 22.52 -8.21
CA PRO A 428 -6.68 21.75 -9.45
C PRO A 428 -7.99 20.98 -9.57
N PRO A 429 -8.31 20.47 -10.78
CA PRO A 429 -9.49 19.64 -10.96
C PRO A 429 -9.39 18.38 -10.08
N TYR A 430 -10.55 17.89 -9.65
CA TYR A 430 -10.68 16.59 -8.96
C TYR A 430 -10.18 15.52 -9.93
N PRO A 431 -9.26 14.60 -9.54
CA PRO A 431 -8.64 13.66 -10.44
C PRO A 431 -9.38 12.32 -10.49
N GLY A 432 -10.67 12.32 -10.64
CA GLY A 432 -11.33 11.16 -11.26
C GLY A 432 -12.63 11.61 -11.90
N ASP A 433 -13.39 10.64 -12.41
CA ASP A 433 -14.62 10.88 -13.21
C ASP A 433 -15.82 10.25 -12.48
N LYS A 434 -15.69 9.95 -11.16
CA LYS A 434 -16.60 9.09 -10.35
C LYS A 434 -16.98 9.83 -9.08
N LYS A 435 -18.24 9.78 -8.66
CA LYS A 435 -18.62 10.29 -7.32
C LYS A 435 -18.55 9.11 -6.35
N ILE A 436 -17.82 9.35 -5.28
CA ILE A 436 -17.44 8.28 -4.34
C ILE A 436 -17.92 8.73 -2.97
N TYR A 437 -18.72 7.90 -2.32
CA TYR A 437 -19.24 8.14 -0.95
C TYR A 437 -18.21 7.67 0.08
N ILE A 438 -17.34 8.63 0.47
CA ILE A 438 -16.09 8.35 1.22
C ILE A 438 -16.48 7.71 2.54
N ASP A 439 -17.47 8.23 3.26
CA ASP A 439 -17.87 7.61 4.55
C ASP A 439 -18.18 6.11 4.38
N GLN A 440 -18.98 5.76 3.37
CA GLN A 440 -19.36 4.34 3.11
C GLN A 440 -18.11 3.52 2.80
N GLU A 441 -17.18 4.05 2.02
CA GLU A 441 -15.91 3.37 1.71
C GLU A 441 -15.16 3.09 3.02
N LEU A 442 -15.16 4.04 3.97
CA LEU A 442 -14.37 3.85 5.22
C LEU A 442 -15.06 2.80 6.07
N ILE A 443 -16.37 2.90 6.15
CA ILE A 443 -17.20 1.93 6.92
C ILE A 443 -16.99 0.53 6.34
N LYS A 444 -16.86 0.38 5.03
CA LYS A 444 -16.66 -0.94 4.39
C LYS A 444 -15.21 -1.39 4.53
N GLY A 445 -14.34 -0.59 5.12
CA GLY A 445 -12.97 -1.04 5.39
C GLY A 445 -11.96 -0.62 4.34
N LYS A 446 -12.26 0.36 3.49
CA LYS A 446 -11.32 0.80 2.44
C LYS A 446 -10.36 1.83 3.05
N GLY A 447 -9.17 1.94 2.44
CA GLY A 447 -8.22 3.02 2.75
C GLY A 447 -7.23 2.54 3.77
N ARG A 448 -5.98 3.01 3.67
CA ARG A 448 -4.89 2.70 4.64
C ARG A 448 -4.76 3.86 5.62
N ILE A 449 -4.88 5.07 5.07
CA ILE A 449 -4.70 6.32 5.86
C ILE A 449 -5.87 7.28 5.59
N MET A 450 -6.38 7.90 6.64
CA MET A 450 -7.44 8.93 6.51
C MET A 450 -7.00 10.16 7.28
N THR A 451 -6.98 11.30 6.60
CA THR A 451 -6.70 12.61 7.23
C THR A 451 -7.99 13.43 7.24
N TRP A 452 -8.45 13.82 8.43
CA TRP A 452 -9.44 14.90 8.64
C TRP A 452 -8.64 16.19 8.69
N TRP A 453 -8.95 17.12 7.82
CA TRP A 453 -8.15 18.36 7.64
C TRP A 453 -9.10 19.53 7.81
N GLY A 454 -9.07 20.16 9.00
CA GLY A 454 -9.94 21.29 9.27
C GLY A 454 -11.41 20.92 9.20
N CYS A 455 -11.75 19.75 9.73
CA CYS A 455 -13.17 19.33 9.88
C CYS A 455 -13.22 18.22 10.92
N ASN A 456 -14.45 17.92 11.36
CA ASN A 456 -14.65 16.91 12.42
C ASN A 456 -15.94 16.16 12.14
N ASN A 457 -15.84 15.14 11.27
CA ASN A 457 -17.07 14.46 10.81
C ASN A 457 -17.57 13.48 11.88
N PHE A 458 -16.83 13.29 12.96
CA PHE A 458 -17.34 12.60 14.16
C PHE A 458 -18.59 13.38 14.64
N GLN A 459 -18.56 14.70 14.54
CA GLN A 459 -19.71 15.57 14.95
C GLN A 459 -20.63 15.95 13.78
N THR A 460 -20.22 15.76 12.51
CA THR A 460 -20.91 16.47 11.40
C THR A 460 -21.24 15.57 10.21
N SER A 461 -20.75 14.35 10.18
CA SER A 461 -21.20 13.41 9.13
C SER A 461 -22.69 13.12 9.22
N ASN A 462 -23.30 12.81 8.08
CA ASN A 462 -24.63 12.17 8.07
C ASN A 462 -24.44 10.72 8.52
N ASN A 463 -25.44 10.15 9.18
CA ASN A 463 -25.31 8.75 9.67
C ASN A 463 -24.03 8.70 10.49
N ALA A 464 -23.86 9.63 11.43
CA ALA A 464 -22.56 9.88 12.10
C ALA A 464 -22.20 8.71 13.00
N GLN A 465 -23.20 8.04 13.57
CA GLN A 465 -22.94 6.97 14.54
C GLN A 465 -22.28 5.79 13.82
N ALA A 466 -22.77 5.41 12.62
CA ALA A 466 -22.12 4.33 11.85
C ALA A 466 -20.66 4.74 11.53
N LEU A 467 -20.44 5.99 11.18
CA LEU A 467 -19.06 6.44 10.86
C LEU A 467 -18.20 6.32 12.11
N ARG A 468 -18.64 6.88 13.25
CA ARG A 468 -17.73 6.95 14.41
C ARG A 468 -17.41 5.54 14.83
N GLU A 469 -18.42 4.64 14.80
CA GLU A 469 -18.25 3.26 15.28
C GLU A 469 -17.20 2.57 14.40
N ALA A 470 -17.27 2.74 13.09
CA ALA A 470 -16.30 2.06 12.20
C ALA A 470 -14.90 2.65 12.38
N ILE A 471 -14.79 3.97 12.43
CA ILE A 471 -13.45 4.61 12.56
C ILE A 471 -12.81 4.23 13.91
N LEU A 472 -13.54 4.27 15.02
CA LEU A 472 -12.94 3.88 16.34
C LEU A 472 -12.42 2.45 16.28
N GLN A 473 -13.18 1.55 15.63
CA GLN A 473 -12.85 0.11 15.53
C GLN A 473 -11.61 -0.04 14.67
N ARG A 474 -11.56 0.66 13.55
CA ARG A 474 -10.41 0.54 12.59
C ARG A 474 -9.16 1.20 13.20
N SER A 475 -9.37 2.29 13.95
CA SER A 475 -8.28 2.97 14.70
C SER A 475 -7.69 2.02 15.73
N ALA A 476 -8.54 1.33 16.51
CA ALA A 476 -8.12 0.43 17.62
C ALA A 476 -7.24 -0.69 17.06
N ILE A 477 -7.54 -1.22 15.87
CA ILE A 477 -6.67 -2.29 15.27
C ILE A 477 -5.25 -1.75 15.11
N VAL A 478 -5.08 -0.51 14.66
CA VAL A 478 -3.75 0.12 14.47
C VAL A 478 -3.10 0.31 15.85
N LYS A 479 -3.88 0.80 16.80
CA LYS A 479 -3.32 1.05 18.14
C LYS A 479 -2.81 -0.27 18.69
N GLN A 480 -3.60 -1.34 18.59
CA GLN A 480 -3.24 -2.71 19.09
C GLN A 480 -1.94 -3.17 18.42
N ALA A 481 -1.80 -2.96 17.12
CA ALA A 481 -0.60 -3.41 16.36
C ALA A 481 0.63 -2.63 16.80
N MET A 482 0.51 -1.34 17.13
CA MET A 482 1.63 -0.45 17.56
C MET A 482 2.18 -0.88 18.96
N GLN A 483 1.41 -1.64 19.75
CA GLN A 483 1.75 -2.06 21.15
C GLN A 483 2.99 -2.93 21.26
N LYS A 484 3.23 -3.81 20.29
CA LYS A 484 4.29 -4.85 20.38
C LYS A 484 5.63 -4.17 20.10
N ALA A 485 5.61 -2.97 19.50
CA ALA A 485 6.86 -2.28 19.05
C ALA A 485 7.75 -1.86 20.23
N ARG A 486 9.06 -2.10 20.14
CA ARG A 486 10.10 -1.69 21.09
C ARG A 486 11.30 -1.12 20.33
N GLY A 487 11.60 0.16 20.52
CA GLY A 487 12.79 0.77 19.89
C GLY A 487 12.69 0.62 18.37
N ALA A 488 11.46 0.61 17.82
CA ALA A 488 11.26 0.48 16.35
C ALA A 488 11.72 1.78 15.68
N THR A 489 12.43 1.66 14.55
CA THR A 489 12.68 2.83 13.68
C THR A 489 11.34 3.34 13.12
N THR A 490 11.35 4.52 12.54
CA THR A 490 10.20 5.10 11.81
C THR A 490 9.80 4.15 10.67
N GLU A 491 10.78 3.62 9.95
CA GLU A 491 10.54 2.73 8.80
C GLU A 491 9.77 1.51 9.33
N GLU A 492 10.25 0.89 10.39
CA GLU A 492 9.64 -0.32 10.97
C GLU A 492 8.22 -0.01 11.37
N MET A 493 8.02 1.15 12.01
N MET A 493 8.01 1.14 12.01
CA MET A 493 6.68 1.50 12.54
CA MET A 493 6.66 1.49 12.56
C MET A 493 5.71 1.72 11.37
C MET A 493 5.70 1.71 11.37
N VAL A 494 6.19 2.29 10.27
CA VAL A 494 5.38 2.48 9.01
C VAL A 494 4.91 1.12 8.50
N ASP A 495 5.77 0.09 8.56
CA ASP A 495 5.43 -1.30 8.16
C ASP A 495 4.45 -1.94 9.14
N VAL A 496 4.61 -1.71 10.44
CA VAL A 496 3.72 -2.26 11.48
C VAL A 496 2.32 -1.69 11.24
N ILE A 497 2.24 -0.38 11.00
CA ILE A 497 0.92 0.29 10.79
C ILE A 497 0.30 -0.25 9.50
N TYR A 498 1.06 -0.30 8.42
CA TYR A 498 0.54 -0.75 7.10
C TYR A 498 -0.02 -2.17 7.23
N GLU A 499 0.73 -3.05 7.87
CA GLU A 499 0.26 -4.43 8.12
C GLU A 499 -1.08 -4.39 8.86
N ALA A 500 -1.20 -3.57 9.91
CA ALA A 500 -2.48 -3.46 10.64
C ALA A 500 -3.59 -3.02 9.67
N THR A 501 -3.27 -2.12 8.73
CA THR A 501 -4.30 -1.62 7.78
C THR A 501 -4.62 -2.68 6.72
N GLN A 502 -3.84 -3.75 6.64
CA GLN A 502 -4.15 -4.91 5.76
C GLN A 502 -5.09 -5.82 6.53
N ASN A 503 -5.23 -5.58 7.83
CA ASN A 503 -6.10 -6.44 8.68
C ASN A 503 -7.26 -5.60 9.20
N GLY A 504 -7.70 -4.62 8.40
CA GLY A 504 -8.93 -3.84 8.59
C GLY A 504 -8.69 -2.58 9.42
N GLY A 505 -7.43 -2.33 9.78
CA GLY A 505 -7.04 -1.08 10.46
C GLY A 505 -7.10 0.15 9.56
N LEU A 506 -7.03 1.31 10.16
CA LEU A 506 -6.94 2.60 9.47
C LEU A 506 -6.07 3.50 10.34
N PHE A 507 -5.06 4.11 9.74
CA PHE A 507 -4.25 5.16 10.41
C PHE A 507 -4.99 6.46 10.23
N VAL A 508 -5.22 7.18 11.32
CA VAL A 508 -6.00 8.43 11.32
C VAL A 508 -5.12 9.63 11.68
N THR A 509 -5.16 10.68 10.86
CA THR A 509 -4.52 11.97 11.11
C THR A 509 -5.60 13.04 11.16
N SER A 510 -5.45 13.95 12.08
CA SER A 510 -6.25 15.18 12.19
C SER A 510 -5.31 16.38 12.12
N ILE A 511 -5.71 17.34 11.29
CA ILE A 511 -4.96 18.60 11.12
C ILE A 511 -5.88 19.73 11.53
N ASN A 512 -5.58 20.40 12.63
CA ASN A 512 -6.68 21.08 13.34
C ASN A 512 -6.12 22.15 14.25
N LEU A 513 -6.99 23.00 14.79
CA LEU A 513 -6.60 23.95 15.90
C LEU A 513 -6.58 23.24 17.26
N TYR A 514 -7.46 22.28 17.48
CA TYR A 514 -7.73 21.60 18.78
C TYR A 514 -7.74 20.06 18.66
N PRO A 515 -7.70 19.31 19.79
CA PRO A 515 -7.76 17.85 19.73
C PRO A 515 -9.10 17.41 19.07
N THR A 516 -10.19 17.99 19.55
CA THR A 516 -11.59 17.63 19.18
C THR A 516 -11.93 16.20 19.61
N LYS A 517 -13.17 15.75 19.36
CA LYS A 517 -13.55 14.33 19.55
C LYS A 517 -12.73 13.43 18.61
N LEU A 518 -12.16 13.98 17.56
CA LEU A 518 -11.33 13.14 16.66
C LEU A 518 -10.20 12.48 17.47
N ALA A 519 -9.71 13.11 18.54
CA ALA A 519 -8.56 12.54 19.27
C ALA A 519 -8.91 11.18 19.87
N GLU A 520 -10.20 10.82 19.93
CA GLU A 520 -10.66 9.49 20.43
C GLU A 520 -10.17 8.39 19.50
N ALA A 521 -9.95 8.75 18.23
CA ALA A 521 -9.51 7.77 17.19
C ALA A 521 -8.13 8.09 16.60
N ALA A 522 -7.73 9.36 16.54
CA ALA A 522 -6.53 9.77 15.80
C ALA A 522 -5.29 9.10 16.34
N HIS A 523 -4.33 8.82 15.45
CA HIS A 523 -2.94 8.41 15.80
C HIS A 523 -1.95 9.57 15.74
N LEU A 524 -2.26 10.60 15.00
CA LEU A 524 -1.38 11.77 14.75
C LEU A 524 -2.26 13.02 14.58
N MET A 525 -1.91 14.08 15.31
CA MET A 525 -2.55 15.38 15.17
C MET A 525 -1.49 16.43 14.84
N LEU A 526 -1.76 17.27 13.85
N LEU A 526 -1.80 17.28 13.86
CA LEU A 526 -0.81 18.36 13.49
CA LEU A 526 -0.90 18.37 13.41
C LEU A 526 -1.45 19.72 13.72
C LEU A 526 -1.51 19.71 13.79
N PRO A 527 -0.71 20.67 14.31
CA PRO A 527 -1.28 21.96 14.66
C PRO A 527 -1.27 23.02 13.53
N ALA A 528 -2.44 23.63 13.35
CA ALA A 528 -2.73 24.64 12.31
C ALA A 528 -2.90 26.01 12.95
N ALA A 529 -2.86 27.02 12.11
CA ALA A 529 -2.84 28.46 12.41
C ALA A 529 -4.08 29.09 11.76
N HIS A 530 -4.76 29.99 12.48
CA HIS A 530 -6.02 30.62 11.99
C HIS A 530 -5.71 32.05 11.61
N PRO A 531 -6.65 32.82 10.98
CA PRO A 531 -6.33 34.16 10.47
C PRO A 531 -5.90 35.14 11.56
N GLY A 532 -4.86 35.96 11.31
CA GLY A 532 -4.22 36.78 12.34
C GLY A 532 -2.95 36.13 12.86
N GLU A 533 -2.90 34.81 12.98
CA GLU A 533 -1.60 34.08 13.16
C GLU A 533 -0.96 33.90 11.78
N MET A 534 -1.74 34.11 10.73
CA MET A 534 -1.35 34.06 9.31
C MET A 534 -2.13 35.14 8.53
N ASN A 535 -1.60 35.49 7.37
CA ASN A 535 -2.37 36.21 6.32
C ASN A 535 -3.37 35.24 5.70
N LEU A 536 -4.56 35.75 5.34
CA LEU A 536 -5.55 34.89 4.68
C LEU A 536 -6.47 35.73 3.80
N THR A 537 -6.84 35.15 2.68
CA THR A 537 -7.80 35.76 1.76
C THR A 537 -9.03 34.85 1.66
N SER A 538 -10.16 35.48 1.50
CA SER A 538 -11.47 34.79 1.30
C SER A 538 -12.46 35.82 0.79
N MET A 539 -13.59 35.33 0.31
CA MET A 539 -14.68 36.22 -0.17
C MET A 539 -15.99 35.87 0.57
N ASN A 540 -16.89 36.83 0.63
CA ASN A 540 -18.18 36.68 1.34
C ASN A 540 -19.29 36.29 0.35
N GLY A 541 -20.56 36.42 0.74
CA GLY A 541 -21.71 35.91 -0.04
C GLY A 541 -22.04 36.80 -1.25
N GLU A 542 -21.26 37.87 -1.47
CA GLU A 542 -21.34 38.77 -2.65
C GLU A 542 -19.94 38.80 -3.35
N ARG A 543 -19.14 37.78 -3.11
CA ARG A 543 -17.86 37.56 -3.84
C ARG A 543 -16.84 38.64 -3.46
N ARG A 544 -16.98 39.27 -2.30
CA ARG A 544 -16.08 40.39 -1.90
C ARG A 544 -14.82 39.83 -1.23
N ILE A 545 -13.72 39.81 -1.99
CA ILE A 545 -12.44 39.27 -1.46
C ILE A 545 -11.81 40.31 -0.57
N ARG A 546 -11.28 39.87 0.57
CA ARG A 546 -10.51 40.73 1.48
C ARG A 546 -9.31 39.93 2.00
N LEU A 547 -8.26 40.66 2.35
CA LEU A 547 -7.11 40.15 3.11
C LEU A 547 -7.32 40.35 4.61
N SER A 548 -7.24 39.27 5.36
CA SER A 548 -7.07 39.29 6.83
C SER A 548 -5.57 39.28 7.14
N GLU A 549 -5.10 40.28 7.85
CA GLU A 549 -3.64 40.52 8.07
C GLU A 549 -3.15 39.76 9.30
N LYS A 550 -1.98 39.14 9.17
CA LYS A 550 -1.25 38.57 10.31
C LYS A 550 -0.90 39.70 11.30
N PHE A 551 -1.17 39.49 12.59
CA PHE A 551 -0.82 40.46 13.66
C PHE A 551 -0.19 39.79 14.88
N MET A 552 -0.12 38.45 14.91
CA MET A 552 0.51 37.75 16.07
C MET A 552 1.11 36.43 15.60
N ASP A 553 1.81 35.75 16.50
CA ASP A 553 2.36 34.44 16.24
C ASP A 553 1.32 33.38 16.57
N PRO A 554 1.35 32.29 15.81
CA PRO A 554 0.59 31.11 16.21
C PRO A 554 1.15 30.48 17.49
N PRO A 555 0.37 29.62 18.22
CA PRO A 555 0.86 28.86 19.37
C PRO A 555 1.96 27.86 18.98
N GLY A 556 3.05 27.80 19.77
CA GLY A 556 4.15 26.86 19.50
C GLY A 556 4.52 26.83 18.02
N THR A 557 4.47 25.64 17.44
CA THR A 557 4.94 25.42 16.05
C THR A 557 3.74 25.20 15.14
N ALA A 558 2.60 25.70 15.56
CA ALA A 558 1.38 25.72 14.70
C ALA A 558 1.69 26.44 13.38
N MET A 559 1.12 25.92 12.28
CA MET A 559 1.51 26.37 10.95
C MET A 559 0.26 26.58 10.07
N ALA A 560 0.28 27.56 9.20
CA ALA A 560 -0.75 27.72 8.14
C ALA A 560 -0.98 26.41 7.37
N ASP A 561 -2.24 26.07 7.08
CA ASP A 561 -2.56 24.77 6.45
C ASP A 561 -1.85 24.60 5.08
N CYS A 562 -1.75 25.67 4.28
CA CYS A 562 -1.03 25.60 2.97
C CYS A 562 0.45 25.20 3.21
N LEU A 563 1.06 25.69 4.30
CA LEU A 563 2.48 25.36 4.61
C LEU A 563 2.63 23.95 5.18
N ILE A 564 1.62 23.44 5.86
CA ILE A 564 1.60 22.00 6.25
C ILE A 564 1.54 21.12 4.97
N ALA A 565 0.71 21.53 4.01
CA ALA A 565 0.59 20.81 2.73
C ALA A 565 1.96 20.83 2.05
N ALA A 566 2.65 21.96 2.10
CA ALA A 566 3.99 22.13 1.49
C ALA A 566 4.97 21.19 2.19
N ARG A 567 4.86 21.11 3.49
CA ARG A 567 5.74 20.30 4.36
C ARG A 567 5.59 18.82 4.02
N ILE A 568 4.36 18.37 3.82
CA ILE A 568 4.03 16.98 3.44
C ILE A 568 4.56 16.72 2.04
N ALA A 569 4.33 17.62 1.10
CA ALA A 569 4.73 17.44 -0.32
C ALA A 569 6.26 17.37 -0.39
N ASN A 570 6.98 18.19 0.37
CA ASN A 570 8.47 18.23 0.35
C ASN A 570 9.02 16.98 1.01
N ALA A 571 8.34 16.47 2.03
CA ALA A 571 8.79 15.22 2.71
C ALA A 571 8.67 14.06 1.70
N LEU A 572 7.53 13.98 1.02
CA LEU A 572 7.32 12.91 0.00
C LEU A 572 8.32 13.05 -1.14
N ARG A 573 8.54 14.26 -1.63
CA ARG A 573 9.51 14.52 -2.74
C ARG A 573 10.85 13.97 -2.29
N ASP A 574 11.33 14.41 -1.11
CA ASP A 574 12.65 13.96 -0.59
C ASP A 574 12.68 12.42 -0.52
N MET A 575 11.62 11.77 -0.03
CA MET A 575 11.60 10.28 0.07
C MET A 575 11.73 9.65 -1.33
N TYR A 576 10.99 10.15 -2.31
CA TYR A 576 11.04 9.56 -3.68
C TYR A 576 12.42 9.81 -4.35
N GLN A 577 13.00 11.00 -4.19
CA GLN A 577 14.36 11.30 -4.69
C GLN A 577 15.36 10.32 -4.05
N LYS A 578 15.27 10.09 -2.74
CA LYS A 578 16.22 9.22 -1.98
C LYS A 578 16.10 7.78 -2.48
N ASP A 579 14.90 7.36 -2.87
CA ASP A 579 14.51 5.98 -3.27
C ASP A 579 14.71 5.79 -4.80
N GLY A 580 15.33 6.77 -5.47
CA GLY A 580 15.71 6.75 -6.90
C GLY A 580 14.50 6.79 -7.84
N LYS A 581 13.38 7.45 -7.44
CA LYS A 581 12.13 7.53 -8.24
C LYS A 581 11.87 8.96 -8.68
N ALA A 582 12.50 9.36 -9.77
CA ALA A 582 12.52 10.75 -10.24
C ALA A 582 11.13 11.15 -10.76
N GLU A 583 10.36 10.24 -11.34
CA GLU A 583 9.00 10.54 -11.88
C GLU A 583 8.03 10.76 -10.72
N MET A 584 8.10 9.94 -9.67
CA MET A 584 7.25 10.17 -8.46
C MET A 584 7.72 11.46 -7.76
N ALA A 585 9.02 11.71 -7.64
CA ALA A 585 9.54 12.96 -7.02
C ALA A 585 8.93 14.18 -7.71
N ALA A 586 8.89 14.18 -9.04
CA ALA A 586 8.39 15.33 -9.84
C ALA A 586 6.93 15.64 -9.54
N GLN A 587 6.08 14.67 -9.18
CA GLN A 587 4.67 14.89 -8.84
C GLN A 587 4.59 15.84 -7.63
N PHE A 588 5.65 15.89 -6.82
CA PHE A 588 5.66 16.62 -5.51
C PHE A 588 6.48 17.91 -5.62
N GLU A 589 6.84 18.31 -6.84
CA GLU A 589 7.43 19.64 -7.12
C GLU A 589 6.39 20.76 -6.96
N GLY A 590 6.86 21.98 -6.73
CA GLY A 590 5.98 23.18 -6.76
C GLY A 590 5.48 23.60 -5.39
N PHE A 591 6.14 23.18 -4.31
CA PHE A 591 5.77 23.51 -2.91
C PHE A 591 6.95 24.17 -2.20
N ASP A 592 7.74 24.97 -2.96
CA ASP A 592 8.87 25.71 -2.37
C ASP A 592 8.31 26.99 -1.75
N TRP A 593 7.53 26.87 -0.68
CA TRP A 593 6.78 28.01 -0.10
C TRP A 593 7.31 28.37 1.28
N LYS A 594 7.61 29.63 1.50
CA LYS A 594 8.14 30.10 2.81
C LYS A 594 7.01 30.80 3.58
N THR A 595 5.99 31.33 2.88
CA THR A 595 4.86 32.06 3.52
C THR A 595 3.56 31.75 2.77
N GLU A 596 2.42 32.01 3.41
CA GLU A 596 1.10 31.72 2.81
C GLU A 596 0.95 32.54 1.51
N GLU A 597 1.52 33.75 1.44
CA GLU A 597 1.49 34.59 0.21
C GLU A 597 1.97 33.80 -1.02
N ASP A 598 2.97 32.94 -0.83
CA ASP A 598 3.52 32.07 -1.91
C ASP A 598 2.41 31.15 -2.46
N ALA A 599 1.51 30.62 -1.63
CA ALA A 599 0.36 29.78 -2.06
C ALA A 599 -0.68 30.65 -2.81
N PHE A 600 -0.92 31.89 -2.35
CA PHE A 600 -1.75 32.90 -3.07
C PHE A 600 -1.20 33.16 -4.48
N ASN A 601 0.10 33.35 -4.60
CA ASN A 601 0.76 33.58 -5.91
C ASN A 601 0.64 32.33 -6.76
N ASP A 602 0.75 31.15 -6.16
CA ASP A 602 0.96 29.93 -6.97
C ASP A 602 -0.40 29.48 -7.53
N GLY A 603 -1.50 29.75 -6.84
CA GLY A 603 -2.85 29.22 -7.12
C GLY A 603 -3.74 30.32 -7.68
N PHE A 604 -4.38 31.09 -6.80
CA PHE A 604 -5.31 32.18 -7.16
C PHE A 604 -4.73 33.04 -8.29
N ARG A 605 -3.49 33.48 -8.14
CA ARG A 605 -2.94 34.44 -9.12
C ARG A 605 -2.42 33.71 -10.37
N ARG A 606 -2.38 32.38 -10.45
CA ARG A 606 -1.93 31.73 -11.73
C ARG A 606 -3.12 31.24 -12.57
N ALA A 607 -4.35 31.35 -12.05
CA ALA A 607 -5.53 30.77 -12.71
C ALA A 607 -5.67 31.41 -14.09
N GLY A 608 -5.66 30.59 -15.14
CA GLY A 608 -5.90 31.12 -16.49
C GLY A 608 -4.70 31.79 -17.11
N GLN A 609 -3.55 31.84 -16.44
CA GLN A 609 -2.38 32.59 -16.94
C GLN A 609 -1.58 31.71 -17.91
N PRO A 610 -0.70 32.30 -18.74
CA PRO A 610 0.02 31.50 -19.72
C PRO A 610 1.00 30.56 -19.00
N GLY A 611 0.98 29.28 -19.38
CA GLY A 611 1.85 28.24 -18.79
C GLY A 611 1.27 27.57 -17.56
N ALA A 612 0.11 28.00 -17.05
CA ALA A 612 -0.38 27.53 -15.75
C ALA A 612 -1.06 26.18 -15.99
N PRO A 613 -1.05 25.25 -15.03
CA PRO A 613 -1.86 24.05 -15.19
C PRO A 613 -3.37 24.38 -15.08
N ALA A 614 -4.23 23.38 -15.22
CA ALA A 614 -5.69 23.61 -15.08
C ALA A 614 -5.96 24.04 -13.62
N ILE A 615 -6.70 25.12 -13.45
CA ILE A 615 -7.01 25.60 -12.07
C ILE A 615 -8.46 26.04 -12.04
N ASP A 616 -9.20 25.59 -11.05
CA ASP A 616 -10.59 26.02 -10.78
C ASP A 616 -10.51 27.05 -9.66
N SER A 617 -10.87 28.30 -9.91
CA SER A 617 -10.73 29.42 -8.97
C SER A 617 -12.00 30.26 -8.96
N GLN A 618 -12.49 30.65 -7.78
CA GLN A 618 -13.55 31.67 -7.64
C GLN A 618 -13.04 33.03 -8.09
N GLY A 619 -11.74 33.20 -8.26
CA GLY A 619 -11.15 34.45 -8.79
C GLY A 619 -11.17 34.58 -10.29
N GLY A 620 -11.28 33.45 -10.98
CA GLY A 620 -11.28 33.40 -12.43
C GLY A 620 -9.91 33.82 -12.96
N SER A 621 -9.88 34.15 -14.26
CA SER A 621 -8.63 34.36 -15.02
C SER A 621 -8.05 35.74 -14.73
N THR A 622 -8.81 36.65 -14.05
CA THR A 622 -8.30 37.99 -13.68
C THR A 622 -7.80 37.98 -12.23
N GLY A 623 -7.74 36.82 -11.58
CA GLY A 623 -7.23 36.67 -10.20
C GLY A 623 -5.85 37.27 -10.00
N HIS A 624 -5.01 37.23 -11.02
CA HIS A 624 -3.63 37.77 -11.00
C HIS A 624 -3.60 39.27 -10.71
N LEU A 625 -4.67 40.02 -10.96
CA LEU A 625 -4.71 41.48 -10.70
C LEU A 625 -4.76 41.75 -9.20
N VAL A 626 -5.21 40.78 -8.43
CA VAL A 626 -5.23 40.87 -6.95
C VAL A 626 -3.86 40.54 -6.39
N THR A 627 -3.35 41.35 -5.49
CA THR A 627 -2.13 41.07 -4.69
C THR A 627 -2.47 41.49 -3.25
N TYR A 628 -1.68 41.00 -2.30
CA TYR A 628 -1.88 41.33 -0.87
C TYR A 628 -1.81 42.85 -0.73
N ASP A 629 -0.83 43.49 -1.34
CA ASP A 629 -0.62 44.97 -1.22
C ASP A 629 -1.83 45.70 -1.81
N ARG A 630 -2.40 45.21 -2.92
CA ARG A 630 -3.62 45.85 -3.49
C ARG A 630 -4.81 45.65 -2.54
N LEU A 631 -4.97 44.47 -1.93
CA LEU A 631 -6.10 44.22 -0.99
C LEU A 631 -5.95 45.07 0.27
N ARG A 632 -4.72 45.23 0.72
CA ARG A 632 -4.44 46.11 1.87
C ARG A 632 -4.99 47.51 1.60
N LYS A 633 -4.69 48.04 0.40
CA LYS A 633 -5.07 49.40 -0.03
C LYS A 633 -6.61 49.46 -0.12
N SER A 634 -7.29 48.41 -0.61
CA SER A 634 -8.78 48.32 -0.69
C SER A 634 -9.41 48.40 0.69
N GLY A 635 -8.70 47.92 1.73
CA GLY A 635 -9.24 47.80 3.10
C GLY A 635 -10.29 46.69 3.24
N ASN A 636 -11.17 46.81 4.23
CA ASN A 636 -12.19 45.76 4.50
C ASN A 636 -13.29 45.77 3.42
N ASN A 637 -13.33 46.79 2.58
CA ASN A 637 -14.28 46.79 1.44
C ASN A 637 -13.77 45.88 0.31
N GLY A 638 -12.47 45.64 0.27
CA GLY A 638 -11.92 44.74 -0.76
C GLY A 638 -12.44 45.06 -2.17
N VAL A 639 -12.73 44.00 -2.91
CA VAL A 639 -13.29 44.09 -4.29
C VAL A 639 -14.20 42.90 -4.49
N GLN A 640 -15.34 43.10 -5.15
CA GLN A 640 -16.23 42.02 -5.60
C GLN A 640 -15.65 41.34 -6.84
N LEU A 641 -15.44 40.04 -6.74
CA LEU A 641 -14.91 39.25 -7.88
C LEU A 641 -16.05 39.02 -8.88
N PRO A 642 -15.73 38.88 -10.20
CA PRO A 642 -14.35 38.98 -10.66
C PRO A 642 -13.87 40.41 -10.84
N VAL A 643 -12.55 40.60 -10.65
CA VAL A 643 -11.86 41.88 -10.91
C VAL A 643 -11.93 42.17 -12.42
N VAL A 644 -12.38 43.37 -12.73
CA VAL A 644 -12.49 43.86 -14.13
C VAL A 644 -11.18 44.56 -14.51
N SER A 645 -10.57 45.27 -13.56
CA SER A 645 -9.42 46.13 -13.92
C SER A 645 -8.67 46.49 -12.63
N TRP A 646 -7.37 46.77 -12.79
CA TRP A 646 -6.55 47.38 -11.74
C TRP A 646 -5.68 48.48 -12.37
N ASP A 647 -5.66 49.67 -11.79
CA ASP A 647 -4.46 50.56 -11.96
C ASP A 647 -4.16 51.29 -10.64
N GLU A 648 -3.00 51.92 -10.54
CA GLU A 648 -2.61 52.68 -9.32
C GLU A 648 -3.64 53.74 -8.97
N SER A 649 -4.28 54.32 -9.97
CA SER A 649 -5.14 55.52 -9.77
C SER A 649 -6.52 55.10 -9.25
N LYS A 650 -7.03 53.93 -9.64
CA LYS A 650 -8.43 53.51 -9.30
C LYS A 650 -8.47 52.25 -8.42
N GLY A 651 -7.33 51.61 -8.17
CA GLY A 651 -7.27 50.37 -7.42
C GLY A 651 -8.02 49.26 -8.12
N LEU A 652 -8.43 48.29 -7.34
CA LEU A 652 -9.15 47.13 -7.86
C LEU A 652 -10.58 47.55 -8.20
N VAL A 653 -11.03 47.23 -9.40
CA VAL A 653 -12.45 47.45 -9.77
C VAL A 653 -13.11 46.12 -10.04
N GLY A 654 -14.33 45.93 -9.52
CA GLY A 654 -14.95 44.59 -9.43
C GLY A 654 -16.31 44.55 -10.09
N THR A 655 -17.04 43.48 -9.77
CA THR A 655 -18.30 43.13 -10.45
C THR A 655 -19.38 43.02 -9.38
N GLU A 656 -20.42 43.81 -9.53
CA GLU A 656 -21.47 43.88 -8.51
C GLU A 656 -22.41 42.68 -8.67
N MET A 657 -22.89 42.44 -9.90
CA MET A 657 -23.95 41.45 -10.13
C MET A 657 -23.63 40.71 -11.41
N LEU A 658 -23.87 39.41 -11.40
CA LEU A 658 -23.69 38.52 -12.57
C LEU A 658 -24.97 38.44 -13.40
N TYR A 659 -24.85 38.18 -14.69
CA TYR A 659 -25.94 37.78 -15.60
C TYR A 659 -26.74 39.04 -15.96
N THR A 660 -26.18 40.26 -15.79
CA THR A 660 -26.99 41.50 -16.06
C THR A 660 -27.27 41.64 -17.58
N GLU A 661 -26.61 40.89 -18.46
CA GLU A 661 -26.85 40.99 -19.92
C GLU A 661 -27.52 39.70 -20.41
N GLY A 662 -27.98 38.87 -19.49
CA GLY A 662 -28.68 37.63 -19.84
C GLY A 662 -27.78 36.64 -20.54
N LYS A 663 -26.48 36.75 -20.32
CA LYS A 663 -25.48 35.76 -20.80
C LYS A 663 -25.10 34.86 -19.62
N PHE A 664 -25.54 33.62 -19.66
CA PHE A 664 -25.40 32.62 -18.58
C PHE A 664 -24.17 31.74 -18.82
N ASP A 665 -23.80 30.98 -17.82
CA ASP A 665 -22.61 30.09 -17.89
C ASP A 665 -23.05 28.74 -18.47
N THR A 666 -23.43 28.76 -19.73
CA THR A 666 -23.84 27.54 -20.47
C THR A 666 -23.17 27.53 -21.84
N ASP A 667 -23.25 26.39 -22.55
CA ASP A 667 -22.72 26.22 -23.92
C ASP A 667 -23.26 27.35 -24.83
N ASP A 668 -24.54 27.70 -24.70
CA ASP A 668 -25.19 28.62 -25.66
C ASP A 668 -25.43 30.00 -25.02
N GLY A 669 -24.91 30.22 -23.80
CA GLY A 669 -25.07 31.48 -23.05
C GLY A 669 -26.53 31.71 -22.64
N LYS A 670 -27.40 30.71 -22.79
CA LYS A 670 -28.81 30.81 -22.32
C LYS A 670 -28.95 30.09 -20.97
N ALA A 671 -29.89 30.51 -20.12
CA ALA A 671 -30.23 29.77 -18.88
C ALA A 671 -31.06 28.58 -19.33
N HIS A 672 -30.85 27.45 -18.69
CA HIS A 672 -31.52 26.20 -19.07
C HIS A 672 -32.50 25.80 -17.98
N PHE A 673 -33.78 25.70 -18.34
CA PHE A 673 -34.83 25.09 -17.50
C PHE A 673 -34.56 23.58 -17.40
N LYS A 674 -35.02 23.01 -16.31
CA LYS A 674 -34.83 21.59 -15.98
C LYS A 674 -36.15 21.00 -15.51
N PRO A 675 -36.39 19.73 -15.82
CA PRO A 675 -37.48 18.99 -15.17
C PRO A 675 -37.25 18.82 -13.66
N ALA A 676 -38.34 18.77 -12.91
CA ALA A 676 -38.31 18.67 -11.44
C ALA A 676 -39.40 17.70 -11.00
N PRO A 677 -39.12 16.38 -11.03
CA PRO A 677 -40.12 15.39 -10.64
C PRO A 677 -40.41 15.49 -9.13
N TRP A 678 -41.67 15.38 -8.77
CA TRP A 678 -42.09 15.24 -7.37
C TRP A 678 -42.19 13.74 -7.06
N ASN A 679 -41.25 13.21 -6.29
CA ASN A 679 -41.18 11.77 -5.96
C ASN A 679 -41.52 11.50 -4.48
N GLY A 680 -41.96 12.48 -3.70
CA GLY A 680 -42.18 12.26 -2.26
C GLY A 680 -40.84 12.16 -1.51
N LEU A 681 -40.89 11.72 -0.27
CA LEU A 681 -39.66 11.61 0.56
C LEU A 681 -38.88 10.42 0.03
N PRO A 682 -37.53 10.38 0.17
CA PRO A 682 -36.76 9.20 -0.16
C PRO A 682 -37.28 8.03 0.69
N ALA A 683 -37.34 6.82 0.12
CA ALA A 683 -37.87 5.61 0.79
C ALA A 683 -37.15 5.35 2.12
N THR A 684 -35.86 5.57 2.17
CA THR A 684 -35.04 5.34 3.38
C THR A 684 -35.64 6.24 4.49
N VAL A 685 -35.95 7.49 4.16
CA VAL A 685 -36.39 8.51 5.16
C VAL A 685 -37.85 8.20 5.50
N GLN A 686 -38.67 7.87 4.48
CA GLN A 686 -40.08 7.51 4.68
C GLN A 686 -40.23 6.29 5.59
N GLN A 687 -39.31 5.33 5.53
CA GLN A 687 -39.31 4.15 6.46
C GLN A 687 -39.12 4.62 7.90
N GLN A 688 -38.22 5.60 8.15
CA GLN A 688 -38.07 6.15 9.51
C GLN A 688 -39.38 6.84 9.92
N LYS A 689 -39.97 7.67 9.06
CA LYS A 689 -41.21 8.41 9.36
C LYS A 689 -42.36 7.44 9.67
N ASP A 690 -42.40 6.29 9.01
CA ASP A 690 -43.53 5.33 9.18
C ASP A 690 -43.38 4.64 10.52
N LYS A 691 -42.16 4.56 11.01
CA LYS A 691 -41.80 3.76 12.20
C LYS A 691 -41.80 4.68 13.45
N TYR A 692 -41.49 5.94 13.31
CA TYR A 692 -41.13 6.81 14.47
C TYR A 692 -41.97 8.09 14.45
N ARG A 693 -42.07 8.74 15.60
CA ARG A 693 -43.08 9.76 15.82
C ARG A 693 -42.59 11.13 15.32
N PHE A 694 -41.36 11.54 15.57
CA PHE A 694 -40.95 12.95 15.45
C PHE A 694 -40.06 13.21 14.24
N TRP A 695 -40.39 14.28 13.53
CA TRP A 695 -39.45 14.91 12.57
C TRP A 695 -38.24 15.51 13.33
N LEU A 696 -37.04 15.04 13.01
CA LEU A 696 -35.81 15.44 13.71
C LEU A 696 -35.10 16.53 12.89
N ASN A 697 -35.74 17.66 12.80
CA ASN A 697 -35.16 18.85 12.18
C ASN A 697 -33.93 19.26 13.01
N ASN A 698 -33.04 19.98 12.35
CA ASN A 698 -31.70 20.28 12.95
C ASN A 698 -31.04 21.43 12.21
N GLY A 699 -30.12 22.15 12.89
CA GLY A 699 -29.39 23.27 12.31
C GLY A 699 -28.79 24.14 13.38
N ARG A 700 -28.73 25.43 13.07
CA ARG A 700 -27.95 26.44 13.78
C ARG A 700 -28.70 27.05 14.95
N ASN A 701 -27.86 27.48 15.90
CA ASN A 701 -28.19 28.37 17.01
C ASN A 701 -27.34 29.64 16.77
N ASN A 702 -27.94 30.82 16.90
CA ASN A 702 -27.25 32.14 16.69
C ASN A 702 -25.95 32.17 17.49
N GLU A 703 -25.94 31.69 18.72
CA GLU A 703 -24.76 31.87 19.63
C GLU A 703 -23.64 30.87 19.36
N VAL A 704 -23.95 29.66 18.91
CA VAL A 704 -23.00 28.54 18.78
C VAL A 704 -22.42 28.55 17.36
N TRP A 705 -21.11 28.54 17.24
CA TRP A 705 -20.44 28.42 15.92
C TRP A 705 -20.05 26.97 15.71
N GLN A 706 -20.72 26.35 14.71
CA GLN A 706 -20.35 25.05 14.12
C GLN A 706 -20.18 23.98 15.19
N THR A 707 -19.06 23.26 15.18
CA THR A 707 -18.79 22.17 16.15
C THR A 707 -18.26 22.69 17.49
N ALA A 708 -18.42 23.97 17.73
CA ALA A 708 -18.17 24.60 19.07
C ALA A 708 -16.69 24.38 19.42
N TYR A 709 -15.80 24.36 18.44
CA TYR A 709 -14.38 24.03 18.71
C TYR A 709 -13.79 25.10 19.63
N HIS A 710 -14.11 26.38 19.42
CA HIS A 710 -13.74 27.45 20.41
C HIS A 710 -14.80 27.49 21.54
N ASP A 711 -16.08 27.42 21.23
CA ASP A 711 -17.15 27.69 22.21
C ASP A 711 -17.10 26.68 23.37
N GLN A 712 -16.64 25.47 23.12
CA GLN A 712 -16.59 24.41 24.16
C GLN A 712 -15.69 24.87 25.33
N TYR A 713 -14.79 25.82 25.12
CA TYR A 713 -13.88 26.33 26.20
C TYR A 713 -14.37 27.64 26.79
N ASN A 714 -15.45 28.20 26.24
CA ASN A 714 -16.01 29.50 26.63
C ASN A 714 -16.97 29.30 27.82
N SER A 715 -16.63 29.84 29.00
CA SER A 715 -17.45 29.65 30.24
C SER A 715 -18.86 30.17 29.98
N LEU A 716 -19.02 31.28 29.28
CA LEU A 716 -20.38 31.85 29.08
C LEU A 716 -21.15 30.91 28.16
N MET A 717 -20.50 30.40 27.14
CA MET A 717 -21.25 29.54 26.18
C MET A 717 -21.61 28.23 26.89
N GLN A 718 -20.73 27.69 27.73
CA GLN A 718 -21.00 26.42 28.43
C GLN A 718 -22.08 26.56 29.50
N GLU A 719 -22.14 27.71 30.18
CA GLU A 719 -23.27 28.05 31.08
C GLU A 719 -24.59 28.05 30.29
N ARG A 720 -24.58 28.64 29.10
CA ARG A 720 -25.84 28.88 28.37
C ARG A 720 -26.31 27.58 27.69
N TYR A 721 -25.38 26.81 27.11
CA TYR A 721 -25.71 25.64 26.23
C TYR A 721 -24.82 24.49 26.69
N PRO A 722 -24.98 24.01 27.93
CA PRO A 722 -24.10 22.97 28.46
C PRO A 722 -24.25 21.70 27.63
N MET A 723 -25.39 21.54 26.94
CA MET A 723 -25.69 20.30 26.19
C MET A 723 -26.47 20.75 24.97
N ALA A 724 -26.34 20.00 23.89
CA ALA A 724 -27.22 20.21 22.71
C ALA A 724 -28.66 20.22 23.18
N TYR A 725 -29.48 21.10 22.63
CA TYR A 725 -30.92 21.21 22.98
C TYR A 725 -31.77 20.79 21.79
N ILE A 726 -32.95 20.30 22.17
CA ILE A 726 -34.00 19.89 21.20
C ILE A 726 -35.26 20.69 21.52
N GLU A 727 -35.61 21.57 20.60
CA GLU A 727 -36.89 22.32 20.66
C GLU A 727 -38.04 21.33 20.47
N MET A 728 -38.99 21.39 21.37
CA MET A 728 -40.12 20.45 21.36
C MET A 728 -41.42 21.23 21.57
N ASN A 729 -42.47 20.77 20.94
CA ASN A 729 -43.81 21.34 21.18
C ASN A 729 -44.20 21.09 22.63
N PRO A 730 -44.80 22.07 23.34
CA PRO A 730 -45.16 21.91 24.76
C PRO A 730 -46.17 20.80 25.05
N ASP A 731 -47.10 20.59 24.11
CA ASP A 731 -48.12 19.51 24.26
C ASP A 731 -47.42 18.15 24.15
N ASP A 732 -46.46 18.06 23.23
CA ASP A 732 -45.63 16.84 23.09
C ASP A 732 -44.83 16.64 24.37
N CYS A 733 -44.26 17.71 24.93
CA CYS A 733 -43.47 17.64 26.20
C CYS A 733 -44.34 17.06 27.34
N LYS A 734 -45.56 17.58 27.51
CA LYS A 734 -46.49 17.09 28.55
C LYS A 734 -46.74 15.60 28.36
N GLN A 735 -46.98 15.16 27.13
CA GLN A 735 -47.30 13.75 26.90
C GLN A 735 -46.06 12.89 27.23
N LEU A 736 -44.84 13.42 27.10
CA LEU A 736 -43.61 12.70 27.48
C LEU A 736 -43.17 12.99 28.91
N ASP A 737 -43.91 13.82 29.65
CA ASP A 737 -43.58 14.19 31.03
C ASP A 737 -42.17 14.79 31.06
N VAL A 738 -41.88 15.70 30.15
CA VAL A 738 -40.58 16.41 30.11
C VAL A 738 -40.83 17.91 30.09
N THR A 739 -39.84 18.63 30.60
CA THR A 739 -39.83 20.10 30.59
C THR A 739 -38.38 20.57 30.42
N GLY A 740 -38.19 21.89 30.46
CA GLY A 740 -36.88 22.52 30.20
C GLY A 740 -35.84 21.93 31.10
N GLY A 741 -34.74 21.42 30.52
CA GLY A 741 -33.57 20.91 31.29
C GLY A 741 -33.66 19.46 31.64
N ASP A 742 -34.69 18.74 31.17
CA ASP A 742 -34.70 17.27 31.19
C ASP A 742 -33.76 16.81 30.09
N ILE A 743 -33.16 15.66 30.25
CA ILE A 743 -32.38 15.01 29.15
C ILE A 743 -33.29 13.96 28.53
N VAL A 744 -33.30 13.92 27.20
CA VAL A 744 -33.97 12.84 26.44
C VAL A 744 -32.93 12.10 25.62
N GLU A 745 -33.23 10.84 25.34
CA GLU A 745 -32.63 10.10 24.19
C GLU A 745 -33.52 10.31 22.97
N VAL A 746 -32.87 10.55 21.83
CA VAL A 746 -33.47 10.67 20.51
C VAL A 746 -32.92 9.50 19.70
N TYR A 747 -33.75 8.74 19.01
CA TYR A 747 -33.20 7.52 18.38
C TYR A 747 -34.12 7.06 17.26
N ASN A 748 -33.50 6.29 16.38
CA ASN A 748 -34.22 5.62 15.28
C ASN A 748 -33.35 4.46 14.82
N ASP A 749 -33.58 3.90 13.63
CA ASP A 749 -32.78 2.76 13.17
C ASP A 749 -31.30 3.16 13.01
N PHE A 750 -31.01 4.39 12.64
CA PHE A 750 -29.64 4.83 12.32
C PHE A 750 -28.77 5.08 13.58
N GLY A 751 -29.35 5.48 14.69
CA GLY A 751 -28.51 5.75 15.87
C GLY A 751 -29.31 6.28 17.04
N SER A 752 -28.59 6.71 18.04
CA SER A 752 -29.18 7.16 19.32
C SER A 752 -28.27 8.27 19.85
N THR A 753 -28.86 9.40 20.20
CA THR A 753 -28.11 10.51 20.78
C THR A 753 -28.98 11.17 21.84
N PHE A 754 -28.48 12.23 22.44
CA PHE A 754 -29.10 12.83 23.65
C PHE A 754 -29.17 14.33 23.49
N ALA A 755 -30.15 14.96 24.14
CA ALA A 755 -30.29 16.42 24.10
C ALA A 755 -30.99 16.84 25.38
N MET A 756 -30.82 18.10 25.75
CA MET A 756 -31.67 18.72 26.80
C MET A 756 -32.94 19.32 26.16
N VAL A 757 -34.11 18.99 26.74
CA VAL A 757 -35.43 19.48 26.30
C VAL A 757 -35.52 21.01 26.41
N TYR A 758 -36.02 21.63 25.35
CA TYR A 758 -36.24 23.09 25.25
C TYR A 758 -37.66 23.27 24.73
N PRO A 759 -38.66 23.41 25.60
CA PRO A 759 -40.02 23.56 25.11
C PRO A 759 -40.11 24.87 24.34
N VAL A 760 -40.79 24.85 23.19
CA VAL A 760 -40.89 26.01 22.26
C VAL A 760 -42.29 25.99 21.73
N ALA A 761 -43.09 26.99 22.08
CA ALA A 761 -44.53 27.03 21.73
C ALA A 761 -44.67 26.95 20.19
N GLU A 762 -43.71 27.51 19.48
CA GLU A 762 -43.77 27.65 18.00
C GLU A 762 -43.56 26.32 17.26
N ILE A 763 -42.97 25.32 17.89
CA ILE A 763 -42.73 24.02 17.22
C ILE A 763 -44.06 23.30 17.03
N LYS A 764 -44.23 22.72 15.84
CA LYS A 764 -45.46 21.94 15.50
C LYS A 764 -45.46 20.60 16.27
N ARG A 765 -46.66 20.14 16.65
CA ARG A 765 -46.82 18.78 17.24
C ARG A 765 -46.19 17.78 16.26
N GLY A 766 -45.35 16.85 16.75
CA GLY A 766 -44.76 15.82 15.89
C GLY A 766 -43.47 16.31 15.23
N GLN A 767 -43.05 17.55 15.48
CA GLN A 767 -41.81 18.12 14.94
C GLN A 767 -40.91 18.57 16.12
N THR A 768 -39.62 18.65 15.88
CA THR A 768 -38.61 19.02 16.87
C THR A 768 -37.55 19.81 16.10
N PHE A 769 -36.59 20.38 16.81
CA PHE A 769 -35.41 21.00 16.19
C PHE A 769 -34.23 20.84 17.16
N MET A 770 -33.22 20.10 16.74
CA MET A 770 -32.05 19.84 17.60
C MET A 770 -30.82 20.59 17.06
N LEU A 771 -30.07 21.22 17.94
CA LEU A 771 -28.78 21.84 17.58
C LEU A 771 -27.88 20.78 16.93
N PHE A 772 -27.35 21.08 15.75
CA PHE A 772 -26.45 20.17 14.99
C PHE A 772 -25.01 20.30 15.52
N GLY A 773 -24.23 19.24 15.30
CA GLY A 773 -22.77 19.30 15.31
C GLY A 773 -22.12 19.53 16.68
N TYR A 774 -22.83 19.39 17.80
CA TYR A 774 -22.34 19.90 19.09
C TYR A 774 -21.47 18.87 19.84
N VAL A 775 -20.80 19.39 20.86
CA VAL A 775 -19.78 18.66 21.65
C VAL A 775 -20.40 17.79 22.74
N ASN A 776 -21.69 17.96 23.03
CA ASN A 776 -22.38 17.16 24.05
C ASN A 776 -23.75 16.79 23.48
N GLY A 777 -23.84 15.65 22.80
CA GLY A 777 -25.07 15.17 22.17
C GLY A 777 -25.04 15.50 20.69
N ILE A 778 -24.45 14.59 19.90
CA ILE A 778 -24.20 14.82 18.47
C ILE A 778 -25.49 14.50 17.70
N GLN A 779 -26.06 15.48 17.00
CA GLN A 779 -27.35 15.31 16.32
C GLN A 779 -27.26 14.28 15.19
N GLY A 780 -26.15 14.23 14.48
CA GLY A 780 -26.06 13.50 13.21
C GLY A 780 -26.19 12.02 13.34
N ASP A 781 -26.19 11.48 14.55
CA ASP A 781 -26.30 10.01 14.79
C ASP A 781 -27.63 9.48 14.19
N VAL A 782 -28.65 10.31 14.17
CA VAL A 782 -30.03 9.91 13.74
C VAL A 782 -30.30 10.31 12.28
N THR A 783 -29.38 10.96 11.59
CA THR A 783 -29.53 11.27 10.15
C THR A 783 -29.24 9.99 9.35
N THR A 784 -29.92 9.84 8.25
CA THR A 784 -29.82 8.63 7.41
C THR A 784 -28.56 8.73 6.52
N ASP A 785 -28.34 7.66 5.77
CA ASP A 785 -27.28 7.62 4.73
C ASP A 785 -27.78 8.13 3.38
N TRP A 786 -29.07 8.51 3.27
CA TRP A 786 -29.66 8.81 1.95
C TRP A 786 -29.02 10.10 1.41
N THR A 787 -28.61 10.05 0.14
CA THR A 787 -28.09 11.21 -0.61
C THR A 787 -28.76 11.29 -1.98
N ASP A 788 -28.67 12.46 -2.62
CA ASP A 788 -29.27 12.72 -3.94
C ASP A 788 -28.31 12.14 -4.97
N ARG A 789 -28.55 12.46 -6.24
CA ARG A 789 -27.84 11.78 -7.36
C ARG A 789 -26.34 12.05 -7.26
N ASN A 790 -25.95 13.17 -6.62
CA ASN A 790 -24.56 13.68 -6.61
C ASN A 790 -23.95 13.48 -5.19
N ILE A 791 -24.64 12.70 -4.36
CA ILE A 791 -24.24 12.29 -2.99
C ILE A 791 -24.34 13.53 -2.08
N ILE A 792 -25.37 14.33 -2.27
CA ILE A 792 -25.69 15.38 -1.26
C ILE A 792 -26.69 14.85 -0.23
N PRO A 793 -26.34 14.82 1.08
CA PRO A 793 -27.24 14.20 2.05
C PRO A 793 -28.49 15.05 2.28
N TYR A 794 -29.56 14.37 2.66
CA TYR A 794 -30.81 14.98 3.18
C TYR A 794 -30.64 15.07 4.69
N TYR A 795 -29.68 15.85 5.13
CA TYR A 795 -29.46 16.05 6.58
C TYR A 795 -30.74 16.49 7.33
N LYS A 796 -31.66 17.21 6.68
CA LYS A 796 -32.86 17.75 7.37
C LYS A 796 -34.02 16.76 7.32
N GLY A 797 -33.72 15.53 6.90
CA GLY A 797 -34.68 14.51 6.46
C GLY A 797 -34.55 13.27 7.32
N THR A 798 -35.10 13.27 8.51
CA THR A 798 -35.06 12.07 9.37
C THR A 798 -36.12 12.17 10.46
N TRP A 799 -36.54 11.01 10.98
CA TRP A 799 -37.61 10.86 11.98
C TRP A 799 -37.13 9.89 13.06
N GLY A 800 -37.53 10.12 14.31
CA GLY A 800 -37.18 9.23 15.42
C GLY A 800 -38.10 9.38 16.61
N ASP A 801 -37.88 8.54 17.61
CA ASP A 801 -38.60 8.56 18.89
C ASP A 801 -37.70 9.24 19.94
N ILE A 802 -38.37 9.69 20.99
CA ILE A 802 -37.83 10.48 22.12
C ILE A 802 -38.22 9.77 23.41
N ARG A 803 -37.26 9.52 24.27
CA ARG A 803 -37.48 8.79 25.54
C ARG A 803 -36.87 9.67 26.63
N LYS A 804 -37.61 9.98 27.70
CA LYS A 804 -37.05 10.69 28.86
C LYS A 804 -35.95 9.86 29.54
N VAL A 805 -34.79 10.47 29.71
CA VAL A 805 -33.76 9.96 30.67
C VAL A 805 -34.10 10.52 32.04
N GLY A 806 -34.17 11.81 32.17
CA GLY A 806 -34.33 12.34 33.54
C GLY A 806 -34.14 13.82 33.63
N SER A 807 -34.43 14.37 34.82
N SER A 807 -34.41 14.38 34.80
CA SER A 807 -34.28 15.79 35.15
CA SER A 807 -34.30 15.83 35.04
C SER A 807 -32.82 16.08 35.48
C SER A 807 -32.89 16.16 35.52
N MET A 808 -32.24 17.05 34.80
CA MET A 808 -30.85 17.44 35.07
C MET A 808 -30.97 18.71 35.90
N GLU A 809 -30.96 18.56 37.22
CA GLU A 809 -31.34 19.67 38.11
C GLU A 809 -30.43 20.88 37.85
N GLU A 810 -29.18 20.65 37.50
CA GLU A 810 -28.24 21.77 37.30
C GLU A 810 -28.59 22.58 36.03
N PHE A 811 -29.10 21.94 34.97
CA PHE A 811 -29.60 22.67 33.77
C PHE A 811 -30.78 23.57 34.19
N LYS A 812 -31.70 23.05 35.00
CA LYS A 812 -32.91 23.79 35.46
C LYS A 812 -32.42 24.97 36.30
N ARG A 813 -31.35 24.81 37.06
CA ARG A 813 -30.86 25.90 37.95
C ARG A 813 -30.22 27.03 37.14
N THR A 814 -29.51 26.69 36.05
CA THR A 814 -28.50 27.57 35.41
C THR A 814 -28.83 28.02 33.98
N VAL A 815 -29.67 27.28 33.22
CA VAL A 815 -29.91 27.52 31.78
C VAL A 815 -31.26 28.19 31.58
N SER A 816 -31.32 29.27 30.79
CA SER A 816 -32.62 29.87 30.42
C SER A 816 -33.33 28.98 29.38
N PHE A 817 -34.58 28.63 29.61
CA PHE A 817 -35.42 27.90 28.62
C PHE A 817 -36.47 28.90 28.13
N LYS A 818 -36.19 30.20 28.21
CA LYS A 818 -37.12 31.25 27.73
C LYS A 818 -37.09 31.34 26.21
N SER A 819 -38.13 31.97 25.65
CA SER A 819 -38.30 32.01 24.17
C SER A 819 -37.10 32.68 23.48
N ARG A 820 -36.62 32.08 22.40
CA ARG A 820 -35.59 32.71 21.55
C ARG A 820 -36.24 33.38 20.34
N ARG A 821 -37.58 33.41 20.31
CA ARG A 821 -38.35 34.13 19.25
C ARG A 821 -38.76 35.48 19.86
N PHE A 822 -38.21 36.56 19.30
CA PHE A 822 -38.42 37.94 19.80
C PHE A 822 -39.86 38.33 19.46
N ALA A 823 -40.62 38.76 20.46
CA ALA A 823 -41.96 39.32 20.19
C ALA A 823 -41.92 40.80 20.54
N LEU B 1 -1.90 51.91 43.25
CA LEU B 1 -2.54 51.90 44.63
C LEU B 1 -3.84 51.08 44.56
N ARG B 2 -5.00 51.66 44.33
CA ARG B 2 -6.22 50.84 44.37
C ARG B 2 -6.44 50.03 43.07
N THR B 3 -7.00 48.82 43.18
CA THR B 3 -7.39 47.96 42.04
C THR B 3 -8.89 48.00 41.78
N THR B 4 -9.69 48.49 42.71
CA THR B 4 -11.18 48.54 42.58
C THR B 4 -11.63 49.95 42.24
N LEU B 5 -12.73 50.03 41.53
CA LEU B 5 -13.39 51.29 41.19
C LEU B 5 -14.09 51.79 42.46
N GLN B 6 -14.33 53.09 42.51
CA GLN B 6 -14.97 53.71 43.69
C GLN B 6 -16.46 53.80 43.36
N TYR B 7 -17.20 52.75 43.70
CA TYR B 7 -18.65 52.68 43.41
C TYR B 7 -19.36 53.50 44.49
N PRO B 8 -20.31 54.38 44.09
CA PRO B 8 -21.16 55.03 45.09
C PRO B 8 -22.02 53.97 45.78
N ALA B 9 -22.55 54.33 46.94
CA ALA B 9 -23.67 53.58 47.57
C ALA B 9 -24.94 54.42 47.41
N THR B 10 -25.88 53.94 46.60
CA THR B 10 -27.06 54.69 46.15
C THR B 10 -28.31 54.00 46.68
N GLN B 11 -29.00 54.64 47.60
CA GLN B 11 -30.36 54.24 48.05
C GLN B 11 -31.28 54.08 46.83
N VAL B 12 -32.01 52.98 46.74
CA VAL B 12 -33.01 52.74 45.66
C VAL B 12 -34.38 52.97 46.27
N SER B 13 -34.69 52.21 47.31
CA SER B 13 -35.99 52.32 48.03
CA SER B 13 -35.97 52.34 48.05
C SER B 13 -35.96 51.30 49.17
N VAL B 14 -37.08 51.11 49.86
CA VAL B 14 -37.17 49.99 50.83
C VAL B 14 -37.82 48.79 50.11
N ALA B 15 -37.43 47.56 50.44
CA ALA B 15 -37.91 46.34 49.75
C ALA B 15 -39.42 46.24 49.82
N LYS B 16 -40.05 46.55 50.96
CA LYS B 16 -41.50 46.29 51.10
C LYS B 16 -42.29 47.26 50.20
N ASN B 17 -41.69 48.32 49.65
CA ASN B 17 -42.44 49.25 48.79
C ASN B 17 -42.55 48.67 47.37
N LEU B 18 -41.71 47.69 47.03
CA LEU B 18 -41.67 47.17 45.65
C LEU B 18 -42.86 46.21 45.45
N LYS B 19 -43.57 46.33 44.33
CA LYS B 19 -44.69 45.38 44.03
C LYS B 19 -44.12 44.25 43.16
N ALA B 20 -44.62 43.02 43.32
CA ALA B 20 -44.23 41.84 42.51
C ALA B 20 -44.25 42.19 41.04
N ASN B 21 -43.07 42.04 40.43
CA ASN B 21 -42.90 42.08 38.96
C ASN B 21 -43.23 43.49 38.44
N GLU B 22 -43.08 44.53 39.27
CA GLU B 22 -43.30 45.93 38.81
C GLU B 22 -41.98 46.66 38.89
N PRO B 23 -41.30 46.89 37.74
CA PRO B 23 -39.95 47.48 37.70
C PRO B 23 -39.86 48.90 38.28
N VAL B 24 -38.77 49.17 38.99
CA VAL B 24 -38.43 50.51 39.51
C VAL B 24 -37.21 51.03 38.74
N SER B 25 -37.36 52.19 38.12
CA SER B 25 -36.28 52.86 37.35
C SER B 25 -35.39 53.62 38.33
N PHE B 26 -34.08 53.58 38.12
CA PHE B 26 -33.15 54.39 38.94
C PHE B 26 -31.88 54.51 38.12
N THR B 27 -30.98 55.39 38.53
CA THR B 27 -29.69 55.55 37.83
C THR B 27 -28.58 55.12 38.78
N TYR B 28 -27.59 54.48 38.19
CA TYR B 28 -26.45 53.96 38.97
C TYR B 28 -25.39 53.50 37.98
N PRO B 29 -24.09 53.81 38.19
CA PRO B 29 -23.61 54.65 39.32
C PRO B 29 -23.52 56.17 39.11
N ASP B 30 -24.19 56.65 38.09
CA ASP B 30 -24.35 58.09 37.79
C ASP B 30 -25.63 58.25 36.96
N THR B 31 -26.06 59.50 36.74
CA THR B 31 -27.34 59.84 36.08
C THR B 31 -27.34 59.44 34.61
N SER B 32 -26.21 59.08 34.00
CA SER B 32 -26.20 58.63 32.58
C SER B 32 -26.33 57.10 32.48
N SER B 33 -26.54 56.39 33.59
CA SER B 33 -26.51 54.91 33.56
C SER B 33 -27.85 54.45 34.06
N PRO B 34 -28.85 54.21 33.17
CA PRO B 34 -30.19 53.83 33.64
C PRO B 34 -30.23 52.36 34.05
N CYS B 35 -30.94 52.09 35.14
CA CYS B 35 -31.06 50.75 35.75
C CYS B 35 -32.52 50.44 36.08
N VAL B 36 -32.78 49.16 36.35
CA VAL B 36 -34.10 48.68 36.81
C VAL B 36 -33.86 47.72 37.96
N ALA B 37 -34.63 47.87 39.05
CA ALA B 37 -34.79 46.88 40.13
C ALA B 37 -36.20 46.26 39.97
N VAL B 38 -36.34 44.96 40.22
CA VAL B 38 -37.66 44.29 40.16
C VAL B 38 -37.68 43.21 41.25
N LYS B 39 -38.77 43.15 41.99
CA LYS B 39 -39.09 42.03 42.88
C LYS B 39 -39.75 40.97 42.01
N LEU B 40 -39.06 39.86 41.79
CA LEU B 40 -39.53 38.89 40.77
C LEU B 40 -40.70 38.07 41.29
N GLY B 41 -40.83 37.91 42.62
CA GLY B 41 -42.01 37.21 43.21
C GLY B 41 -41.72 35.77 43.60
N SER B 42 -40.62 35.22 43.12
CA SER B 42 -40.10 33.87 43.44
C SER B 42 -38.58 33.95 43.60
N PRO B 43 -37.95 33.25 44.57
CA PRO B 43 -36.48 33.35 44.74
C PRO B 43 -35.66 33.03 43.50
N VAL B 44 -34.54 33.73 43.33
CA VAL B 44 -33.50 33.43 42.31
C VAL B 44 -32.15 33.52 43.01
N PRO B 45 -31.16 32.74 42.54
CA PRO B 45 -29.81 32.84 43.09
C PRO B 45 -29.40 34.32 43.06
N GLY B 46 -28.90 34.82 44.19
CA GLY B 46 -28.45 36.25 44.23
C GLY B 46 -29.60 37.28 44.07
N GLY B 47 -30.86 36.84 44.24
CA GLY B 47 -31.95 37.75 44.65
C GLY B 47 -31.78 38.19 46.09
N VAL B 48 -32.23 39.39 46.44
CA VAL B 48 -32.08 39.89 47.83
C VAL B 48 -33.47 40.29 48.29
N GLY B 49 -33.57 40.69 49.55
CA GLY B 49 -34.86 41.02 50.19
C GLY B 49 -35.40 39.82 50.94
N PRO B 50 -36.51 40.02 51.66
CA PRO B 50 -37.15 38.99 52.47
C PRO B 50 -37.36 37.69 51.71
N ASN B 51 -37.67 37.81 50.42
CA ASN B 51 -38.02 36.64 49.58
C ASN B 51 -36.91 36.29 48.59
N ASN B 52 -35.71 36.87 48.75
CA ASN B 52 -34.52 36.55 47.92
C ASN B 52 -34.87 36.63 46.42
N ASP B 53 -35.67 37.62 46.02
CA ASP B 53 -36.23 37.66 44.66
C ASP B 53 -36.04 39.05 44.05
N ILE B 54 -35.32 39.96 44.71
CA ILE B 54 -35.11 41.32 44.17
C ILE B 54 -33.79 41.36 43.42
N VAL B 55 -33.87 41.72 42.16
CA VAL B 55 -32.68 41.85 41.29
C VAL B 55 -32.68 43.24 40.65
N ALA B 56 -31.51 43.62 40.17
CA ALA B 56 -31.37 44.89 39.44
C ALA B 56 -30.28 44.78 38.39
N TYR B 57 -30.47 45.58 37.36
CA TYR B 57 -29.67 45.48 36.11
C TYR B 57 -29.46 46.88 35.56
N SER B 58 -28.32 47.11 34.89
CA SER B 58 -28.19 48.18 33.87
C SER B 58 -29.12 47.83 32.72
N VAL B 59 -29.89 48.79 32.17
CA VAL B 59 -30.81 48.41 31.06
C VAL B 59 -30.19 48.70 29.69
N LEU B 60 -28.97 49.23 29.63
CA LEU B 60 -28.32 49.49 28.33
C LEU B 60 -27.86 48.15 27.74
N CYS B 61 -28.36 47.85 26.55
CA CYS B 61 -27.99 46.60 25.88
C CYS B 61 -26.46 46.54 25.77
N THR B 62 -25.87 45.44 26.13
CA THR B 62 -24.39 45.25 26.03
C THR B 62 -23.93 44.98 24.61
N HIS B 63 -24.84 44.88 23.64
CA HIS B 63 -24.41 44.79 22.21
C HIS B 63 -23.94 46.19 21.74
N MET B 64 -24.87 47.13 21.58
CA MET B 64 -24.58 48.50 21.09
C MET B 64 -25.39 49.55 21.88
N GLY B 65 -25.91 49.21 23.03
CA GLY B 65 -26.23 50.22 24.07
C GLY B 65 -27.64 50.77 23.94
N CYS B 66 -28.48 50.26 23.05
CA CYS B 66 -29.86 50.74 23.02
C CYS B 66 -30.52 50.37 24.34
N PRO B 67 -31.30 51.28 24.95
CA PRO B 67 -32.00 50.95 26.19
C PRO B 67 -32.96 49.78 25.94
N THR B 68 -32.89 48.77 26.81
CA THR B 68 -33.75 47.58 26.74
C THR B 68 -35.04 47.86 27.53
N SER B 69 -36.09 47.13 27.23
CA SER B 69 -37.31 47.24 28.03
C SER B 69 -37.56 45.94 28.76
N TYR B 70 -38.04 46.09 29.97
CA TYR B 70 -38.41 44.95 30.81
C TYR B 70 -39.75 44.43 30.35
N ASP B 71 -39.86 43.14 30.09
CA ASP B 71 -41.14 42.50 29.75
C ASP B 71 -41.63 41.71 30.97
N LYS B 72 -42.65 42.21 31.66
CA LYS B 72 -43.26 41.57 32.85
C LYS B 72 -43.74 40.15 32.59
N SER B 73 -44.32 39.82 31.44
CA SER B 73 -44.84 38.48 31.10
C SER B 73 -43.69 37.44 31.05
N SER B 74 -42.49 37.81 30.61
CA SER B 74 -41.40 36.81 30.47
C SER B 74 -40.30 37.05 31.50
N LYS B 75 -40.32 38.18 32.22
CA LYS B 75 -39.23 38.54 33.17
C LYS B 75 -37.90 38.54 32.39
N THR B 76 -37.89 39.29 31.31
CA THR B 76 -36.71 39.45 30.45
C THR B 76 -36.56 40.91 30.09
N PHE B 77 -35.37 41.28 29.63
CA PHE B 77 -35.08 42.61 29.06
C PHE B 77 -34.90 42.42 27.57
N LYS B 78 -35.59 43.21 26.76
CA LYS B 78 -35.61 43.01 25.28
C LYS B 78 -35.03 44.26 24.60
N CYS B 79 -34.08 44.05 23.70
CA CYS B 79 -33.43 45.15 23.01
C CYS B 79 -34.20 45.39 21.71
N PRO B 80 -34.65 46.63 21.43
CA PRO B 80 -35.35 46.90 20.20
C PRO B 80 -34.45 47.07 18.96
N CYS B 81 -33.12 47.13 19.13
CA CYS B 81 -32.23 47.50 18.00
C CYS B 81 -31.89 46.25 17.20
N HIS B 82 -31.28 45.23 17.81
CA HIS B 82 -30.99 43.98 17.05
C HIS B 82 -31.50 42.76 17.81
N PHE B 83 -32.47 42.93 18.74
CA PHE B 83 -33.37 41.83 19.20
C PHE B 83 -32.68 40.90 20.21
N THR B 84 -31.62 41.36 20.87
CA THR B 84 -31.03 40.62 21.99
C THR B 84 -32.04 40.59 23.16
N GLU B 85 -32.10 39.47 23.85
CA GLU B 85 -33.00 39.28 25.01
C GLU B 85 -32.22 38.68 26.17
N PHE B 86 -32.41 39.21 27.38
CA PHE B 86 -31.65 38.84 28.58
C PHE B 86 -32.61 38.35 29.69
N ASP B 87 -32.23 37.30 30.39
CA ASP B 87 -33.11 36.62 31.38
C ASP B 87 -32.89 37.28 32.75
N ALA B 88 -33.88 38.01 33.29
CA ALA B 88 -33.72 38.67 34.63
C ALA B 88 -33.65 37.61 35.76
N GLU B 89 -34.05 36.38 35.48
CA GLU B 89 -34.08 35.23 36.44
C GLU B 89 -32.77 34.43 36.39
N LYS B 90 -31.85 34.73 35.49
CA LYS B 90 -30.60 33.96 35.32
C LYS B 90 -29.45 34.94 35.20
N ALA B 91 -29.41 35.95 36.08
CA ALA B 91 -28.27 36.89 36.20
C ALA B 91 -27.97 37.50 34.82
N GLY B 92 -29.00 37.85 34.03
CA GLY B 92 -28.81 38.63 32.80
C GLY B 92 -28.31 37.74 31.66
N GLN B 93 -28.43 36.44 31.81
CA GLN B 93 -28.05 35.46 30.75
C GLN B 93 -28.69 35.87 29.44
N MET B 94 -27.89 35.88 28.39
CA MET B 94 -28.43 36.23 27.06
C MET B 94 -29.16 35.00 26.51
N ILE B 95 -30.47 35.12 26.30
CA ILE B 95 -31.34 34.01 25.82
C ILE B 95 -31.00 33.75 24.34
N CYS B 96 -30.83 34.84 23.59
N CYS B 96 -30.96 34.84 23.55
CA CYS B 96 -30.62 34.90 22.13
CA CYS B 96 -30.71 34.92 22.07
C CYS B 96 -30.17 36.34 21.84
C CYS B 96 -30.20 36.34 21.82
N GLY B 97 -29.17 36.54 20.98
CA GLY B 97 -28.83 37.89 20.56
C GLY B 97 -27.39 38.07 20.17
N GLN B 98 -26.99 39.32 19.98
CA GLN B 98 -25.70 39.60 19.31
C GLN B 98 -24.67 40.09 20.33
N ALA B 99 -25.07 40.26 21.58
CA ALA B 99 -24.11 40.67 22.64
C ALA B 99 -23.11 39.56 22.94
N THR B 100 -21.97 39.96 23.52
CA THR B 100 -20.92 39.06 24.04
C THR B 100 -20.71 39.28 25.54
N GLU B 101 -21.68 39.89 26.22
N GLU B 101 -21.61 39.98 26.22
CA GLU B 101 -21.66 40.09 27.69
CA GLU B 101 -21.64 39.98 27.71
C GLU B 101 -23.09 39.98 28.21
C GLU B 101 -23.08 39.92 28.18
N ASN B 102 -23.28 39.26 29.32
CA ASN B 102 -24.59 39.21 30.00
C ASN B 102 -24.95 40.62 30.49
N LEU B 103 -26.24 40.89 30.62
CA LEU B 103 -26.68 42.23 31.03
C LEU B 103 -26.03 42.50 32.39
N PRO B 104 -25.34 43.64 32.61
CA PRO B 104 -24.69 43.91 33.89
C PRO B 104 -25.67 43.92 35.09
N ARG B 105 -25.29 43.23 36.15
CA ARG B 105 -26.10 43.10 37.40
C ARG B 105 -25.71 44.25 38.30
N VAL B 106 -26.69 44.96 38.81
CA VAL B 106 -26.39 45.97 39.86
C VAL B 106 -26.45 45.21 41.19
N LEU B 107 -25.35 45.23 41.95
CA LEU B 107 -25.30 44.57 43.25
C LEU B 107 -26.07 45.43 44.25
N LEU B 108 -27.10 44.80 44.82
CA LEU B 108 -27.95 45.43 45.87
C LEU B 108 -27.59 44.86 47.23
N ARG B 109 -27.43 45.76 48.21
CA ARG B 109 -27.38 45.38 49.62
C ARG B 109 -28.80 45.48 50.20
N TYR B 110 -29.30 44.41 50.81
CA TYR B 110 -30.57 44.43 51.55
C TYR B 110 -30.23 44.55 53.03
N ASP B 111 -30.72 45.59 53.69
CA ASP B 111 -30.46 45.86 55.13
C ASP B 111 -31.76 45.53 55.89
N GLU B 112 -31.79 44.39 56.56
CA GLU B 112 -32.97 43.89 57.31
C GLU B 112 -33.41 44.92 58.35
N ALA B 113 -32.47 45.59 59.01
CA ALA B 113 -32.77 46.52 60.12
C ALA B 113 -33.63 47.70 59.61
N SER B 114 -33.40 48.18 58.40
CA SER B 114 -34.01 49.41 57.83
C SER B 114 -35.04 49.07 56.74
N ASP B 115 -34.96 47.86 56.21
CA ASP B 115 -35.66 47.41 54.98
C ASP B 115 -35.05 48.03 53.72
N ALA B 116 -33.90 48.72 53.80
CA ALA B 116 -33.32 49.52 52.69
C ALA B 116 -32.60 48.64 51.66
N LEU B 117 -32.81 48.99 50.41
CA LEU B 117 -32.09 48.41 49.25
C LEU B 117 -31.10 49.48 48.81
N THR B 118 -29.81 49.19 48.76
CA THR B 118 -28.75 50.13 48.29
C THR B 118 -27.99 49.48 47.13
N ALA B 119 -27.80 50.22 46.06
CA ALA B 119 -26.94 49.81 44.93
C ALA B 119 -25.49 50.09 45.35
N VAL B 120 -24.62 49.07 45.33
CA VAL B 120 -23.24 49.26 45.88
C VAL B 120 -22.18 48.86 44.85
N GLY B 121 -22.56 48.30 43.70
CA GLY B 121 -21.56 47.93 42.67
C GLY B 121 -22.25 47.37 41.47
N VAL B 122 -21.43 46.97 40.50
CA VAL B 122 -21.90 46.44 39.22
C VAL B 122 -21.04 45.25 38.85
N ASP B 123 -21.70 44.15 38.50
CA ASP B 123 -21.08 42.91 38.00
C ASP B 123 -21.20 42.92 36.48
N GLY B 124 -20.08 43.15 35.78
CA GLY B 124 -20.07 43.32 34.32
C GLY B 124 -19.86 44.78 33.94
N LEU B 125 -19.52 45.03 32.70
CA LEU B 125 -19.17 46.38 32.21
C LEU B 125 -20.39 46.98 31.49
N ILE B 126 -20.93 48.05 32.05
CA ILE B 126 -22.01 48.83 31.40
C ILE B 126 -21.57 49.25 29.98
N TYR B 127 -22.51 49.23 29.05
CA TYR B 127 -22.29 49.68 27.66
C TYR B 127 -21.68 51.09 27.63
N GLY B 128 -20.70 51.30 26.73
CA GLY B 128 -20.34 52.65 26.24
C GLY B 128 -19.52 53.43 27.27
N ARG B 129 -18.74 52.67 28.07
CA ARG B 129 -17.86 53.20 29.13
C ARG B 129 -16.53 52.42 29.16
N GLN B 130 -15.43 53.14 29.39
CA GLN B 130 -14.12 52.53 29.64
C GLN B 130 -14.15 51.82 31.00
N ALA B 131 -14.92 52.33 31.97
CA ALA B 131 -15.01 51.78 33.34
C ALA B 131 -16.41 52.10 33.86
N ASN B 132 -16.98 51.26 34.71
CA ASN B 132 -18.33 51.50 35.28
C ASN B 132 -18.38 52.88 35.92
N VAL B 133 -17.28 53.29 36.49
CA VAL B 133 -17.27 54.60 37.18
C VAL B 133 -16.47 55.53 36.30
N ILE B 134 -17.15 56.55 35.80
CA ILE B 134 -16.54 57.55 34.91
C ILE B 134 -15.87 58.63 35.80
N ASN C 2 -28.68 -34.77 -42.96
CA ASN C 2 -28.98 -36.20 -42.59
C ASN C 2 -28.12 -37.16 -43.42
N ASP C 3 -28.68 -38.28 -43.82
CA ASP C 3 -27.89 -39.50 -44.15
C ASP C 3 -28.11 -39.92 -45.61
N ARG C 4 -28.63 -39.01 -46.45
CA ARG C 4 -28.77 -39.31 -47.90
C ARG C 4 -28.91 -38.01 -48.67
N ILE C 5 -28.70 -38.08 -50.00
CA ILE C 5 -28.94 -36.92 -50.88
C ILE C 5 -29.68 -37.45 -52.11
N THR C 6 -30.42 -36.56 -52.75
CA THR C 6 -31.19 -36.81 -53.97
C THR C 6 -30.21 -36.54 -55.13
N LEU C 7 -29.89 -37.56 -55.92
CA LEU C 7 -29.00 -37.41 -57.09
C LEU C 7 -29.72 -36.62 -58.18
N PRO C 8 -29.00 -35.77 -58.96
CA PRO C 8 -29.58 -35.14 -60.13
C PRO C 8 -29.80 -36.18 -61.23
N PRO C 9 -30.97 -36.16 -61.89
CA PRO C 9 -31.22 -37.11 -62.99
C PRO C 9 -30.19 -36.95 -64.11
N ALA C 10 -30.05 -37.95 -64.96
CA ALA C 10 -29.10 -37.90 -66.10
C ALA C 10 -29.35 -36.62 -66.89
N ASN C 11 -30.60 -36.28 -67.13
CA ASN C 11 -31.05 -35.21 -68.05
C ASN C 11 -31.38 -33.94 -67.27
N ALA C 12 -30.88 -33.81 -66.04
CA ALA C 12 -31.09 -32.57 -65.26
C ALA C 12 -30.51 -31.35 -66.01
N GLN C 13 -31.19 -30.22 -65.85
CA GLN C 13 -30.73 -28.90 -66.34
C GLN C 13 -29.44 -28.56 -65.57
N ARG C 14 -28.43 -28.07 -66.28
CA ARG C 14 -27.13 -27.66 -65.71
C ARG C 14 -26.75 -26.28 -66.27
N THR C 15 -26.42 -25.36 -65.38
CA THR C 15 -25.99 -24.00 -65.74
C THR C 15 -24.66 -23.70 -65.04
N ASN C 16 -23.97 -22.72 -65.55
CA ASN C 16 -22.66 -22.33 -64.99
C ASN C 16 -22.87 -21.29 -63.89
N MET C 17 -22.02 -21.36 -62.87
CA MET C 17 -22.04 -20.39 -61.77
C MET C 17 -20.60 -20.22 -61.26
N THR C 18 -20.09 -18.99 -61.31
CA THR C 18 -18.85 -18.63 -60.59
C THR C 18 -19.21 -18.55 -59.11
N CYS C 19 -18.32 -19.00 -58.25
CA CYS C 19 -18.50 -18.79 -56.80
C CYS C 19 -18.94 -17.35 -56.53
N HIS C 20 -19.89 -17.16 -55.61
CA HIS C 20 -20.36 -15.81 -55.27
C HIS C 20 -19.26 -14.99 -54.56
N PHE C 21 -18.26 -15.63 -53.97
CA PHE C 21 -17.50 -15.04 -52.84
C PHE C 21 -16.09 -14.59 -53.29
N CYS C 22 -15.03 -15.34 -52.98
CA CYS C 22 -13.71 -14.67 -53.04
C CYS C 22 -13.19 -14.53 -54.48
N ILE C 23 -12.16 -13.70 -54.58
CA ILE C 23 -11.38 -13.31 -55.77
C ILE C 23 -11.14 -14.52 -56.68
N VAL C 24 -10.86 -15.69 -56.15
CA VAL C 24 -10.39 -16.82 -56.97
C VAL C 24 -11.41 -17.15 -58.06
N GLY C 25 -12.68 -17.02 -57.73
CA GLY C 25 -13.75 -17.25 -58.74
C GLY C 25 -13.75 -18.66 -59.26
N CYS C 26 -13.75 -19.64 -58.36
CA CYS C 26 -13.91 -21.06 -58.72
C CYS C 26 -15.17 -21.27 -59.55
N GLY C 27 -15.06 -22.16 -60.52
CA GLY C 27 -16.20 -22.58 -61.34
C GLY C 27 -17.04 -23.69 -60.75
N TYR C 28 -18.34 -23.48 -60.80
CA TYR C 28 -19.35 -24.46 -60.34
C TYR C 28 -20.38 -24.71 -61.44
N HIS C 29 -21.10 -25.81 -61.28
CA HIS C 29 -22.31 -26.20 -62.00
C HIS C 29 -23.47 -26.16 -61.01
N VAL C 30 -24.61 -25.66 -61.49
CA VAL C 30 -25.90 -25.77 -60.80
C VAL C 30 -26.78 -26.76 -61.54
N TYR C 31 -27.14 -27.86 -60.87
CA TYR C 31 -28.10 -28.84 -61.42
C TYR C 31 -29.45 -28.50 -60.84
N LYS C 32 -30.48 -28.46 -61.67
CA LYS C 32 -31.83 -28.09 -61.24
C LYS C 32 -32.80 -29.07 -61.86
N TRP C 33 -33.66 -29.67 -61.03
CA TRP C 33 -34.64 -30.66 -61.53
C TRP C 33 -35.83 -30.65 -60.61
N PRO C 34 -37.01 -31.09 -61.12
CA PRO C 34 -38.20 -31.13 -60.27
C PRO C 34 -37.95 -31.90 -58.96
N GLU C 35 -38.53 -31.42 -57.86
CA GLU C 35 -38.34 -32.00 -56.52
C GLU C 35 -38.55 -33.50 -56.50
N LEU C 36 -39.57 -34.06 -57.14
CA LEU C 36 -40.02 -35.46 -56.94
C LEU C 36 -39.33 -36.38 -57.94
N GLN C 37 -38.25 -35.91 -58.59
CA GLN C 37 -37.46 -36.72 -59.53
C GLN C 37 -36.08 -36.91 -58.94
N GLU C 38 -35.43 -38.01 -59.34
CA GLU C 38 -34.04 -38.22 -58.90
C GLU C 38 -33.31 -39.10 -59.90
N GLY C 39 -31.99 -38.92 -59.88
CA GLY C 39 -31.03 -39.76 -60.60
C GLY C 39 -30.90 -41.16 -60.01
N GLY C 40 -30.42 -42.12 -60.79
CA GLY C 40 -30.02 -43.44 -60.28
C GLY C 40 -28.56 -43.42 -59.85
N ARG C 41 -28.17 -44.43 -59.08
CA ARG C 41 -26.80 -44.54 -58.58
C ARG C 41 -25.81 -44.91 -59.71
N ALA C 42 -26.26 -45.60 -60.75
CA ALA C 42 -25.37 -46.03 -61.86
C ALA C 42 -24.85 -44.77 -62.52
N PRO C 43 -23.57 -44.70 -62.94
CA PRO C 43 -22.97 -43.43 -63.32
C PRO C 43 -23.63 -42.78 -64.53
N GLU C 44 -24.16 -43.58 -65.47
N GLU C 44 -24.17 -43.61 -65.43
CA GLU C 44 -24.87 -43.03 -66.66
CA GLU C 44 -24.90 -43.18 -66.66
C GLU C 44 -26.32 -42.66 -66.32
C GLU C 44 -26.38 -42.93 -66.36
N GLN C 45 -26.80 -42.91 -65.09
CA GLN C 45 -28.20 -42.59 -64.73
C GLN C 45 -28.23 -41.39 -63.79
N ASN C 46 -27.11 -40.76 -63.52
CA ASN C 46 -27.15 -39.45 -62.83
C ASN C 46 -26.32 -38.39 -63.55
N ALA C 47 -26.61 -37.11 -63.29
CA ALA C 47 -25.94 -36.03 -64.04
C ALA C 47 -24.47 -35.87 -63.60
N LEU C 48 -24.04 -36.46 -62.49
CA LEU C 48 -22.63 -36.28 -62.08
C LEU C 48 -21.74 -37.25 -62.83
N GLY C 49 -22.32 -38.27 -63.47
CA GLY C 49 -21.56 -39.36 -64.12
C GLY C 49 -20.69 -40.14 -63.15
N LEU C 50 -21.11 -40.24 -61.88
CA LEU C 50 -20.36 -40.94 -60.82
C LEU C 50 -21.14 -42.18 -60.39
N ASP C 51 -20.36 -43.19 -60.05
CA ASP C 51 -20.87 -44.51 -59.64
C ASP C 51 -21.19 -44.55 -58.13
N PHE C 52 -22.43 -44.36 -57.76
CA PHE C 52 -22.91 -44.41 -56.36
C PHE C 52 -23.36 -45.83 -55.98
N ARG C 53 -23.07 -46.84 -56.80
CA ARG C 53 -23.42 -48.24 -56.43
C ARG C 53 -22.36 -48.83 -55.49
N LYS C 54 -21.21 -48.17 -55.37
CA LYS C 54 -20.16 -48.56 -54.41
C LYS C 54 -19.49 -47.28 -53.96
N GLN C 55 -18.74 -47.41 -52.87
CA GLN C 55 -17.99 -46.28 -52.25
C GLN C 55 -17.20 -45.59 -53.36
N LEU C 56 -17.27 -44.26 -53.39
CA LEU C 56 -16.39 -43.52 -54.31
C LEU C 56 -15.02 -43.40 -53.70
N PRO C 57 -13.96 -43.39 -54.55
CA PRO C 57 -12.61 -43.18 -54.02
C PRO C 57 -12.42 -41.74 -53.61
N PRO C 58 -11.34 -41.45 -52.85
CA PRO C 58 -11.04 -40.07 -52.52
C PRO C 58 -10.80 -39.20 -53.75
N LEU C 59 -11.12 -37.92 -53.60
CA LEU C 59 -10.98 -36.82 -54.59
C LEU C 59 -11.94 -37.00 -55.79
N ALA C 60 -12.85 -37.96 -55.80
CA ALA C 60 -13.77 -38.19 -56.94
C ALA C 60 -14.86 -37.13 -56.98
N VAL C 61 -15.16 -36.52 -55.83
CA VAL C 61 -16.37 -35.65 -55.76
C VAL C 61 -16.27 -34.71 -54.53
N THR C 62 -16.95 -33.57 -54.62
CA THR C 62 -17.28 -32.71 -53.46
C THR C 62 -18.80 -32.70 -53.39
N LEU C 63 -19.38 -33.36 -52.38
CA LEU C 63 -20.83 -33.47 -52.31
C LEU C 63 -21.22 -33.74 -50.86
N THR C 64 -21.95 -32.79 -50.28
CA THR C 64 -22.57 -32.89 -48.94
C THR C 64 -23.99 -32.33 -49.02
N PRO C 65 -24.81 -32.59 -47.99
CA PRO C 65 -26.15 -32.01 -47.96
C PRO C 65 -26.19 -30.47 -48.06
N ALA C 66 -25.15 -29.76 -47.57
CA ALA C 66 -25.07 -28.27 -47.61
C ALA C 66 -24.98 -27.78 -49.06
N MET C 67 -24.59 -28.68 -49.97
CA MET C 67 -24.41 -28.43 -51.42
C MET C 67 -25.70 -28.73 -52.19
N THR C 68 -26.80 -28.97 -51.47
CA THR C 68 -28.13 -29.24 -52.08
C THR C 68 -29.19 -28.33 -51.48
N ASN C 69 -30.28 -28.13 -52.19
CA ASN C 69 -31.45 -27.42 -51.62
C ASN C 69 -32.65 -27.70 -52.48
N VAL C 70 -33.78 -27.22 -52.00
CA VAL C 70 -35.06 -27.29 -52.77
C VAL C 70 -35.61 -25.88 -52.76
N VAL C 71 -35.68 -25.30 -53.95
CA VAL C 71 -36.13 -23.90 -54.14
C VAL C 71 -37.62 -23.97 -54.52
N THR C 72 -38.33 -22.89 -54.26
CA THR C 72 -39.75 -22.72 -54.58
C THR C 72 -39.81 -21.49 -55.48
N GLU C 73 -40.19 -21.68 -56.74
CA GLU C 73 -40.23 -20.56 -57.69
C GLU C 73 -41.52 -19.74 -57.48
N HIS C 74 -41.61 -18.61 -58.20
CA HIS C 74 -42.78 -17.71 -58.13
C HIS C 74 -44.05 -18.44 -58.55
N ASN C 75 -43.95 -19.37 -59.48
CA ASN C 75 -45.10 -20.23 -59.89
C ASN C 75 -45.47 -21.31 -58.85
N GLY C 76 -44.78 -21.39 -57.71
CA GLY C 76 -45.05 -22.35 -56.61
C GLY C 76 -44.42 -23.74 -56.83
N ARG C 77 -43.79 -23.98 -57.96
CA ARG C 77 -43.19 -25.31 -58.20
C ARG C 77 -41.89 -25.43 -57.43
N ARG C 78 -41.60 -26.63 -56.97
CA ARG C 78 -40.40 -26.91 -56.15
C ARG C 78 -39.39 -27.67 -57.02
N TYR C 79 -38.10 -27.38 -56.84
CA TYR C 79 -37.00 -27.92 -57.68
C TYR C 79 -35.80 -28.18 -56.77
N ASN C 80 -35.30 -29.39 -56.85
CA ASN C 80 -33.98 -29.75 -56.28
C ASN C 80 -32.93 -28.87 -56.95
N ILE C 81 -31.94 -28.40 -56.19
CA ILE C 81 -30.73 -27.78 -56.79
C ILE C 81 -29.54 -28.46 -56.13
N MET C 82 -28.46 -28.52 -56.91
CA MET C 82 -27.20 -29.10 -56.44
C MET C 82 -26.12 -28.19 -57.03
N VAL C 83 -25.33 -27.57 -56.20
CA VAL C 83 -24.31 -26.58 -56.65
C VAL C 83 -22.92 -27.16 -56.32
N VAL C 84 -22.19 -27.63 -57.33
CA VAL C 84 -20.98 -28.44 -57.05
C VAL C 84 -19.88 -27.91 -57.96
N PRO C 85 -18.61 -28.00 -57.55
CA PRO C 85 -17.54 -27.46 -58.37
C PRO C 85 -17.29 -28.22 -59.68
N ASP C 86 -16.83 -27.45 -60.66
CA ASP C 86 -16.60 -27.90 -62.05
C ASP C 86 -15.18 -28.51 -62.10
N LYS C 87 -15.10 -29.84 -62.29
CA LYS C 87 -13.82 -30.59 -62.41
C LYS C 87 -12.95 -30.04 -63.53
N ALA C 88 -13.58 -29.47 -64.57
CA ALA C 88 -12.86 -29.09 -65.80
C ALA C 88 -12.55 -27.58 -65.80
N CYS C 89 -12.92 -26.82 -64.76
CA CYS C 89 -12.59 -25.40 -64.72
C CYS C 89 -11.10 -25.26 -64.35
N VAL C 90 -10.32 -24.56 -65.14
CA VAL C 90 -8.84 -24.40 -64.97
C VAL C 90 -8.55 -23.68 -63.65
N VAL C 91 -9.44 -22.83 -63.16
CA VAL C 91 -9.12 -22.04 -61.92
C VAL C 91 -8.96 -23.01 -60.74
N ASN C 92 -9.96 -23.84 -60.51
CA ASN C 92 -10.10 -24.66 -59.30
C ASN C 92 -9.92 -26.14 -59.53
N SER C 93 -10.05 -26.64 -60.78
CA SER C 93 -9.92 -28.08 -61.10
C SER C 93 -10.83 -28.91 -60.19
N GLY C 94 -12.08 -28.47 -59.93
CA GLY C 94 -13.04 -29.23 -59.13
C GLY C 94 -12.93 -28.97 -57.63
N LEU C 95 -12.01 -28.12 -57.17
CA LEU C 95 -12.02 -27.78 -55.73
C LEU C 95 -13.16 -26.80 -55.38
N SER C 96 -13.57 -26.83 -54.12
CA SER C 96 -14.61 -25.94 -53.54
C SER C 96 -14.11 -25.55 -52.16
N SER C 97 -14.03 -24.26 -51.83
CA SER C 97 -13.74 -23.87 -50.43
C SER C 97 -14.95 -24.14 -49.54
N THR C 98 -14.72 -24.04 -48.23
CA THR C 98 -15.88 -24.13 -47.30
C THR C 98 -16.92 -23.04 -47.60
N ARG C 99 -16.51 -21.94 -48.17
CA ARG C 99 -17.42 -20.75 -48.34
C ARG C 99 -18.25 -20.99 -49.59
N GLY C 100 -17.61 -21.28 -50.72
CA GLY C 100 -18.34 -21.61 -51.94
C GLY C 100 -19.17 -22.90 -51.87
N GLY C 101 -18.67 -23.87 -51.14
CA GLY C 101 -19.37 -25.11 -50.87
C GLY C 101 -20.76 -24.88 -50.27
N LYS C 102 -20.97 -23.76 -49.59
CA LYS C 102 -22.28 -23.52 -48.96
C LYS C 102 -23.24 -22.83 -49.93
N MET C 103 -22.85 -22.54 -51.18
CA MET C 103 -23.74 -21.73 -52.04
C MET C 103 -25.16 -22.35 -52.13
N ALA C 104 -25.38 -23.66 -52.29
CA ALA C 104 -26.76 -24.20 -52.37
C ALA C 104 -27.60 -23.80 -51.15
N SER C 105 -26.97 -23.89 -49.98
CA SER C 105 -27.59 -23.56 -48.67
C SER C 105 -28.00 -22.08 -48.63
N TYR C 106 -27.20 -21.19 -49.23
CA TYR C 106 -27.35 -19.72 -49.15
C TYR C 106 -28.22 -19.22 -50.33
N MET C 107 -28.68 -20.08 -51.25
CA MET C 107 -29.74 -19.67 -52.20
C MET C 107 -31.02 -19.47 -51.38
N TYR C 108 -31.88 -18.59 -51.87
CA TYR C 108 -33.13 -18.24 -51.19
C TYR C 108 -34.05 -19.46 -51.19
N THR C 109 -34.57 -19.76 -49.99
CA THR C 109 -35.75 -20.66 -49.83
C THR C 109 -36.57 -20.08 -48.70
N PRO C 110 -37.90 -20.24 -48.72
CA PRO C 110 -38.73 -19.70 -47.66
C PRO C 110 -38.46 -20.28 -46.27
N THR C 111 -37.81 -21.46 -46.20
CA THR C 111 -37.68 -22.27 -44.95
C THR C 111 -36.22 -22.40 -44.50
N GLY C 112 -35.28 -22.06 -45.37
CA GLY C 112 -33.85 -22.35 -45.17
C GLY C 112 -33.07 -21.17 -44.64
N ASP C 113 -31.75 -21.21 -44.79
CA ASP C 113 -30.82 -20.17 -44.33
C ASP C 113 -31.14 -18.80 -44.94
N GLY C 114 -31.78 -18.71 -46.10
CA GLY C 114 -32.18 -17.42 -46.69
C GLY C 114 -33.63 -17.01 -46.38
N LYS C 115 -34.30 -17.67 -45.43
CA LYS C 115 -35.69 -17.32 -45.01
C LYS C 115 -35.82 -15.80 -44.83
N GLN C 116 -34.84 -15.11 -44.23
CA GLN C 116 -34.96 -13.70 -43.81
C GLN C 116 -34.48 -12.72 -44.89
N ARG C 117 -34.25 -13.17 -46.11
CA ARG C 117 -33.90 -12.25 -47.19
C ARG C 117 -34.97 -11.18 -47.37
N LEU C 118 -34.55 -9.98 -47.73
CA LEU C 118 -35.54 -8.91 -48.01
C LEU C 118 -36.37 -9.34 -49.23
N LYS C 119 -37.70 -9.25 -49.16
CA LYS C 119 -38.58 -9.69 -50.28
C LYS C 119 -39.39 -8.53 -50.80
N ALA C 120 -39.42 -7.46 -50.06
CA ALA C 120 -40.24 -6.29 -50.38
C ALA C 120 -39.54 -5.05 -49.85
N PRO C 121 -39.85 -3.83 -50.33
CA PRO C 121 -39.38 -2.63 -49.62
C PRO C 121 -39.91 -2.65 -48.17
N ARG C 122 -39.06 -2.11 -47.28
CA ARG C 122 -39.30 -1.98 -45.83
C ARG C 122 -39.13 -0.52 -45.45
N LEU C 123 -40.06 -0.03 -44.66
CA LEU C 123 -40.13 1.39 -44.28
C LEU C 123 -40.21 1.46 -42.75
N TYR C 124 -39.35 2.23 -42.09
CA TYR C 124 -39.48 2.53 -40.64
C TYR C 124 -40.37 3.78 -40.55
N ALA C 125 -41.65 3.60 -40.25
CA ALA C 125 -42.60 4.72 -40.30
C ALA C 125 -42.60 5.29 -38.90
N ALA C 126 -41.46 5.90 -38.47
CA ALA C 126 -41.16 6.63 -37.20
C ALA C 126 -40.85 5.67 -36.05
N ASP C 127 -41.69 4.64 -35.86
CA ASP C 127 -41.69 3.87 -34.62
C ASP C 127 -41.97 2.39 -34.90
N GLN C 128 -41.98 1.96 -36.18
CA GLN C 128 -42.16 0.52 -36.51
C GLN C 128 -41.71 0.28 -37.95
N TRP C 129 -41.18 -0.90 -38.14
CA TRP C 129 -40.90 -1.51 -39.46
C TRP C 129 -42.21 -2.00 -40.10
N VAL C 130 -42.46 -1.58 -41.32
CA VAL C 130 -43.62 -2.06 -42.13
C VAL C 130 -43.19 -2.30 -43.59
N ASP C 131 -43.95 -3.13 -44.27
CA ASP C 131 -43.75 -3.28 -45.71
C ASP C 131 -44.26 -2.00 -46.40
N THR C 132 -43.67 -1.63 -47.52
CA THR C 132 -44.22 -0.57 -48.38
C THR C 132 -44.06 -1.04 -49.85
N THR C 133 -44.76 -0.33 -50.73
CA THR C 133 -44.73 -0.65 -52.16
C THR C 133 -43.44 -0.10 -52.74
N TRP C 134 -43.00 -0.70 -53.83
CA TRP C 134 -41.92 -0.13 -54.65
C TRP C 134 -42.20 1.30 -55.09
N ASP C 135 -43.42 1.58 -55.54
CA ASP C 135 -43.78 2.91 -56.08
C ASP C 135 -43.67 3.90 -54.91
N HIS C 136 -44.17 3.54 -53.74
CA HIS C 136 -44.08 4.46 -52.58
C HIS C 136 -42.60 4.70 -52.20
N ALA C 137 -41.81 3.63 -52.12
CA ALA C 137 -40.37 3.64 -51.76
C ALA C 137 -39.62 4.62 -52.66
N MET C 138 -39.88 4.47 -53.96
CA MET C 138 -39.27 5.32 -55.02
C MET C 138 -39.75 6.77 -54.90
N ALA C 139 -41.03 7.00 -54.63
CA ALA C 139 -41.60 8.36 -54.45
C ALA C 139 -40.85 9.06 -53.30
N LEU C 140 -40.54 8.36 -52.23
CA LEU C 140 -39.89 8.94 -51.03
C LEU C 140 -38.40 9.15 -51.28
N TYR C 141 -37.77 8.13 -51.81
CA TYR C 141 -36.32 8.09 -52.05
C TYR C 141 -35.98 9.11 -53.13
N ALA C 142 -36.54 9.01 -54.32
CA ALA C 142 -36.34 9.99 -55.41
C ALA C 142 -36.84 11.37 -54.95
N GLY C 143 -37.95 11.44 -54.22
CA GLY C 143 -38.49 12.71 -53.72
C GLY C 143 -37.44 13.44 -52.92
N LEU C 144 -36.71 12.70 -52.10
N LEU C 144 -36.76 12.73 -52.01
CA LEU C 144 -35.72 13.31 -51.18
CA LEU C 144 -35.72 13.33 -51.13
C LEU C 144 -34.42 13.68 -51.94
C LEU C 144 -34.51 13.71 -51.99
N ILE C 145 -33.98 12.79 -52.81
CA ILE C 145 -32.84 13.11 -53.69
C ILE C 145 -33.18 14.38 -54.50
N LYS C 146 -34.35 14.47 -55.17
CA LYS C 146 -34.73 15.66 -55.98
C LYS C 146 -34.76 16.94 -55.13
N LYS C 147 -35.36 16.85 -53.93
CA LYS C 147 -35.44 18.03 -53.05
C LYS C 147 -34.01 18.43 -52.66
N THR C 148 -33.12 17.46 -52.42
CA THR C 148 -31.73 17.78 -51.99
C THR C 148 -31.00 18.37 -53.22
N LEU C 149 -31.15 17.80 -54.42
CA LEU C 149 -30.53 18.36 -55.65
C LEU C 149 -31.03 19.79 -55.91
N ASP C 150 -32.34 20.01 -55.81
CA ASP C 150 -32.92 21.34 -56.07
C ASP C 150 -32.40 22.37 -55.07
N LYS C 151 -32.16 22.01 -53.81
CA LYS C 151 -31.86 23.03 -52.79
C LYS C 151 -30.39 23.04 -52.41
N ASP C 152 -29.72 21.91 -52.35
CA ASP C 152 -28.32 21.84 -51.81
C ASP C 152 -27.37 21.44 -52.94
N GLY C 153 -27.90 20.85 -54.02
CA GLY C 153 -27.04 20.27 -55.06
C GLY C 153 -26.59 18.85 -54.72
N PRO C 154 -25.78 18.21 -55.61
CA PRO C 154 -25.39 16.83 -55.38
C PRO C 154 -24.64 16.56 -54.05
N GLN C 155 -23.98 17.58 -53.50
CA GLN C 155 -23.13 17.42 -52.29
C GLN C 155 -23.99 17.03 -51.09
N GLY C 156 -25.32 17.14 -51.19
CA GLY C 156 -26.26 16.73 -50.16
C GLY C 156 -26.62 15.24 -50.22
N VAL C 157 -26.23 14.51 -51.29
CA VAL C 157 -26.68 13.12 -51.56
C VAL C 157 -25.46 12.20 -51.41
N PHE C 158 -25.46 11.29 -50.43
CA PHE C 158 -24.27 10.49 -50.02
C PHE C 158 -24.50 9.00 -50.31
N PHE C 159 -23.45 8.31 -50.74
CA PHE C 159 -23.50 6.86 -50.99
C PHE C 159 -22.29 6.20 -50.35
N SER C 160 -22.45 5.03 -49.76
CA SER C 160 -21.36 4.02 -49.67
C SER C 160 -21.79 2.81 -50.51
N CYS C 161 -21.06 2.48 -51.55
CA CYS C 161 -21.48 1.48 -52.55
C CYS C 161 -20.32 0.54 -52.86
N PHE C 162 -20.66 -0.75 -53.02
CA PHE C 162 -19.73 -1.76 -53.60
C PHE C 162 -19.05 -1.14 -54.84
N ASP C 163 -17.79 -1.49 -55.06
CA ASP C 163 -17.17 -1.30 -56.40
C ASP C 163 -16.62 -2.64 -56.92
N HIS C 164 -16.95 -3.74 -56.24
CA HIS C 164 -16.33 -5.06 -56.44
C HIS C 164 -17.13 -5.90 -57.44
N GLY C 165 -16.64 -7.10 -57.72
CA GLY C 165 -17.29 -8.14 -58.56
C GLY C 165 -18.02 -9.16 -57.70
N GLY C 166 -18.36 -10.27 -58.33
CA GLY C 166 -19.09 -11.39 -57.74
C GLY C 166 -20.42 -10.93 -57.19
N ALA C 167 -20.97 -11.71 -56.28
CA ALA C 167 -22.29 -11.41 -55.70
C ALA C 167 -22.24 -10.04 -55.02
N GLY C 168 -23.28 -9.22 -55.29
CA GLY C 168 -23.35 -7.83 -54.82
C GLY C 168 -22.31 -6.95 -55.48
N GLY C 169 -21.92 -7.32 -56.70
CA GLY C 169 -21.15 -6.44 -57.57
C GLY C 169 -21.21 -6.92 -58.99
N GLY C 170 -20.11 -6.71 -59.74
CA GLY C 170 -19.94 -7.16 -61.12
C GLY C 170 -20.24 -6.08 -62.16
N PHE C 171 -19.95 -6.39 -63.42
CA PHE C 171 -19.89 -5.36 -64.46
C PHE C 171 -21.27 -4.70 -64.66
N GLU C 172 -22.38 -5.47 -64.61
CA GLU C 172 -23.76 -4.93 -64.73
C GLU C 172 -23.99 -3.93 -63.60
N ASN C 173 -23.67 -4.33 -62.37
CA ASN C 173 -24.14 -3.64 -61.14
C ASN C 173 -23.22 -2.44 -60.85
N THR C 174 -21.92 -2.55 -61.13
CA THR C 174 -21.00 -1.38 -60.90
C THR C 174 -21.34 -0.29 -61.94
N TRP C 175 -21.68 -0.67 -63.17
CA TRP C 175 -22.11 0.29 -64.21
C TRP C 175 -23.44 0.95 -63.82
N GLY C 176 -24.46 0.18 -63.42
CA GLY C 176 -25.79 0.74 -63.10
C GLY C 176 -25.66 1.76 -61.99
N THR C 177 -24.99 1.35 -60.92
CA THR C 177 -24.81 2.23 -59.74
C THR C 177 -23.90 3.44 -60.09
N GLY C 178 -22.74 3.19 -60.70
CA GLY C 178 -21.83 4.25 -61.18
C GLY C 178 -22.52 5.27 -62.06
N LYS C 179 -23.33 4.80 -63.00
CA LYS C 179 -24.04 5.67 -63.96
C LYS C 179 -25.02 6.50 -63.14
N LEU C 180 -25.74 5.86 -62.22
CA LEU C 180 -26.74 6.55 -61.37
C LEU C 180 -26.01 7.60 -60.54
N MET C 181 -24.93 7.22 -59.87
CA MET C 181 -24.32 8.15 -58.87
C MET C 181 -23.62 9.30 -59.60
N PHE C 182 -22.85 8.96 -60.63
CA PHE C 182 -21.85 9.91 -61.21
C PHE C 182 -22.41 10.62 -62.44
N SER C 183 -23.16 9.91 -63.28
CA SER C 183 -23.61 10.54 -64.53
C SER C 183 -24.96 11.24 -64.29
N ALA C 184 -25.82 10.70 -63.43
CA ALA C 184 -27.22 11.14 -63.33
C ALA C 184 -27.37 12.11 -62.15
N ILE C 185 -27.18 11.63 -60.95
CA ILE C 185 -27.21 12.46 -59.71
C ILE C 185 -26.01 13.42 -59.76
N GLN C 186 -24.85 12.94 -60.25
CA GLN C 186 -23.58 13.69 -60.29
C GLN C 186 -23.04 14.05 -58.89
N THR C 187 -23.15 13.14 -57.89
CA THR C 187 -22.62 13.41 -56.54
C THR C 187 -21.20 12.90 -56.41
N PRO C 188 -20.34 13.73 -55.79
CA PRO C 188 -18.98 13.32 -55.42
C PRO C 188 -18.93 12.68 -54.02
N MET C 189 -20.06 12.68 -53.30
CA MET C 189 -20.10 12.26 -51.87
C MET C 189 -20.30 10.75 -51.84
N VAL C 190 -19.34 10.03 -52.43
CA VAL C 190 -19.43 8.56 -52.59
C VAL C 190 -18.15 7.94 -52.01
N ARG C 191 -18.31 6.96 -51.13
CA ARG C 191 -17.21 6.09 -50.68
C ARG C 191 -17.50 4.69 -51.24
N ILE C 192 -16.59 3.77 -50.92
CA ILE C 192 -16.59 2.43 -51.52
C ILE C 192 -16.86 1.48 -50.34
N HIS C 193 -17.27 0.27 -50.62
CA HIS C 193 -17.70 -0.65 -49.55
C HIS C 193 -16.60 -0.76 -48.49
N ASN C 194 -15.33 -0.73 -48.91
CA ASN C 194 -14.23 -1.09 -47.97
C ASN C 194 -13.31 0.09 -47.63
N ARG C 195 -13.61 1.29 -48.09
CA ARG C 195 -12.67 2.41 -47.89
C ARG C 195 -13.46 3.70 -47.98
N PRO C 196 -13.24 4.67 -47.05
CA PRO C 196 -14.16 5.78 -46.83
C PRO C 196 -14.00 7.00 -47.74
N ALA C 197 -13.47 6.77 -48.94
CA ALA C 197 -13.43 7.81 -50.00
C ALA C 197 -13.49 7.12 -51.35
N TYR C 198 -13.46 7.89 -52.43
CA TYR C 198 -13.51 7.34 -53.80
C TYR C 198 -12.08 7.25 -54.32
N ASN C 199 -11.43 6.14 -54.01
CA ASN C 199 -9.96 6.03 -54.18
C ASN C 199 -9.65 4.62 -54.65
N SER C 200 -8.38 4.29 -54.81
CA SER C 200 -7.92 2.96 -55.21
C SER C 200 -7.09 2.42 -54.07
N GLU C 201 -7.09 1.10 -53.88
CA GLU C 201 -6.13 0.34 -53.03
C GLU C 201 -4.71 0.40 -53.58
N CYS C 202 -4.54 0.82 -54.83
CA CYS C 202 -3.34 0.54 -55.65
C CYS C 202 -2.90 1.83 -56.38
N HIS C 203 -2.95 2.98 -55.73
CA HIS C 203 -2.57 4.25 -56.42
C HIS C 203 -1.09 4.19 -56.80
N ALA C 204 -0.20 3.77 -55.90
CA ALA C 204 1.26 3.81 -56.18
C ALA C 204 1.58 2.81 -57.30
N THR C 205 1.21 1.55 -57.18
CA THR C 205 1.59 0.56 -58.25
C THR C 205 1.02 1.05 -59.59
N ARG C 206 -0.20 1.56 -59.62
CA ARG C 206 -0.82 2.03 -60.90
C ARG C 206 -0.01 3.22 -61.45
N GLU C 207 0.33 4.21 -60.61
CA GLU C 207 1.11 5.40 -61.05
C GLU C 207 2.52 4.97 -61.51
N MET C 208 3.05 3.85 -60.99
CA MET C 208 4.41 3.38 -61.36
C MET C 208 4.33 2.60 -62.70
N GLY C 209 3.11 2.31 -63.16
CA GLY C 209 2.85 1.74 -64.49
C GLY C 209 2.37 0.28 -64.41
N ILE C 210 2.15 -0.25 -63.20
CA ILE C 210 1.91 -1.72 -62.99
C ILE C 210 0.52 -1.86 -62.38
N GLY C 211 -0.47 -2.16 -63.23
CA GLY C 211 -1.79 -2.58 -62.77
C GLY C 211 -1.63 -3.76 -61.84
N GLU C 212 -2.46 -3.84 -60.79
CA GLU C 212 -2.25 -4.77 -59.65
C GLU C 212 -2.58 -6.21 -60.04
N LEU C 213 -3.31 -6.46 -61.13
CA LEU C 213 -3.62 -7.86 -61.52
C LEU C 213 -2.92 -8.17 -62.84
N ASN C 214 -1.62 -8.46 -62.81
CA ASN C 214 -0.82 -8.43 -64.05
C ASN C 214 -0.34 -9.79 -64.52
N ASN C 215 -0.78 -10.86 -63.89
CA ASN C 215 -0.27 -12.20 -64.27
C ASN C 215 -1.41 -13.19 -64.39
N ALA C 216 -1.04 -14.47 -64.47
CA ALA C 216 -2.01 -15.59 -64.53
C ALA C 216 -1.77 -16.42 -63.28
N TYR C 217 -2.78 -17.15 -62.86
CA TYR C 217 -2.61 -18.15 -61.79
C TYR C 217 -1.54 -19.16 -62.19
N GLU C 218 -1.39 -19.45 -63.48
CA GLU C 218 -0.34 -20.38 -63.94
C GLU C 218 1.03 -19.84 -63.53
N ASP C 219 1.20 -18.53 -63.41
CA ASP C 219 2.51 -17.97 -63.02
C ASP C 219 2.91 -18.53 -61.65
N ALA C 220 1.94 -18.75 -60.77
CA ALA C 220 2.29 -19.28 -59.44
C ALA C 220 2.78 -20.73 -59.58
N GLN C 221 2.39 -21.43 -60.67
CA GLN C 221 2.92 -22.80 -60.95
C GLN C 221 4.36 -22.74 -61.45
N LEU C 222 4.75 -21.66 -62.12
CA LEU C 222 6.06 -21.56 -62.80
C LEU C 222 7.10 -20.87 -61.94
N ALA C 223 6.72 -20.27 -60.82
CA ALA C 223 7.66 -19.49 -59.99
C ALA C 223 8.69 -20.41 -59.35
N ASP C 224 9.88 -19.86 -59.15
CA ASP C 224 10.92 -20.41 -58.27
C ASP C 224 10.58 -20.07 -56.82
N VAL C 225 10.13 -18.84 -56.58
CA VAL C 225 9.83 -18.36 -55.22
C VAL C 225 8.51 -17.62 -55.27
N ILE C 226 7.69 -17.82 -54.23
CA ILE C 226 6.48 -16.99 -54.07
C ILE C 226 6.62 -16.20 -52.77
N TRP C 227 6.42 -14.88 -52.85
CA TRP C 227 6.21 -14.02 -51.65
C TRP C 227 4.72 -13.87 -51.48
N SER C 228 4.27 -14.01 -50.24
CA SER C 228 2.92 -13.73 -49.76
C SER C 228 3.08 -12.63 -48.69
N ILE C 229 2.72 -11.41 -49.06
CA ILE C 229 3.01 -10.19 -48.27
C ILE C 229 1.70 -9.67 -47.71
N GLY C 230 1.56 -9.65 -46.39
CA GLY C 230 0.29 -9.13 -45.80
C GLY C 230 -0.90 -9.98 -46.26
N ASN C 231 -0.78 -11.29 -46.18
CA ASN C 231 -1.66 -12.20 -46.96
C ASN C 231 -1.75 -13.55 -46.26
N ASN C 232 -2.95 -14.09 -46.14
CA ASN C 232 -3.13 -15.41 -45.48
C ASN C 232 -3.87 -16.32 -46.42
N PRO C 233 -3.22 -16.69 -47.54
CA PRO C 233 -3.99 -17.20 -48.70
C PRO C 233 -4.73 -18.53 -48.56
N TYR C 234 -4.24 -19.44 -47.72
CA TYR C 234 -5.01 -20.68 -47.50
C TYR C 234 -6.42 -20.32 -47.04
N GLU C 235 -6.54 -19.32 -46.14
CA GLU C 235 -7.84 -18.91 -45.58
C GLU C 235 -8.54 -17.95 -46.55
N SER C 236 -7.84 -17.09 -47.29
CA SER C 236 -8.47 -15.89 -47.96
C SER C 236 -8.54 -15.99 -49.51
N GLN C 237 -7.72 -16.85 -50.13
CA GLN C 237 -7.74 -17.15 -51.58
C GLN C 237 -7.50 -18.65 -51.78
N THR C 238 -8.31 -19.44 -51.08
CA THR C 238 -8.09 -20.85 -50.75
C THR C 238 -7.68 -21.66 -51.99
N ASN C 239 -8.49 -21.63 -53.04
CA ASN C 239 -8.25 -22.59 -54.14
C ASN C 239 -7.14 -22.05 -55.08
N TYR C 240 -6.77 -20.77 -55.02
CA TYR C 240 -5.55 -20.37 -55.76
C TYR C 240 -4.36 -21.03 -55.07
N PHE C 241 -4.31 -20.87 -53.75
CA PHE C 241 -3.24 -21.49 -52.92
C PHE C 241 -3.20 -23.01 -53.16
N LEU C 242 -4.38 -23.68 -53.10
CA LEU C 242 -4.44 -25.16 -53.12
C LEU C 242 -4.17 -25.70 -54.54
N ASN C 243 -4.68 -25.06 -55.59
CA ASN C 243 -4.68 -25.63 -56.97
C ASN C 243 -3.45 -25.16 -57.76
N HIS C 244 -2.75 -24.13 -57.32
CA HIS C 244 -1.64 -23.53 -58.09
C HIS C 244 -0.37 -23.44 -57.22
N TRP C 245 -0.43 -22.85 -56.02
CA TRP C 245 0.80 -22.65 -55.20
C TRP C 245 1.32 -23.99 -54.66
N LEU C 246 0.44 -24.79 -54.08
CA LEU C 246 0.88 -26.05 -53.41
C LEU C 246 1.47 -27.02 -54.46
N PRO C 247 0.85 -27.22 -55.63
CA PRO C 247 1.45 -28.14 -56.62
C PRO C 247 2.87 -27.73 -56.98
N ASN C 248 3.14 -26.43 -57.01
CA ASN C 248 4.52 -25.93 -57.23
C ASN C 248 5.39 -26.40 -56.04
N LEU C 249 4.98 -26.12 -54.81
CA LEU C 249 5.82 -26.50 -53.64
C LEU C 249 6.02 -28.02 -53.59
N GLN C 250 5.06 -28.83 -54.08
CA GLN C 250 5.10 -30.32 -54.05
C GLN C 250 5.98 -30.83 -55.18
N GLY C 251 6.42 -30.00 -56.13
CA GLY C 251 7.21 -30.49 -57.27
C GLY C 251 6.35 -30.97 -58.43
N ALA C 252 5.03 -30.78 -58.40
CA ALA C 252 4.14 -31.29 -59.48
C ALA C 252 4.30 -30.46 -60.77
N THR C 253 4.94 -29.29 -60.72
CA THR C 253 5.02 -28.39 -61.90
C THR C 253 6.44 -28.32 -62.44
N THR C 254 7.38 -28.93 -61.77
CA THR C 254 8.81 -28.94 -62.19
C THR C 254 8.88 -29.31 -63.68
N SER C 255 8.21 -30.36 -64.15
CA SER C 255 8.45 -30.75 -65.56
C SER C 255 7.86 -29.67 -66.51
N LYS C 256 6.84 -28.92 -66.09
CA LYS C 256 6.26 -27.79 -66.89
C LYS C 256 7.28 -26.66 -67.03
N LYS C 257 7.95 -26.28 -65.92
CA LYS C 257 9.02 -25.24 -65.97
C LYS C 257 10.08 -25.67 -66.99
N LYS C 258 10.59 -26.90 -66.83
CA LYS C 258 11.69 -27.44 -67.67
C LYS C 258 11.27 -27.52 -69.14
N GLU C 259 10.00 -27.85 -69.43
CA GLU C 259 9.50 -27.92 -70.84
C GLU C 259 9.51 -26.51 -71.44
N ARG C 260 9.16 -25.53 -70.63
CA ARG C 260 9.09 -24.14 -71.13
C ARG C 260 10.49 -23.56 -71.29
N PHE C 261 11.42 -23.85 -70.38
CA PHE C 261 12.74 -23.18 -70.33
C PHE C 261 13.79 -24.27 -70.28
N PRO C 262 14.16 -24.86 -71.45
CA PRO C 262 15.00 -26.04 -71.44
C PRO C 262 16.43 -25.86 -70.92
N ASN C 263 16.87 -24.60 -70.84
CA ASN C 263 18.27 -24.25 -70.48
C ASN C 263 18.27 -23.50 -69.14
N GLU C 264 17.31 -23.73 -68.30
CA GLU C 264 17.21 -23.00 -67.00
C GLU C 264 17.09 -24.00 -65.83
N ASN C 265 17.86 -23.76 -64.77
CA ASN C 265 17.76 -24.51 -63.51
C ASN C 265 16.48 -24.10 -62.78
N PHE C 266 15.78 -25.09 -62.29
CA PHE C 266 14.61 -24.91 -61.41
C PHE C 266 14.86 -25.65 -60.09
N PRO C 267 15.30 -24.93 -59.04
CA PRO C 267 15.41 -25.54 -57.73
C PRO C 267 14.01 -25.83 -57.19
N GLN C 268 13.94 -26.67 -56.17
CA GLN C 268 12.66 -26.87 -55.46
C GLN C 268 12.09 -25.48 -55.10
N ALA C 269 10.77 -25.33 -55.24
CA ALA C 269 10.13 -24.01 -55.08
C ALA C 269 10.16 -23.62 -53.59
N ARG C 270 10.29 -22.33 -53.32
CA ARG C 270 10.31 -21.83 -51.94
C ARG C 270 9.28 -20.70 -51.75
N ILE C 271 8.97 -20.43 -50.49
CA ILE C 271 7.86 -19.51 -50.19
C ILE C 271 8.24 -18.63 -49.01
N ILE C 272 7.99 -17.33 -49.19
CA ILE C 272 8.35 -16.29 -48.18
C ILE C 272 7.10 -15.57 -47.73
N PHE C 273 6.84 -15.51 -46.43
CA PHE C 273 5.64 -14.86 -45.85
C PHE C 273 6.11 -13.60 -45.14
N VAL C 274 5.56 -12.43 -45.51
CA VAL C 274 5.78 -11.19 -44.73
C VAL C 274 4.48 -10.91 -43.99
N ASP C 275 4.46 -11.30 -42.73
CA ASP C 275 3.26 -11.20 -41.87
C ASP C 275 3.78 -11.12 -40.44
N PRO C 276 3.40 -10.10 -39.65
CA PRO C 276 3.72 -10.12 -38.22
C PRO C 276 3.27 -11.41 -37.52
N ARG C 277 2.18 -12.04 -38.01
CA ARG C 277 1.50 -13.23 -37.41
C ARG C 277 1.83 -14.53 -38.10
N GLU C 278 2.07 -15.59 -37.33
CA GLU C 278 2.17 -16.99 -37.83
C GLU C 278 0.75 -17.47 -38.09
N THR C 279 0.44 -17.73 -39.34
CA THR C 279 -0.92 -18.03 -39.82
C THR C 279 -1.01 -19.50 -40.19
N PRO C 280 -2.25 -19.99 -40.33
CA PRO C 280 -2.51 -21.29 -40.93
C PRO C 280 -1.75 -21.42 -42.26
N SER C 281 -1.58 -20.35 -43.04
CA SER C 281 -0.91 -20.48 -44.37
C SER C 281 0.56 -20.85 -44.13
N VAL C 282 1.19 -20.18 -43.16
CA VAL C 282 2.64 -20.44 -42.86
C VAL C 282 2.75 -21.89 -42.40
N ALA C 283 1.82 -22.33 -41.53
CA ALA C 283 1.83 -23.72 -41.00
C ALA C 283 1.68 -24.74 -42.12
N ILE C 284 0.70 -24.54 -43.00
CA ILE C 284 0.46 -25.48 -44.14
C ILE C 284 1.67 -25.45 -45.09
N ALA C 285 2.22 -24.28 -45.40
CA ALA C 285 3.42 -24.19 -46.29
C ALA C 285 4.55 -25.04 -45.69
N ARG C 286 4.77 -24.94 -44.37
CA ARG C 286 5.83 -25.73 -43.68
C ARG C 286 5.49 -27.22 -43.77
N HIS C 287 4.25 -27.58 -43.53
CA HIS C 287 3.89 -29.00 -43.56
C HIS C 287 4.14 -29.55 -44.98
N VAL C 288 3.83 -28.78 -46.02
CA VAL C 288 3.99 -29.25 -47.43
C VAL C 288 5.45 -29.24 -47.87
N ALA C 289 6.15 -28.13 -47.69
CA ALA C 289 7.44 -27.80 -48.34
C ALA C 289 8.59 -28.22 -47.41
N GLY C 290 8.31 -28.35 -46.12
CA GLY C 290 9.23 -28.44 -44.99
C GLY C 290 9.76 -27.11 -44.53
N ASN C 291 10.35 -27.09 -43.33
CA ASN C 291 10.80 -25.84 -42.66
C ASN C 291 11.86 -25.13 -43.51
N ASP C 292 12.69 -25.90 -44.20
CA ASP C 292 13.85 -25.36 -44.93
C ASP C 292 13.45 -24.60 -46.19
N ARG C 293 12.19 -24.72 -46.70
CA ARG C 293 11.67 -24.11 -47.95
C ARG C 293 10.63 -23.01 -47.62
N VAL C 294 10.55 -22.62 -46.35
CA VAL C 294 9.65 -21.52 -45.94
C VAL C 294 10.44 -20.55 -45.10
N LEU C 295 10.31 -19.25 -45.41
N LEU C 295 10.37 -19.26 -45.46
CA LEU C 295 10.85 -18.17 -44.57
CA LEU C 295 10.82 -18.13 -44.61
C LEU C 295 9.71 -17.29 -44.07
C LEU C 295 9.59 -17.39 -44.10
N HIS C 296 9.40 -17.37 -42.78
CA HIS C 296 8.37 -16.49 -42.20
C HIS C 296 9.13 -15.25 -41.71
N LEU C 297 8.98 -14.15 -42.45
CA LEU C 297 9.51 -12.83 -42.04
C LEU C 297 8.42 -12.21 -41.12
N ALA C 298 8.54 -12.57 -39.83
CA ALA C 298 7.63 -12.19 -38.72
C ALA C 298 7.93 -10.73 -38.33
N ILE C 299 7.68 -9.78 -39.23
CA ILE C 299 8.03 -8.34 -39.09
C ILE C 299 7.26 -7.70 -37.93
N GLU C 300 7.85 -6.68 -37.32
CA GLU C 300 7.05 -5.83 -36.42
C GLU C 300 5.91 -5.21 -37.21
N PRO C 301 4.72 -5.09 -36.61
CA PRO C 301 3.59 -4.47 -37.29
C PRO C 301 3.96 -3.11 -37.92
N GLY C 302 3.60 -2.92 -39.18
CA GLY C 302 3.73 -1.63 -39.88
C GLY C 302 5.15 -1.37 -40.41
N THR C 303 6.06 -2.33 -40.37
CA THR C 303 7.48 -2.07 -40.78
C THR C 303 7.78 -2.55 -42.22
N ASP C 304 6.76 -2.80 -43.03
CA ASP C 304 6.92 -3.31 -44.42
C ASP C 304 7.84 -2.39 -45.24
N THR C 305 7.64 -1.07 -45.17
CA THR C 305 8.48 -0.12 -45.93
C THR C 305 9.95 -0.35 -45.58
N ALA C 306 10.28 -0.45 -44.29
CA ALA C 306 11.68 -0.66 -43.85
C ALA C 306 12.19 -1.99 -44.42
N LEU C 307 11.37 -3.04 -44.36
CA LEU C 307 11.74 -4.35 -44.96
C LEU C 307 12.15 -4.20 -46.43
N PHE C 308 11.27 -3.66 -47.29
CA PHE C 308 11.50 -3.60 -48.75
C PHE C 308 12.64 -2.62 -49.06
N ASN C 309 12.82 -1.56 -48.30
CA ASN C 309 13.96 -0.62 -48.53
C ASN C 309 15.30 -1.32 -48.20
N GLY C 310 15.35 -2.09 -47.11
CA GLY C 310 16.52 -2.91 -46.76
C GLY C 310 16.81 -3.92 -47.85
N LEU C 311 15.80 -4.64 -48.32
CA LEU C 311 16.02 -5.64 -49.39
C LEU C 311 16.45 -4.96 -50.70
N PHE C 312 15.80 -3.89 -51.08
CA PHE C 312 16.12 -3.14 -52.31
C PHE C 312 17.59 -2.71 -52.21
N THR C 313 17.94 -2.05 -51.11
CA THR C 313 19.32 -1.56 -50.95
C THR C 313 20.25 -2.74 -51.16
N TYR C 314 19.95 -3.86 -50.52
CA TYR C 314 20.87 -5.03 -50.52
C TYR C 314 21.01 -5.62 -51.92
N VAL C 315 19.92 -5.81 -52.68
CA VAL C 315 20.07 -6.42 -54.03
C VAL C 315 20.87 -5.48 -54.96
N VAL C 316 20.69 -4.16 -54.82
CA VAL C 316 21.49 -3.17 -55.61
C VAL C 316 22.94 -3.31 -55.20
N GLU C 317 23.20 -3.34 -53.90
CA GLU C 317 24.58 -3.49 -53.42
C GLU C 317 25.20 -4.79 -53.97
N GLN C 318 24.47 -5.90 -54.03
CA GLN C 318 24.96 -7.24 -54.48
C GLN C 318 25.04 -7.33 -56.01
N GLY C 319 24.40 -6.42 -56.73
CA GLY C 319 24.27 -6.52 -58.20
C GLY C 319 23.21 -7.53 -58.59
N TRP C 320 22.33 -7.93 -57.67
CA TRP C 320 21.27 -8.93 -57.97
C TRP C 320 20.03 -8.25 -58.58
N ILE C 321 20.24 -7.48 -59.64
CA ILE C 321 19.22 -6.64 -60.31
C ILE C 321 19.45 -6.81 -61.80
N ASP C 322 18.54 -6.31 -62.61
CA ASP C 322 18.56 -6.54 -64.07
C ASP C 322 18.89 -5.18 -64.71
N LYS C 323 20.17 -4.88 -64.86
CA LYS C 323 20.61 -3.53 -65.27
C LYS C 323 20.13 -3.22 -66.67
N PRO C 324 20.18 -4.17 -67.64
CA PRO C 324 19.69 -3.89 -68.99
C PRO C 324 18.18 -3.63 -68.99
N PHE C 325 17.45 -4.34 -68.16
CA PHE C 325 16.00 -4.08 -68.00
C PHE C 325 15.78 -2.67 -67.41
N ILE C 326 16.52 -2.32 -66.39
CA ILE C 326 16.41 -0.98 -65.75
C ILE C 326 16.72 0.10 -66.80
N GLU C 327 17.78 -0.11 -67.59
CA GLU C 327 18.23 0.94 -68.53
C GLU C 327 17.18 1.08 -69.64
N ALA C 328 16.56 -0.01 -70.08
CA ALA C 328 15.64 0.00 -71.25
C ALA C 328 14.23 0.43 -70.87
N HIS C 329 13.70 0.03 -69.70
CA HIS C 329 12.24 0.03 -69.48
C HIS C 329 11.85 0.73 -68.19
N THR C 330 12.73 1.52 -67.55
CA THR C 330 12.40 2.16 -66.25
C THR C 330 12.90 3.59 -66.20
N LYS C 331 12.36 4.39 -65.27
CA LYS C 331 12.86 5.74 -64.91
C LYS C 331 12.92 5.83 -63.39
N GLY C 332 13.96 6.49 -62.88
CA GLY C 332 14.00 6.93 -61.47
C GLY C 332 14.81 5.97 -60.60
N PHE C 333 15.52 5.01 -61.16
CA PHE C 333 16.24 3.99 -60.36
C PHE C 333 17.28 4.68 -59.45
N ASP C 334 18.18 5.49 -60.01
CA ASP C 334 19.31 6.09 -59.23
C ASP C 334 18.75 6.91 -58.07
N ASP C 335 17.65 7.62 -58.29
CA ASP C 335 17.05 8.46 -57.23
C ASP C 335 16.55 7.52 -56.12
N ALA C 336 15.91 6.41 -56.49
CA ALA C 336 15.28 5.50 -55.51
C ALA C 336 16.38 4.83 -54.68
N VAL C 337 17.51 4.54 -55.30
CA VAL C 337 18.67 3.97 -54.56
C VAL C 337 19.08 4.92 -53.45
N LYS C 338 19.07 6.24 -53.71
CA LYS C 338 19.49 7.30 -52.77
C LYS C 338 18.43 7.43 -51.67
N THR C 339 17.18 7.62 -52.08
CA THR C 339 16.06 7.94 -51.14
C THR C 339 15.71 6.74 -50.26
N ASN C 340 15.84 5.51 -50.76
CA ASN C 340 15.41 4.28 -50.05
C ASN C 340 16.58 3.54 -49.41
N ARG C 341 17.78 4.12 -49.37
CA ARG C 341 19.00 3.48 -48.79
C ARG C 341 18.70 3.12 -47.33
N LEU C 342 18.92 1.86 -46.95
CA LEU C 342 18.79 1.37 -45.57
C LEU C 342 19.69 0.17 -45.42
N SER C 343 20.58 0.18 -44.44
CA SER C 343 21.46 -0.99 -44.19
C SER C 343 20.62 -2.16 -43.71
N LEU C 344 21.14 -3.37 -43.92
CA LEU C 344 20.50 -4.57 -43.34
C LEU C 344 20.47 -4.44 -41.82
N ASP C 345 21.52 -3.92 -41.16
CA ASP C 345 21.51 -3.70 -39.69
C ASP C 345 20.34 -2.80 -39.30
N GLU C 346 20.11 -1.70 -39.99
CA GLU C 346 19.00 -0.76 -39.65
C GLU C 346 17.66 -1.44 -39.92
N CYS C 347 17.58 -2.08 -41.07
CA CYS C 347 16.44 -2.88 -41.50
C CYS C 347 16.08 -3.87 -40.40
N SER C 348 17.05 -4.64 -39.92
CA SER C 348 16.80 -5.69 -38.89
C SER C 348 16.28 -5.03 -37.61
N ASN C 349 16.89 -3.93 -37.23
CA ASN C 349 16.56 -3.26 -35.96
C ASN C 349 15.10 -2.79 -36.01
N ILE C 350 14.71 -2.22 -37.15
CA ILE C 350 13.34 -1.67 -37.35
C ILE C 350 12.33 -2.82 -37.43
N THR C 351 12.58 -3.86 -38.24
CA THR C 351 11.55 -4.88 -38.54
C THR C 351 11.56 -5.98 -37.47
N GLY C 352 12.68 -6.11 -36.77
CA GLY C 352 12.96 -7.24 -35.88
C GLY C 352 13.29 -8.51 -36.62
N VAL C 353 13.47 -8.52 -37.93
CA VAL C 353 13.88 -9.77 -38.62
C VAL C 353 15.41 -9.82 -38.57
N PRO C 354 16.02 -10.93 -38.11
CA PRO C 354 17.48 -11.04 -38.13
C PRO C 354 18.11 -10.93 -39.53
N VAL C 355 19.30 -10.34 -39.57
CA VAL C 355 20.03 -10.06 -40.82
C VAL C 355 20.19 -11.36 -41.60
N ASP C 356 20.42 -12.51 -40.94
CA ASP C 356 20.67 -13.77 -41.70
C ASP C 356 19.42 -14.11 -42.51
N MET C 357 18.24 -13.78 -42.00
N MET C 357 18.24 -13.78 -41.99
CA MET C 357 16.95 -14.11 -42.64
CA MET C 357 16.76 -15.46 -42.67
CA MET C 357 16.94 -14.11 -42.62
C MET C 357 16.65 -13.10 -43.76
C MET C 357 16.60 -13.10 -43.74
N LEU C 358 16.98 -11.83 -43.60
CA LEU C 358 16.89 -10.85 -44.72
C LEU C 358 17.85 -11.29 -45.84
N LYS C 359 19.04 -11.74 -45.52
CA LYS C 359 20.02 -12.15 -46.57
C LYS C 359 19.50 -13.38 -47.30
N ARG C 360 18.92 -14.33 -46.56
CA ARG C 360 18.42 -15.58 -47.16
C ARG C 360 17.29 -15.26 -48.14
N ALA C 361 16.35 -14.40 -47.69
CA ALA C 361 15.17 -14.01 -48.48
C ALA C 361 15.65 -13.44 -49.82
N ALA C 362 16.70 -12.60 -49.80
CA ALA C 362 17.35 -11.98 -50.98
C ALA C 362 18.05 -13.06 -51.82
N GLU C 363 18.84 -13.91 -51.18
CA GLU C 363 19.51 -15.03 -51.86
C GLU C 363 18.51 -15.94 -52.59
N TRP C 364 17.45 -16.38 -51.94
CA TRP C 364 16.50 -17.31 -52.58
C TRP C 364 15.87 -16.64 -53.81
N SER C 365 15.55 -15.36 -53.66
CA SER C 365 14.58 -14.62 -54.50
C SER C 365 15.27 -13.91 -55.67
N TYR C 366 16.52 -13.46 -55.52
CA TYR C 366 17.08 -12.44 -56.44
C TYR C 366 18.46 -12.81 -56.92
N LYS C 367 19.19 -13.64 -56.17
CA LYS C 367 20.56 -14.00 -56.63
C LYS C 367 20.43 -14.91 -57.85
N PRO C 368 21.18 -14.65 -58.95
CA PRO C 368 21.04 -15.46 -60.15
C PRO C 368 21.19 -16.94 -59.84
N LYS C 369 20.44 -17.75 -60.59
CA LYS C 369 20.57 -19.23 -60.56
C LYS C 369 21.87 -19.60 -61.31
N ALA C 370 22.34 -20.82 -61.11
CA ALA C 370 23.61 -21.30 -61.71
C ALA C 370 23.57 -21.22 -63.23
N SER C 371 22.39 -21.43 -63.86
CA SER C 371 22.23 -21.42 -65.34
C SER C 371 22.24 -19.98 -65.87
N GLY C 372 22.15 -18.99 -64.97
CA GLY C 372 22.49 -17.59 -65.23
C GLY C 372 21.30 -16.67 -65.06
N GLN C 373 20.09 -17.23 -65.12
CA GLN C 373 18.85 -16.42 -65.05
C GLN C 373 18.55 -15.98 -63.61
N ALA C 374 17.91 -14.82 -63.43
CA ALA C 374 17.33 -14.42 -62.15
C ALA C 374 16.25 -15.44 -61.78
N PRO C 375 16.10 -15.79 -60.49
CA PRO C 375 14.90 -16.55 -60.10
C PRO C 375 13.61 -15.85 -60.55
N ARG C 376 12.61 -16.68 -60.85
CA ARG C 376 11.23 -16.25 -61.17
C ARG C 376 10.55 -16.10 -59.81
N THR C 377 10.35 -14.87 -59.37
CA THR C 377 9.86 -14.55 -58.02
C THR C 377 8.54 -13.80 -58.16
N MET C 378 7.47 -14.47 -57.77
CA MET C 378 6.12 -13.86 -57.85
C MET C 378 5.85 -13.19 -56.50
N HIS C 379 5.62 -11.88 -56.50
CA HIS C 379 5.35 -11.10 -55.28
C HIS C 379 3.84 -10.91 -55.15
N ALA C 380 3.20 -11.61 -54.23
CA ALA C 380 1.72 -11.50 -54.02
C ALA C 380 1.52 -10.69 -52.73
N TYR C 381 0.58 -9.77 -52.71
CA TYR C 381 0.26 -8.93 -51.52
C TYR C 381 -1.24 -8.69 -51.37
N GLU C 382 -1.67 -8.42 -50.14
CA GLU C 382 -3.11 -8.16 -49.90
C GLU C 382 -3.19 -7.24 -48.69
N LYS C 383 -4.14 -7.46 -47.81
CA LYS C 383 -4.59 -6.39 -46.88
C LYS C 383 -3.56 -6.08 -45.78
N GLY C 384 -2.63 -6.97 -45.48
CA GLY C 384 -1.53 -6.70 -44.53
C GLY C 384 -0.76 -5.44 -44.93
N ILE C 385 -0.63 -5.17 -46.22
CA ILE C 385 0.03 -3.90 -46.64
C ILE C 385 -0.99 -2.93 -47.24
N ILE C 386 -2.08 -3.40 -47.84
CA ILE C 386 -3.03 -2.45 -48.48
C ILE C 386 -3.70 -1.64 -47.36
N TRP C 387 -4.04 -2.29 -46.25
CA TRP C 387 -4.52 -1.64 -45.00
C TRP C 387 -3.37 -1.49 -44.01
N GLY C 388 -2.14 -1.34 -44.50
CA GLY C 388 -0.98 -1.26 -43.61
C GLY C 388 -0.54 0.16 -43.37
N ASN C 389 0.72 0.28 -42.96
CA ASN C 389 1.30 1.55 -42.47
C ASN C 389 1.73 2.41 -43.65
N ASP C 390 0.77 3.19 -44.16
CA ASP C 390 0.93 4.11 -45.32
C ASP C 390 0.88 3.26 -46.60
N ASN C 391 -0.35 3.02 -47.07
CA ASN C 391 -0.59 2.15 -48.25
C ASN C 391 0.33 2.57 -49.42
N TYR C 392 0.39 3.87 -49.71
CA TYR C 392 1.08 4.42 -50.90
C TYR C 392 2.60 4.15 -50.78
N VAL C 393 3.16 4.30 -49.57
CA VAL C 393 4.63 4.22 -49.38
C VAL C 393 5.08 2.76 -49.46
N ILE C 394 4.32 1.86 -48.86
CA ILE C 394 4.66 0.42 -48.85
C ILE C 394 4.70 -0.08 -50.29
N GLN C 395 3.71 0.29 -51.11
CA GLN C 395 3.71 -0.18 -52.52
C GLN C 395 4.86 0.48 -53.28
N SER C 396 5.12 1.76 -53.02
CA SER C 396 6.29 2.45 -53.58
C SER C 396 7.55 1.58 -53.30
N ALA C 397 7.80 1.24 -52.03
CA ALA C 397 8.98 0.45 -51.58
C ALA C 397 9.02 -0.93 -52.27
N LEU C 398 7.91 -1.64 -52.25
CA LEU C 398 7.83 -3.02 -52.78
C LEU C 398 8.00 -3.04 -54.30
N LEU C 399 7.34 -2.16 -55.02
CA LEU C 399 7.40 -2.18 -56.52
C LEU C 399 8.80 -1.77 -56.95
N ASP C 400 9.50 -0.92 -56.21
CA ASP C 400 10.92 -0.62 -56.52
C ASP C 400 11.70 -1.94 -56.52
N LEU C 401 11.51 -2.78 -55.52
CA LEU C 401 12.32 -4.04 -55.39
C LEU C 401 11.96 -4.94 -56.57
N VAL C 402 10.67 -4.99 -56.89
CA VAL C 402 10.17 -5.83 -58.02
C VAL C 402 10.75 -5.37 -59.36
N ILE C 403 10.68 -4.07 -59.64
CA ILE C 403 11.07 -3.50 -60.96
C ILE C 403 12.57 -3.77 -61.15
N ALA C 404 13.38 -3.52 -60.13
CA ALA C 404 14.84 -3.61 -60.23
C ALA C 404 15.21 -5.06 -60.56
N THR C 405 14.44 -6.01 -60.04
CA THR C 405 14.75 -7.44 -60.14
C THR C 405 13.99 -8.06 -61.31
N HIS C 406 13.27 -7.25 -62.06
CA HIS C 406 12.57 -7.69 -63.30
C HIS C 406 11.56 -8.78 -62.95
N ASN C 407 10.77 -8.59 -61.89
CA ASN C 407 9.81 -9.64 -61.43
C ASN C 407 8.38 -9.19 -61.79
N VAL C 408 8.26 -8.47 -62.92
CA VAL C 408 7.00 -8.25 -63.68
C VAL C 408 7.30 -8.60 -65.12
N GLY C 409 6.34 -9.19 -65.83
CA GLY C 409 6.46 -9.36 -67.27
C GLY C 409 7.19 -10.63 -67.66
N ARG C 410 7.81 -11.35 -66.71
CA ARG C 410 8.44 -12.68 -66.99
CA ARG C 410 8.43 -12.68 -67.00
C ARG C 410 7.47 -13.75 -66.46
N ARG C 411 7.27 -14.82 -67.20
CA ARG C 411 6.44 -15.93 -66.68
C ARG C 411 7.03 -16.44 -65.34
N GLY C 412 6.14 -16.75 -64.41
CA GLY C 412 6.51 -17.19 -63.06
C GLY C 412 6.76 -16.00 -62.16
N THR C 413 6.46 -14.77 -62.58
CA THR C 413 6.71 -13.56 -61.75
C THR C 413 5.39 -12.81 -61.60
N GLY C 414 5.49 -11.56 -61.24
CA GLY C 414 4.33 -10.72 -61.02
C GLY C 414 4.45 -10.02 -59.72
N CYS C 415 3.95 -8.79 -59.64
CA CYS C 415 3.73 -8.15 -58.32
C CYS C 415 2.26 -7.78 -58.27
N VAL C 416 1.49 -8.60 -57.58
CA VAL C 416 0.02 -8.66 -57.81
C VAL C 416 -0.72 -8.59 -56.48
N ARG C 417 -1.86 -7.92 -56.48
CA ARG C 417 -2.89 -8.21 -55.45
C ARG C 417 -3.25 -9.70 -55.53
N MET C 418 -3.41 -10.31 -54.36
CA MET C 418 -4.19 -11.57 -54.24
C MET C 418 -5.71 -11.34 -54.41
N GLY C 419 -6.22 -10.15 -54.08
CA GLY C 419 -7.62 -9.81 -54.32
C GLY C 419 -8.43 -10.19 -53.10
N GLY C 420 -9.64 -9.65 -53.02
CA GLY C 420 -10.57 -9.84 -51.90
C GLY C 420 -11.86 -10.43 -52.46
N HIS C 421 -12.72 -9.61 -52.99
CA HIS C 421 -13.83 -10.06 -53.83
C HIS C 421 -13.28 -10.32 -55.23
N GLN C 422 -14.11 -10.91 -56.07
CA GLN C 422 -13.91 -10.81 -57.52
C GLN C 422 -13.96 -9.34 -57.92
N GLU C 423 -13.59 -9.07 -59.16
CA GLU C 423 -13.57 -7.71 -59.74
C GLU C 423 -14.66 -7.64 -60.82
N GLY C 424 -15.25 -6.48 -60.95
CA GLY C 424 -16.17 -6.31 -62.07
C GLY C 424 -16.50 -4.85 -62.24
N TYR C 425 -15.50 -4.01 -62.45
CA TYR C 425 -15.65 -2.53 -62.44
C TYR C 425 -15.82 -1.99 -63.86
N THR C 426 -16.99 -1.38 -64.11
CA THR C 426 -17.26 -0.50 -65.27
C THR C 426 -18.06 0.70 -64.78
N ARG C 427 -17.45 1.88 -64.80
CA ARG C 427 -18.10 3.09 -64.29
C ARG C 427 -17.69 4.30 -65.11
N PRO C 428 -18.52 5.35 -65.07
CA PRO C 428 -18.07 6.65 -65.49
C PRO C 428 -17.04 7.17 -64.48
N PRO C 429 -16.24 8.18 -64.89
CA PRO C 429 -15.25 8.79 -64.02
C PRO C 429 -15.93 9.42 -62.78
N TYR C 430 -15.20 9.37 -61.68
CA TYR C 430 -15.61 10.04 -60.43
C TYR C 430 -15.81 11.53 -60.73
N PRO C 431 -16.96 12.15 -60.37
CA PRO C 431 -17.21 13.52 -60.81
C PRO C 431 -16.64 14.64 -59.95
N GLY C 432 -15.84 14.39 -58.93
CA GLY C 432 -15.12 15.52 -58.32
C GLY C 432 -13.62 15.46 -58.53
N ASP C 433 -12.92 16.41 -57.90
CA ASP C 433 -11.45 16.64 -58.06
C ASP C 433 -10.72 16.51 -56.72
N LYS C 434 -11.41 16.14 -55.65
CA LYS C 434 -10.76 16.05 -54.32
C LYS C 434 -11.27 14.76 -53.70
N LYS C 435 -10.43 14.10 -52.91
CA LYS C 435 -10.82 12.92 -52.13
C LYS C 435 -11.52 13.46 -50.90
N ILE C 436 -12.59 12.79 -50.56
CA ILE C 436 -13.47 13.25 -49.46
C ILE C 436 -13.65 12.07 -48.51
N TYR C 437 -13.34 12.32 -47.23
CA TYR C 437 -13.44 11.34 -46.14
C TYR C 437 -14.90 11.29 -45.72
N ILE C 438 -15.65 10.38 -46.35
CA ILE C 438 -17.12 10.39 -46.29
C ILE C 438 -17.55 10.17 -44.84
N ASP C 439 -17.01 9.17 -44.16
CA ASP C 439 -17.39 8.84 -42.77
C ASP C 439 -17.25 10.12 -41.92
N GLN C 440 -16.17 10.87 -42.07
CA GLN C 440 -15.91 12.11 -41.27
C GLN C 440 -16.97 13.18 -41.56
N GLU C 441 -17.33 13.34 -42.83
CA GLU C 441 -18.36 14.28 -43.33
C GLU C 441 -19.70 13.88 -42.70
N LEU C 442 -20.02 12.58 -42.62
CA LEU C 442 -21.30 12.14 -41.98
C LEU C 442 -21.27 12.41 -40.49
N ILE C 443 -20.13 12.10 -39.87
CA ILE C 443 -19.97 12.26 -38.40
C ILE C 443 -20.05 13.75 -38.09
N LYS C 444 -19.55 14.60 -38.99
CA LYS C 444 -19.56 16.06 -38.73
C LYS C 444 -20.94 16.64 -39.04
N GLY C 445 -21.88 15.85 -39.55
CA GLY C 445 -23.25 16.36 -39.76
C GLY C 445 -23.62 16.66 -41.20
N LYS C 446 -22.79 16.32 -42.18
CA LYS C 446 -23.04 16.64 -43.60
C LYS C 446 -23.99 15.59 -44.20
N GLY C 447 -24.74 16.00 -45.23
CA GLY C 447 -25.57 15.12 -46.05
C GLY C 447 -27.00 15.13 -45.58
N ARG C 448 -27.94 14.95 -46.51
CA ARG C 448 -29.39 14.84 -46.19
C ARG C 448 -29.83 13.37 -46.22
N ILE C 449 -29.25 12.65 -47.16
CA ILE C 449 -29.61 11.24 -47.38
C ILE C 449 -28.35 10.45 -47.63
N MET C 450 -28.27 9.28 -47.01
CA MET C 450 -27.14 8.35 -47.15
C MET C 450 -27.73 7.00 -47.54
N THR C 451 -27.20 6.40 -48.59
CA THR C 451 -27.53 5.04 -49.04
C THR C 451 -26.28 4.15 -48.82
N TRP C 452 -26.38 3.08 -48.02
CA TRP C 452 -25.47 1.94 -48.05
C TRP C 452 -26.02 1.03 -49.15
N TRP C 453 -25.17 0.64 -50.09
CA TRP C 453 -25.57 -0.18 -51.23
C TRP C 453 -24.64 -1.39 -51.28
N GLY C 454 -25.19 -2.57 -50.89
CA GLY C 454 -24.39 -3.78 -50.96
C GLY C 454 -23.16 -3.68 -50.06
N CYS C 455 -23.26 -3.01 -48.91
CA CYS C 455 -22.17 -2.97 -47.90
C CYS C 455 -22.78 -2.59 -46.54
N ASN C 456 -22.02 -2.75 -45.50
CA ASN C 456 -22.54 -2.60 -44.11
C ASN C 456 -21.43 -2.04 -43.24
N ASN C 457 -21.21 -0.75 -43.32
CA ASN C 457 -20.04 -0.11 -42.66
C ASN C 457 -20.26 -0.03 -41.15
N PHE C 458 -21.47 -0.35 -40.66
CA PHE C 458 -21.68 -0.49 -39.21
C PHE C 458 -20.74 -1.58 -38.70
N GLN C 459 -20.50 -2.58 -39.54
CA GLN C 459 -19.59 -3.69 -39.17
C GLN C 459 -18.19 -3.49 -39.78
N THR C 460 -17.98 -2.58 -40.74
CA THR C 460 -16.70 -2.62 -41.52
C THR C 460 -15.99 -1.28 -41.71
N SER C 461 -16.54 -0.15 -41.27
CA SER C 461 -15.79 1.12 -41.27
C SER C 461 -14.58 0.98 -40.33
N ASN C 462 -13.50 1.69 -40.65
CA ASN C 462 -12.50 2.06 -39.66
C ASN C 462 -13.18 3.02 -38.66
N ASN C 463 -12.70 3.05 -37.42
CA ASN C 463 -13.28 3.98 -36.40
C ASN C 463 -14.80 3.72 -36.39
N ALA C 464 -15.23 2.46 -36.34
CA ALA C 464 -16.62 2.02 -36.65
C ALA C 464 -17.59 2.50 -35.57
N GLN C 465 -17.10 2.68 -34.34
CA GLN C 465 -17.96 3.08 -33.19
C GLN C 465 -18.36 4.53 -33.37
N ALA C 466 -17.43 5.42 -33.72
CA ALA C 466 -17.80 6.83 -33.99
C ALA C 466 -18.83 6.88 -35.15
N LEU C 467 -18.70 6.05 -36.17
CA LEU C 467 -19.63 6.16 -37.30
C LEU C 467 -21.01 5.70 -36.84
N ARG C 468 -21.12 4.53 -36.22
CA ARG C 468 -22.42 3.97 -35.79
C ARG C 468 -23.12 4.95 -34.84
N GLU C 469 -22.41 5.47 -33.84
N GLU C 469 -22.38 5.48 -33.88
CA GLU C 469 -23.03 6.42 -32.87
CA GLU C 469 -22.92 6.38 -32.84
C GLU C 469 -23.59 7.60 -33.64
C GLU C 469 -23.48 7.65 -33.52
N ALA C 470 -22.77 8.19 -34.52
CA ALA C 470 -23.23 9.36 -35.29
C ALA C 470 -24.43 8.96 -36.13
N ILE C 471 -24.38 7.82 -36.82
CA ILE C 471 -25.52 7.48 -37.73
C ILE C 471 -26.78 7.18 -36.93
N LEU C 472 -26.67 6.43 -35.85
CA LEU C 472 -27.86 6.13 -35.01
C LEU C 472 -28.48 7.44 -34.49
N GLN C 473 -27.67 8.40 -34.05
CA GLN C 473 -28.19 9.68 -33.56
C GLN C 473 -28.93 10.46 -34.64
N ARG C 474 -28.30 10.58 -35.78
CA ARG C 474 -28.86 11.40 -36.88
C ARG C 474 -30.13 10.72 -37.44
N SER C 475 -30.13 9.40 -37.45
CA SER C 475 -31.29 8.56 -37.86
C SER C 475 -32.43 8.84 -36.91
N ALA C 476 -32.14 8.92 -35.62
CA ALA C 476 -33.13 9.11 -34.53
C ALA C 476 -33.85 10.46 -34.76
N ILE C 477 -33.12 11.48 -35.22
CA ILE C 477 -33.69 12.83 -35.43
C ILE C 477 -34.78 12.71 -36.50
N VAL C 478 -34.51 11.93 -37.54
CA VAL C 478 -35.49 11.75 -38.64
C VAL C 478 -36.72 10.98 -38.13
N LYS C 479 -36.49 9.91 -37.38
CA LYS C 479 -37.54 9.02 -36.83
C LYS C 479 -38.48 9.87 -35.99
N GLN C 480 -37.87 10.70 -35.13
CA GLN C 480 -38.64 11.49 -34.15
C GLN C 480 -39.50 12.49 -34.94
N ALA C 481 -38.97 13.03 -36.04
CA ALA C 481 -39.68 14.05 -36.84
C ALA C 481 -40.87 13.41 -37.58
N MET C 482 -40.71 12.16 -38.01
N MET C 482 -40.75 12.16 -38.04
CA MET C 482 -41.72 11.33 -38.69
CA MET C 482 -41.86 11.44 -38.71
C MET C 482 -42.93 11.05 -37.77
C MET C 482 -43.04 11.24 -37.76
N GLN C 483 -42.80 11.29 -36.44
CA GLN C 483 -43.80 10.92 -35.40
C GLN C 483 -45.10 11.71 -35.52
N LYS C 484 -45.01 13.03 -35.67
CA LYS C 484 -46.16 13.96 -35.66
C LYS C 484 -47.00 13.62 -36.89
N ALA C 485 -46.45 12.95 -37.90
CA ALA C 485 -47.16 12.77 -39.17
C ALA C 485 -48.42 11.93 -38.95
N ARG C 486 -49.51 12.37 -39.57
CA ARG C 486 -50.80 11.68 -39.64
C ARG C 486 -51.36 11.83 -41.04
N GLY C 487 -51.56 10.75 -41.76
CA GLY C 487 -52.22 10.83 -43.07
C GLY C 487 -51.48 11.74 -44.05
N ALA C 488 -50.17 11.90 -43.85
CA ALA C 488 -49.33 12.76 -44.70
C ALA C 488 -49.23 12.13 -46.09
N THR C 489 -49.21 12.97 -47.14
CA THR C 489 -48.85 12.57 -48.51
C THR C 489 -47.35 12.25 -48.53
N THR C 490 -46.90 11.60 -49.58
CA THR C 490 -45.45 11.35 -49.79
C THR C 490 -44.76 12.71 -49.88
N GLU C 491 -45.37 13.70 -50.53
CA GLU C 491 -44.69 15.02 -50.70
C GLU C 491 -44.55 15.63 -49.31
N GLU C 492 -45.57 15.54 -48.47
CA GLU C 492 -45.48 16.15 -47.11
C GLU C 492 -44.40 15.45 -46.27
N MET C 493 -44.26 14.13 -46.45
N MET C 493 -44.26 14.12 -46.43
CA MET C 493 -43.28 13.32 -45.68
CA MET C 493 -43.28 13.31 -45.66
C MET C 493 -41.84 13.65 -46.14
C MET C 493 -41.83 13.60 -46.15
N VAL C 494 -41.64 13.82 -47.44
CA VAL C 494 -40.31 14.29 -47.96
C VAL C 494 -39.95 15.63 -47.30
N ASP C 495 -40.91 16.55 -47.13
CA ASP C 495 -40.61 17.88 -46.51
C ASP C 495 -40.33 17.74 -45.03
N VAL C 496 -41.12 16.91 -44.35
CA VAL C 496 -40.89 16.57 -42.92
C VAL C 496 -39.46 16.03 -42.71
N ILE C 497 -39.04 15.07 -43.55
CA ILE C 497 -37.71 14.40 -43.41
C ILE C 497 -36.63 15.45 -43.73
N TYR C 498 -36.84 16.23 -44.76
CA TYR C 498 -35.81 17.20 -45.19
C TYR C 498 -35.58 18.21 -44.07
N GLU C 499 -36.67 18.75 -43.55
CA GLU C 499 -36.60 19.63 -42.36
C GLU C 499 -35.82 18.97 -41.21
N ALA C 500 -36.03 17.68 -40.94
CA ALA C 500 -35.30 17.01 -39.83
C ALA C 500 -33.80 17.00 -40.19
N THR C 501 -33.48 16.85 -41.47
CA THR C 501 -32.06 16.84 -41.91
C THR C 501 -31.44 18.23 -41.78
N GLN C 502 -32.24 19.29 -41.77
CA GLN C 502 -31.71 20.65 -41.56
C GLN C 502 -31.48 20.83 -40.07
N ASN C 503 -31.92 19.89 -39.23
CA ASN C 503 -31.69 19.94 -37.77
C ASN C 503 -30.84 18.77 -37.30
N GLY C 504 -29.87 18.29 -38.08
CA GLY C 504 -28.91 17.26 -37.61
C GLY C 504 -29.23 15.88 -38.18
N GLY C 505 -30.42 15.73 -38.77
CA GLY C 505 -30.97 14.45 -39.23
C GLY C 505 -30.26 13.94 -40.47
N LEU C 506 -30.45 12.67 -40.73
CA LEU C 506 -29.97 12.00 -41.94
C LEU C 506 -30.95 10.90 -42.25
N PHE C 507 -31.46 10.91 -43.46
CA PHE C 507 -32.30 9.81 -43.94
C PHE C 507 -31.40 8.69 -44.42
N VAL C 508 -31.68 7.46 -44.00
CA VAL C 508 -30.76 6.32 -44.27
C VAL C 508 -31.50 5.25 -45.10
N THR C 509 -30.97 4.86 -46.24
CA THR C 509 -31.51 3.75 -47.05
C THR C 509 -30.43 2.66 -47.09
N SER C 510 -30.84 1.40 -47.03
CA SER C 510 -29.98 0.23 -47.29
C SER C 510 -30.54 -0.55 -48.47
N ILE C 511 -29.67 -0.91 -49.40
CA ILE C 511 -30.05 -1.76 -50.57
C ILE C 511 -29.27 -3.05 -50.42
N ASN C 512 -29.95 -4.16 -50.11
CA ASN C 512 -29.26 -5.28 -49.44
C ASN C 512 -30.01 -6.58 -49.73
N LEU C 513 -29.39 -7.70 -49.42
CA LEU C 513 -30.07 -9.04 -49.37
C LEU C 513 -30.82 -9.17 -48.06
N TYR C 514 -30.40 -8.49 -46.97
CA TYR C 514 -30.88 -8.81 -45.62
C TYR C 514 -31.02 -7.49 -44.86
N PRO C 515 -31.75 -7.49 -43.73
CA PRO C 515 -31.81 -6.30 -42.90
C PRO C 515 -30.42 -5.82 -42.44
N THR C 516 -29.64 -6.72 -41.85
CA THR C 516 -28.30 -6.47 -41.29
C THR C 516 -28.45 -5.56 -40.06
N LYS C 517 -27.34 -5.29 -39.40
CA LYS C 517 -27.31 -4.28 -38.31
C LYS C 517 -27.72 -2.89 -38.82
N LEU C 518 -27.61 -2.64 -40.11
CA LEU C 518 -28.01 -1.29 -40.64
C LEU C 518 -29.49 -1.05 -40.27
N ALA C 519 -30.28 -2.11 -40.08
CA ALA C 519 -31.74 -1.96 -39.82
C ALA C 519 -31.94 -1.21 -38.50
N GLU C 520 -30.91 -1.16 -37.65
CA GLU C 520 -30.95 -0.33 -36.40
C GLU C 520 -31.10 1.15 -36.76
N ALA C 521 -30.67 1.60 -37.92
CA ALA C 521 -30.69 3.05 -38.29
C ALA C 521 -31.54 3.35 -39.53
N ALA C 522 -31.67 2.39 -40.47
CA ALA C 522 -32.26 2.66 -41.79
C ALA C 522 -33.68 3.08 -41.62
N HIS C 523 -34.11 4.01 -42.45
CA HIS C 523 -35.56 4.36 -42.62
C HIS C 523 -36.16 3.59 -43.79
N LEU C 524 -35.33 3.10 -44.69
CA LEU C 524 -35.81 2.45 -45.93
C LEU C 524 -34.83 1.38 -46.38
N MET C 525 -35.35 0.22 -46.74
CA MET C 525 -34.54 -0.90 -47.18
C MET C 525 -35.15 -1.47 -48.45
N LEU C 526 -34.30 -1.65 -49.46
CA LEU C 526 -34.72 -2.26 -50.75
C LEU C 526 -34.10 -3.62 -50.97
N PRO C 527 -34.91 -4.57 -51.49
CA PRO C 527 -34.45 -5.94 -51.68
C PRO C 527 -33.71 -6.21 -53.01
N ALA C 528 -32.48 -6.72 -52.90
CA ALA C 528 -31.66 -7.01 -54.07
C ALA C 528 -31.60 -8.52 -54.31
N ALA C 529 -31.04 -8.86 -55.47
CA ALA C 529 -30.90 -10.23 -56.03
C ALA C 529 -29.40 -10.57 -56.26
N HIS C 530 -29.02 -11.82 -55.96
CA HIS C 530 -27.62 -12.28 -56.03
C HIS C 530 -27.50 -13.25 -57.24
N PRO C 531 -26.26 -13.63 -57.66
CA PRO C 531 -26.05 -14.43 -58.88
C PRO C 531 -26.83 -15.74 -58.83
N GLY C 532 -27.45 -16.19 -59.95
CA GLY C 532 -28.39 -17.32 -59.99
C GLY C 532 -29.85 -16.91 -59.92
N GLU C 533 -30.14 -15.84 -59.18
CA GLU C 533 -31.41 -15.06 -59.21
C GLU C 533 -31.35 -14.01 -60.34
N MET C 534 -30.13 -13.80 -60.81
CA MET C 534 -29.82 -12.90 -61.93
C MET C 534 -28.61 -13.45 -62.69
N ASN C 535 -28.47 -12.95 -63.90
CA ASN C 535 -27.18 -13.13 -64.64
C ASN C 535 -26.14 -12.18 -64.09
N LEU C 536 -24.86 -12.60 -64.07
CA LEU C 536 -23.82 -11.69 -63.55
C LEU C 536 -22.47 -12.02 -64.18
N THR C 537 -21.72 -11.00 -64.50
CA THR C 537 -20.35 -11.17 -65.05
C THR C 537 -19.36 -10.60 -64.04
N SER C 538 -18.21 -11.21 -63.93
CA SER C 538 -17.13 -10.77 -63.02
C SER C 538 -15.85 -11.48 -63.43
N MET C 539 -14.72 -10.95 -63.00
CA MET C 539 -13.42 -11.58 -63.30
C MET C 539 -12.70 -11.88 -62.00
N ASN C 540 -11.76 -12.82 -62.06
CA ASN C 540 -11.02 -13.30 -60.88
C ASN C 540 -9.64 -12.61 -60.81
N GLY C 541 -8.73 -13.16 -59.98
CA GLY C 541 -7.44 -12.53 -59.69
C GLY C 541 -6.46 -12.55 -60.84
N GLU C 542 -6.81 -13.19 -61.97
CA GLU C 542 -6.03 -13.24 -63.23
C GLU C 542 -6.88 -12.66 -64.39
N ARG C 543 -7.96 -11.94 -64.05
CA ARG C 543 -8.72 -11.16 -65.08
C ARG C 543 -9.59 -12.12 -65.90
N ARG C 544 -9.95 -13.26 -65.38
CA ARG C 544 -10.73 -14.27 -66.12
C ARG C 544 -12.21 -13.98 -65.91
N ILE C 545 -12.82 -13.37 -66.91
CA ILE C 545 -14.26 -12.93 -66.86
C ILE C 545 -15.08 -14.17 -67.20
N ARG C 546 -16.08 -14.43 -66.35
CA ARG C 546 -17.07 -15.52 -66.57
C ARG C 546 -18.50 -14.97 -66.39
N LEU C 547 -19.48 -15.62 -67.03
CA LEU C 547 -20.93 -15.38 -66.80
C LEU C 547 -21.44 -16.39 -65.78
N SER C 548 -22.05 -15.89 -64.72
CA SER C 548 -22.92 -16.70 -63.78
C SER C 548 -24.36 -16.61 -64.28
N GLU C 549 -24.94 -17.77 -64.59
CA GLU C 549 -26.25 -17.80 -65.31
C GLU C 549 -27.40 -17.80 -64.30
N LYS C 550 -28.45 -17.07 -64.62
CA LYS C 550 -29.70 -17.18 -63.86
C LYS C 550 -30.24 -18.61 -63.93
N PHE C 551 -30.73 -19.17 -62.82
CA PHE C 551 -31.44 -20.49 -62.81
C PHE C 551 -32.70 -20.47 -61.91
N MET C 552 -32.95 -19.41 -61.12
CA MET C 552 -34.10 -19.35 -60.18
C MET C 552 -34.58 -17.90 -60.07
N ASP C 553 -35.79 -17.70 -59.54
CA ASP C 553 -36.37 -16.40 -59.30
C ASP C 553 -35.78 -15.86 -58.01
N PRO C 554 -35.61 -14.56 -57.90
CA PRO C 554 -35.30 -13.97 -56.60
C PRO C 554 -36.52 -14.13 -55.67
N PRO C 555 -36.31 -13.90 -54.34
CA PRO C 555 -37.38 -13.79 -53.34
C PRO C 555 -38.25 -12.57 -53.62
N GLY C 556 -39.56 -12.78 -53.54
CA GLY C 556 -40.57 -11.73 -53.70
C GLY C 556 -40.23 -10.82 -54.89
N THR C 557 -40.09 -9.53 -54.61
CA THR C 557 -39.82 -8.49 -55.63
C THR C 557 -38.38 -8.02 -55.55
N ALA C 558 -37.49 -8.85 -55.00
CA ALA C 558 -36.05 -8.54 -55.04
C ALA C 558 -35.59 -8.38 -56.51
N MET C 559 -34.67 -7.45 -56.73
CA MET C 559 -34.22 -7.00 -58.04
C MET C 559 -32.67 -6.91 -58.15
N ALA C 560 -32.15 -7.23 -59.32
CA ALA C 560 -30.73 -6.94 -59.66
C ALA C 560 -30.37 -5.49 -59.30
N ASP C 561 -29.19 -5.26 -58.71
CA ASP C 561 -28.83 -3.89 -58.26
C ASP C 561 -28.85 -2.90 -59.43
N CYS C 562 -28.38 -3.34 -60.63
CA CYS C 562 -28.40 -2.44 -61.81
C CYS C 562 -29.83 -2.02 -62.17
N LEU C 563 -30.82 -2.90 -61.93
CA LEU C 563 -32.24 -2.59 -62.26
C LEU C 563 -32.85 -1.75 -61.13
N ILE C 564 -32.32 -1.84 -59.92
CA ILE C 564 -32.73 -0.89 -58.83
C ILE C 564 -32.22 0.51 -59.23
N ALA C 565 -30.97 0.61 -59.67
CA ALA C 565 -30.42 1.91 -60.11
C ALA C 565 -31.29 2.48 -61.24
N ALA C 566 -31.72 1.63 -62.19
CA ALA C 566 -32.57 2.03 -63.34
C ALA C 566 -33.90 2.56 -62.79
N ARG C 567 -34.42 1.86 -61.78
N ARG C 567 -34.46 1.87 -61.79
CA ARG C 567 -35.74 2.19 -61.18
CA ARG C 567 -35.78 2.24 -61.23
C ARG C 567 -35.68 3.59 -60.55
C ARG C 567 -35.69 3.61 -60.54
N ILE C 568 -34.60 3.86 -59.83
CA ILE C 568 -34.35 5.17 -59.15
C ILE C 568 -34.14 6.25 -60.22
N ALA C 569 -33.32 6.01 -61.24
CA ALA C 569 -33.10 7.00 -62.32
C ALA C 569 -34.41 7.33 -63.02
N ASN C 570 -35.26 6.34 -63.31
CA ASN C 570 -36.51 6.58 -64.08
C ASN C 570 -37.51 7.33 -63.19
N ALA C 571 -37.41 7.14 -61.89
CA ALA C 571 -38.31 7.82 -60.93
C ALA C 571 -37.89 9.30 -60.89
N LEU C 572 -36.58 9.52 -60.83
CA LEU C 572 -36.08 10.91 -60.80
C LEU C 572 -36.35 11.61 -62.14
N ARG C 573 -36.19 10.92 -63.27
CA ARG C 573 -36.43 11.52 -64.61
C ARG C 573 -37.89 11.99 -64.68
N ASP C 574 -38.81 11.11 -64.28
CA ASP C 574 -40.27 11.31 -64.36
C ASP C 574 -40.64 12.51 -63.48
N MET C 575 -39.99 12.66 -62.32
CA MET C 575 -40.29 13.80 -61.39
C MET C 575 -39.80 15.09 -61.99
N TYR C 576 -38.59 15.07 -62.57
CA TYR C 576 -38.05 16.28 -63.24
C TYR C 576 -38.91 16.59 -64.48
N GLN C 577 -39.34 15.60 -65.26
CA GLN C 577 -40.26 15.83 -66.41
C GLN C 577 -41.54 16.50 -65.90
N LYS C 578 -42.18 15.92 -64.89
CA LYS C 578 -43.45 16.45 -64.30
C LYS C 578 -43.30 17.90 -63.84
N ASP C 579 -42.11 18.28 -63.33
CA ASP C 579 -41.82 19.59 -62.69
C ASP C 579 -41.35 20.56 -63.78
N GLY C 580 -41.41 20.15 -65.05
CA GLY C 580 -40.99 20.89 -66.24
C GLY C 580 -39.51 21.23 -66.27
N LYS C 581 -38.64 20.33 -65.82
CA LYS C 581 -37.17 20.57 -65.69
C LYS C 581 -36.42 19.65 -66.67
N ALA C 582 -36.36 20.06 -67.94
CA ALA C 582 -35.92 19.18 -69.06
C ALA C 582 -34.43 18.90 -68.94
N GLU C 583 -33.64 19.88 -68.52
CA GLU C 583 -32.18 19.74 -68.34
C GLU C 583 -31.88 18.67 -67.28
N MET C 584 -32.54 18.80 -66.12
CA MET C 584 -32.38 17.84 -65.01
C MET C 584 -32.95 16.48 -65.44
N ALA C 585 -34.12 16.42 -66.08
CA ALA C 585 -34.67 15.14 -66.61
C ALA C 585 -33.64 14.41 -67.50
N ALA C 586 -32.96 15.14 -68.38
CA ALA C 586 -32.01 14.61 -69.39
C ALA C 586 -30.85 13.87 -68.71
N GLN C 587 -30.41 14.35 -67.54
CA GLN C 587 -29.34 13.67 -66.75
C GLN C 587 -29.73 12.23 -66.39
N PHE C 588 -31.03 11.88 -66.40
CA PHE C 588 -31.54 10.58 -65.87
C PHE C 588 -31.92 9.67 -67.05
N GLU C 589 -31.59 10.10 -68.26
CA GLU C 589 -31.79 9.28 -69.47
C GLU C 589 -30.78 8.13 -69.40
N GLY C 590 -31.06 7.10 -70.19
CA GLY C 590 -30.12 6.00 -70.48
C GLY C 590 -30.25 4.89 -69.46
N PHE C 591 -31.43 4.71 -68.88
CA PHE C 591 -31.71 3.61 -67.92
C PHE C 591 -32.95 2.83 -68.35
N ASP C 592 -33.16 2.67 -69.66
CA ASP C 592 -34.36 1.97 -70.18
C ASP C 592 -33.97 0.49 -70.29
N TRP C 593 -33.81 -0.16 -69.15
CA TRP C 593 -33.24 -1.51 -69.03
C TRP C 593 -34.33 -2.47 -68.55
N LYS C 594 -34.44 -3.65 -69.17
CA LYS C 594 -35.48 -4.65 -68.73
C LYS C 594 -34.80 -5.84 -68.06
N THR C 595 -33.51 -6.01 -68.30
CA THR C 595 -32.69 -7.13 -67.79
C THR C 595 -31.28 -6.64 -67.51
N GLU C 596 -30.55 -7.37 -66.69
CA GLU C 596 -29.16 -7.00 -66.33
C GLU C 596 -28.26 -7.01 -67.59
N GLU C 597 -28.51 -7.88 -68.58
CA GLU C 597 -27.77 -7.88 -69.84
C GLU C 597 -27.77 -6.48 -70.45
N ASP C 598 -28.89 -5.73 -70.32
CA ASP C 598 -28.97 -4.33 -70.85
C ASP C 598 -27.86 -3.48 -70.22
N ALA C 599 -27.53 -3.72 -68.95
CA ALA C 599 -26.49 -2.93 -68.22
C ALA C 599 -25.11 -3.38 -68.71
N PHE C 600 -24.93 -4.67 -68.97
CA PHE C 600 -23.66 -5.17 -69.56
C PHE C 600 -23.47 -4.52 -70.94
N ASN C 601 -24.52 -4.47 -71.78
CA ASN C 601 -24.44 -3.83 -73.12
C ASN C 601 -24.12 -2.34 -73.02
N ASP C 602 -24.70 -1.63 -72.07
CA ASP C 602 -24.59 -0.14 -71.99
C ASP C 602 -23.23 0.29 -71.36
N GLY C 603 -22.59 -0.55 -70.57
CA GLY C 603 -21.35 -0.19 -69.84
C GLY C 603 -20.16 -0.89 -70.45
N PHE C 604 -19.90 -2.08 -69.95
CA PHE C 604 -18.73 -2.93 -70.32
C PHE C 604 -18.55 -2.93 -71.84
N ARG C 605 -19.63 -3.21 -72.56
CA ARG C 605 -19.52 -3.41 -74.02
C ARG C 605 -19.48 -2.05 -74.74
N ARG C 606 -19.64 -0.89 -74.07
CA ARG C 606 -19.59 0.43 -74.77
C ARG C 606 -18.24 1.14 -74.56
N ALA C 607 -17.45 0.67 -73.60
CA ALA C 607 -16.15 1.27 -73.21
C ALA C 607 -15.27 1.46 -74.47
N GLY C 608 -14.88 2.70 -74.70
CA GLY C 608 -13.93 3.04 -75.77
C GLY C 608 -14.54 2.97 -77.13
N GLN C 609 -15.87 2.79 -77.29
CA GLN C 609 -16.52 2.67 -78.63
C GLN C 609 -16.88 4.07 -79.17
N PRO C 610 -17.01 4.23 -80.51
CA PRO C 610 -17.41 5.51 -81.12
C PRO C 610 -18.74 5.99 -80.50
N GLY C 611 -18.74 7.22 -80.01
CA GLY C 611 -19.94 7.88 -79.47
C GLY C 611 -20.27 7.44 -78.05
N ALA C 612 -19.44 6.61 -77.39
CA ALA C 612 -19.65 6.25 -75.96
C ALA C 612 -19.19 7.41 -75.11
N PRO C 613 -19.79 7.62 -73.93
CA PRO C 613 -19.24 8.61 -73.02
C PRO C 613 -17.97 8.03 -72.39
N ALA C 614 -17.32 8.80 -71.51
CA ALA C 614 -16.07 8.40 -70.84
C ALA C 614 -16.41 7.21 -69.92
N ILE C 615 -15.69 6.09 -70.05
CA ILE C 615 -15.98 4.86 -69.27
C ILE C 615 -14.67 4.24 -68.83
N ASP C 616 -14.48 4.08 -67.51
CA ASP C 616 -13.36 3.31 -66.89
C ASP C 616 -13.84 1.86 -66.75
N SER C 617 -13.29 0.94 -67.55
CA SER C 617 -13.69 -0.48 -67.48
C SER C 617 -12.47 -1.37 -67.30
N GLN C 618 -12.53 -2.36 -66.42
CA GLN C 618 -11.56 -3.49 -66.41
C GLN C 618 -11.61 -4.29 -67.70
N GLY C 619 -12.64 -4.13 -68.55
CA GLY C 619 -12.68 -4.84 -69.83
C GLY C 619 -11.88 -4.13 -70.92
N GLY C 620 -11.57 -2.85 -70.71
CA GLY C 620 -10.97 -1.97 -71.72
C GLY C 620 -11.83 -1.87 -73.00
N SER C 621 -11.19 -1.37 -74.06
CA SER C 621 -11.87 -0.94 -75.31
C SER C 621 -12.21 -2.17 -76.17
N THR C 622 -11.78 -3.39 -75.83
CA THR C 622 -12.22 -4.62 -76.54
C THR C 622 -13.31 -5.35 -75.75
N GLY C 623 -13.83 -4.79 -74.67
CA GLY C 623 -14.95 -5.43 -73.92
C GLY C 623 -16.16 -5.73 -74.79
N HIS C 624 -16.40 -4.93 -75.84
CA HIS C 624 -17.52 -5.11 -76.80
C HIS C 624 -17.46 -6.49 -77.45
N LEU C 625 -16.29 -7.12 -77.52
CA LEU C 625 -16.15 -8.47 -78.12
C LEU C 625 -16.78 -9.53 -77.22
N VAL C 626 -16.97 -9.21 -75.94
CA VAL C 626 -17.66 -10.11 -74.98
C VAL C 626 -19.17 -9.93 -75.09
N THR C 627 -19.89 -11.03 -75.21
CA THR C 627 -21.37 -11.08 -75.01
C THR C 627 -21.69 -12.23 -74.06
N TYR C 628 -22.91 -12.26 -73.54
CA TYR C 628 -23.33 -13.39 -72.69
C TYR C 628 -23.22 -14.70 -73.49
N ASP C 629 -23.69 -14.70 -74.73
CA ASP C 629 -23.68 -15.93 -75.56
C ASP C 629 -22.25 -16.41 -75.74
N ARG C 630 -21.29 -15.52 -75.97
CA ARG C 630 -19.85 -15.93 -76.11
C ARG C 630 -19.29 -16.46 -74.79
N LEU C 631 -19.60 -15.83 -73.66
CA LEU C 631 -19.17 -16.35 -72.34
C LEU C 631 -19.80 -17.70 -71.99
N ARG C 632 -21.06 -17.92 -72.38
CA ARG C 632 -21.71 -19.23 -72.20
C ARG C 632 -20.86 -20.31 -72.91
N LYS C 633 -20.42 -20.04 -74.14
CA LYS C 633 -19.73 -21.02 -75.00
C LYS C 633 -18.35 -21.25 -74.39
N SER C 634 -17.75 -20.21 -73.81
CA SER C 634 -16.42 -20.34 -73.15
C SER C 634 -16.56 -21.24 -71.91
N GLY C 635 -17.74 -21.30 -71.27
CA GLY C 635 -17.94 -22.02 -70.00
C GLY C 635 -17.27 -21.31 -68.81
N ASN C 636 -16.93 -22.09 -67.78
CA ASN C 636 -16.34 -21.59 -66.52
C ASN C 636 -14.89 -21.19 -66.74
N ASN C 637 -14.28 -21.55 -67.88
CA ASN C 637 -12.92 -21.06 -68.16
C ASN C 637 -12.94 -19.63 -68.68
N GLY C 638 -14.08 -19.15 -69.21
CA GLY C 638 -14.23 -17.78 -69.72
C GLY C 638 -13.03 -17.35 -70.58
N VAL C 639 -12.57 -16.11 -70.35
CA VAL C 639 -11.39 -15.54 -71.07
C VAL C 639 -10.67 -14.57 -70.13
N GLN C 640 -9.34 -14.61 -70.17
CA GLN C 640 -8.53 -13.61 -69.44
C GLN C 640 -8.57 -12.29 -70.21
N LEU C 641 -8.98 -11.25 -69.52
CA LEU C 641 -9.03 -9.89 -70.13
C LEU C 641 -7.62 -9.31 -70.15
N PRO C 642 -7.32 -8.35 -71.06
CA PRO C 642 -8.24 -7.94 -72.11
C PRO C 642 -8.38 -8.98 -73.25
N VAL C 643 -9.58 -9.06 -73.82
CA VAL C 643 -9.82 -9.88 -75.04
C VAL C 643 -8.96 -9.30 -76.17
N VAL C 644 -8.26 -10.17 -76.89
CA VAL C 644 -7.45 -9.82 -78.08
C VAL C 644 -8.27 -10.06 -79.35
N SER C 645 -9.09 -11.09 -79.38
CA SER C 645 -9.86 -11.37 -80.61
C SER C 645 -11.09 -12.23 -80.28
N TRP C 646 -12.07 -12.13 -81.17
CA TRP C 646 -13.24 -13.04 -81.23
C TRP C 646 -13.47 -13.48 -82.68
N ASP C 647 -13.65 -14.77 -82.92
CA ASP C 647 -14.46 -15.21 -84.08
C ASP C 647 -15.14 -16.56 -83.75
N GLU C 648 -16.08 -17.00 -84.57
CA GLU C 648 -16.81 -18.26 -84.34
C GLU C 648 -15.85 -19.44 -84.17
N SER C 649 -14.74 -19.50 -84.91
CA SER C 649 -13.84 -20.69 -84.96
C SER C 649 -12.94 -20.81 -83.73
N LYS C 650 -12.44 -19.70 -83.16
CA LYS C 650 -11.53 -19.80 -81.99
C LYS C 650 -12.17 -19.26 -80.71
N GLY C 651 -13.37 -18.69 -80.79
CA GLY C 651 -13.99 -18.13 -79.58
C GLY C 651 -13.23 -16.91 -79.11
N LEU C 652 -13.44 -16.56 -77.86
CA LEU C 652 -12.73 -15.44 -77.19
C LEU C 652 -11.28 -15.88 -76.95
N VAL C 653 -10.35 -15.05 -77.38
CA VAL C 653 -8.90 -15.24 -77.09
C VAL C 653 -8.46 -14.07 -76.22
N GLY C 654 -7.78 -14.36 -75.12
CA GLY C 654 -7.44 -13.37 -74.09
C GLY C 654 -5.94 -13.20 -73.86
N THR C 655 -5.60 -12.61 -72.74
CA THR C 655 -4.23 -12.16 -72.37
C THR C 655 -3.80 -12.84 -71.08
N GLU C 656 -2.72 -13.61 -71.11
CA GLU C 656 -2.27 -14.38 -69.93
C GLU C 656 -1.57 -13.47 -68.94
N MET C 657 -0.60 -12.70 -69.44
CA MET C 657 0.29 -11.88 -68.58
C MET C 657 0.49 -10.49 -69.18
N LEU C 658 0.44 -9.47 -68.33
CA LEU C 658 0.69 -8.07 -68.73
C LEU C 658 2.21 -7.77 -68.63
N TYR C 659 2.63 -6.75 -69.36
CA TYR C 659 3.97 -6.13 -69.29
C TYR C 659 5.03 -7.10 -69.81
N THR C 660 4.69 -8.03 -70.70
CA THR C 660 5.66 -9.03 -71.15
C THR C 660 6.64 -8.37 -72.16
N GLU C 661 6.39 -7.17 -72.69
CA GLU C 661 7.33 -6.51 -73.63
C GLU C 661 8.03 -5.35 -72.90
N GLY C 662 7.83 -5.22 -71.59
CA GLY C 662 8.40 -4.10 -70.81
C GLY C 662 7.77 -2.75 -71.13
N LYS C 663 6.57 -2.75 -71.70
CA LYS C 663 5.80 -1.53 -71.95
C LYS C 663 4.77 -1.39 -70.83
N PHE C 664 4.94 -0.36 -70.02
CA PHE C 664 4.14 -0.10 -68.82
C PHE C 664 3.10 0.98 -69.08
N ASP C 665 2.19 1.10 -68.12
CA ASP C 665 1.01 2.01 -68.18
C ASP C 665 1.43 3.36 -67.62
N THR C 666 2.35 4.02 -68.31
CA THR C 666 2.87 5.36 -67.98
C THR C 666 2.97 6.17 -69.28
N ASP C 667 3.23 7.47 -69.12
CA ASP C 667 3.35 8.46 -70.21
C ASP C 667 4.39 7.95 -71.22
N ASP C 668 5.51 7.39 -70.73
CA ASP C 668 6.68 7.04 -71.57
C ASP C 668 6.79 5.53 -71.74
N GLY C 669 5.83 4.74 -71.26
CA GLY C 669 5.88 3.26 -71.33
C GLY C 669 6.93 2.61 -70.42
N LYS C 670 7.61 3.39 -69.59
CA LYS C 670 8.58 2.82 -68.63
C LYS C 670 7.93 2.64 -67.26
N ALA C 671 8.42 1.67 -66.50
CA ALA C 671 8.07 1.51 -65.07
C ALA C 671 8.77 2.64 -64.31
N HIS C 672 8.11 3.28 -63.38
CA HIS C 672 8.69 4.41 -62.62
C HIS C 672 8.94 4.00 -61.17
N PHE C 673 10.21 4.02 -60.76
CA PHE C 673 10.63 3.93 -59.36
C PHE C 673 10.09 5.16 -58.60
N LYS C 674 9.91 4.99 -57.30
CA LYS C 674 9.34 6.02 -56.43
C LYS C 674 10.10 6.04 -55.12
N PRO C 675 10.22 7.22 -54.48
CA PRO C 675 10.85 7.28 -53.15
C PRO C 675 9.90 6.62 -52.13
N ALA C 676 10.46 5.99 -51.09
CA ALA C 676 9.72 5.30 -49.99
C ALA C 676 10.33 5.70 -48.64
N PRO C 677 9.99 6.89 -48.12
CA PRO C 677 10.47 7.33 -46.80
C PRO C 677 9.95 6.35 -45.74
N TRP C 678 10.85 6.01 -44.82
CA TRP C 678 10.52 5.33 -43.55
C TRP C 678 10.19 6.39 -42.47
N ASN C 679 8.94 6.54 -42.09
CA ASN C 679 8.48 7.56 -41.11
C ASN C 679 8.00 6.95 -39.79
N GLY C 680 8.11 5.64 -39.56
CA GLY C 680 7.56 4.98 -38.36
C GLY C 680 6.04 4.90 -38.45
N LEU C 681 5.39 4.56 -37.35
CA LEU C 681 3.93 4.50 -37.26
C LEU C 681 3.41 5.92 -37.33
N PRO C 682 2.21 6.12 -37.90
CA PRO C 682 1.57 7.43 -37.83
C PRO C 682 1.31 7.82 -36.37
N ALA C 683 1.44 9.10 -36.05
CA ALA C 683 1.26 9.64 -34.68
C ALA C 683 -0.04 9.11 -34.07
N THR C 684 -1.13 9.07 -34.83
CA THR C 684 -2.47 8.69 -34.29
C THR C 684 -2.38 7.24 -33.76
N VAL C 685 -1.66 6.41 -34.51
CA VAL C 685 -1.49 4.96 -34.15
C VAL C 685 -0.44 4.80 -33.04
N GLN C 686 0.66 5.56 -33.12
CA GLN C 686 1.75 5.49 -32.12
C GLN C 686 1.19 5.92 -30.76
N GLN C 687 0.29 6.90 -30.72
CA GLN C 687 -0.33 7.36 -29.44
C GLN C 687 -1.08 6.18 -28.79
N GLN C 688 -1.83 5.38 -29.57
CA GLN C 688 -2.55 4.23 -28.98
C GLN C 688 -1.54 3.19 -28.52
N LYS C 689 -0.50 2.90 -29.30
CA LYS C 689 0.50 1.92 -28.87
C LYS C 689 1.22 2.38 -27.58
N ASP C 690 1.35 3.68 -27.39
CA ASP C 690 2.12 4.24 -26.24
C ASP C 690 1.28 4.08 -24.97
N LYS C 691 -0.05 4.01 -25.14
CA LYS C 691 -1.03 4.07 -24.02
C LYS C 691 -1.46 2.64 -23.64
N TYR C 692 -1.57 1.74 -24.62
CA TYR C 692 -2.23 0.43 -24.42
C TYR C 692 -1.28 -0.73 -24.80
N ARG C 693 -1.60 -1.94 -24.38
CA ARG C 693 -0.62 -3.03 -24.29
C ARG C 693 -0.58 -3.89 -25.54
N PHE C 694 -1.72 -4.17 -26.15
CA PHE C 694 -1.82 -5.14 -27.25
C PHE C 694 -2.02 -4.54 -28.64
N TRP C 695 -1.23 -5.05 -29.58
CA TRP C 695 -1.48 -4.87 -31.02
C TRP C 695 -2.76 -5.64 -31.41
N LEU C 696 -3.73 -4.93 -31.99
CA LEU C 696 -5.10 -5.44 -32.30
C LEU C 696 -5.18 -5.76 -33.79
N ASN C 697 -4.37 -6.69 -34.19
CA ASN C 697 -4.38 -7.27 -35.54
C ASN C 697 -5.75 -7.87 -35.76
N ASN C 698 -6.10 -7.97 -37.05
CA ASN C 698 -7.49 -8.29 -37.37
C ASN C 698 -7.53 -8.81 -38.79
N GLY C 699 -8.59 -9.51 -39.12
CA GLY C 699 -8.69 -10.02 -40.47
C GLY C 699 -9.58 -11.24 -40.54
N ARG C 700 -9.26 -12.09 -41.48
CA ARG C 700 -10.15 -13.16 -41.98
C ARG C 700 -9.99 -14.49 -41.22
N ASN C 701 -11.10 -15.24 -41.23
CA ASN C 701 -11.22 -16.64 -40.78
C ASN C 701 -11.65 -17.41 -42.00
N ASN C 702 -11.06 -18.55 -42.25
CA ASN C 702 -11.34 -19.34 -43.49
C ASN C 702 -12.85 -19.65 -43.61
N GLU C 703 -13.49 -19.96 -42.48
CA GLU C 703 -14.89 -20.45 -42.51
C GLU C 703 -15.89 -19.31 -42.69
N VAL C 704 -15.58 -18.12 -42.15
CA VAL C 704 -16.49 -16.96 -42.15
C VAL C 704 -16.31 -16.10 -43.39
N TRP C 705 -17.40 -15.81 -44.09
CA TRP C 705 -17.39 -14.85 -45.22
C TRP C 705 -17.80 -13.44 -44.77
N GLN C 706 -16.86 -12.50 -44.74
CA GLN C 706 -17.11 -11.05 -44.64
C GLN C 706 -17.95 -10.73 -43.41
N THR C 707 -19.03 -10.01 -43.59
CA THR C 707 -19.94 -9.63 -42.49
C THR C 707 -20.92 -10.73 -42.10
N ALA C 708 -20.71 -11.96 -42.53
CA ALA C 708 -21.47 -13.15 -42.08
C ALA C 708 -22.95 -12.95 -42.36
N TYR C 709 -23.26 -12.26 -43.43
CA TYR C 709 -24.65 -11.88 -43.78
C TYR C 709 -25.47 -13.14 -44.05
N HIS C 710 -24.88 -14.17 -44.70
CA HIS C 710 -25.47 -15.53 -44.79
C HIS C 710 -25.14 -16.35 -43.54
N ASP C 711 -23.86 -16.32 -43.11
CA ASP C 711 -23.35 -17.24 -42.10
C ASP C 711 -24.13 -17.06 -40.76
N GLN C 712 -24.63 -15.86 -40.55
CA GLN C 712 -25.31 -15.55 -39.26
C GLN C 712 -26.57 -16.41 -39.13
N TYR C 713 -27.09 -16.96 -40.25
CA TYR C 713 -28.33 -17.77 -40.22
C TYR C 713 -28.02 -19.26 -40.27
N ASN C 714 -26.77 -19.63 -40.45
CA ASN C 714 -26.30 -21.03 -40.62
C ASN C 714 -25.99 -21.64 -39.25
N SER C 715 -26.69 -22.72 -38.93
CA SER C 715 -26.68 -23.34 -37.59
C SER C 715 -25.26 -23.84 -37.35
N LEU C 716 -24.63 -24.39 -38.40
CA LEU C 716 -23.27 -24.94 -38.24
C LEU C 716 -22.28 -23.82 -37.95
N MET C 717 -22.44 -22.68 -38.63
CA MET C 717 -21.49 -21.54 -38.46
C MET C 717 -21.70 -20.93 -37.05
N GLN C 718 -22.94 -20.78 -36.61
CA GLN C 718 -23.26 -20.16 -35.30
C GLN C 718 -22.79 -21.06 -34.14
N GLU C 719 -22.82 -22.38 -34.33
CA GLU C 719 -22.29 -23.38 -33.37
C GLU C 719 -20.77 -23.18 -33.24
N ARG C 720 -20.09 -23.05 -34.37
CA ARG C 720 -18.61 -23.01 -34.39
C ARG C 720 -18.14 -21.65 -33.90
N TYR C 721 -18.73 -20.57 -34.41
CA TYR C 721 -18.26 -19.18 -34.15
C TYR C 721 -19.44 -18.35 -33.67
N PRO C 722 -19.95 -18.64 -32.47
CA PRO C 722 -21.10 -17.90 -31.97
C PRO C 722 -20.73 -16.42 -31.76
N MET C 723 -19.45 -16.10 -31.54
CA MET C 723 -18.98 -14.73 -31.23
C MET C 723 -17.67 -14.54 -31.93
N ALA C 724 -17.39 -13.31 -32.37
CA ALA C 724 -16.07 -12.92 -32.90
C ALA C 724 -15.04 -13.43 -31.89
N TYR C 725 -13.93 -13.99 -32.35
CA TYR C 725 -12.88 -14.50 -31.44
C TYR C 725 -11.63 -13.60 -31.60
N ILE C 726 -10.83 -13.58 -30.53
CA ILE C 726 -9.51 -12.91 -30.47
C ILE C 726 -8.48 -13.98 -30.11
N GLU C 727 -7.59 -14.26 -31.05
CA GLU C 727 -6.40 -15.09 -30.79
C GLU C 727 -5.47 -14.33 -29.82
N MET C 728 -5.03 -14.99 -28.78
CA MET C 728 -4.22 -14.35 -27.73
C MET C 728 -3.12 -15.32 -27.38
N ASN C 729 -1.93 -14.78 -27.12
CA ASN C 729 -0.83 -15.60 -26.58
C ASN C 729 -1.23 -16.27 -25.27
N PRO C 730 -0.85 -17.54 -25.05
CA PRO C 730 -1.25 -18.25 -23.83
C PRO C 730 -0.69 -17.67 -22.56
N ASP C 731 0.51 -17.11 -22.61
CA ASP C 731 1.09 -16.49 -21.37
C ASP C 731 0.36 -15.18 -21.08
N ASP C 732 -0.06 -14.45 -22.11
CA ASP C 732 -0.90 -13.25 -21.94
C ASP C 732 -2.25 -13.62 -21.34
N CYS C 733 -2.85 -14.67 -21.88
CA CYS C 733 -4.08 -15.28 -21.31
C CYS C 733 -3.96 -15.52 -19.79
N LYS C 734 -2.92 -16.21 -19.37
CA LYS C 734 -2.72 -16.57 -17.96
C LYS C 734 -2.65 -15.29 -17.15
N GLN C 735 -1.97 -14.27 -17.71
CA GLN C 735 -1.73 -13.05 -16.94
C GLN C 735 -3.13 -12.40 -16.69
N LEU C 736 -4.06 -12.55 -17.63
CA LEU C 736 -5.41 -11.91 -17.61
C LEU C 736 -6.48 -12.85 -17.05
N ASP C 737 -6.09 -14.07 -16.66
CA ASP C 737 -6.93 -15.12 -16.05
C ASP C 737 -8.04 -15.47 -17.05
N VAL C 738 -7.68 -15.59 -18.33
CA VAL C 738 -8.67 -15.99 -19.37
C VAL C 738 -8.21 -17.26 -20.07
N THR C 739 -9.21 -17.96 -20.58
CA THR C 739 -8.98 -19.16 -21.42
C THR C 739 -10.05 -19.22 -22.48
N GLY C 740 -10.02 -20.29 -23.26
CA GLY C 740 -10.88 -20.51 -24.43
C GLY C 740 -12.32 -20.34 -23.99
N GLY C 741 -13.07 -19.44 -24.63
CA GLY C 741 -14.51 -19.32 -24.40
C GLY C 741 -14.83 -18.36 -23.28
N ASP C 742 -13.85 -17.64 -22.74
CA ASP C 742 -14.16 -16.46 -21.90
C ASP C 742 -14.46 -15.30 -22.84
N ILE C 743 -15.24 -14.33 -22.38
CA ILE C 743 -15.48 -13.07 -23.15
C ILE C 743 -14.56 -11.98 -22.58
N VAL C 744 -13.94 -11.22 -23.46
CA VAL C 744 -13.16 -10.02 -23.08
C VAL C 744 -13.76 -8.80 -23.73
N GLU C 745 -13.63 -7.66 -23.05
CA GLU C 745 -13.70 -6.34 -23.70
C GLU C 745 -12.31 -6.01 -24.27
N VAL C 746 -12.30 -5.49 -25.48
CA VAL C 746 -11.11 -4.93 -26.17
C VAL C 746 -11.41 -3.45 -26.36
N TYR C 747 -10.52 -2.57 -25.92
CA TYR C 747 -10.88 -1.12 -25.94
C TYR C 747 -9.64 -0.26 -26.05
N ASN C 748 -9.86 0.95 -26.55
CA ASN C 748 -8.83 2.00 -26.61
C ASN C 748 -9.55 3.36 -26.66
N ASP C 749 -8.88 4.43 -27.07
CA ASP C 749 -9.45 5.78 -27.12
C ASP C 749 -10.60 5.79 -28.15
N PHE C 750 -10.50 5.01 -29.22
CA PHE C 750 -11.46 5.00 -30.35
C PHE C 750 -12.74 4.24 -30.03
N GLY C 751 -12.68 3.19 -29.22
CA GLY C 751 -13.93 2.43 -28.98
C GLY C 751 -13.72 1.26 -28.05
N SER C 752 -14.79 0.50 -27.90
CA SER C 752 -14.88 -0.67 -27.02
C SER C 752 -15.62 -1.76 -27.79
N THR C 753 -15.14 -2.99 -27.75
CA THR C 753 -15.90 -4.11 -28.33
C THR C 753 -15.58 -5.37 -27.54
N PHE C 754 -16.06 -6.50 -27.99
CA PHE C 754 -16.04 -7.74 -27.22
C PHE C 754 -15.71 -8.90 -28.14
N ALA C 755 -15.11 -9.93 -27.56
CA ALA C 755 -14.71 -11.11 -28.32
C ALA C 755 -14.64 -12.28 -27.35
N MET C 756 -14.76 -13.49 -27.90
CA MET C 756 -14.46 -14.71 -27.13
C MET C 756 -12.96 -15.04 -27.28
N VAL C 757 -12.32 -15.30 -26.14
CA VAL C 757 -10.87 -15.65 -26.09
C VAL C 757 -10.60 -16.95 -26.84
N TYR C 758 -9.55 -16.90 -27.65
CA TYR C 758 -9.02 -18.07 -28.39
C TYR C 758 -7.52 -18.11 -28.19
N PRO C 759 -7.05 -18.91 -27.21
CA PRO C 759 -5.63 -19.03 -26.93
C PRO C 759 -5.01 -19.70 -28.15
N VAL C 760 -3.86 -19.14 -28.57
CA VAL C 760 -3.14 -19.56 -29.79
C VAL C 760 -1.64 -19.48 -29.48
N ALA C 761 -0.99 -20.63 -29.44
CA ALA C 761 0.44 -20.74 -29.04
C ALA C 761 1.30 -19.83 -29.92
N GLU C 762 0.96 -19.72 -31.18
CA GLU C 762 1.82 -19.02 -32.18
C GLU C 762 1.75 -17.48 -32.06
N ILE C 763 0.71 -16.95 -31.38
CA ILE C 763 0.56 -15.48 -31.28
C ILE C 763 1.67 -14.96 -30.37
N LYS C 764 2.30 -13.87 -30.78
CA LYS C 764 3.44 -13.29 -30.00
C LYS C 764 2.87 -12.59 -28.78
N ARG C 765 3.65 -12.55 -27.71
CA ARG C 765 3.25 -11.75 -26.55
C ARG C 765 3.01 -10.30 -26.98
N GLY C 766 1.96 -9.68 -26.46
CA GLY C 766 1.62 -8.27 -26.72
C GLY C 766 0.90 -8.10 -28.04
N GLN C 767 0.63 -9.21 -28.73
CA GLN C 767 -0.07 -9.21 -30.05
C GLN C 767 -1.35 -10.03 -29.93
N THR C 768 -2.35 -9.75 -30.76
CA THR C 768 -3.63 -10.46 -30.80
C THR C 768 -4.07 -10.53 -32.24
N PHE C 769 -5.09 -11.33 -32.53
CA PHE C 769 -5.76 -11.28 -33.84
C PHE C 769 -7.26 -11.52 -33.64
N MET C 770 -8.04 -10.53 -34.04
CA MET C 770 -9.52 -10.61 -33.88
C MET C 770 -10.21 -10.65 -35.25
N LEU C 771 -11.13 -11.59 -35.37
CA LEU C 771 -12.00 -11.72 -36.56
C LEU C 771 -12.64 -10.36 -36.84
N PHE C 772 -12.43 -9.81 -38.02
CA PHE C 772 -13.05 -8.52 -38.44
C PHE C 772 -14.52 -8.69 -38.82
N GLY C 773 -15.24 -7.57 -38.80
CA GLY C 773 -16.50 -7.41 -39.52
C GLY C 773 -17.66 -8.26 -38.99
N TYR C 774 -17.58 -8.90 -37.83
CA TYR C 774 -18.59 -9.95 -37.48
C TYR C 774 -19.91 -9.38 -36.90
N VAL C 775 -20.91 -10.25 -36.76
CA VAL C 775 -22.29 -9.91 -36.30
C VAL C 775 -22.35 -9.87 -34.79
N ASN C 776 -21.33 -10.41 -34.09
CA ASN C 776 -21.36 -10.45 -32.61
C ASN C 776 -19.95 -10.06 -32.15
N GLY C 777 -19.75 -8.77 -31.90
CA GLY C 777 -18.48 -8.17 -31.49
C GLY C 777 -17.78 -7.64 -32.73
N ILE C 778 -17.99 -6.37 -33.00
CA ILE C 778 -17.47 -5.71 -34.22
C ILE C 778 -16.05 -5.24 -33.95
N GLN C 779 -15.07 -5.74 -34.70
CA GLN C 779 -13.65 -5.42 -34.43
C GLN C 779 -13.29 -3.94 -34.73
N GLY C 780 -13.99 -3.34 -35.69
CA GLY C 780 -13.62 -2.02 -36.25
C GLY C 780 -13.76 -0.90 -35.24
N ASP C 781 -14.51 -1.08 -34.17
CA ASP C 781 -14.69 -0.05 -33.12
C ASP C 781 -13.34 0.43 -32.57
N VAL C 782 -12.32 -0.40 -32.61
CA VAL C 782 -11.00 -0.02 -31.99
C VAL C 782 -9.97 0.41 -33.05
N THR C 783 -10.30 0.35 -34.33
CA THR C 783 -9.45 0.92 -35.43
C THR C 783 -9.53 2.45 -35.41
N THR C 784 -8.45 3.12 -35.81
CA THR C 784 -8.33 4.61 -35.71
C THR C 784 -8.91 5.23 -36.96
N ASP C 785 -8.99 6.55 -36.93
CA ASP C 785 -9.43 7.34 -38.10
C ASP C 785 -8.29 7.53 -39.11
N TRP C 786 -7.08 7.09 -38.80
CA TRP C 786 -5.91 7.46 -39.62
C TRP C 786 -6.01 6.83 -41.00
N THR C 787 -5.70 7.63 -42.01
CA THR C 787 -5.59 7.17 -43.41
C THR C 787 -4.39 7.76 -44.09
N ASP C 788 -4.00 7.19 -45.22
CA ASP C 788 -2.80 7.67 -45.94
C ASP C 788 -3.19 8.87 -46.78
N ARG C 789 -2.31 9.32 -47.67
CA ARG C 789 -2.53 10.58 -48.45
C ARG C 789 -3.80 10.46 -49.32
N ASN C 790 -4.20 9.23 -49.70
CA ASN C 790 -5.34 8.96 -50.61
C ASN C 790 -6.54 8.41 -49.83
N ILE C 791 -6.51 8.59 -48.52
CA ILE C 791 -7.61 8.20 -47.57
C ILE C 791 -7.79 6.69 -47.60
N ILE C 792 -6.66 5.95 -47.59
CA ILE C 792 -6.62 4.48 -47.33
C ILE C 792 -6.29 4.20 -45.87
N PRO C 793 -7.24 3.62 -45.11
CA PRO C 793 -7.04 3.41 -43.67
C PRO C 793 -5.97 2.37 -43.34
N TYR C 794 -5.32 2.59 -42.19
CA TYR C 794 -4.41 1.62 -41.59
C TYR C 794 -5.24 0.72 -40.66
N TYR C 795 -6.15 -0.07 -41.27
CA TYR C 795 -7.06 -0.95 -40.52
C TYR C 795 -6.27 -1.92 -39.66
N LYS C 796 -5.04 -2.29 -40.07
CA LYS C 796 -4.22 -3.28 -39.34
C LYS C 796 -3.33 -2.58 -38.29
N GLY C 797 -3.54 -1.30 -38.04
CA GLY C 797 -2.71 -0.45 -37.18
C GLY C 797 -3.48 0.15 -36.01
N THR C 798 -3.51 -0.60 -34.93
CA THR C 798 -4.23 -0.16 -33.72
C THR C 798 -3.77 -0.98 -32.53
N TRP C 799 -3.87 -0.37 -31.34
CA TRP C 799 -3.42 -0.97 -30.06
C TRP C 799 -4.51 -0.68 -29.04
N GLY C 800 -4.70 -1.62 -28.11
CA GLY C 800 -5.70 -1.42 -27.03
C GLY C 800 -5.46 -2.34 -25.87
N ASP C 801 -6.24 -2.15 -24.80
CA ASP C 801 -6.22 -3.03 -23.60
C ASP C 801 -7.36 -4.05 -23.69
N ILE C 802 -7.24 -5.09 -22.89
CA ILE C 802 -8.16 -6.24 -22.84
C ILE C 802 -8.55 -6.46 -21.40
N ARG C 803 -9.85 -6.59 -21.17
CA ARG C 803 -10.35 -6.83 -19.81
C ARG C 803 -11.30 -8.02 -19.86
N LYS C 804 -11.18 -8.91 -18.88
CA LYS C 804 -12.07 -10.08 -18.70
C LYS C 804 -13.47 -9.60 -18.30
N VAL C 805 -14.48 -10.03 -19.06
CA VAL C 805 -15.92 -9.97 -18.69
C VAL C 805 -16.23 -11.23 -17.89
N GLY C 806 -16.03 -12.40 -18.48
CA GLY C 806 -16.38 -13.61 -17.74
C GLY C 806 -16.33 -14.84 -18.57
N SER C 807 -16.53 -16.00 -17.93
N SER C 807 -16.67 -15.98 -17.97
CA SER C 807 -16.63 -17.32 -18.61
CA SER C 807 -16.59 -17.29 -18.65
C SER C 807 -18.02 -17.43 -19.25
C SER C 807 -17.97 -17.65 -19.20
N MET C 808 -18.05 -17.80 -20.53
CA MET C 808 -19.30 -18.11 -21.24
C MET C 808 -19.35 -19.63 -21.30
N GLU C 809 -20.05 -20.19 -20.31
CA GLU C 809 -20.00 -21.67 -20.07
C GLU C 809 -20.49 -22.40 -21.32
N GLU C 810 -21.43 -21.78 -22.01
CA GLU C 810 -22.01 -22.43 -23.21
C GLU C 810 -20.99 -22.45 -24.36
N PHE C 811 -20.13 -21.43 -24.47
CA PHE C 811 -19.02 -21.42 -25.45
C PHE C 811 -18.05 -22.57 -25.12
N LYS C 812 -17.75 -22.75 -23.84
CA LYS C 812 -16.80 -23.81 -23.41
C LYS C 812 -17.39 -25.20 -23.68
N ARG C 813 -18.71 -25.35 -23.62
CA ARG C 813 -19.36 -26.67 -23.79
C ARG C 813 -19.38 -27.04 -25.28
N THR C 814 -19.52 -26.04 -26.16
CA THR C 814 -19.91 -26.28 -27.57
C THR C 814 -18.87 -25.81 -28.62
N VAL C 815 -17.91 -24.90 -28.30
CA VAL C 815 -16.98 -24.31 -29.30
C VAL C 815 -15.61 -24.97 -29.19
N SER C 816 -15.07 -25.46 -30.30
CA SER C 816 -13.66 -25.90 -30.29
C SER C 816 -12.71 -24.71 -30.19
N PHE C 817 -11.74 -24.78 -29.28
CA PHE C 817 -10.63 -23.80 -29.20
C PHE C 817 -9.32 -24.49 -29.54
N LYS C 818 -9.41 -25.54 -30.34
CA LYS C 818 -8.21 -26.29 -30.78
C LYS C 818 -7.49 -25.50 -31.86
N SER C 819 -6.25 -25.87 -32.13
CA SER C 819 -5.37 -25.07 -33.03
C SER C 819 -5.97 -25.08 -34.44
N ARG C 820 -5.99 -23.93 -35.09
CA ARG C 820 -6.37 -23.81 -36.51
C ARG C 820 -5.10 -23.85 -37.38
N ARG C 821 -3.92 -24.09 -36.78
CA ARG C 821 -2.63 -24.19 -37.52
C ARG C 821 -2.28 -25.65 -37.68
N PHE C 822 -2.38 -26.16 -38.91
CA PHE C 822 -2.22 -27.59 -39.22
C PHE C 822 -0.78 -28.01 -38.98
N ALA C 823 -0.59 -29.08 -38.25
CA ALA C 823 0.77 -29.66 -38.14
C ALA C 823 0.71 -31.13 -38.59
N LEU D 1 -42.93 -46.01 -48.27
CA LEU D 1 -43.02 -46.90 -47.02
C LEU D 1 -41.93 -46.41 -46.01
N ARG D 2 -40.87 -47.16 -45.75
CA ARG D 2 -39.85 -46.70 -44.77
C ARG D 2 -39.13 -45.37 -45.17
N THR D 3 -38.92 -44.52 -44.17
CA THR D 3 -38.19 -43.23 -44.28
C THR D 3 -36.77 -43.38 -43.78
N THR D 4 -36.44 -44.43 -43.04
CA THR D 4 -35.10 -44.59 -42.42
C THR D 4 -34.32 -45.63 -43.20
N LEU D 5 -33.00 -45.48 -43.17
CA LEU D 5 -32.06 -46.45 -43.75
C LEU D 5 -32.00 -47.66 -42.81
N GLN D 6 -31.69 -48.81 -43.36
CA GLN D 6 -31.59 -50.09 -42.62
C GLN D 6 -30.15 -50.19 -42.15
N TYR D 7 -29.77 -49.53 -41.07
CA TYR D 7 -28.39 -49.63 -40.53
C TYR D 7 -28.21 -50.99 -39.85
N PRO D 8 -27.08 -51.68 -40.10
CA PRO D 8 -26.72 -52.87 -39.33
C PRO D 8 -26.36 -52.52 -37.89
N ALA D 9 -26.37 -53.52 -37.01
CA ALA D 9 -25.94 -53.43 -35.59
C ALA D 9 -24.64 -54.21 -35.53
N THR D 10 -23.53 -53.50 -35.53
CA THR D 10 -22.17 -54.03 -35.68
C THR D 10 -21.46 -53.91 -34.33
N GLN D 11 -21.16 -55.05 -33.74
CA GLN D 11 -20.29 -55.16 -32.56
C GLN D 11 -18.93 -54.50 -32.88
N VAL D 12 -18.47 -53.62 -31.97
CA VAL D 12 -17.13 -52.97 -32.04
C VAL D 12 -16.19 -53.69 -31.06
N SER D 13 -16.43 -53.56 -29.76
CA SER D 13 -15.74 -54.34 -28.71
C SER D 13 -16.53 -54.22 -27.42
N VAL D 14 -15.91 -54.57 -26.31
CA VAL D 14 -16.49 -54.17 -25.00
C VAL D 14 -15.76 -52.92 -24.53
N ALA D 15 -16.43 -52.06 -23.77
CA ALA D 15 -15.89 -50.75 -23.37
C ALA D 15 -14.63 -50.90 -22.54
N LYS D 16 -14.58 -51.86 -21.64
CA LYS D 16 -13.44 -51.94 -20.69
C LYS D 16 -12.15 -52.38 -21.39
N ASN D 17 -12.23 -52.86 -22.64
CA ASN D 17 -11.02 -53.28 -23.40
C ASN D 17 -10.38 -52.04 -24.03
N LEU D 18 -11.07 -50.92 -24.16
CA LEU D 18 -10.54 -49.73 -24.86
C LEU D 18 -9.63 -48.98 -23.87
N LYS D 19 -8.47 -48.53 -24.32
CA LYS D 19 -7.55 -47.76 -23.44
C LYS D 19 -7.73 -46.27 -23.77
N ALA D 20 -7.60 -45.40 -22.77
CA ALA D 20 -7.74 -43.95 -22.92
C ALA D 20 -6.84 -43.51 -24.10
N ASN D 21 -7.46 -42.90 -25.10
CA ASN D 21 -6.83 -42.15 -26.21
C ASN D 21 -6.04 -43.11 -27.09
N GLU D 22 -6.50 -44.36 -27.19
N GLU D 22 -6.44 -44.39 -27.10
CA GLU D 22 -5.89 -45.39 -28.08
CA GLU D 22 -5.94 -45.40 -28.07
C GLU D 22 -6.95 -45.88 -29.07
C GLU D 22 -7.09 -45.72 -29.03
N PRO D 23 -7.00 -45.28 -30.30
CA PRO D 23 -8.08 -45.46 -31.25
C PRO D 23 -8.24 -46.91 -31.71
N VAL D 24 -9.50 -47.30 -31.88
CA VAL D 24 -9.85 -48.62 -32.45
C VAL D 24 -10.35 -48.37 -33.85
N SER D 25 -9.83 -49.08 -34.85
CA SER D 25 -10.34 -49.06 -36.25
C SER D 25 -11.39 -50.13 -36.43
N PHE D 26 -12.42 -49.78 -37.20
CA PHE D 26 -13.45 -50.79 -37.54
C PHE D 26 -14.14 -50.25 -38.76
N THR D 27 -14.95 -51.07 -39.43
CA THR D 27 -15.72 -50.63 -40.59
C THR D 27 -17.22 -50.65 -40.24
N TYR D 28 -17.92 -49.63 -40.71
CA TYR D 28 -19.34 -49.41 -40.44
C TYR D 28 -19.85 -48.35 -41.40
N PRO D 29 -20.99 -48.53 -42.11
CA PRO D 29 -21.84 -49.71 -42.00
C PRO D 29 -21.56 -50.87 -42.99
N ASP D 30 -20.36 -50.86 -43.57
CA ASP D 30 -19.88 -51.85 -44.56
C ASP D 30 -18.35 -51.74 -44.60
N THR D 31 -17.69 -52.75 -45.14
CA THR D 31 -16.20 -52.83 -45.20
C THR D 31 -15.58 -51.70 -46.02
N SER D 32 -16.32 -50.87 -46.77
CA SER D 32 -15.71 -49.75 -47.52
C SER D 32 -15.76 -48.44 -46.70
N SER D 33 -16.24 -48.49 -45.46
CA SER D 33 -16.52 -47.30 -44.62
C SER D 33 -15.66 -47.40 -43.37
N PRO D 34 -14.42 -46.88 -43.40
CA PRO D 34 -13.55 -47.03 -42.25
C PRO D 34 -13.94 -46.01 -41.19
N CYS D 35 -13.88 -46.49 -39.96
CA CYS D 35 -14.25 -45.76 -38.74
C CYS D 35 -13.22 -45.95 -37.63
N VAL D 36 -13.27 -45.06 -36.64
CA VAL D 36 -12.43 -45.10 -35.41
C VAL D 36 -13.36 -44.88 -34.22
N ALA D 37 -13.21 -45.72 -33.21
CA ALA D 37 -13.74 -45.47 -31.85
C ALA D 37 -12.57 -45.05 -30.95
N VAL D 38 -12.84 -44.18 -29.96
CA VAL D 38 -11.79 -43.84 -28.99
C VAL D 38 -12.44 -43.46 -27.66
N LYS D 39 -11.86 -43.98 -26.59
CA LYS D 39 -12.17 -43.58 -25.22
C LYS D 39 -11.35 -42.32 -24.92
N LEU D 40 -12.01 -41.18 -24.77
CA LEU D 40 -11.28 -39.89 -24.71
C LEU D 40 -10.60 -39.71 -23.35
N GLY D 41 -11.14 -40.33 -22.29
CA GLY D 41 -10.57 -40.23 -20.94
C GLY D 41 -11.30 -39.22 -20.06
N SER D 42 -12.11 -38.35 -20.64
CA SER D 42 -12.94 -37.35 -19.94
C SER D 42 -14.30 -37.27 -20.61
N PRO D 43 -15.40 -37.17 -19.84
CA PRO D 43 -16.73 -37.10 -20.45
C PRO D 43 -16.87 -35.99 -21.50
N VAL D 44 -17.63 -36.29 -22.54
CA VAL D 44 -18.00 -35.35 -23.63
C VAL D 44 -19.50 -35.56 -23.83
N PRO D 45 -20.28 -34.50 -24.13
CA PRO D 45 -21.71 -34.69 -24.39
C PRO D 45 -21.93 -35.78 -25.45
N GLY D 46 -22.82 -36.74 -25.18
CA GLY D 46 -23.01 -37.85 -26.15
C GLY D 46 -21.81 -38.82 -26.31
N GLY D 47 -20.80 -38.77 -25.42
CA GLY D 47 -19.91 -39.93 -25.17
C GLY D 47 -20.68 -41.04 -24.43
N VAL D 48 -20.34 -42.29 -24.67
CA VAL D 48 -20.96 -43.47 -24.03
C VAL D 48 -19.89 -44.29 -23.30
N GLY D 49 -20.37 -45.30 -22.56
CA GLY D 49 -19.58 -46.14 -21.68
C GLY D 49 -19.63 -45.59 -20.27
N PRO D 50 -18.94 -46.28 -19.34
CA PRO D 50 -18.93 -45.93 -17.92
C PRO D 50 -18.54 -44.48 -17.63
N ASN D 51 -17.62 -43.93 -18.41
CA ASN D 51 -17.13 -42.54 -18.17
C ASN D 51 -17.75 -41.56 -19.19
N ASN D 52 -18.74 -41.98 -19.98
CA ASN D 52 -19.39 -41.10 -20.97
C ASN D 52 -18.34 -40.44 -21.89
N ASP D 53 -17.33 -41.19 -22.31
CA ASP D 53 -16.15 -40.59 -22.98
C ASP D 53 -15.83 -41.35 -24.25
N ILE D 54 -16.62 -42.38 -24.64
CA ILE D 54 -16.31 -43.17 -25.86
C ILE D 54 -17.09 -42.58 -27.03
N VAL D 55 -16.35 -42.27 -28.08
CA VAL D 55 -16.98 -41.70 -29.30
C VAL D 55 -16.46 -42.45 -30.51
N ALA D 56 -17.23 -42.34 -31.59
CA ALA D 56 -16.85 -42.96 -32.87
C ALA D 56 -17.26 -42.07 -34.06
N TYR D 57 -16.44 -42.15 -35.08
CA TYR D 57 -16.58 -41.35 -36.32
C TYR D 57 -16.24 -42.20 -37.55
N SER D 58 -16.80 -41.80 -38.67
CA SER D 58 -16.24 -42.04 -40.01
C SER D 58 -14.93 -41.28 -40.14
N VAL D 59 -13.86 -41.88 -40.68
CA VAL D 59 -12.57 -41.16 -40.81
C VAL D 59 -12.43 -40.58 -42.21
N LEU D 60 -13.36 -40.83 -43.13
CA LEU D 60 -13.26 -40.22 -44.47
C LEU D 60 -13.57 -38.72 -44.36
N CYS D 61 -12.65 -37.88 -44.80
CA CYS D 61 -12.83 -36.45 -44.79
C CYS D 61 -14.13 -36.10 -45.51
N THR D 62 -14.99 -35.27 -44.94
CA THR D 62 -16.22 -34.84 -45.63
C THR D 62 -16.02 -33.78 -46.72
N HIS D 63 -14.79 -33.29 -46.95
CA HIS D 63 -14.45 -32.35 -48.03
C HIS D 63 -14.39 -33.16 -49.34
N MET D 64 -13.38 -34.01 -49.46
CA MET D 64 -13.23 -34.87 -50.64
C MET D 64 -12.70 -36.29 -50.29
N GLY D 65 -12.89 -36.76 -49.06
CA GLY D 65 -12.92 -38.20 -48.79
C GLY D 65 -11.54 -38.76 -48.56
N CYS D 66 -10.51 -37.94 -48.47
CA CYS D 66 -9.22 -38.48 -48.04
C CYS D 66 -9.36 -39.07 -46.63
N PRO D 67 -8.75 -40.26 -46.38
CA PRO D 67 -8.79 -40.79 -45.03
C PRO D 67 -8.03 -39.88 -44.07
N THR D 68 -8.70 -39.47 -42.99
CA THR D 68 -8.11 -38.64 -41.95
C THR D 68 -7.34 -39.54 -40.95
N SER D 69 -6.45 -38.95 -40.19
CA SER D 69 -5.75 -39.72 -39.15
C SER D 69 -6.04 -39.02 -37.82
N TYR D 70 -6.25 -39.86 -36.83
CA TYR D 70 -6.50 -39.43 -35.44
C TYR D 70 -5.18 -38.96 -34.84
N ASP D 71 -5.14 -37.73 -34.32
CA ASP D 71 -3.99 -37.21 -33.58
C ASP D 71 -4.27 -37.29 -32.08
N LYS D 72 -3.62 -38.24 -31.42
CA LYS D 72 -3.80 -38.53 -29.96
C LYS D 72 -3.44 -37.31 -29.12
N SER D 73 -2.49 -36.47 -29.53
CA SER D 73 -1.99 -35.31 -28.76
C SER D 73 -3.10 -34.24 -28.70
N SER D 74 -3.91 -34.06 -29.74
CA SER D 74 -4.91 -32.98 -29.82
C SER D 74 -6.34 -33.54 -29.74
N LYS D 75 -6.53 -34.87 -29.86
CA LYS D 75 -7.86 -35.55 -29.96
C LYS D 75 -8.61 -34.89 -31.14
N THR D 76 -7.95 -34.88 -32.29
CA THR D 76 -8.54 -34.40 -33.54
C THR D 76 -8.28 -35.43 -34.67
N PHE D 77 -9.06 -35.31 -35.73
CA PHE D 77 -8.84 -36.02 -37.00
C PHE D 77 -8.28 -35.01 -38.00
N LYS D 78 -7.16 -35.34 -38.64
CA LYS D 78 -6.47 -34.41 -39.54
C LYS D 78 -6.51 -34.96 -40.96
N CYS D 79 -6.93 -34.15 -41.92
CA CYS D 79 -6.94 -34.56 -43.34
C CYS D 79 -5.62 -34.18 -43.98
N PRO D 80 -4.92 -35.12 -44.61
CA PRO D 80 -3.67 -34.77 -45.29
C PRO D 80 -3.81 -34.07 -46.64
N CYS D 81 -5.03 -34.02 -47.22
CA CYS D 81 -5.26 -33.55 -48.60
C CYS D 81 -5.35 -32.03 -48.65
N HIS D 82 -6.31 -31.41 -47.97
CA HIS D 82 -6.38 -29.94 -47.94
C HIS D 82 -6.48 -29.43 -46.50
N PHE D 83 -6.12 -30.27 -45.52
CA PHE D 83 -5.72 -29.82 -44.16
C PHE D 83 -6.93 -29.54 -43.28
N THR D 84 -8.09 -30.06 -43.62
CA THR D 84 -9.24 -29.95 -42.69
C THR D 84 -8.91 -30.69 -41.40
N GLU D 85 -9.39 -30.14 -40.28
CA GLU D 85 -9.20 -30.76 -38.96
C GLU D 85 -10.53 -30.76 -38.18
N PHE D 86 -10.90 -31.90 -37.61
CA PHE D 86 -12.19 -32.14 -36.94
C PHE D 86 -11.95 -32.47 -35.46
N ASP D 87 -12.77 -31.91 -34.58
CA ASP D 87 -12.62 -32.03 -33.13
C ASP D 87 -13.34 -33.30 -32.67
N ALA D 88 -12.62 -34.31 -32.15
CA ALA D 88 -13.32 -35.55 -31.67
C ALA D 88 -14.12 -35.28 -30.39
N GLU D 89 -13.80 -34.20 -29.70
CA GLU D 89 -14.43 -33.83 -28.43
C GLU D 89 -15.65 -32.93 -28.65
N LYS D 90 -15.94 -32.50 -29.87
CA LYS D 90 -17.06 -31.61 -30.20
C LYS D 90 -17.87 -32.22 -31.36
N ALA D 91 -18.10 -33.52 -31.29
CA ALA D 91 -19.05 -34.19 -32.21
C ALA D 91 -18.60 -33.89 -33.65
N GLY D 92 -17.28 -33.92 -33.91
CA GLY D 92 -16.72 -33.80 -35.26
C GLY D 92 -16.71 -32.37 -35.77
N GLN D 93 -16.84 -31.38 -34.89
CA GLN D 93 -16.88 -29.96 -35.32
C GLN D 93 -15.60 -29.67 -36.12
N MET D 94 -15.76 -29.05 -37.28
CA MET D 94 -14.61 -28.64 -38.12
C MET D 94 -13.90 -27.44 -37.47
N ILE D 95 -12.67 -27.65 -37.02
CA ILE D 95 -11.88 -26.60 -36.35
C ILE D 95 -11.49 -25.52 -37.37
N CYS D 96 -11.14 -25.98 -38.57
N CYS D 96 -11.06 -25.98 -38.56
CA CYS D 96 -10.67 -25.18 -39.72
CA CYS D 96 -10.52 -25.20 -39.70
C CYS D 96 -10.58 -26.15 -40.90
C CYS D 96 -10.53 -26.15 -40.90
N GLY D 97 -10.90 -25.68 -42.08
CA GLY D 97 -10.84 -26.54 -43.27
C GLY D 97 -11.90 -26.23 -44.29
N GLN D 98 -11.95 -27.10 -45.31
CA GLN D 98 -12.72 -26.77 -46.51
C GLN D 98 -14.01 -27.57 -46.57
N ALA D 99 -14.29 -28.46 -45.61
CA ALA D 99 -15.53 -29.25 -45.60
C ALA D 99 -16.73 -28.34 -45.30
N THR D 100 -17.92 -28.81 -45.68
CA THR D 100 -19.20 -28.16 -45.34
C THR D 100 -20.07 -29.11 -44.50
N GLU D 101 -19.47 -30.13 -43.89
CA GLU D 101 -20.15 -31.08 -42.98
C GLU D 101 -19.15 -31.45 -41.88
N ASN D 102 -19.62 -31.48 -40.65
CA ASN D 102 -18.80 -32.02 -39.56
C ASN D 102 -18.55 -33.51 -39.79
N LEU D 103 -17.50 -34.03 -39.15
CA LEU D 103 -17.13 -35.44 -39.38
C LEU D 103 -18.28 -36.33 -38.91
N PRO D 104 -18.82 -37.25 -39.73
CA PRO D 104 -20.00 -38.03 -39.34
C PRO D 104 -19.75 -38.90 -38.10
N ARG D 105 -20.67 -38.81 -37.12
CA ARG D 105 -20.61 -39.58 -35.87
C ARG D 105 -21.18 -40.97 -36.11
N VAL D 106 -20.45 -41.99 -35.69
CA VAL D 106 -21.02 -43.35 -35.54
C VAL D 106 -21.72 -43.43 -34.18
N LEU D 107 -23.04 -43.66 -34.22
CA LEU D 107 -23.84 -43.81 -33.00
C LEU D 107 -23.54 -45.18 -32.40
N LEU D 108 -23.04 -45.15 -31.17
CA LEU D 108 -22.72 -46.36 -30.38
C LEU D 108 -23.81 -46.56 -29.33
N ARG D 109 -24.31 -47.79 -29.25
CA ARG D 109 -25.07 -48.25 -28.07
C ARG D 109 -24.06 -48.87 -27.08
N TYR D 110 -24.10 -48.41 -25.86
CA TYR D 110 -23.36 -49.02 -24.73
C TYR D 110 -24.35 -49.83 -23.89
N ASP D 111 -24.09 -51.13 -23.78
CA ASP D 111 -24.95 -52.10 -23.06
C ASP D 111 -24.25 -52.37 -21.74
N GLU D 112 -24.74 -51.80 -20.64
CA GLU D 112 -24.16 -51.98 -19.29
C GLU D 112 -24.21 -53.48 -18.90
N ALA D 113 -25.24 -54.24 -19.24
CA ALA D 113 -25.35 -55.67 -18.82
C ALA D 113 -24.19 -56.49 -19.42
N SER D 114 -23.71 -56.19 -20.63
CA SER D 114 -22.65 -57.00 -21.32
C SER D 114 -21.29 -56.27 -21.45
N ASP D 115 -21.29 -54.96 -21.24
CA ASP D 115 -20.17 -54.02 -21.50
C ASP D 115 -19.97 -53.78 -23.00
N ALA D 116 -20.90 -54.22 -23.86
CA ALA D 116 -20.73 -54.23 -25.33
C ALA D 116 -21.04 -52.86 -25.93
N LEU D 117 -20.18 -52.45 -26.85
CA LEU D 117 -20.34 -51.25 -27.71
C LEU D 117 -20.75 -51.77 -29.08
N THR D 118 -21.88 -51.29 -29.57
CA THR D 118 -22.43 -51.68 -30.88
C THR D 118 -22.66 -50.41 -31.72
N ALA D 119 -22.18 -50.39 -32.97
CA ALA D 119 -22.43 -49.26 -33.90
C ALA D 119 -23.83 -49.51 -34.44
N VAL D 120 -24.75 -48.58 -34.28
CA VAL D 120 -26.17 -48.80 -34.72
C VAL D 120 -26.65 -47.72 -35.69
N GLY D 121 -25.85 -46.70 -35.96
CA GLY D 121 -26.26 -45.71 -36.97
C GLY D 121 -25.17 -44.70 -37.23
N VAL D 122 -25.47 -43.73 -38.10
CA VAL D 122 -24.53 -42.65 -38.45
C VAL D 122 -25.28 -41.34 -38.48
N ASP D 123 -24.75 -40.36 -37.77
CA ASP D 123 -25.24 -38.97 -37.75
C ASP D 123 -24.38 -38.16 -38.72
N GLY D 124 -24.94 -37.86 -39.88
CA GLY D 124 -24.26 -37.14 -40.97
C GLY D 124 -24.06 -38.09 -42.14
N LEU D 125 -23.61 -37.58 -43.26
CA LEU D 125 -23.51 -38.38 -44.51
C LEU D 125 -22.04 -38.64 -44.77
N ILE D 126 -21.68 -39.91 -44.72
CA ILE D 126 -20.32 -40.38 -45.05
C ILE D 126 -19.97 -39.89 -46.47
N TYR D 127 -18.71 -39.45 -46.65
CA TYR D 127 -18.11 -39.08 -47.95
C TYR D 127 -18.43 -40.11 -49.03
N GLY D 128 -18.79 -39.61 -50.22
CA GLY D 128 -18.71 -40.38 -51.49
C GLY D 128 -19.74 -41.48 -51.56
N ARG D 129 -20.89 -41.19 -50.96
CA ARG D 129 -22.09 -42.06 -50.93
C ARG D 129 -23.35 -41.22 -51.16
N GLN D 130 -24.32 -41.82 -51.82
CA GLN D 130 -25.68 -41.24 -52.02
C GLN D 130 -26.44 -41.40 -50.70
N ALA D 131 -26.20 -42.49 -49.98
CA ALA D 131 -26.85 -42.82 -48.67
C ALA D 131 -25.81 -43.56 -47.82
N ASN D 132 -25.83 -43.34 -46.51
CA ASN D 132 -24.91 -44.08 -45.64
C ASN D 132 -24.96 -45.57 -45.90
N VAL D 133 -26.11 -46.13 -46.21
CA VAL D 133 -26.26 -47.58 -46.47
C VAL D 133 -26.36 -47.73 -47.97
N ILE D 134 -25.42 -48.47 -48.55
CA ILE D 134 -25.33 -48.66 -50.00
C ILE D 134 -26.14 -49.92 -50.30
N ASN E 2 0.09 40.00 35.93
CA ASN E 2 -0.29 41.38 36.10
C ASN E 2 0.79 41.88 37.10
N ASP E 3 0.74 43.14 37.37
CA ASP E 3 1.79 43.87 38.09
C ASP E 3 1.17 44.40 39.37
N ARG E 4 0.10 43.75 39.84
CA ARG E 4 -0.52 44.12 41.14
C ARG E 4 -1.44 43.05 41.67
N ILE E 5 -1.77 43.18 42.94
CA ILE E 5 -2.70 42.25 43.64
C ILE E 5 -3.69 43.08 44.44
N THR E 6 -4.84 42.51 44.65
CA THR E 6 -5.94 43.08 45.45
C THR E 6 -5.71 42.56 46.87
N LEU E 7 -5.50 43.44 47.84
CA LEU E 7 -5.30 43.09 49.26
C LEU E 7 -6.64 42.72 49.88
N PRO E 8 -6.64 41.74 50.80
CA PRO E 8 -7.80 41.43 51.62
C PRO E 8 -8.11 42.61 52.53
N PRO E 9 -9.38 43.04 52.58
CA PRO E 9 -9.78 44.05 53.55
C PRO E 9 -9.47 43.63 54.98
N ALA E 10 -9.36 44.62 55.86
CA ALA E 10 -9.08 44.32 57.27
C ALA E 10 -10.09 43.30 57.80
N ASN E 11 -11.36 43.41 57.40
CA ASN E 11 -12.43 42.58 57.99
C ASN E 11 -12.76 41.39 57.09
N ALA E 12 -11.91 41.03 56.13
CA ALA E 12 -12.14 39.85 55.28
C ALA E 12 -12.32 38.58 56.14
N GLN E 13 -13.16 37.68 55.66
CA GLN E 13 -13.38 36.34 56.20
C GLN E 13 -12.06 35.61 56.08
N ARG E 14 -11.67 34.86 57.11
CA ARG E 14 -10.42 34.05 57.10
C ARG E 14 -10.73 32.67 57.68
N THR E 15 -10.41 31.64 56.91
CA THR E 15 -10.61 30.23 57.31
C THR E 15 -9.27 29.53 57.26
N ASN E 16 -9.18 28.40 57.92
CA ASN E 16 -7.97 27.55 57.94
C ASN E 16 -8.01 26.52 56.81
N MET E 17 -6.87 26.26 56.21
CA MET E 17 -6.70 25.26 55.14
C MET E 17 -5.33 24.63 55.31
N THR E 18 -5.32 23.31 55.48
CA THR E 18 -4.09 22.52 55.32
C THR E 18 -3.79 22.45 53.82
N CYS E 19 -2.53 22.54 53.48
CA CYS E 19 -2.13 22.25 52.08
C CYS E 19 -2.87 21.01 51.59
N HIS E 20 -3.33 21.06 50.35
CA HIS E 20 -3.98 19.91 49.70
C HIS E 20 -3.02 18.73 49.52
N PHE E 21 -1.70 18.98 49.45
CA PHE E 21 -0.77 18.09 48.70
C PHE E 21 0.12 17.24 49.63
N CYS E 22 1.40 17.56 49.80
CA CYS E 22 2.29 16.54 50.41
C CYS E 22 2.06 16.37 51.92
N ILE E 23 2.60 15.24 52.40
CA ILE E 23 2.62 14.81 53.82
C ILE E 23 2.87 15.95 54.84
N VAL E 24 3.68 16.92 54.52
CA VAL E 24 4.12 17.90 55.57
C VAL E 24 2.87 18.59 56.13
N GLY E 25 1.88 18.87 55.29
CA GLY E 25 0.62 19.45 55.83
C GLY E 25 0.82 20.87 56.35
N CYS E 26 1.53 21.70 55.58
CA CYS E 26 1.70 23.13 55.88
C CYS E 26 0.33 23.83 56.12
N GLY E 27 0.31 24.72 57.10
CA GLY E 27 -0.89 25.50 57.44
C GLY E 27 -1.01 26.70 56.55
N TYR E 28 -2.21 26.95 56.08
CA TYR E 28 -2.58 28.15 55.29
C TYR E 28 -3.85 28.79 55.86
N HIS E 29 -4.05 30.03 55.45
CA HIS E 29 -5.23 30.89 55.65
C HIS E 29 -5.82 31.19 54.28
N VAL E 30 -7.15 31.12 54.22
CA VAL E 30 -7.94 31.47 53.04
C VAL E 30 -8.66 32.73 53.40
N TYR E 31 -8.28 33.85 52.79
CA TYR E 31 -9.03 35.12 52.85
C TYR E 31 -10.06 35.12 51.71
N LYS E 32 -11.31 35.47 52.03
CA LYS E 32 -12.42 35.49 51.03
C LYS E 32 -13.18 36.80 51.21
N TRP E 33 -13.38 37.54 50.15
CA TRP E 33 -14.09 38.82 50.29
C TRP E 33 -14.72 39.20 48.97
N PRO E 34 -15.76 40.07 48.98
CA PRO E 34 -16.41 40.45 47.72
C PRO E 34 -15.38 40.98 46.72
N GLU E 35 -15.57 40.53 45.49
CA GLU E 35 -14.71 40.91 44.37
C GLU E 35 -14.42 42.42 44.37
N LEU E 36 -15.41 43.28 44.54
CA LEU E 36 -15.28 44.73 44.25
C LEU E 36 -14.78 45.49 45.49
N GLN E 37 -14.32 44.78 46.53
CA GLN E 37 -13.72 45.37 47.76
C GLN E 37 -12.23 45.05 47.79
N GLU E 38 -11.50 45.88 48.53
CA GLU E 38 -10.08 45.63 48.76
C GLU E 38 -9.66 46.34 50.03
N GLY E 39 -8.57 45.82 50.59
CA GLY E 39 -7.87 46.44 51.72
C GLY E 39 -7.01 47.60 51.29
N GLY E 40 -6.60 48.41 52.25
CA GLY E 40 -5.65 49.49 52.02
C GLY E 40 -4.22 48.98 52.30
N ARG E 41 -3.26 49.74 51.86
CA ARG E 41 -1.83 49.38 51.99
C ARG E 41 -1.37 49.51 53.45
N ALA E 42 -1.97 50.39 54.24
CA ALA E 42 -1.57 50.55 55.65
C ALA E 42 -1.82 49.22 56.36
N PRO E 43 -0.90 48.79 57.25
CA PRO E 43 -0.94 47.45 57.83
C PRO E 43 -2.27 47.18 58.58
N GLU E 44 -2.83 48.20 59.24
CA GLU E 44 -4.10 48.01 59.96
C GLU E 44 -5.29 48.05 59.00
N GLN E 45 -5.09 48.25 57.69
CA GLN E 45 -6.23 48.42 56.74
C GLN E 45 -6.27 47.26 55.77
N ASN E 46 -5.46 46.23 55.99
CA ASN E 46 -5.61 44.97 55.25
C ASN E 46 -5.48 43.80 56.20
N ALA E 47 -6.02 42.65 55.81
CA ALA E 47 -6.08 41.45 56.67
C ALA E 47 -4.69 40.88 56.94
N LEU E 48 -3.68 41.16 56.10
CA LEU E 48 -2.37 40.51 56.32
C LEU E 48 -1.65 41.20 57.46
N GLY E 49 -2.08 42.39 57.83
CA GLY E 49 -1.37 43.24 58.79
C GLY E 49 0.04 43.62 58.32
N LEU E 50 0.27 43.71 57.02
CA LEU E 50 1.59 44.08 56.44
C LEU E 50 1.54 45.48 55.86
N ASP E 51 2.66 46.19 55.92
CA ASP E 51 2.75 47.60 55.46
C ASP E 51 3.14 47.64 53.98
N PHE E 52 2.19 47.87 53.08
CA PHE E 52 2.44 47.87 51.62
C PHE E 52 2.71 49.29 51.17
N ARG E 53 2.91 50.25 52.09
CA ARG E 53 3.15 51.67 51.72
C ARG E 53 4.61 51.84 51.34
N LYS E 54 5.43 50.84 51.67
CA LYS E 54 6.87 50.77 51.28
C LYS E 54 7.25 49.32 51.07
N GLN E 55 8.38 49.13 50.38
CA GLN E 55 8.93 47.79 50.09
C GLN E 55 8.92 46.94 51.36
N LEU E 56 8.41 45.72 51.25
CA LEU E 56 8.50 44.80 52.40
C LEU E 56 9.91 44.24 52.43
N PRO E 57 10.45 43.99 53.63
CA PRO E 57 11.75 43.32 53.73
C PRO E 57 11.69 41.84 53.36
N PRO E 58 12.86 41.20 53.10
CA PRO E 58 12.88 39.76 52.88
C PRO E 58 12.23 38.98 54.01
N LEU E 59 11.50 37.91 53.61
CA LEU E 59 10.87 36.85 54.46
C LEU E 59 9.63 37.40 55.17
N ALA E 60 9.15 38.59 54.84
CA ALA E 60 7.97 39.20 55.48
C ALA E 60 6.69 38.55 54.99
N VAL E 61 6.69 37.99 53.79
CA VAL E 61 5.44 37.45 53.20
C VAL E 61 5.77 36.46 52.07
N THR E 62 4.79 35.64 51.76
CA THR E 62 4.81 34.83 50.54
C THR E 62 3.51 35.23 49.82
N LEU E 63 3.63 36.02 48.76
CA LEU E 63 2.45 36.54 48.05
C LEU E 63 2.79 36.80 46.59
N THR E 64 2.09 36.10 45.70
CA THR E 64 2.23 36.25 44.24
C THR E 64 0.85 36.22 43.64
N PRO E 65 0.67 36.61 42.36
CA PRO E 65 -0.64 36.51 41.74
C PRO E 65 -1.20 35.08 41.71
N ALA E 66 -0.33 34.07 41.65
CA ALA E 66 -0.75 32.62 41.65
C ALA E 66 -1.45 32.26 42.96
N MET E 67 -1.20 33.00 44.04
CA MET E 67 -1.79 32.79 45.38
C MET E 67 -3.14 33.51 45.52
N THR E 68 -3.70 34.02 44.42
CA THR E 68 -4.97 34.76 44.44
C THR E 68 -5.90 34.22 43.37
N ASN E 69 -7.18 34.42 43.58
CA ASN E 69 -8.14 34.07 42.52
C ASN E 69 -9.43 34.79 42.81
N VAL E 70 -10.38 34.58 41.89
CA VAL E 70 -11.76 35.12 42.02
C VAL E 70 -12.68 33.96 41.66
N VAL E 71 -13.40 33.49 42.67
CA VAL E 71 -14.33 32.35 42.55
C VAL E 71 -15.73 32.91 42.33
N THR E 72 -16.54 32.13 41.65
CA THR E 72 -17.97 32.41 41.40
C THR E 72 -18.75 31.30 42.11
N GLU E 73 -19.54 31.67 43.12
CA GLU E 73 -20.38 30.74 43.90
C GLU E 73 -21.66 30.37 43.11
N HIS E 74 -22.40 29.37 43.60
CA HIS E 74 -23.63 28.86 42.95
C HIS E 74 -24.66 29.97 42.86
N ASN E 75 -24.58 30.95 43.77
CA ASN E 75 -25.48 32.12 43.72
C ASN E 75 -25.07 33.17 42.66
N GLY E 76 -23.98 32.98 41.93
CA GLY E 76 -23.46 33.92 40.92
C GLY E 76 -22.57 35.02 41.47
N ARG E 77 -22.41 35.13 42.78
CA ARG E 77 -21.60 36.23 43.36
C ARG E 77 -20.12 35.85 43.20
N ARG E 78 -19.29 36.86 42.93
CA ARG E 78 -17.84 36.73 42.76
C ARG E 78 -17.11 37.21 44.01
N TYR E 79 -16.13 36.45 44.42
CA TYR E 79 -15.35 36.72 45.66
C TYR E 79 -13.86 36.55 45.35
N ASN E 80 -13.09 37.52 45.77
CA ASN E 80 -11.62 37.39 45.84
C ASN E 80 -11.30 36.30 46.85
N ILE E 81 -10.27 35.51 46.55
CA ILE E 81 -9.67 34.56 47.51
C ILE E 81 -8.17 34.76 47.45
N MET E 82 -7.53 34.59 48.61
CA MET E 82 -6.09 34.70 48.73
C MET E 82 -5.72 33.55 49.66
N VAL E 83 -4.85 32.67 49.22
CA VAL E 83 -4.51 31.45 50.01
C VAL E 83 -3.02 31.52 50.33
N VAL E 84 -2.68 31.87 51.57
CA VAL E 84 -1.29 32.21 51.96
C VAL E 84 -0.87 31.42 53.20
N PRO E 85 0.43 31.12 53.37
CA PRO E 85 0.88 30.28 54.48
C PRO E 85 0.75 31.02 55.82
N ASP E 86 0.41 30.27 56.84
CA ASP E 86 0.19 30.77 58.22
C ASP E 86 1.56 30.87 58.89
N LYS E 87 2.00 32.10 59.21
CA LYS E 87 3.27 32.38 59.92
C LYS E 87 3.30 31.65 61.28
N ALA E 88 2.14 31.50 61.93
CA ALA E 88 2.08 30.97 63.31
C ALA E 88 1.90 29.45 63.30
N CYS E 89 1.79 28.77 62.16
CA CYS E 89 1.65 27.30 62.18
C CYS E 89 3.03 26.69 62.49
N VAL E 90 3.11 25.81 63.45
CA VAL E 90 4.40 25.19 63.89
C VAL E 90 5.01 24.36 62.77
N VAL E 91 4.19 23.81 61.90
CA VAL E 91 4.71 22.86 60.89
C VAL E 91 5.63 23.61 59.92
N ASN E 92 5.15 24.70 59.35
CA ASN E 92 5.82 25.44 58.26
C ASN E 92 6.30 26.84 58.65
N SER E 93 5.85 27.42 59.77
CA SER E 93 6.32 28.76 60.20
C SER E 93 6.21 29.78 59.06
N GLY E 94 5.16 29.72 58.24
CA GLY E 94 4.93 30.71 57.19
C GLY E 94 5.51 30.27 55.84
N LEU E 95 6.15 29.10 55.77
CA LEU E 95 6.66 28.64 54.46
C LEU E 95 5.54 28.04 53.61
N SER E 96 5.75 28.11 52.30
CA SER E 96 4.88 27.55 51.26
C SER E 96 5.80 26.91 50.23
N SER E 97 5.56 25.67 49.85
CA SER E 97 6.29 25.10 48.70
C SER E 97 5.70 25.65 47.39
N THR E 98 6.38 25.37 46.28
CA THR E 98 5.82 25.80 44.96
C THR E 98 4.49 25.07 44.71
N ARG E 99 4.26 23.90 45.31
CA ARG E 99 3.03 23.11 45.03
C ARG E 99 1.86 23.68 45.83
N GLY E 100 2.04 23.93 47.13
CA GLY E 100 0.97 24.49 47.98
C GLY E 100 0.70 25.96 47.64
N GLY E 101 1.73 26.67 47.21
CA GLY E 101 1.62 28.06 46.79
C GLY E 101 0.61 28.26 45.67
N LYS E 102 0.39 27.25 44.83
CA LYS E 102 -0.55 27.33 43.70
C LYS E 102 -2.01 27.05 44.10
N MET E 103 -2.29 26.77 45.36
CA MET E 103 -3.65 26.32 45.75
C MET E 103 -4.71 27.33 45.25
N ALA E 104 -4.52 28.64 45.43
CA ALA E 104 -5.54 29.60 44.99
C ALA E 104 -5.84 29.37 43.48
N SER E 105 -4.79 29.17 42.68
CA SER E 105 -4.87 28.98 41.22
C SER E 105 -5.67 27.73 40.91
N TYR E 106 -5.54 26.67 41.72
CA TYR E 106 -6.10 25.34 41.46
C TYR E 106 -7.47 25.17 42.19
N MET E 107 -7.95 26.22 42.84
CA MET E 107 -9.40 26.27 43.23
C MET E 107 -10.24 26.44 41.95
N TYR E 108 -11.42 25.87 41.99
CA TYR E 108 -12.30 25.83 40.81
C TYR E 108 -12.74 27.28 40.51
N THR E 109 -12.52 27.68 39.25
CA THR E 109 -13.18 28.85 38.63
C THR E 109 -13.61 28.44 37.23
N PRO E 110 -14.70 29.01 36.70
CA PRO E 110 -15.10 28.66 35.34
C PRO E 110 -14.10 29.07 34.25
N THR E 111 -13.13 29.94 34.54
CA THR E 111 -12.23 30.56 33.52
C THR E 111 -10.75 30.25 33.77
N GLY E 112 -10.42 29.70 34.94
CA GLY E 112 -9.02 29.46 35.31
C GLY E 112 -8.54 28.04 35.11
N ASP E 113 -7.48 27.70 35.83
CA ASP E 113 -6.82 26.39 35.70
C ASP E 113 -7.79 25.23 36.01
N GLY E 114 -8.85 25.49 36.76
CA GLY E 114 -9.86 24.50 37.13
C GLY E 114 -11.04 24.44 36.14
N LYS E 115 -10.96 25.13 35.00
CA LYS E 115 -12.11 25.25 34.05
C LYS E 115 -12.61 23.84 33.70
N GLN E 116 -11.73 22.85 33.51
CA GLN E 116 -12.13 21.48 33.05
C GLN E 116 -12.52 20.53 34.20
N ARG E 117 -12.67 20.98 35.44
CA ARG E 117 -13.31 20.19 36.51
C ARG E 117 -14.62 19.55 36.02
N LEU E 118 -14.78 18.29 36.37
CA LEU E 118 -16.06 17.57 36.22
C LEU E 118 -17.09 18.31 37.08
N LYS E 119 -18.23 18.60 36.49
CA LYS E 119 -19.30 19.42 37.12
C LYS E 119 -20.59 18.61 37.15
N ALA E 120 -20.63 17.53 36.42
CA ALA E 120 -21.81 16.71 36.23
C ALA E 120 -21.37 15.29 35.97
N PRO E 121 -22.23 14.27 36.18
CA PRO E 121 -21.89 12.93 35.70
C PRO E 121 -21.77 12.96 34.16
N ARG E 122 -20.84 12.11 33.70
CA ARG E 122 -20.42 11.97 32.29
C ARG E 122 -20.63 10.51 31.92
N LEU E 123 -21.23 10.29 30.75
CA LEU E 123 -21.56 8.97 30.26
C LEU E 123 -21.01 8.79 28.83
N TYR E 124 -20.27 7.71 28.56
CA TYR E 124 -19.85 7.34 27.19
C TYR E 124 -20.95 6.43 26.65
N ALA E 125 -21.87 7.03 25.88
CA ALA E 125 -23.05 6.35 25.31
C ALA E 125 -22.59 5.66 24.02
N ALA E 126 -21.76 4.60 24.16
CA ALA E 126 -21.22 3.68 23.11
C ALA E 126 -20.14 4.34 22.25
N ASP E 127 -20.43 5.58 21.78
CA ASP E 127 -19.60 6.22 20.73
C ASP E 127 -19.48 7.73 20.99
N GLN E 128 -19.86 8.25 22.18
CA GLN E 128 -19.75 9.70 22.46
C GLN E 128 -19.93 9.93 23.97
N TRP E 129 -19.17 10.88 24.45
CA TRP E 129 -19.33 11.50 25.80
C TRP E 129 -20.54 12.43 25.81
N VAL E 130 -21.43 12.21 26.78
CA VAL E 130 -22.57 13.13 27.06
C VAL E 130 -22.68 13.33 28.58
N ASP E 131 -23.30 14.42 28.96
CA ASP E 131 -23.72 14.56 30.37
C ASP E 131 -24.84 13.54 30.65
N THR E 132 -24.98 13.12 31.90
CA THR E 132 -26.18 12.39 32.36
C THR E 132 -26.55 12.92 33.75
N THR E 133 -27.72 12.51 34.25
CA THR E 133 -28.20 12.91 35.59
C THR E 133 -27.53 12.04 36.65
N TRP E 134 -27.44 12.53 37.87
CA TRP E 134 -27.02 11.71 39.02
C TRP E 134 -27.90 10.47 39.22
N ASP E 135 -29.21 10.60 39.08
CA ASP E 135 -30.18 9.53 39.35
C ASP E 135 -29.93 8.45 38.28
N HIS E 136 -29.65 8.86 37.04
CA HIS E 136 -29.44 7.85 35.99
C HIS E 136 -28.07 7.19 36.15
N ALA E 137 -27.02 7.97 36.41
CA ALA E 137 -25.67 7.46 36.75
C ALA E 137 -25.79 6.40 37.86
N MET E 138 -26.50 6.69 38.96
CA MET E 138 -26.63 5.75 40.07
C MET E 138 -27.43 4.51 39.66
N ALA E 139 -28.50 4.69 38.88
CA ALA E 139 -29.37 3.59 38.39
C ALA E 139 -28.49 2.61 37.61
N LEU E 140 -27.53 3.12 36.84
CA LEU E 140 -26.66 2.28 35.99
C LEU E 140 -25.54 1.62 36.81
N TYR E 141 -24.86 2.40 37.64
CA TYR E 141 -23.70 1.96 38.47
C TYR E 141 -24.20 0.96 39.51
N ALA E 142 -25.15 1.35 40.37
CA ALA E 142 -25.71 0.47 41.41
C ALA E 142 -26.42 -0.67 40.70
N GLY E 143 -27.15 -0.41 39.61
CA GLY E 143 -27.73 -1.47 38.78
C GLY E 143 -26.73 -2.58 38.48
N LEU E 144 -25.58 -2.20 37.96
CA LEU E 144 -24.56 -3.18 37.54
C LEU E 144 -23.94 -3.88 38.76
N ILE E 145 -23.77 -3.16 39.87
CA ILE E 145 -23.14 -3.73 41.08
C ILE E 145 -24.13 -4.76 41.63
N LYS E 146 -25.41 -4.39 41.69
CA LYS E 146 -26.47 -5.32 42.19
C LYS E 146 -26.52 -6.58 41.32
N LYS E 147 -26.56 -6.41 40.00
CA LYS E 147 -26.62 -7.59 39.11
C LYS E 147 -25.37 -8.47 39.33
N THR E 148 -24.21 -7.86 39.52
CA THR E 148 -22.97 -8.62 39.77
C THR E 148 -23.07 -9.29 41.16
N LEU E 149 -23.47 -8.54 42.17
CA LEU E 149 -23.63 -9.19 43.49
C LEU E 149 -24.63 -10.33 43.39
N ASP E 150 -25.70 -10.21 42.60
CA ASP E 150 -26.78 -11.23 42.61
C ASP E 150 -26.30 -12.51 41.92
N LYS E 151 -25.41 -12.38 40.95
CA LYS E 151 -25.09 -13.47 40.00
C LYS E 151 -23.68 -14.01 40.26
N ASP E 152 -22.69 -13.15 40.51
CA ASP E 152 -21.27 -13.56 40.73
C ASP E 152 -20.81 -13.38 42.18
N GLY E 153 -21.51 -12.59 42.96
CA GLY E 153 -21.06 -12.19 44.31
C GLY E 153 -20.09 -10.99 44.27
N PRO E 154 -19.57 -10.57 45.46
CA PRO E 154 -18.68 -9.40 45.53
C PRO E 154 -17.39 -9.51 44.69
N GLN E 155 -16.89 -10.71 44.43
CA GLN E 155 -15.64 -10.95 43.66
C GLN E 155 -15.71 -10.39 42.21
N GLY E 156 -16.90 -10.03 41.72
CA GLY E 156 -17.08 -9.42 40.41
C GLY E 156 -16.98 -7.90 40.44
N VAL E 157 -16.88 -7.28 41.64
CA VAL E 157 -16.92 -5.80 41.80
C VAL E 157 -15.55 -5.33 42.27
N PHE E 158 -14.85 -4.57 41.42
CA PHE E 158 -13.42 -4.18 41.59
C PHE E 158 -13.31 -2.69 41.87
N PHE E 159 -12.35 -2.33 42.73
CA PHE E 159 -12.02 -0.91 42.99
C PHE E 159 -10.52 -0.71 43.01
N SER E 160 -10.04 0.43 42.52
CA SER E 160 -8.74 1.00 42.96
C SER E 160 -9.07 2.31 43.64
N CYS E 161 -8.74 2.44 44.92
CA CYS E 161 -9.26 3.59 45.69
C CYS E 161 -8.11 4.20 46.47
N PHE E 162 -8.06 5.52 46.53
CA PHE E 162 -7.18 6.21 47.51
C PHE E 162 -7.34 5.53 48.87
N ASP E 163 -6.25 5.52 49.67
CA ASP E 163 -6.35 5.24 51.12
C ASP E 163 -5.68 6.38 51.92
N HIS E 164 -5.38 7.51 51.28
CA HIS E 164 -4.48 8.55 51.81
C HIS E 164 -5.28 9.66 52.47
N GLY E 165 -4.59 10.70 52.93
CA GLY E 165 -5.13 11.96 53.48
C GLY E 165 -5.07 13.10 52.47
N GLY E 166 -5.33 14.29 52.97
CA GLY E 166 -5.36 15.52 52.18
C GLY E 166 -6.41 15.44 51.09
N ALA E 167 -6.26 16.25 50.07
CA ALA E 167 -7.21 16.37 48.98
C ALA E 167 -7.34 15.01 48.28
N GLY E 168 -8.57 14.54 48.06
CA GLY E 168 -8.77 13.20 47.50
C GLY E 168 -8.49 12.10 48.48
N GLY E 169 -8.58 12.44 49.78
CA GLY E 169 -8.55 11.47 50.87
C GLY E 169 -9.08 12.07 52.15
N GLY E 170 -8.54 11.61 53.26
CA GLY E 170 -8.86 12.13 54.60
C GLY E 170 -9.85 11.24 55.35
N PHE E 171 -10.07 11.55 56.62
CA PHE E 171 -10.76 10.63 57.56
C PHE E 171 -12.22 10.45 57.13
N GLU E 172 -12.86 11.48 56.57
CA GLU E 172 -14.27 11.41 56.09
C GLU E 172 -14.33 10.44 54.90
N ASN E 173 -13.40 10.63 53.97
CA ASN E 173 -13.44 10.01 52.61
C ASN E 173 -12.98 8.55 52.66
N THR E 174 -11.91 8.25 53.39
CA THR E 174 -11.46 6.84 53.59
C THR E 174 -12.53 6.04 54.32
N TRP E 175 -13.24 6.64 55.27
CA TRP E 175 -14.34 5.95 55.98
C TRP E 175 -15.52 5.70 55.01
N GLY E 176 -15.97 6.71 54.24
CA GLY E 176 -17.15 6.49 53.39
C GLY E 176 -16.90 5.43 52.30
N THR E 177 -15.76 5.53 51.62
CA THR E 177 -15.30 4.50 50.65
C THR E 177 -15.06 3.14 51.31
N GLY E 178 -14.38 3.07 52.45
CA GLY E 178 -14.11 1.77 53.11
C GLY E 178 -15.39 1.12 53.60
N LYS E 179 -16.33 1.90 54.14
CA LYS E 179 -17.65 1.37 54.57
C LYS E 179 -18.41 0.83 53.36
N LEU E 180 -18.38 1.55 52.26
CA LEU E 180 -19.12 1.11 51.04
C LEU E 180 -18.48 -0.17 50.51
N MET E 181 -17.16 -0.16 50.35
CA MET E 181 -16.47 -1.30 49.67
C MET E 181 -16.51 -2.53 50.57
N PHE E 182 -16.23 -2.34 51.87
CA PHE E 182 -15.90 -3.47 52.78
C PHE E 182 -17.12 -3.91 53.61
N SER E 183 -17.92 -2.99 54.11
CA SER E 183 -19.04 -3.33 55.02
C SER E 183 -20.32 -3.59 54.20
N ALA E 184 -20.54 -2.83 53.14
CA ALA E 184 -21.78 -2.89 52.32
C ALA E 184 -21.63 -3.85 51.14
N ILE E 185 -20.81 -3.51 50.15
CA ILE E 185 -20.60 -4.37 48.97
C ILE E 185 -19.90 -5.64 49.43
N GLN E 186 -18.96 -5.50 50.37
CA GLN E 186 -18.14 -6.57 50.98
C GLN E 186 -17.22 -7.23 49.91
N THR E 187 -16.65 -6.43 49.01
CA THR E 187 -15.71 -6.94 47.98
C THR E 187 -14.28 -6.92 48.50
N PRO E 188 -13.53 -8.03 48.31
CA PRO E 188 -12.11 -8.06 48.59
C PRO E 188 -11.29 -7.56 47.39
N MET E 189 -11.96 -7.20 46.27
CA MET E 189 -11.25 -6.99 44.97
C MET E 189 -10.91 -5.51 44.90
N VAL E 190 -10.08 -5.09 45.86
CA VAL E 190 -9.74 -3.66 46.08
C VAL E 190 -8.23 -3.53 46.13
N ARG E 191 -7.74 -2.57 45.38
CA ARG E 191 -6.36 -2.14 45.52
C ARG E 191 -6.40 -0.68 45.96
N ILE E 192 -5.20 -0.17 46.14
CA ILE E 192 -4.95 1.15 46.76
C ILE E 192 -4.36 2.03 45.67
N HIS E 193 -4.46 3.33 45.81
CA HIS E 193 -4.11 4.24 44.68
C HIS E 193 -2.70 3.94 44.18
N ASN E 194 -1.80 3.55 45.07
CA ASN E 194 -0.33 3.53 44.75
C ASN E 194 0.26 2.09 44.77
N ARG E 195 -0.55 1.07 44.99
CA ARG E 195 -0.06 -0.33 45.15
C ARG E 195 -1.18 -1.27 44.79
N PRO E 196 -0.89 -2.32 44.00
CA PRO E 196 -1.93 -3.08 43.32
C PRO E 196 -2.56 -4.24 44.13
N ALA E 197 -2.65 -4.10 45.47
CA ALA E 197 -3.35 -5.07 46.32
C ALA E 197 -3.74 -4.32 47.61
N TYR E 198 -4.45 -4.98 48.53
CA TYR E 198 -4.91 -4.29 49.77
C TYR E 198 -3.87 -4.55 50.83
N ASN E 199 -2.87 -3.69 50.89
CA ASN E 199 -1.65 -4.00 51.68
C ASN E 199 -1.10 -2.71 52.28
N SER E 200 0.03 -2.83 52.99
CA SER E 200 0.73 -1.73 53.70
C SER E 200 2.10 -1.55 53.07
N GLU E 201 2.55 -0.29 53.00
CA GLU E 201 3.93 0.09 52.67
C GLU E 201 4.88 -0.40 53.78
N CYS E 202 4.37 -0.68 54.98
CA CYS E 202 5.21 -0.82 56.21
C CYS E 202 4.89 -2.12 56.98
N HIS E 203 4.68 -3.22 56.29
CA HIS E 203 4.41 -4.52 56.97
C HIS E 203 5.50 -4.83 57.98
N ALA E 204 6.79 -4.78 57.59
CA ALA E 204 7.90 -5.26 58.41
C ALA E 204 8.00 -4.34 59.65
N THR E 205 8.11 -3.03 59.47
CA THR E 205 8.30 -2.11 60.64
C THR E 205 7.11 -2.30 61.62
N ARG E 206 5.87 -2.33 61.12
CA ARG E 206 4.67 -2.57 61.98
C ARG E 206 4.73 -3.92 62.71
N GLU E 207 5.05 -5.01 62.01
CA GLU E 207 5.18 -6.37 62.60
C GLU E 207 6.30 -6.38 63.66
N MET E 208 7.31 -5.52 63.49
CA MET E 208 8.46 -5.44 64.43
C MET E 208 8.03 -4.61 65.67
N GLY E 209 6.91 -3.91 65.59
CA GLY E 209 6.32 -3.16 66.71
C GLY E 209 6.43 -1.64 66.57
N ILE E 210 6.91 -1.16 65.44
CA ILE E 210 7.23 0.28 65.22
C ILE E 210 6.33 0.79 64.08
N GLY E 211 5.18 1.35 64.42
CA GLY E 211 4.42 2.21 63.51
C GLY E 211 5.33 3.26 62.86
N GLU E 212 5.11 3.49 61.57
CA GLU E 212 6.08 4.21 60.70
C GLU E 212 6.08 5.72 60.95
N LEU E 213 5.07 6.29 61.63
CA LEU E 213 5.09 7.73 61.97
C LEU E 213 5.18 7.88 63.48
N ASN E 214 6.38 7.71 64.01
CA ASN E 214 6.61 7.50 65.45
C ASN E 214 7.26 8.71 66.09
N ASN E 215 7.41 9.86 65.46
CA ASN E 215 8.14 10.97 66.13
C ASN E 215 7.47 12.28 65.79
N ALA E 216 8.11 13.37 66.17
CA ALA E 216 7.64 14.73 65.83
C ALA E 216 8.62 15.35 64.84
N TYR E 217 8.17 16.35 64.11
CA TYR E 217 9.06 17.17 63.26
C TYR E 217 10.13 17.83 64.15
N GLU E 218 9.76 18.17 65.39
CA GLU E 218 10.74 18.75 66.32
C GLU E 218 11.95 17.79 66.47
N ASP E 219 11.76 16.49 66.37
CA ASP E 219 12.87 15.53 66.57
C ASP E 219 13.94 15.79 65.51
N ALA E 220 13.54 16.26 64.33
CA ALA E 220 14.55 16.54 63.29
C ALA E 220 15.39 17.76 63.72
N GLN E 221 14.84 18.61 64.59
CA GLN E 221 15.59 19.76 65.17
C GLN E 221 16.58 19.30 66.24
N LEU E 222 16.30 18.17 66.92
CA LEU E 222 17.08 17.76 68.12
C LEU E 222 18.11 16.71 67.73
N ALA E 223 18.03 16.18 66.51
CA ALA E 223 18.97 15.12 66.11
C ALA E 223 20.41 15.65 66.06
N ASP E 224 21.34 14.74 66.33
CA ASP E 224 22.77 14.88 65.93
C ASP E 224 22.97 14.53 64.45
N VAL E 225 22.28 13.52 63.97
CA VAL E 225 22.49 12.98 62.62
C VAL E 225 21.13 12.64 62.05
N ILE E 226 20.91 13.06 60.82
CA ILE E 226 19.68 12.66 60.09
C ILE E 226 20.12 11.76 58.97
N TRP E 227 19.49 10.59 58.87
CA TRP E 227 19.58 9.75 57.64
C TRP E 227 18.34 10.04 56.81
N SER E 228 18.56 10.21 55.51
CA SER E 228 17.53 10.35 54.47
C SER E 228 17.73 9.18 53.51
N ILE E 229 16.89 8.15 53.60
CA ILE E 229 17.08 6.84 52.96
C ILE E 229 16.03 6.68 51.85
N GLY E 230 16.45 6.66 50.58
CA GLY E 230 15.48 6.48 49.47
C GLY E 230 14.51 7.65 49.42
N ASN E 231 15.04 8.86 49.53
CA ASN E 231 14.29 10.10 49.87
C ASN E 231 14.98 11.31 49.26
N ASN E 232 14.20 12.22 48.76
CA ASN E 232 14.69 13.48 48.13
C ASN E 232 13.90 14.64 48.73
N PRO E 233 14.09 14.88 50.05
CA PRO E 233 13.10 15.65 50.83
C PRO E 233 12.98 17.14 50.49
N TYR E 234 14.03 17.76 49.97
CA TYR E 234 13.89 19.13 49.48
C TYR E 234 12.78 19.18 48.44
N GLU E 235 12.77 18.22 47.52
CA GLU E 235 11.73 18.22 46.46
C GLU E 235 10.39 17.59 46.95
N SER E 236 10.42 16.56 47.79
CA SER E 236 9.20 15.75 48.12
C SER E 236 8.59 16.05 49.51
N GLN E 237 9.33 16.65 50.46
CA GLN E 237 8.77 17.06 51.79
C GLN E 237 9.35 18.41 52.17
N THR E 238 9.20 19.35 51.26
CA THR E 238 9.97 20.59 51.17
C THR E 238 10.06 21.26 52.54
N ASN E 239 8.94 21.55 53.13
CA ASN E 239 8.93 22.47 54.30
C ASN E 239 9.24 21.71 55.58
N TYR E 240 9.25 20.38 55.56
CA TYR E 240 9.82 19.64 56.70
C TYR E 240 11.31 19.86 56.63
N PHE E 241 11.87 19.61 55.46
CA PHE E 241 13.32 19.80 55.25
C PHE E 241 13.72 21.26 55.57
N LEU E 242 12.99 22.28 55.06
CA LEU E 242 13.41 23.71 55.15
C LEU E 242 13.21 24.26 56.57
N ASN E 243 12.10 23.91 57.22
CA ASN E 243 11.70 24.52 58.51
C ASN E 243 12.23 23.71 59.71
N HIS E 244 12.69 22.46 59.55
CA HIS E 244 13.16 21.63 60.69
C HIS E 244 14.56 21.08 60.44
N TRP E 245 14.82 20.49 59.27
CA TRP E 245 16.15 19.85 59.04
C TRP E 245 17.23 20.90 58.87
N LEU E 246 16.97 21.90 58.05
CA LEU E 246 18.05 22.87 57.72
C LEU E 246 18.41 23.72 58.94
N PRO E 247 17.47 24.25 59.76
CA PRO E 247 17.87 25.00 60.95
C PRO E 247 18.79 24.18 61.85
N ASN E 248 18.56 22.86 61.92
CA ASN E 248 19.45 21.96 62.66
C ASN E 248 20.85 22.04 61.99
N LEU E 249 20.95 21.76 60.71
CA LEU E 249 22.29 21.83 60.02
C LEU E 249 22.95 23.21 60.22
N GLN E 250 22.17 24.29 60.28
CA GLN E 250 22.68 25.66 60.31
C GLN E 250 23.11 26.08 61.72
N GLY E 251 22.97 25.22 62.77
CA GLY E 251 23.28 25.57 64.17
C GLY E 251 22.16 26.30 64.90
N ALA E 252 21.01 26.52 64.28
CA ALA E 252 19.97 27.37 64.92
C ALA E 252 19.24 26.62 66.04
N THR E 253 19.45 25.31 66.21
CA THR E 253 18.72 24.48 67.24
C THR E 253 19.68 24.01 68.32
N THR E 254 20.96 24.32 68.22
CA THR E 254 21.96 23.89 69.21
C THR E 254 21.50 24.28 70.63
N SER E 255 21.08 25.52 70.81
CA SER E 255 20.75 26.00 72.17
C SER E 255 19.53 25.21 72.71
N LYS E 256 18.63 24.79 71.84
CA LYS E 256 17.44 23.98 72.24
C LYS E 256 17.91 22.62 72.75
N LYS E 257 18.77 21.93 72.01
CA LYS E 257 19.37 20.65 72.45
C LYS E 257 20.01 20.80 73.82
N LYS E 258 20.85 21.81 73.97
CA LYS E 258 21.60 22.05 75.24
C LYS E 258 20.67 22.34 76.43
N GLU E 259 19.60 23.10 76.24
CA GLU E 259 18.60 23.39 77.33
C GLU E 259 17.87 22.11 77.74
N ARG E 260 17.62 21.25 76.78
CA ARG E 260 16.85 20.03 76.99
C ARG E 260 17.74 18.97 77.61
N PHE E 261 19.02 18.95 77.26
CA PHE E 261 19.98 17.92 77.76
C PHE E 261 21.23 18.63 78.22
N PRO E 262 21.27 19.18 79.45
CA PRO E 262 22.41 20.01 79.87
C PRO E 262 23.76 19.29 80.01
N ASN E 263 23.76 17.96 80.18
CA ASN E 263 25.01 17.19 80.37
C ASN E 263 25.39 16.40 79.10
N GLU E 264 25.00 16.85 77.92
CA GLU E 264 25.20 16.12 76.65
C GLU E 264 25.92 17.00 75.63
N ASN E 265 26.98 16.45 75.01
CA ASN E 265 27.69 17.08 73.88
C ASN E 265 26.74 17.07 72.70
N PHE E 266 26.71 18.15 71.97
CA PHE E 266 26.01 18.22 70.68
C PHE E 266 27.02 18.72 69.66
N PRO E 267 27.64 17.84 68.84
CA PRO E 267 28.50 18.31 67.76
C PRO E 267 27.65 18.94 66.63
N GLN E 268 28.29 19.60 65.68
CA GLN E 268 27.51 20.17 64.56
C GLN E 268 26.75 19.00 63.93
N ALA E 269 25.53 19.27 63.48
CA ALA E 269 24.66 18.22 62.97
C ALA E 269 25.21 17.77 61.62
N ARG E 270 24.90 16.53 61.25
CA ARG E 270 25.41 15.91 60.01
C ARG E 270 24.28 15.15 59.37
N ILE E 271 24.42 14.86 58.06
CA ILE E 271 23.29 14.28 57.30
C ILE E 271 23.88 13.25 56.34
N ILE E 272 23.17 12.12 56.22
CA ILE E 272 23.60 10.92 55.50
C ILE E 272 22.47 10.61 54.55
N PHE E 273 22.78 10.56 53.25
CA PHE E 273 21.79 10.21 52.22
C PHE E 273 22.12 8.82 51.69
N VAL E 274 21.17 7.89 51.79
CA VAL E 274 21.26 6.64 50.99
C VAL E 274 20.37 6.77 49.76
N ASP E 275 20.99 6.98 48.60
CA ASP E 275 20.33 7.21 47.31
C ASP E 275 21.36 6.86 46.26
N PRO E 276 21.07 5.96 45.32
CA PRO E 276 21.95 5.78 44.16
C PRO E 276 22.21 7.08 43.43
N ARG E 277 21.27 8.04 43.44
CA ARG E 277 21.32 9.28 42.63
C ARG E 277 21.76 10.47 43.49
N GLU E 278 22.59 11.33 42.91
CA GLU E 278 22.99 12.62 43.50
C GLU E 278 21.88 13.63 43.20
N THR E 279 21.06 13.92 44.21
CA THR E 279 19.83 14.73 44.11
C THR E 279 20.02 16.19 44.51
N PRO E 280 19.03 17.06 44.17
CA PRO E 280 18.96 18.42 44.70
C PRO E 280 19.12 18.46 46.23
N SER E 281 18.57 17.47 46.93
CA SER E 281 18.64 17.46 48.42
C SER E 281 20.10 17.31 48.89
N VAL E 282 20.85 16.43 48.24
CA VAL E 282 22.29 16.24 48.56
C VAL E 282 23.02 17.56 48.28
N ALA E 283 22.70 18.22 47.16
CA ALA E 283 23.42 19.45 46.76
C ALA E 283 23.14 20.54 47.78
N ILE E 284 21.88 20.68 48.16
CA ILE E 284 21.49 21.77 49.12
C ILE E 284 22.10 21.44 50.48
N ALA E 285 22.14 20.15 50.88
CA ALA E 285 22.70 19.78 52.19
C ALA E 285 24.16 20.22 52.20
N ARG E 286 24.89 19.93 51.13
CA ARG E 286 26.34 20.29 51.03
C ARG E 286 26.51 21.81 51.06
N HIS E 287 25.67 22.53 50.31
CA HIS E 287 25.71 24.00 50.28
C HIS E 287 25.56 24.52 51.73
N VAL E 288 24.62 23.95 52.50
CA VAL E 288 24.27 24.50 53.84
C VAL E 288 25.31 24.08 54.85
N ALA E 289 25.62 22.80 54.93
CA ALA E 289 26.39 22.16 56.03
C ALA E 289 27.90 22.08 55.71
N GLY E 290 28.27 22.14 54.45
CA GLY E 290 29.62 21.86 53.95
C GLY E 290 29.78 20.41 53.55
N ASN E 291 30.75 20.15 52.68
CA ASN E 291 30.93 18.78 52.18
C ASN E 291 31.29 17.84 53.34
N ASP E 292 31.96 18.35 54.36
CA ASP E 292 32.49 17.49 55.46
C ASP E 292 31.37 17.00 56.40
N ARG E 293 30.16 17.58 56.33
CA ARG E 293 29.00 17.26 57.22
C ARG E 293 27.95 16.51 56.41
N VAL E 294 28.33 16.04 55.23
CA VAL E 294 27.33 15.32 54.40
C VAL E 294 27.97 14.04 53.94
N LEU E 295 27.31 12.90 54.12
CA LEU E 295 27.79 11.69 53.39
C LEU E 295 26.71 11.30 52.42
N HIS E 296 27.08 11.25 51.15
CA HIS E 296 26.23 10.68 50.11
C HIS E 296 26.70 9.26 49.91
N LEU E 297 25.89 8.35 50.45
N LEU E 297 25.90 8.34 50.45
N LEU E 297 25.91 8.32 50.43
CA LEU E 297 25.97 6.88 50.27
CA LEU E 297 25.98 6.88 50.28
CA LEU E 297 26.13 6.86 50.25
C LEU E 297 25.35 6.54 48.91
C LEU E 297 25.36 6.53 48.92
C LEU E 297 25.40 6.50 48.94
N ALA E 298 26.15 6.64 47.84
CA ALA E 298 25.69 6.47 46.46
C ALA E 298 25.65 4.98 46.13
N ILE E 299 24.77 4.22 46.77
CA ILE E 299 24.69 2.74 46.65
C ILE E 299 24.24 2.36 45.24
N GLU E 300 24.70 1.18 44.84
CA GLU E 300 24.17 0.50 43.67
C GLU E 300 22.66 0.32 43.84
N PRO E 301 21.85 0.58 42.79
CA PRO E 301 20.40 0.33 42.86
C PRO E 301 20.01 -1.02 43.53
N GLY E 302 19.09 -1.02 44.53
CA GLY E 302 18.52 -2.23 45.17
C GLY E 302 19.42 -2.92 46.20
N THR E 303 20.48 -2.26 46.68
CA THR E 303 21.47 -2.88 47.60
C THR E 303 21.30 -2.32 49.03
N ASP E 304 20.16 -1.65 49.31
CA ASP E 304 19.83 -1.18 50.67
C ASP E 304 20.01 -2.25 51.74
N THR E 305 19.46 -3.45 51.54
CA THR E 305 19.54 -4.59 52.50
C THR E 305 21.01 -4.87 52.84
N ALA E 306 21.90 -4.95 51.84
CA ALA E 306 23.34 -5.18 52.03
C ALA E 306 23.96 -4.04 52.85
N LEU E 307 23.65 -2.80 52.52
CA LEU E 307 24.10 -1.63 53.30
C LEU E 307 23.72 -1.82 54.79
N PHE E 308 22.44 -2.00 55.14
CA PHE E 308 21.98 -2.01 56.54
C PHE E 308 22.50 -3.28 57.24
N ASN E 309 22.64 -4.39 56.53
CA ASN E 309 23.25 -5.58 57.20
C ASN E 309 24.72 -5.31 57.54
N GLY E 310 25.49 -4.62 56.66
CA GLY E 310 26.92 -4.39 56.89
C GLY E 310 27.06 -3.46 58.06
N LEU E 311 26.23 -2.41 58.06
CA LEU E 311 26.22 -1.38 59.15
C LEU E 311 25.82 -2.03 60.47
N PHE E 312 24.77 -2.82 60.46
CA PHE E 312 24.27 -3.53 61.66
C PHE E 312 25.38 -4.44 62.19
N THR E 313 25.98 -5.25 61.31
CA THR E 313 27.08 -6.15 61.68
C THR E 313 28.20 -5.34 62.32
N TYR E 314 28.53 -4.18 61.75
CA TYR E 314 29.69 -3.39 62.23
C TYR E 314 29.40 -2.78 63.61
N VAL E 315 28.22 -2.17 63.79
CA VAL E 315 27.90 -1.51 65.08
C VAL E 315 27.93 -2.58 66.21
N VAL E 316 27.48 -3.81 65.90
CA VAL E 316 27.50 -4.94 66.86
C VAL E 316 28.95 -5.32 67.14
N GLU E 317 29.76 -5.49 66.10
CA GLU E 317 31.19 -5.82 66.34
C GLU E 317 31.83 -4.71 67.20
N GLN E 318 31.50 -3.43 66.94
CA GLN E 318 32.13 -2.27 67.65
C GLN E 318 31.56 -2.09 69.05
N GLY E 319 30.40 -2.69 69.31
CA GLY E 319 29.69 -2.48 70.59
C GLY E 319 28.98 -1.16 70.60
N TRP E 320 28.73 -0.57 69.44
CA TRP E 320 28.06 0.75 69.33
C TRP E 320 26.56 0.53 69.29
N ILE E 321 26.07 -0.19 70.31
CA ILE E 321 24.65 -0.58 70.45
C ILE E 321 24.27 -0.35 71.91
N ASP E 322 22.98 -0.45 72.21
CA ASP E 322 22.41 -0.15 73.54
C ASP E 322 22.03 -1.48 74.18
N LYS E 323 22.99 -2.14 74.81
CA LYS E 323 22.76 -3.51 75.35
C LYS E 323 21.66 -3.49 76.39
N PRO E 324 21.63 -2.58 77.38
CA PRO E 324 20.52 -2.61 78.33
C PRO E 324 19.15 -2.47 77.63
N PHE E 325 19.06 -1.64 76.59
CA PHE E 325 17.81 -1.42 75.83
C PHE E 325 17.42 -2.72 75.12
N ILE E 326 18.39 -3.38 74.50
CA ILE E 326 18.14 -4.65 73.78
C ILE E 326 17.61 -5.70 74.78
N GLU E 327 18.34 -5.88 75.87
CA GLU E 327 18.01 -6.88 76.94
C GLU E 327 16.60 -6.64 77.51
N ALA E 328 16.20 -5.37 77.79
CA ALA E 328 14.91 -4.99 78.43
C ALA E 328 13.74 -4.97 77.41
N HIS E 329 13.91 -4.53 76.19
CA HIS E 329 12.76 -4.05 75.37
C HIS E 329 12.71 -4.71 73.99
N THR E 330 13.50 -5.76 73.73
CA THR E 330 13.58 -6.33 72.36
C THR E 330 13.58 -7.83 72.44
N LYS E 331 13.42 -8.46 71.29
CA LYS E 331 13.41 -9.91 71.10
C LYS E 331 14.02 -10.22 69.73
N GLY E 332 14.90 -11.21 69.68
CA GLY E 332 15.47 -11.77 68.44
C GLY E 332 16.80 -11.14 68.04
N PHE E 333 17.47 -10.38 68.88
CA PHE E 333 18.75 -9.71 68.53
C PHE E 333 19.81 -10.74 68.08
N ASP E 334 20.06 -11.77 68.91
CA ASP E 334 21.17 -12.75 68.69
C ASP E 334 20.92 -13.46 67.37
N ASP E 335 19.65 -13.77 67.06
CA ASP E 335 19.30 -14.42 65.77
C ASP E 335 19.56 -13.47 64.61
N ALA E 336 19.26 -12.19 64.75
CA ALA E 336 19.50 -11.22 63.67
C ALA E 336 21.01 -11.04 63.43
N VAL E 337 21.82 -10.97 64.46
CA VAL E 337 23.30 -10.85 64.32
C VAL E 337 23.81 -11.98 63.44
N LYS E 338 23.27 -13.20 63.60
CA LYS E 338 23.70 -14.39 62.82
C LYS E 338 23.16 -14.31 61.37
N THR E 339 21.87 -14.11 61.20
CA THR E 339 21.21 -14.16 59.88
C THR E 339 21.66 -12.98 59.02
N ASN E 340 22.00 -11.82 59.59
CA ASN E 340 22.29 -10.57 58.84
C ASN E 340 23.81 -10.31 58.76
N ARG E 341 24.65 -11.26 59.14
CA ARG E 341 26.11 -11.03 59.19
C ARG E 341 26.62 -10.73 57.78
N LEU E 342 27.36 -9.64 57.68
CA LEU E 342 27.96 -9.22 56.41
C LEU E 342 29.14 -8.34 56.78
N SER E 343 30.31 -8.66 56.25
CA SER E 343 31.53 -7.86 56.53
C SER E 343 31.45 -6.55 55.76
N LEU E 344 32.19 -5.56 56.23
CA LEU E 344 32.32 -4.26 55.52
C LEU E 344 32.89 -4.46 54.09
N ASP E 345 33.88 -5.34 53.89
CA ASP E 345 34.43 -5.67 52.54
C ASP E 345 33.33 -6.20 51.61
N GLU E 346 32.48 -7.13 52.06
CA GLU E 346 31.37 -7.72 51.26
C GLU E 346 30.31 -6.64 51.01
N CYS E 347 29.92 -5.92 52.06
CA CYS E 347 29.00 -4.77 52.00
C CYS E 347 29.47 -3.77 50.92
N SER E 348 30.74 -3.40 50.98
CA SER E 348 31.37 -2.45 50.02
C SER E 348 31.28 -2.98 48.59
N ASN E 349 31.72 -4.20 48.37
CA ASN E 349 31.66 -4.85 47.03
C ASN E 349 30.20 -4.84 46.52
N ILE E 350 29.22 -5.15 47.36
CA ILE E 350 27.82 -5.24 46.92
C ILE E 350 27.29 -3.84 46.65
N THR E 351 27.51 -2.89 47.58
CA THR E 351 26.83 -1.58 47.50
C THR E 351 27.61 -0.62 46.56
N GLY E 352 28.89 -0.89 46.38
CA GLY E 352 29.80 0.07 45.72
C GLY E 352 30.25 1.18 46.64
N VAL E 353 29.84 1.23 47.90
CA VAL E 353 30.26 2.34 48.79
C VAL E 353 31.59 1.93 49.40
N PRO E 354 32.65 2.78 49.35
CA PRO E 354 33.93 2.45 49.97
C PRO E 354 33.78 2.17 51.49
N VAL E 355 34.62 1.28 51.98
CA VAL E 355 34.70 0.86 53.40
C VAL E 355 34.87 2.11 54.27
N ASP E 356 35.75 3.04 53.92
CA ASP E 356 36.01 4.24 54.75
C ASP E 356 34.68 5.02 54.93
N MET E 357 33.82 5.07 53.90
CA MET E 357 32.54 5.82 54.02
CA MET E 357 32.55 5.84 54.04
C MET E 357 31.54 5.04 54.91
N LEU E 358 31.48 3.71 54.80
CA LEU E 358 30.63 2.86 55.68
C LEU E 358 31.07 3.09 57.12
N LYS E 359 32.36 3.08 57.38
CA LYS E 359 32.87 3.33 58.77
C LYS E 359 32.47 4.72 59.28
N ARG E 360 32.62 5.74 58.43
CA ARG E 360 32.34 7.12 58.87
C ARG E 360 30.85 7.24 59.20
N ALA E 361 29.99 6.68 58.32
CA ALA E 361 28.53 6.73 58.49
C ALA E 361 28.22 6.19 59.89
N ALA E 362 28.84 5.08 60.28
CA ALA E 362 28.61 4.38 61.56
C ALA E 362 29.18 5.21 62.72
N GLU E 363 30.38 5.73 62.55
CA GLU E 363 31.08 6.58 63.54
C GLU E 363 30.23 7.83 63.83
N TRP E 364 29.77 8.54 62.80
CA TRP E 364 28.93 9.73 63.01
C TRP E 364 27.63 9.36 63.76
N SER E 365 27.04 8.22 63.41
CA SER E 365 25.64 7.87 63.78
C SER E 365 25.52 7.08 65.10
N TYR E 366 26.51 6.25 65.46
CA TYR E 366 26.30 5.17 66.46
C TYR E 366 27.36 5.19 67.55
N LYS E 367 28.54 5.74 67.25
CA LYS E 367 29.65 5.72 68.21
C LYS E 367 29.26 6.69 69.32
N PRO E 368 29.30 6.26 70.60
CA PRO E 368 29.02 7.18 71.71
C PRO E 368 29.80 8.50 71.61
N LYS E 369 29.08 9.55 71.95
CA LYS E 369 29.60 10.93 72.10
C LYS E 369 30.50 10.97 73.34
N ALA E 370 31.32 11.98 73.44
CA ALA E 370 32.33 12.13 74.52
C ALA E 370 31.64 12.17 75.88
N SER E 371 30.43 12.74 75.97
CA SER E 371 29.70 12.85 77.29
C SER E 371 29.04 11.53 77.63
N GLY E 372 29.08 10.55 76.72
CA GLY E 372 28.68 9.16 77.01
C GLY E 372 27.45 8.70 76.24
N GLN E 373 26.55 9.59 75.85
CA GLN E 373 25.25 9.20 75.26
C GLN E 373 25.49 8.77 73.80
N ALA E 374 24.65 7.89 73.27
CA ALA E 374 24.68 7.51 71.84
C ALA E 374 24.24 8.74 71.06
N PRO E 375 24.75 9.02 69.84
CA PRO E 375 24.16 10.09 69.04
C PRO E 375 22.64 9.92 68.84
N ARG E 376 21.94 11.04 68.76
CA ARG E 376 20.48 11.06 68.43
C ARG E 376 20.41 11.02 66.92
N THR E 377 20.10 9.86 66.38
CA THR E 377 20.12 9.62 64.93
C THR E 377 18.72 9.32 64.43
N MET E 378 18.14 10.28 63.75
CA MET E 378 16.79 10.08 63.14
C MET E 378 16.96 9.44 61.77
N HIS E 379 16.33 8.30 61.57
CA HIS E 379 16.39 7.52 60.31
C HIS E 379 15.09 7.74 59.50
N ALA E 380 15.13 8.58 58.49
CA ALA E 380 13.95 8.85 57.64
C ALA E 380 14.10 8.09 56.33
N TYR E 381 13.03 7.50 55.83
CA TYR E 381 13.06 6.68 54.60
C TYR E 381 11.77 6.99 53.84
N GLU E 382 11.81 6.79 52.54
CA GLU E 382 10.60 6.91 51.69
C GLU E 382 10.73 5.93 50.51
N LYS E 383 10.32 6.35 49.32
CA LYS E 383 9.97 5.39 48.24
C LYS E 383 11.19 4.73 47.59
N GLY E 384 12.38 5.24 47.79
CA GLY E 384 13.60 4.57 47.34
C GLY E 384 13.72 3.21 47.99
N ILE E 385 13.23 3.03 49.20
CA ILE E 385 13.26 1.66 49.82
C ILE E 385 11.84 1.09 49.86
N ILE E 386 10.80 1.91 49.99
CA ILE E 386 9.42 1.37 50.03
C ILE E 386 9.04 0.72 48.68
N TRP E 387 9.41 1.35 47.58
CA TRP E 387 9.36 0.77 46.21
C TRP E 387 10.71 0.20 45.78
N GLY E 388 11.50 -0.21 46.74
CA GLY E 388 12.83 -0.74 46.55
C GLY E 388 12.83 -2.26 46.37
N ASN E 389 14.05 -2.78 46.47
CA ASN E 389 14.38 -4.19 46.19
C ASN E 389 13.96 -5.04 47.41
N ASP E 390 12.66 -5.34 47.46
CA ASP E 390 12.02 -6.25 48.44
C ASP E 390 11.70 -5.40 49.66
N ASN E 391 10.62 -4.65 49.55
CA ASN E 391 10.12 -3.75 50.61
C ASN E 391 10.26 -4.37 52.01
N TYR E 392 9.79 -5.60 52.19
CA TYR E 392 9.73 -6.27 53.51
C TYR E 392 11.15 -6.45 54.08
N VAL E 393 12.06 -6.88 53.22
CA VAL E 393 13.42 -7.30 53.68
C VAL E 393 14.20 -6.02 53.99
N ILE E 394 13.98 -4.98 53.18
CA ILE E 394 14.78 -3.75 53.42
C ILE E 394 14.38 -3.18 54.77
N GLN E 395 13.09 -3.17 55.09
CA GLN E 395 12.69 -2.57 56.41
C GLN E 395 13.20 -3.46 57.53
N SER E 396 13.21 -4.77 57.29
CA SER E 396 13.71 -5.73 58.30
C SER E 396 15.14 -5.33 58.65
N ALA E 397 15.97 -5.09 57.62
CA ALA E 397 17.42 -4.83 57.78
C ALA E 397 17.59 -3.52 58.52
N LEU E 398 16.90 -2.49 58.05
CA LEU E 398 17.01 -1.13 58.57
C LEU E 398 16.52 -1.07 60.03
N LEU E 399 15.36 -1.65 60.31
CA LEU E 399 14.77 -1.52 61.67
C LEU E 399 15.65 -2.28 62.66
N ASP E 400 16.38 -3.30 62.20
CA ASP E 400 17.31 -4.06 63.07
C ASP E 400 18.40 -3.10 63.55
N LEU E 401 18.91 -2.28 62.62
CA LEU E 401 20.02 -1.36 62.92
C LEU E 401 19.49 -0.29 63.90
N VAL E 402 18.26 0.14 63.68
CA VAL E 402 17.66 1.22 64.50
C VAL E 402 17.42 0.73 65.94
N ILE E 403 16.84 -0.42 66.08
CA ILE E 403 16.44 -0.97 67.40
C ILE E 403 17.74 -1.23 68.18
N ALA E 404 18.75 -1.84 67.57
CA ALA E 404 20.01 -2.16 68.29
C ALA E 404 20.65 -0.89 68.84
N THR E 405 20.50 0.23 68.13
CA THR E 405 21.15 1.52 68.47
C THR E 405 20.18 2.41 69.22
N HIS E 406 18.98 1.90 69.57
CA HIS E 406 18.01 2.65 70.39
C HIS E 406 17.67 3.97 69.70
N ASN E 407 17.43 3.95 68.39
CA ASN E 407 17.08 5.19 67.64
C ASN E 407 15.57 5.22 67.30
N VAL E 408 14.76 4.70 68.22
CA VAL E 408 13.30 4.96 68.35
C VAL E 408 13.04 5.29 69.82
N GLY E 409 12.15 6.24 70.05
CA GLY E 409 11.64 6.53 71.41
C GLY E 409 12.49 7.54 72.16
N ARG E 410 13.70 7.87 71.70
CA ARG E 410 14.56 8.93 72.27
CA ARG E 410 14.55 8.93 72.27
C ARG E 410 14.29 10.20 71.46
N ARG E 411 14.21 11.36 72.11
CA ARG E 411 13.99 12.61 71.33
C ARG E 411 15.20 12.81 70.40
N GLY E 412 14.95 13.37 69.24
CA GLY E 412 16.00 13.55 68.24
C GLY E 412 16.23 12.27 67.48
N THR E 413 15.38 11.23 67.65
CA THR E 413 15.51 9.97 66.90
C THR E 413 14.18 9.66 66.22
N GLY E 414 14.01 8.41 65.86
CA GLY E 414 12.88 7.92 65.11
C GLY E 414 13.37 7.08 63.98
N CYS E 415 12.55 6.13 63.56
CA CYS E 415 12.72 5.51 62.23
C CYS E 415 11.39 5.59 61.53
N VAL E 416 11.31 6.55 60.62
CA VAL E 416 10.00 7.10 60.17
C VAL E 416 9.97 7.17 58.66
N ARG E 417 8.82 6.83 58.10
CA ARG E 417 8.46 7.33 56.75
C ARG E 417 8.52 8.84 56.76
N MET E 418 9.10 9.38 55.70
CA MET E 418 8.89 10.81 55.34
C MET E 418 7.48 11.08 54.87
N GLY E 419 6.80 10.12 54.24
CA GLY E 419 5.42 10.25 53.80
C GLY E 419 5.29 10.80 52.39
N GLY E 420 4.07 10.66 51.81
CA GLY E 420 3.81 10.95 50.41
C GLY E 420 2.69 11.96 50.41
N HIS E 421 1.48 11.46 50.47
CA HIS E 421 0.32 12.29 50.82
C HIS E 421 0.35 12.48 52.34
N GLN E 422 -0.52 13.36 52.80
CA GLN E 422 -1.03 13.34 54.18
C GLN E 422 -1.74 12.02 54.42
N GLU E 423 -2.03 11.76 55.68
CA GLU E 423 -2.64 10.51 56.15
C GLU E 423 -4.04 10.86 56.63
N GLY E 424 -4.98 9.96 56.45
CA GLY E 424 -6.36 10.20 56.91
C GLY E 424 -7.17 8.93 56.83
N TYR E 425 -6.65 7.85 57.43
CA TYR E 425 -7.22 6.49 57.31
C TYR E 425 -8.12 6.13 58.49
N THR E 426 -9.39 5.88 58.18
CA THR E 426 -10.38 5.25 59.07
C THR E 426 -11.22 4.29 58.22
N ARG E 427 -11.10 2.98 58.41
CA ARG E 427 -11.86 2.01 57.57
C ARG E 427 -12.26 0.78 58.37
N PRO E 428 -13.28 0.04 57.90
CA PRO E 428 -13.50 -1.32 58.34
C PRO E 428 -12.32 -2.15 57.89
N PRO E 429 -12.13 -3.32 58.54
CA PRO E 429 -11.14 -4.28 58.10
C PRO E 429 -11.41 -4.71 56.67
N TYR E 430 -10.32 -4.99 55.98
CA TYR E 430 -10.38 -5.60 54.64
C TYR E 430 -11.07 -6.96 54.73
N PRO E 431 -12.12 -7.19 53.92
CA PRO E 431 -12.95 -8.38 54.12
C PRO E 431 -12.39 -9.67 53.55
N GLY E 432 -11.24 -9.67 52.91
CA GLY E 432 -10.61 -10.93 52.44
C GLY E 432 -9.55 -11.52 53.39
N ASP E 433 -9.17 -12.78 53.19
CA ASP E 433 -8.07 -13.38 53.95
C ASP E 433 -6.85 -13.59 53.03
N LYS E 434 -6.84 -13.12 51.78
CA LYS E 434 -5.54 -13.15 51.04
C LYS E 434 -5.26 -11.82 50.33
N LYS E 435 -4.02 -11.63 49.88
CA LYS E 435 -3.62 -10.47 49.08
C LYS E 435 -3.84 -10.84 47.62
N ILE E 436 -4.49 -9.92 46.92
CA ILE E 436 -4.89 -10.16 45.53
C ILE E 436 -4.25 -9.06 44.69
N TYR E 437 -3.45 -9.46 43.70
CA TYR E 437 -2.76 -8.59 42.72
C TYR E 437 -3.83 -8.14 41.72
N ILE E 438 -4.55 -7.08 42.06
CA ILE E 438 -5.75 -6.60 41.31
C ILE E 438 -5.41 -6.32 39.84
N ASP E 439 -4.29 -5.64 39.51
CA ASP E 439 -4.03 -5.33 38.07
C ASP E 439 -3.98 -6.62 37.24
N GLN E 440 -3.33 -7.67 37.79
CA GLN E 440 -3.16 -8.97 37.11
C GLN E 440 -4.54 -9.61 36.89
N GLU E 441 -5.42 -9.52 37.87
CA GLU E 441 -6.80 -10.08 37.79
C GLU E 441 -7.52 -9.37 36.65
N LEU E 442 -7.43 -8.03 36.58
CA LEU E 442 -8.03 -7.27 35.46
C LEU E 442 -7.39 -7.65 34.12
N ILE E 443 -6.07 -7.74 34.05
CA ILE E 443 -5.41 -8.11 32.76
C ILE E 443 -5.93 -9.48 32.34
N LYS E 444 -6.09 -10.39 33.30
CA LYS E 444 -6.47 -11.80 33.00
C LYS E 444 -7.96 -11.88 32.67
N GLY E 445 -8.72 -10.78 32.75
CA GLY E 445 -10.14 -10.78 32.36
C GLY E 445 -11.12 -10.93 33.51
N LYS E 446 -10.73 -10.75 34.78
CA LYS E 446 -11.67 -10.89 35.93
C LYS E 446 -12.40 -9.58 36.17
N GLY E 447 -13.54 -9.63 36.87
CA GLY E 447 -14.32 -8.43 37.21
C GLY E 447 -15.34 -8.08 36.13
N ARG E 448 -16.49 -7.57 36.53
CA ARG E 448 -17.57 -7.00 35.65
C ARG E 448 -17.49 -5.48 35.64
N ILE E 449 -17.09 -4.89 36.78
CA ILE E 449 -17.08 -3.43 36.95
C ILE E 449 -15.83 -3.05 37.73
N MET E 450 -15.11 -2.06 37.24
CA MET E 450 -13.94 -1.49 37.95
C MET E 450 -14.18 0.01 38.16
N THR E 451 -13.95 0.50 39.36
CA THR E 451 -14.04 1.92 39.69
C THR E 451 -12.66 2.38 40.10
N TRP E 452 -12.10 3.36 39.37
CA TRP E 452 -10.96 4.14 39.88
C TRP E 452 -11.56 5.30 40.65
N TRP E 453 -11.15 5.45 41.90
CA TRP E 453 -11.70 6.46 42.82
C TRP E 453 -10.54 7.31 43.33
N GLY E 454 -10.41 8.53 42.82
CA GLY E 454 -9.35 9.43 43.24
C GLY E 454 -7.96 8.85 43.03
N CYS E 455 -7.77 8.18 41.90
CA CYS E 455 -6.42 7.74 41.46
C CYS E 455 -6.51 7.45 39.96
N ASN E 456 -5.36 7.33 39.33
CA ASN E 456 -5.26 7.22 37.85
C ASN E 456 -4.15 6.24 37.50
N ASN E 457 -4.46 4.94 37.55
CA ASN E 457 -3.40 3.90 37.45
C ASN E 457 -2.98 3.78 35.97
N PHE E 458 -3.68 4.43 35.05
CA PHE E 458 -3.17 4.53 33.65
C PHE E 458 -1.79 5.21 33.67
N GLN E 459 -1.60 6.21 34.53
CA GLN E 459 -0.33 6.94 34.69
C GLN E 459 0.55 6.35 35.82
N THR E 460 0.03 5.55 36.76
CA THR E 460 0.78 5.25 38.01
C THR E 460 0.86 3.77 38.38
N SER E 461 0.20 2.84 37.66
CA SER E 461 0.45 1.41 37.89
C SER E 461 1.92 1.09 37.59
N ASN E 462 2.42 0.06 38.27
CA ASN E 462 3.59 -0.68 37.78
C ASN E 462 3.15 -1.47 36.53
N ASN E 463 4.07 -1.70 35.58
CA ASN E 463 3.72 -2.48 34.37
C ASN E 463 2.50 -1.82 33.72
N ALA E 464 2.55 -0.49 33.61
CA ALA E 464 1.37 0.36 33.32
C ALA E 464 0.91 0.11 31.88
N GLN E 465 1.78 -0.27 30.95
CA GLN E 465 1.39 -0.43 29.53
C GLN E 465 0.49 -1.67 29.39
N ALA E 466 0.87 -2.81 29.97
CA ALA E 466 -0.01 -4.00 30.03
C ALA E 466 -1.36 -3.66 30.65
N LEU E 467 -1.38 -2.93 31.75
CA LEU E 467 -2.67 -2.54 32.38
C LEU E 467 -3.52 -1.69 31.41
N ARG E 468 -2.96 -0.64 30.77
CA ARG E 468 -3.75 0.28 29.93
C ARG E 468 -4.26 -0.50 28.71
N GLU E 469 -3.39 -1.33 28.13
CA GLU E 469 -3.78 -2.15 26.96
C GLU E 469 -4.98 -3.03 27.28
N ALA E 470 -4.92 -3.75 28.39
CA ALA E 470 -5.99 -4.66 28.82
C ALA E 470 -7.27 -3.85 29.12
N ILE E 471 -7.17 -2.75 29.86
CA ILE E 471 -8.40 -1.97 30.21
C ILE E 471 -8.99 -1.33 28.94
N LEU E 472 -8.17 -0.76 28.05
CA LEU E 472 -8.77 -0.14 26.83
C LEU E 472 -9.47 -1.22 26.00
N GLN E 473 -8.92 -2.44 25.90
CA GLN E 473 -9.50 -3.55 25.12
C GLN E 473 -10.81 -3.99 25.76
N ARG E 474 -10.86 -4.13 27.09
CA ARG E 474 -12.06 -4.63 27.80
C ARG E 474 -13.12 -3.55 27.73
N SER E 475 -12.72 -2.29 27.83
CA SER E 475 -13.63 -1.11 27.77
C SER E 475 -14.29 -1.08 26.40
N ALA E 476 -13.52 -1.37 25.36
CA ALA E 476 -13.98 -1.36 23.97
C ALA E 476 -15.12 -2.38 23.76
N ILE E 477 -15.01 -3.55 24.38
CA ILE E 477 -16.03 -4.63 24.21
C ILE E 477 -17.35 -4.06 24.72
N VAL E 478 -17.33 -3.42 25.88
CA VAL E 478 -18.56 -2.83 26.46
C VAL E 478 -19.06 -1.74 25.51
N LYS E 479 -18.15 -0.88 25.03
CA LYS E 479 -18.61 0.26 24.16
C LYS E 479 -19.33 -0.30 22.93
N GLN E 480 -18.76 -1.35 22.35
CA GLN E 480 -19.28 -1.95 21.10
C GLN E 480 -20.65 -2.58 21.40
N ALA E 481 -20.83 -3.15 22.59
CA ALA E 481 -22.11 -3.79 22.95
C ALA E 481 -23.21 -2.72 23.08
N MET E 482 -22.86 -1.56 23.64
CA MET E 482 -23.78 -0.42 23.88
C MET E 482 -24.30 0.15 22.55
N GLN E 483 -23.63 -0.17 21.43
CA GLN E 483 -23.91 0.38 20.07
C GLN E 483 -25.30 0.07 19.55
N LYS E 484 -25.75 -1.17 19.73
CA LYS E 484 -26.97 -1.71 19.11
C LYS E 484 -28.18 -1.09 19.80
N ALA E 485 -28.01 -0.55 21.01
CA ALA E 485 -29.14 -0.15 21.88
C ALA E 485 -29.88 1.05 21.27
N ARG E 486 -31.21 1.04 21.35
CA ARG E 486 -32.08 2.13 20.87
C ARG E 486 -33.21 2.26 21.87
N GLY E 487 -33.29 3.38 22.59
CA GLY E 487 -34.44 3.62 23.48
C GLY E 487 -34.47 2.61 24.62
N ALA E 488 -33.33 2.04 24.98
CA ALA E 488 -33.21 1.06 26.07
C ALA E 488 -33.53 1.75 27.40
N THR E 489 -34.23 1.04 28.29
CA THR E 489 -34.36 1.46 29.71
C THR E 489 -33.00 1.27 30.36
N THR E 490 -32.78 1.81 31.56
CA THR E 490 -31.57 1.55 32.37
C THR E 490 -31.46 0.06 32.67
N GLU E 491 -32.57 -0.61 33.00
CA GLU E 491 -32.60 -2.05 33.33
C GLU E 491 -32.05 -2.79 32.10
N GLU E 492 -32.50 -2.43 30.89
CA GLU E 492 -32.03 -3.16 29.67
C GLU E 492 -30.54 -2.89 29.42
N MET E 493 -30.07 -1.68 29.70
N MET E 493 -30.07 -1.67 29.70
CA MET E 493 -28.66 -1.30 29.43
CA MET E 493 -28.65 -1.29 29.42
C MET E 493 -27.78 -2.06 30.43
C MET E 493 -27.76 -2.03 30.44
N VAL E 494 -28.18 -2.12 31.70
CA VAL E 494 -27.44 -2.95 32.70
C VAL E 494 -27.24 -4.37 32.15
N ASP E 495 -28.30 -4.95 31.58
CA ASP E 495 -28.28 -6.32 31.03
C ASP E 495 -27.32 -6.36 29.81
N VAL E 496 -27.40 -5.36 28.90
CA VAL E 496 -26.48 -5.30 27.73
C VAL E 496 -25.02 -5.26 28.18
N ILE E 497 -24.75 -4.45 29.20
CA ILE E 497 -23.37 -4.24 29.71
C ILE E 497 -22.88 -5.53 30.37
N TYR E 498 -23.68 -6.08 31.28
CA TYR E 498 -23.35 -7.33 32.01
C TYR E 498 -23.01 -8.45 31.01
N GLU E 499 -23.83 -8.62 29.98
CA GLU E 499 -23.59 -9.61 28.91
C GLU E 499 -22.24 -9.31 28.24
N ALA E 500 -21.94 -8.04 27.95
CA ALA E 500 -20.62 -7.71 27.35
C ALA E 500 -19.51 -8.14 28.32
N THR E 501 -19.72 -7.99 29.62
CA THR E 501 -18.67 -8.38 30.60
C THR E 501 -18.55 -9.91 30.65
N GLN E 502 -19.57 -10.67 30.25
CA GLN E 502 -19.47 -12.15 30.13
C GLN E 502 -18.67 -12.50 28.87
N ASN E 503 -18.41 -11.53 27.98
CA ASN E 503 -17.63 -11.70 26.75
C ASN E 503 -16.31 -10.94 26.80
N GLY E 504 -15.73 -10.77 27.99
CA GLY E 504 -14.37 -10.22 28.17
C GLY E 504 -14.40 -8.74 28.51
N GLY E 505 -15.58 -8.12 28.49
CA GLY E 505 -15.74 -6.69 28.73
C GLY E 505 -15.55 -6.32 30.18
N LEU E 506 -15.35 -5.04 30.43
CA LEU E 506 -15.24 -4.41 31.76
C LEU E 506 -15.93 -3.06 31.70
N PHE E 507 -16.88 -2.84 32.59
CA PHE E 507 -17.51 -1.51 32.76
C PHE E 507 -16.56 -0.71 33.64
N VAL E 508 -16.20 0.49 33.22
CA VAL E 508 -15.18 1.32 33.92
C VAL E 508 -15.83 2.59 34.41
N THR E 509 -15.63 2.88 35.69
CA THR E 509 -16.11 4.14 36.30
C THR E 509 -14.92 4.86 36.90
N SER E 510 -14.86 6.18 36.72
CA SER E 510 -13.87 7.05 37.39
C SER E 510 -14.61 8.07 38.24
N ILE E 511 -14.12 8.28 39.46
CA ILE E 511 -14.68 9.27 40.41
C ILE E 511 -13.52 10.22 40.75
N ASN E 512 -13.59 11.45 40.28
CA ASN E 512 -12.37 12.25 40.10
C ASN E 512 -12.71 13.74 40.08
N LEU E 513 -11.68 14.59 40.09
CA LEU E 513 -11.84 16.06 39.83
C LEU E 513 -11.93 16.33 38.33
N TYR E 514 -11.28 15.51 37.51
CA TYR E 514 -11.06 15.84 36.11
C TYR E 514 -11.29 14.58 35.27
N PRO E 515 -11.42 14.70 33.93
CA PRO E 515 -11.56 13.52 33.07
C PRO E 515 -10.35 12.56 33.17
N THR E 516 -9.13 13.12 33.13
CA THR E 516 -7.84 12.41 33.07
C THR E 516 -7.74 11.46 31.85
N LYS E 517 -6.59 10.79 31.74
CA LYS E 517 -6.36 9.74 30.71
C LYS E 517 -7.39 8.62 30.90
N LEU E 518 -7.92 8.45 32.11
CA LEU E 518 -8.93 7.38 32.34
C LEU E 518 -10.11 7.58 31.38
N ALA E 519 -10.37 8.82 30.94
CA ALA E 519 -11.52 9.09 30.02
C ALA E 519 -11.34 8.33 28.69
N GLU E 520 -10.12 7.87 28.41
CA GLU E 520 -9.88 7.02 27.21
C GLU E 520 -10.65 5.71 27.30
N ALA E 521 -11.03 5.27 28.50
CA ALA E 521 -11.57 3.91 28.74
C ALA E 521 -12.88 3.98 29.50
N ALA E 522 -13.06 5.01 30.31
CA ALA E 522 -14.20 5.05 31.24
C ALA E 522 -15.51 5.09 30.44
N HIS E 523 -16.52 4.45 31.00
CA HIS E 523 -17.94 4.54 30.58
C HIS E 523 -18.71 5.57 31.42
N LEU E 524 -18.24 5.88 32.64
CA LEU E 524 -19.00 6.74 33.58
C LEU E 524 -17.99 7.50 34.38
N MET E 525 -18.16 8.80 34.48
CA MET E 525 -17.31 9.63 35.37
C MET E 525 -18.22 10.41 36.31
N LEU E 526 -17.84 10.44 37.58
CA LEU E 526 -18.58 11.20 38.62
C LEU E 526 -17.69 12.30 39.20
N PRO E 527 -18.27 13.50 39.39
CA PRO E 527 -17.50 14.64 39.86
C PRO E 527 -17.39 14.75 41.39
N ALA E 528 -16.16 14.87 41.85
CA ALA E 528 -15.82 15.00 43.27
C ALA E 528 -15.39 16.42 43.61
N ALA E 529 -15.32 16.67 44.92
CA ALA E 529 -14.97 17.97 45.50
C ALA E 529 -13.71 17.82 46.35
N HIS E 530 -12.92 18.89 46.41
CA HIS E 530 -11.62 18.91 47.10
C HIS E 530 -11.72 19.86 48.32
N PRO E 531 -10.70 19.86 49.21
CA PRO E 531 -10.77 20.66 50.45
C PRO E 531 -11.00 22.14 50.17
N GLY E 532 -11.88 22.80 50.93
CA GLY E 532 -12.31 24.19 50.67
C GLY E 532 -13.65 24.21 50.00
N GLU E 533 -13.93 23.25 49.11
CA GLU E 533 -15.31 23.00 48.60
C GLU E 533 -16.05 22.09 49.59
N MET E 534 -15.28 21.48 50.49
CA MET E 534 -15.79 20.61 51.57
C MET E 534 -14.90 20.85 52.78
N ASN E 535 -15.39 20.47 53.93
CA ASN E 535 -14.58 20.28 55.16
C ASN E 535 -13.80 18.98 55.00
N LEU E 536 -12.58 18.93 55.55
CA LEU E 536 -11.80 17.70 55.47
C LEU E 536 -10.81 17.64 56.60
N THR E 537 -10.60 16.44 57.13
CA THR E 537 -9.57 16.23 58.17
C THR E 537 -8.49 15.29 57.65
N SER E 538 -7.27 15.54 58.10
CA SER E 538 -6.07 14.75 57.78
C SER E 538 -4.93 15.07 58.72
N MET E 539 -3.99 14.16 58.78
CA MET E 539 -2.81 14.39 59.62
C MET E 539 -1.53 14.36 58.79
N ASN E 540 -0.48 14.94 59.33
CA ASN E 540 0.77 15.05 58.56
C ASN E 540 1.72 13.95 59.06
N GLY E 541 3.02 14.11 58.74
CA GLY E 541 4.04 13.09 58.95
C GLY E 541 4.45 12.97 60.40
N GLU E 542 3.87 13.80 61.29
CA GLU E 542 4.02 13.72 62.77
C GLU E 542 2.62 13.55 63.39
N ARG E 543 1.64 13.07 62.61
CA ARG E 543 0.32 12.66 63.13
C ARG E 543 -0.45 13.90 63.59
N ARG E 544 -0.16 15.07 63.05
CA ARG E 544 -0.84 16.30 63.48
C ARG E 544 -2.14 16.45 62.66
N ILE E 545 -3.30 16.15 63.25
CA ILE E 545 -4.64 16.28 62.60
C ILE E 545 -5.10 17.75 62.63
N ARG E 546 -5.59 18.22 61.49
CA ARG E 546 -6.12 19.58 61.30
C ARG E 546 -7.41 19.46 60.51
N LEU E 547 -8.30 20.40 60.72
CA LEU E 547 -9.49 20.56 59.85
C LEU E 547 -9.21 21.63 58.80
N SER E 548 -9.41 21.28 57.52
CA SER E 548 -9.45 22.26 56.41
C SER E 548 -10.91 22.69 56.26
N GLU E 549 -11.17 23.99 56.34
CA GLU E 549 -12.57 24.53 56.38
C GLU E 549 -13.11 24.76 54.98
N LYS E 550 -14.38 24.37 54.80
CA LYS E 550 -15.16 24.76 53.62
C LYS E 550 -15.22 26.29 53.51
N PHE E 551 -14.97 26.84 52.31
CA PHE E 551 -15.10 28.32 52.09
C PHE E 551 -15.78 28.67 50.77
N MET E 552 -16.07 27.70 49.93
CA MET E 552 -16.69 27.97 48.62
C MET E 552 -17.44 26.71 48.18
N ASP E 553 -18.23 26.84 47.16
CA ASP E 553 -19.03 25.78 46.62
C ASP E 553 -18.15 24.97 45.66
N PRO E 554 -18.40 23.68 45.56
CA PRO E 554 -17.81 22.93 44.45
C PRO E 554 -18.40 23.33 43.09
N PRO E 555 -17.74 22.97 41.95
CA PRO E 555 -18.26 23.16 40.60
C PRO E 555 -19.50 22.31 40.38
N GLY E 556 -20.53 22.89 39.77
CA GLY E 556 -21.69 22.08 39.39
C GLY E 556 -22.20 21.27 40.57
N THR E 557 -22.45 19.98 40.32
CA THR E 557 -23.01 19.01 41.29
C THR E 557 -21.89 18.16 41.86
N ALA E 558 -20.65 18.63 41.77
CA ALA E 558 -19.53 17.90 42.37
C ALA E 558 -19.78 17.70 43.88
N MET E 559 -19.32 16.57 44.42
N MET E 559 -19.42 16.52 44.39
CA MET E 559 -19.77 16.04 45.72
CA MET E 559 -19.77 16.05 45.74
C MET E 559 -18.58 15.47 46.48
C MET E 559 -18.52 15.56 46.47
N ALA E 560 -18.46 15.76 47.78
CA ALA E 560 -17.45 15.11 48.63
C ALA E 560 -17.49 13.59 48.40
N ASP E 561 -16.33 12.94 48.28
CA ASP E 561 -16.26 11.48 48.02
C ASP E 561 -17.06 10.64 49.04
N CYS E 562 -17.02 11.00 50.33
CA CYS E 562 -17.79 10.25 51.36
C CYS E 562 -19.28 10.35 51.04
N LEU E 563 -19.75 11.48 50.49
CA LEU E 563 -21.19 11.63 50.14
C LEU E 563 -21.50 10.90 48.83
N ILE E 564 -20.53 10.78 47.93
CA ILE E 564 -20.69 9.89 46.73
C ILE E 564 -20.86 8.44 47.20
N ALA E 565 -20.05 7.99 48.13
CA ALA E 565 -20.17 6.64 48.69
C ALA E 565 -21.56 6.44 49.32
N ALA E 566 -22.05 7.41 50.09
CA ALA E 566 -23.42 7.40 50.66
C ALA E 566 -24.49 7.33 49.54
N ARG E 567 -24.30 8.09 48.47
CA ARG E 567 -25.28 8.12 47.36
CA ARG E 567 -25.31 8.10 47.39
C ARG E 567 -25.38 6.71 46.75
N ILE E 568 -24.22 6.08 46.56
CA ILE E 568 -24.12 4.70 45.97
C ILE E 568 -24.78 3.70 46.93
N ALA E 569 -24.50 3.81 48.22
CA ALA E 569 -25.00 2.87 49.24
C ALA E 569 -26.52 3.00 49.30
N ASN E 570 -27.05 4.22 49.16
CA ASN E 570 -28.50 4.44 49.33
C ASN E 570 -29.20 3.99 48.05
N ALA E 571 -28.50 4.05 46.93
CA ALA E 571 -29.07 3.57 45.66
C ALA E 571 -29.17 2.04 45.73
N LEU E 572 -28.13 1.38 46.20
CA LEU E 572 -28.13 -0.10 46.32
C LEU E 572 -29.19 -0.55 47.35
N ARG E 573 -29.24 0.08 48.50
CA ARG E 573 -30.27 -0.19 49.55
C ARG E 573 -31.66 -0.12 48.93
N ASP E 574 -31.99 1.00 48.27
CA ASP E 574 -33.34 1.22 47.70
C ASP E 574 -33.68 0.09 46.70
N MET E 575 -32.73 -0.33 45.89
CA MET E 575 -32.92 -1.42 44.88
C MET E 575 -33.15 -2.75 45.58
N TYR E 576 -32.31 -3.12 46.56
CA TYR E 576 -32.56 -4.37 47.33
C TYR E 576 -33.93 -4.29 48.00
N GLN E 577 -34.34 -3.15 48.56
CA GLN E 577 -35.66 -3.05 49.23
C GLN E 577 -36.73 -3.32 48.18
N LYS E 578 -36.66 -2.67 47.05
CA LYS E 578 -37.71 -2.80 45.98
C LYS E 578 -37.83 -4.26 45.51
N ASP E 579 -36.72 -4.99 45.53
CA ASP E 579 -36.59 -6.39 45.02
C ASP E 579 -36.96 -7.38 46.14
N GLY E 580 -37.38 -6.87 47.31
CA GLY E 580 -37.87 -7.69 48.43
C GLY E 580 -36.74 -8.45 49.11
N LYS E 581 -35.51 -7.93 49.07
CA LYS E 581 -34.30 -8.58 49.63
C LYS E 581 -33.81 -7.79 50.85
N ALA E 582 -34.42 -8.03 52.02
CA ALA E 582 -34.19 -7.28 53.28
C ALA E 582 -32.76 -7.48 53.79
N GLU E 583 -32.25 -8.71 53.71
CA GLU E 583 -30.89 -9.02 54.21
C GLU E 583 -29.87 -8.17 53.44
N MET E 584 -29.95 -8.14 52.10
CA MET E 584 -29.00 -7.37 51.24
C MET E 584 -29.22 -5.89 51.53
N ALA E 585 -30.48 -5.44 51.62
CA ALA E 585 -30.77 -4.01 51.89
C ALA E 585 -30.05 -3.55 53.15
N ALA E 586 -30.09 -4.35 54.19
CA ALA E 586 -29.51 -4.04 55.52
C ALA E 586 -27.98 -3.88 55.43
N GLN E 587 -27.28 -4.54 54.52
CA GLN E 587 -25.83 -4.34 54.32
C GLN E 587 -25.57 -2.88 53.93
N PHE E 588 -26.56 -2.18 53.35
CA PHE E 588 -26.34 -0.81 52.79
C PHE E 588 -26.89 0.28 53.72
N GLU E 589 -27.28 -0.15 54.91
CA GLU E 589 -27.64 0.76 56.03
C GLU E 589 -26.39 1.53 56.50
N GLY E 590 -26.64 2.66 57.15
CA GLY E 590 -25.62 3.43 57.88
C GLY E 590 -24.97 4.49 57.01
N PHE E 591 -25.66 4.97 55.96
CA PHE E 591 -25.17 6.06 55.09
C PHE E 591 -26.15 7.22 54.97
N ASP E 592 -26.93 7.52 56.03
CA ASP E 592 -27.89 8.63 56.06
C ASP E 592 -27.10 9.90 56.39
N TRP E 593 -26.24 10.31 55.46
CA TRP E 593 -25.26 11.40 55.66
C TRP E 593 -25.70 12.60 54.82
N LYS E 594 -25.83 13.77 55.45
CA LYS E 594 -26.14 15.05 54.74
C LYS E 594 -24.86 15.84 54.49
N THR E 595 -23.78 15.63 55.26
CA THR E 595 -22.54 16.41 55.17
C THR E 595 -21.37 15.50 55.51
N GLU E 596 -20.19 15.91 55.10
CA GLU E 596 -18.94 15.17 55.34
C GLU E 596 -18.72 14.97 56.86
N GLU E 597 -19.10 15.93 57.73
CA GLU E 597 -18.94 15.82 59.20
C GLU E 597 -19.66 14.54 59.70
N ASP E 598 -20.79 14.16 59.05
CA ASP E 598 -21.53 12.92 59.39
C ASP E 598 -20.58 11.73 59.26
N ALA E 599 -19.71 11.70 58.24
CA ALA E 599 -18.77 10.60 57.99
C ALA E 599 -17.64 10.68 59.02
N PHE E 600 -17.22 11.88 59.44
CA PHE E 600 -16.22 12.01 60.54
C PHE E 600 -16.80 11.40 61.84
N ASN E 601 -18.04 11.76 62.17
CA ASN E 601 -18.73 11.22 63.37
C ASN E 601 -18.94 9.71 63.26
N ASP E 602 -19.31 9.17 62.09
CA ASP E 602 -19.64 7.72 61.96
C ASP E 602 -18.39 6.85 61.99
N GLY E 603 -17.24 7.42 61.65
CA GLY E 603 -16.01 6.62 61.46
C GLY E 603 -14.99 6.94 62.55
N PHE E 604 -14.17 7.91 62.25
CA PHE E 604 -13.06 8.36 63.13
C PHE E 604 -13.54 8.43 64.60
N ARG E 605 -14.70 9.04 64.82
CA ARG E 605 -15.18 9.32 66.19
C ARG E 605 -15.92 8.11 66.78
N ARG E 606 -16.13 7.02 66.04
CA ARG E 606 -16.74 5.80 66.63
C ARG E 606 -15.67 4.74 66.91
N ALA E 607 -14.45 4.86 66.39
CA ALA E 607 -13.37 3.86 66.59
C ALA E 607 -13.24 3.52 68.08
N GLY E 608 -13.37 2.22 68.38
CA GLY E 608 -13.16 1.69 69.74
C GLY E 608 -14.28 2.02 70.69
N GLN E 609 -15.37 2.67 70.27
CA GLN E 609 -16.44 3.08 71.21
C GLN E 609 -17.41 1.92 71.42
N PRO E 610 -18.19 1.97 72.54
CA PRO E 610 -19.20 0.94 72.80
C PRO E 610 -20.24 0.85 71.66
N GLY E 611 -20.41 -0.37 71.16
CA GLY E 611 -21.44 -0.70 70.17
C GLY E 611 -20.98 -0.41 68.76
N ALA E 612 -19.75 0.10 68.61
CA ALA E 612 -19.13 0.31 67.28
C ALA E 612 -18.75 -1.04 66.68
N PRO E 613 -18.74 -1.14 65.33
CA PRO E 613 -18.16 -2.30 64.69
C PRO E 613 -16.64 -2.14 64.70
N ALA E 614 -15.96 -3.11 64.10
CA ALA E 614 -14.48 -3.14 63.98
C ALA E 614 -14.07 -1.97 63.06
N ILE E 615 -13.21 -1.10 63.57
CA ILE E 615 -12.75 0.10 62.80
C ILE E 615 -11.27 0.27 63.02
N ASP E 616 -10.51 0.29 61.91
CA ASP E 616 -9.05 0.58 61.88
C ASP E 616 -8.90 2.08 61.65
N SER E 617 -8.36 2.82 62.62
CA SER E 617 -8.28 4.29 62.54
C SER E 617 -6.91 4.76 63.03
N GLN E 618 -6.34 5.71 62.31
CA GLN E 618 -5.10 6.43 62.74
C GLN E 618 -5.41 7.36 63.91
N GLY E 619 -6.67 7.57 64.23
CA GLY E 619 -7.06 8.31 65.46
C GLY E 619 -7.05 7.45 66.71
N GLY E 620 -7.11 6.13 66.54
CA GLY E 620 -7.33 5.13 67.58
C GLY E 620 -8.60 5.39 68.40
N SER E 621 -8.60 4.89 69.62
CA SER E 621 -9.86 4.76 70.39
C SER E 621 -10.19 6.09 71.09
N THR E 622 -9.27 7.09 71.10
CA THR E 622 -9.56 8.43 71.67
C THR E 622 -9.94 9.42 70.56
N GLY E 623 -10.22 8.93 69.36
CA GLY E 623 -10.58 9.82 68.25
C GLY E 623 -11.85 10.56 68.52
N HIS E 624 -12.75 10.00 69.33
CA HIS E 624 -14.06 10.59 69.68
C HIS E 624 -13.85 11.94 70.39
N LEU E 625 -12.69 12.18 70.98
CA LEU E 625 -12.39 13.47 71.67
C LEU E 625 -12.22 14.57 70.62
N VAL E 626 -11.95 14.19 69.36
CA VAL E 626 -11.79 15.21 68.32
C VAL E 626 -13.17 15.55 67.77
N THR E 627 -13.47 16.84 67.59
CA THR E 627 -14.65 17.31 66.80
C THR E 627 -14.19 18.45 65.87
N TYR E 628 -14.97 18.76 64.87
CA TYR E 628 -14.65 19.90 63.99
C TYR E 628 -14.47 21.15 64.85
N ASP E 629 -15.38 21.43 65.75
CA ASP E 629 -15.32 22.69 66.56
C ASP E 629 -14.00 22.69 67.36
N ARG E 630 -13.60 21.55 67.94
CA ARG E 630 -12.36 21.55 68.78
C ARG E 630 -11.14 21.73 67.89
N LEU E 631 -11.16 21.12 66.69
CA LEU E 631 -10.11 21.36 65.69
C LEU E 631 -10.04 22.82 65.24
N ARG E 632 -11.17 23.48 64.99
CA ARG E 632 -11.17 24.92 64.62
C ARG E 632 -10.44 25.73 65.71
N LYS E 633 -10.74 25.42 66.96
CA LYS E 633 -10.17 26.11 68.15
C LYS E 633 -8.67 25.85 68.21
N SER E 634 -8.24 24.65 67.82
CA SER E 634 -6.79 24.32 67.78
C SER E 634 -6.08 25.14 66.69
N GLY E 635 -6.77 25.55 65.63
CA GLY E 635 -6.12 26.25 64.53
C GLY E 635 -5.28 25.30 63.68
N ASN E 636 -4.39 25.82 62.88
CA ASN E 636 -3.56 25.01 61.97
C ASN E 636 -2.53 24.17 62.76
N ASN E 637 -2.34 24.45 64.08
CA ASN E 637 -1.45 23.58 64.88
C ASN E 637 -2.15 22.26 65.22
N GLY E 638 -3.48 22.24 65.17
CA GLY E 638 -4.24 21.02 65.47
C GLY E 638 -3.74 20.32 66.73
N VAL E 639 -3.67 19.00 66.68
CA VAL E 639 -3.13 18.12 67.77
C VAL E 639 -2.41 16.94 67.15
N GLN E 640 -1.28 16.55 67.74
CA GLN E 640 -0.62 15.29 67.36
C GLN E 640 -1.40 14.11 67.94
N LEU E 641 -1.80 13.17 67.07
CA LEU E 641 -2.50 11.95 67.51
C LEU E 641 -1.49 10.97 68.12
N PRO E 642 -1.90 10.07 69.06
CA PRO E 642 -3.26 10.04 69.61
C PRO E 642 -3.56 11.15 70.62
N VAL E 643 -4.84 11.59 70.65
CA VAL E 643 -5.31 12.52 71.70
C VAL E 643 -5.18 11.80 73.04
N VAL E 644 -4.57 12.48 74.01
CA VAL E 644 -4.49 12.05 75.42
C VAL E 644 -5.73 12.55 76.17
N SER E 645 -6.15 13.78 75.97
CA SER E 645 -7.18 14.45 76.81
C SER E 645 -7.75 15.64 76.04
N TRP E 646 -8.97 16.00 76.45
CA TRP E 646 -9.70 17.21 76.02
C TRP E 646 -10.42 17.74 77.25
N ASP E 647 -10.25 19.02 77.50
CA ASP E 647 -11.28 19.78 78.25
C ASP E 647 -11.37 21.20 77.67
N GLU E 648 -12.41 21.95 78.01
CA GLU E 648 -12.60 23.34 77.52
C GLU E 648 -11.39 24.23 77.88
N SER E 649 -10.77 24.02 79.04
CA SER E 649 -9.71 24.92 79.55
C SER E 649 -8.37 24.66 78.86
N LYS E 650 -8.03 23.43 78.48
CA LYS E 650 -6.71 23.15 77.83
C LYS E 650 -6.85 22.71 76.36
N GLY E 651 -8.06 22.51 75.85
CA GLY E 651 -8.22 22.01 74.47
C GLY E 651 -7.66 20.60 74.31
N LEU E 652 -7.37 20.27 73.08
CA LEU E 652 -6.86 18.96 72.64
C LEU E 652 -5.38 18.85 73.03
N VAL E 653 -5.08 17.85 73.84
CA VAL E 653 -3.67 17.53 74.21
C VAL E 653 -3.27 16.21 73.55
N GLY E 654 -2.12 16.19 72.90
CA GLY E 654 -1.74 15.04 72.06
C GLY E 654 -0.42 14.40 72.46
N THR E 655 0.14 13.67 71.51
CA THR E 655 1.30 12.79 71.73
C THR E 655 2.40 13.26 70.78
N GLU E 656 3.55 13.70 71.34
CA GLU E 656 4.70 14.17 70.50
C GLU E 656 5.45 13.00 69.87
N MET E 657 5.79 11.98 70.65
CA MET E 657 6.67 10.88 70.17
C MET E 657 6.14 9.55 70.72
N LEU E 658 6.10 8.53 69.87
CA LEU E 658 5.72 7.16 70.24
C LEU E 658 6.94 6.40 70.79
N TYR E 659 6.68 5.36 71.58
CA TYR E 659 7.65 4.35 72.04
C TYR E 659 8.66 4.99 73.01
N THR E 660 8.27 6.05 73.72
CA THR E 660 9.22 6.72 74.64
C THR E 660 9.44 5.89 75.91
N GLU E 661 8.66 4.83 76.19
CA GLU E 661 8.88 3.95 77.37
C GLU E 661 9.36 2.56 76.95
N GLY E 662 9.69 2.38 75.68
CA GLY E 662 10.18 1.10 75.15
C GLY E 662 9.11 0.02 75.07
N LYS E 663 7.84 0.42 75.12
CA LYS E 663 6.68 -0.49 74.90
C LYS E 663 6.24 -0.32 73.44
N PHE E 664 6.34 -1.41 72.71
CA PHE E 664 6.13 -1.43 71.26
C PHE E 664 4.83 -2.15 70.98
N ASP E 665 4.34 -1.97 69.76
CA ASP E 665 3.07 -2.55 69.29
C ASP E 665 3.31 -4.01 68.88
N THR E 666 3.64 -4.85 69.83
CA THR E 666 3.73 -6.31 69.64
C THR E 666 3.02 -7.00 70.81
N ASP E 667 2.78 -8.29 70.65
CA ASP E 667 2.15 -9.17 71.68
C ASP E 667 2.88 -9.06 73.02
N ASP E 668 4.21 -8.85 73.04
CA ASP E 668 4.95 -8.80 74.33
C ASP E 668 5.40 -7.40 74.70
N GLY E 669 5.10 -6.38 73.90
CA GLY E 669 5.55 -5.01 74.19
C GLY E 669 7.02 -4.80 73.86
N LYS E 670 7.69 -5.78 73.26
CA LYS E 670 9.11 -5.68 72.84
C LYS E 670 9.20 -5.38 71.35
N ALA E 671 10.25 -4.68 70.91
CA ALA E 671 10.61 -4.55 69.48
C ALA E 671 11.15 -5.90 69.02
N HIS E 672 10.73 -6.37 67.85
CA HIS E 672 11.16 -7.69 67.33
C HIS E 672 12.13 -7.50 66.16
N PHE E 673 13.36 -8.02 66.30
CA PHE E 673 14.36 -8.07 65.21
C PHE E 673 13.90 -9.11 64.19
N LYS E 674 14.32 -8.95 62.95
CA LYS E 674 13.94 -9.88 61.86
C LYS E 674 15.16 -10.21 61.00
N PRO E 675 15.18 -11.46 60.48
CA PRO E 675 16.17 -11.85 59.49
C PRO E 675 15.98 -10.99 58.23
N ALA E 676 17.08 -10.61 57.58
CA ALA E 676 17.07 -9.81 56.34
C ALA E 676 18.08 -10.43 55.38
N PRO E 677 17.65 -11.45 54.62
CA PRO E 677 18.54 -12.14 53.71
C PRO E 677 18.85 -11.22 52.53
N TRP E 678 20.07 -11.28 52.03
CA TRP E 678 20.48 -10.51 50.83
C TRP E 678 20.40 -11.46 49.64
N ASN E 679 19.43 -11.23 48.75
CA ASN E 679 19.10 -12.17 47.66
C ASN E 679 19.49 -11.59 46.31
N GLY E 680 20.17 -10.44 46.25
CA GLY E 680 20.39 -9.71 44.98
C GLY E 680 19.09 -9.17 44.39
N LEU E 681 19.10 -8.79 43.12
CA LEU E 681 17.87 -8.30 42.47
C LEU E 681 16.96 -9.50 42.20
N PRO E 682 15.63 -9.25 42.21
CA PRO E 682 14.64 -10.24 41.76
C PRO E 682 14.98 -10.66 40.33
N ALA E 683 14.75 -11.92 39.97
CA ALA E 683 15.10 -12.46 38.63
C ALA E 683 14.41 -11.64 37.56
N THR E 684 13.14 -11.29 37.77
CA THR E 684 12.36 -10.52 36.76
C THR E 684 13.11 -9.22 36.46
N VAL E 685 13.64 -8.55 37.50
CA VAL E 685 14.39 -7.29 37.28
C VAL E 685 15.78 -7.57 36.69
N GLN E 686 16.49 -8.57 37.22
CA GLN E 686 17.87 -8.94 36.78
C GLN E 686 17.81 -9.26 35.27
N GLN E 687 16.73 -9.90 34.80
CA GLN E 687 16.59 -10.24 33.34
C GLN E 687 16.62 -8.98 32.48
N GLN E 688 15.95 -7.91 32.93
CA GLN E 688 15.93 -6.62 32.18
C GLN E 688 17.35 -6.03 32.26
N LYS E 689 17.96 -6.03 33.42
CA LYS E 689 19.30 -5.43 33.59
C LYS E 689 20.31 -6.16 32.69
N ASP E 690 20.14 -7.46 32.53
CA ASP E 690 21.09 -8.28 31.75
C ASP E 690 20.93 -7.94 30.28
N LYS E 691 19.74 -7.50 29.86
CA LYS E 691 19.38 -7.33 28.42
C LYS E 691 19.60 -5.89 27.97
N TYR E 692 19.50 -4.92 28.87
CA TYR E 692 19.38 -3.49 28.52
C TYR E 692 20.40 -2.69 29.33
N ARG E 693 20.68 -1.47 28.86
CA ARG E 693 21.87 -0.66 29.18
C ARG E 693 21.61 0.19 30.42
N PHE E 694 20.45 0.79 30.57
CA PHE E 694 20.25 1.87 31.55
C PHE E 694 19.31 1.49 32.69
N TRP E 695 19.74 1.83 33.91
CA TRP E 695 18.90 1.83 35.14
C TRP E 695 17.85 2.96 35.02
N LEU E 696 16.56 2.61 35.05
CA LEU E 696 15.42 3.54 34.80
C LEU E 696 14.82 4.01 36.11
N ASN E 697 15.63 4.76 36.83
CA ASN E 697 15.22 5.39 38.09
C ASN E 697 14.11 6.34 37.70
N ASN E 698 13.24 6.65 38.69
CA ASN E 698 12.06 7.46 38.44
C ASN E 698 11.63 8.03 39.80
N GLY E 699 10.81 9.04 39.72
CA GLY E 699 10.34 9.67 40.96
C GLY E 699 9.98 11.11 40.70
N ARG E 700 10.06 11.91 41.77
CA ARG E 700 9.45 13.22 41.85
C ARG E 700 10.35 14.34 41.30
N ASN E 701 9.65 15.37 40.88
CA ASN E 701 10.18 16.72 40.59
C ASN E 701 9.48 17.69 41.53
N ASN E 702 10.24 18.57 42.20
CA ASN E 702 9.73 19.58 43.15
C ASN E 702 8.53 20.36 42.61
N GLU E 703 8.53 20.75 41.35
CA GLU E 703 7.46 21.63 40.83
C GLU E 703 6.20 20.85 40.47
N VAL E 704 6.36 19.60 40.03
CA VAL E 704 5.20 18.80 39.56
C VAL E 704 4.57 18.01 40.70
N TRP E 705 3.26 18.14 40.87
CA TRP E 705 2.49 17.30 41.82
C TRP E 705 1.88 16.10 41.10
N GLN E 706 2.38 14.91 41.45
CA GLN E 706 1.72 13.62 41.24
C GLN E 706 1.47 13.46 39.73
N THR E 707 0.26 13.11 39.36
CA THR E 707 -0.14 12.92 37.96
C THR E 707 -0.46 14.22 37.24
N ALA E 708 -0.11 15.38 37.79
CA ALA E 708 -0.17 16.68 37.11
C ALA E 708 -1.63 16.96 36.70
N TYR E 709 -2.58 16.52 37.53
CA TYR E 709 -4.04 16.66 37.27
C TYR E 709 -4.42 18.14 37.21
N HIS E 710 -3.90 18.97 38.13
CA HIS E 710 -4.02 20.44 37.99
C HIS E 710 -2.92 20.98 37.06
N ASP E 711 -1.67 20.53 37.29
CA ASP E 711 -0.53 21.15 36.63
C ASP E 711 -0.69 21.10 35.11
N GLN E 712 -1.35 20.07 34.58
CA GLN E 712 -1.48 19.90 33.12
C GLN E 712 -2.16 21.15 32.53
N TYR E 713 -2.93 21.87 33.35
CA TYR E 713 -3.70 23.05 32.88
C TYR E 713 -3.00 24.35 33.23
N ASN E 714 -1.82 24.31 33.84
CA ASN E 714 -1.15 25.53 34.33
C ASN E 714 -0.14 25.91 33.25
N SER E 715 -0.29 27.10 32.65
CA SER E 715 0.56 27.58 31.53
C SER E 715 2.03 27.59 32.00
N LEU E 716 2.30 28.04 33.22
CA LEU E 716 3.72 28.09 33.69
C LEU E 716 4.31 26.71 33.78
N MET E 717 3.58 25.75 34.30
CA MET E 717 4.05 24.34 34.40
C MET E 717 4.28 23.74 33.01
N GLN E 718 3.37 23.97 32.06
CA GLN E 718 3.45 23.37 30.71
C GLN E 718 4.61 23.99 29.90
N GLU E 719 4.96 25.27 30.17
CA GLU E 719 6.12 25.99 29.61
C GLU E 719 7.39 25.28 30.12
N ARG E 720 7.41 24.99 31.39
CA ARG E 720 8.63 24.50 32.07
C ARG E 720 8.82 23.01 31.81
N TYR E 721 7.73 22.22 31.86
CA TYR E 721 7.75 20.74 31.74
C TYR E 721 6.71 20.31 30.72
N PRO E 722 6.89 20.64 29.44
CA PRO E 722 5.92 20.26 28.39
C PRO E 722 5.83 18.74 28.25
N MET E 723 6.87 18.07 28.69
CA MET E 723 7.02 16.61 28.51
C MET E 723 7.76 16.07 29.72
N ALA E 724 7.45 14.84 30.10
CA ALA E 724 8.25 14.08 31.08
C ALA E 724 9.72 14.13 30.66
N TYR E 725 10.60 14.43 31.58
CA TYR E 725 12.05 14.48 31.30
C TYR E 725 12.75 13.28 31.90
N ILE E 726 13.87 12.91 31.26
CA ILE E 726 14.76 11.82 31.71
C ILE E 726 16.15 12.45 31.90
N GLU E 727 16.56 12.57 33.15
CA GLU E 727 17.94 12.95 33.49
C GLU E 727 18.95 11.92 32.95
N MET E 728 19.94 12.40 32.21
CA MET E 728 20.92 11.47 31.61
C MET E 728 22.34 11.98 31.86
N ASN E 729 23.25 11.05 32.00
CA ASN E 729 24.69 11.42 32.08
C ASN E 729 25.12 12.11 30.77
N PRO E 730 25.92 13.20 30.81
CA PRO E 730 26.32 13.88 29.57
C PRO E 730 27.13 13.06 28.57
N ASP E 731 27.97 12.13 29.09
CA ASP E 731 28.81 11.27 28.23
C ASP E 731 27.89 10.27 27.55
N ASP E 732 26.89 9.78 28.27
CA ASP E 732 25.93 8.84 27.65
C ASP E 732 25.16 9.59 26.56
N CYS E 733 24.80 10.83 26.84
CA CYS E 733 24.08 11.70 25.87
C CYS E 733 24.85 11.79 24.55
N LYS E 734 26.11 12.18 24.64
CA LYS E 734 27.05 12.26 23.50
C LYS E 734 27.11 10.96 22.74
N GLN E 735 27.21 9.83 23.45
CA GLN E 735 27.27 8.54 22.75
C GLN E 735 25.97 8.33 21.96
N LEU E 736 24.85 8.84 22.47
CA LEU E 736 23.53 8.67 21.82
C LEU E 736 23.19 9.85 20.88
N ASP E 737 24.07 10.85 20.75
CA ASP E 737 23.86 12.06 19.90
C ASP E 737 22.55 12.74 20.35
N VAL E 738 22.38 12.81 21.66
CA VAL E 738 21.29 13.62 22.25
C VAL E 738 21.82 14.76 23.14
N THR E 739 20.96 15.77 23.25
CA THR E 739 21.13 16.91 24.16
C THR E 739 19.76 17.37 24.70
N GLY E 740 19.77 18.41 25.52
CA GLY E 740 18.56 18.98 26.13
C GLY E 740 17.48 19.25 25.10
N GLY E 741 16.28 18.72 25.32
CA GLY E 741 15.12 18.99 24.43
C GLY E 741 15.03 18.06 23.25
N ASP E 742 15.90 17.06 23.16
CA ASP E 742 15.64 15.93 22.25
C ASP E 742 14.60 15.02 22.90
N ILE E 743 13.84 14.32 22.08
CA ILE E 743 12.91 13.27 22.57
C ILE E 743 13.58 11.92 22.36
N VAL E 744 13.51 11.07 23.36
CA VAL E 744 13.95 9.66 23.29
C VAL E 744 12.77 8.73 23.57
N GLU E 745 12.83 7.56 22.93
CA GLU E 745 12.06 6.39 23.40
C GLU E 745 12.88 5.65 24.47
N VAL E 746 12.23 5.30 25.59
CA VAL E 746 12.75 4.43 26.66
C VAL E 746 11.97 3.13 26.59
N TYR E 747 12.64 1.98 26.52
CA TYR E 747 11.89 0.73 26.25
C TYR E 747 12.61 -0.46 26.87
N ASN E 748 11.81 -1.48 27.17
CA ASN E 748 12.30 -2.80 27.62
C ASN E 748 11.25 -3.86 27.24
N ASP E 749 11.30 -5.04 27.83
CA ASP E 749 10.29 -6.08 27.51
C ASP E 749 8.91 -5.65 27.98
N PHE E 750 8.82 -4.83 29.02
CA PHE E 750 7.53 -4.48 29.67
C PHE E 750 6.75 -3.43 28.87
N GLY E 751 7.47 -2.52 28.22
CA GLY E 751 6.81 -1.41 27.54
C GLY E 751 7.76 -0.42 26.90
N SER E 752 7.14 0.59 26.31
CA SER E 752 7.79 1.64 25.53
C SER E 752 7.17 2.97 25.96
N THR E 753 7.99 3.96 26.27
CA THR E 753 7.53 5.32 26.57
C THR E 753 8.57 6.31 26.06
N PHE E 754 8.30 7.60 26.31
CA PHE E 754 8.94 8.74 25.63
C PHE E 754 9.22 9.77 26.68
N ALA E 755 10.31 10.51 26.49
CA ALA E 755 10.72 11.58 27.43
C ALA E 755 11.56 12.59 26.68
N MET E 756 11.68 13.77 27.27
CA MET E 756 12.61 14.77 26.72
C MET E 756 13.92 14.63 27.50
N VAL E 757 15.06 14.60 26.79
CA VAL E 757 16.42 14.45 27.40
C VAL E 757 16.76 15.67 28.25
N TYR E 758 17.26 15.41 29.46
CA TYR E 758 17.75 16.44 30.38
C TYR E 758 19.14 16.03 30.84
N PRO E 759 20.20 16.45 30.12
CA PRO E 759 21.56 16.15 30.54
C PRO E 759 21.77 16.66 31.97
N VAL E 760 22.30 15.79 32.81
CA VAL E 760 22.58 16.13 34.23
C VAL E 760 23.97 15.62 34.61
N ALA E 761 24.91 16.50 34.93
CA ALA E 761 26.34 16.08 35.13
C ALA E 761 26.44 15.02 36.23
N GLU E 762 25.56 15.12 37.21
CA GLU E 762 25.60 14.28 38.41
C GLU E 762 25.11 12.86 38.16
N ILE E 763 24.35 12.57 37.10
CA ILE E 763 23.81 11.20 36.89
C ILE E 763 25.00 10.30 36.52
N LYS E 764 25.09 9.09 37.08
CA LYS E 764 26.14 8.11 36.80
C LYS E 764 25.94 7.53 35.40
N ARG E 765 27.04 7.28 34.72
CA ARG E 765 27.01 6.54 33.45
C ARG E 765 26.15 5.28 33.64
N GLY E 766 25.28 4.96 32.69
CA GLY E 766 24.44 3.75 32.76
C GLY E 766 23.21 3.95 33.66
N GLN E 767 23.07 5.12 34.27
CA GLN E 767 21.88 5.44 35.11
C GLN E 767 21.11 6.62 34.50
N THR E 768 19.83 6.72 34.84
CA THR E 768 18.94 7.79 34.33
C THR E 768 17.93 8.08 35.43
N PHE E 769 17.19 9.15 35.31
CA PHE E 769 16.08 9.39 36.24
C PHE E 769 14.95 10.05 35.46
N MET E 770 13.82 9.38 35.39
CA MET E 770 12.67 9.95 34.66
C MET E 770 11.55 10.34 35.67
N LEU E 771 10.93 11.48 35.37
CA LEU E 771 9.75 11.99 36.08
C LEU E 771 8.66 10.92 36.00
N PHE E 772 8.11 10.50 37.14
CA PHE E 772 7.07 9.44 37.14
C PHE E 772 5.68 10.08 36.89
N GLY E 773 4.73 9.24 36.47
CA GLY E 773 3.29 9.54 36.60
C GLY E 773 2.77 10.65 35.67
N TYR E 774 3.55 11.12 34.68
CA TYR E 774 3.22 12.39 34.00
C TYR E 774 2.17 12.22 32.87
N VAL E 775 1.69 13.38 32.37
CA VAL E 775 0.57 13.43 31.37
C VAL E 775 1.13 13.35 29.95
N ASN E 776 2.42 13.51 29.77
CA ASN E 776 3.07 13.38 28.44
C ASN E 776 4.37 12.55 28.63
N GLY E 777 4.26 11.25 28.37
CA GLY E 777 5.34 10.25 28.49
C GLY E 777 5.24 9.59 29.86
N ILE E 778 4.50 8.49 29.93
CA ILE E 778 4.20 7.80 31.22
C ILE E 778 5.38 6.88 31.57
N GLN E 779 6.06 7.09 32.68
CA GLN E 779 7.29 6.34 33.01
C GLN E 779 6.99 4.87 33.32
N GLY E 780 5.87 4.60 33.97
CA GLY E 780 5.55 3.28 34.53
C GLY E 780 5.38 2.18 33.49
N ASP E 781 5.21 2.52 32.21
CA ASP E 781 5.21 1.55 31.06
C ASP E 781 6.44 0.61 31.10
N VAL E 782 7.56 1.06 31.65
CA VAL E 782 8.81 0.23 31.64
C VAL E 782 9.10 -0.43 33.00
N THR E 783 8.30 -0.17 34.01
CA THR E 783 8.39 -0.87 35.30
C THR E 783 7.84 -2.29 35.16
N THR E 784 8.42 -3.20 35.92
CA THR E 784 8.07 -4.65 35.79
C THR E 784 6.86 -4.97 36.66
N ASP E 785 6.41 -6.21 36.57
CA ASP E 785 5.26 -6.74 37.34
C ASP E 785 5.73 -7.26 38.70
N TRP E 786 7.03 -7.18 39.01
CA TRP E 786 7.62 -7.84 40.19
C TRP E 786 7.14 -7.10 41.45
N THR E 787 6.66 -7.85 42.42
CA THR E 787 6.33 -7.34 43.76
C THR E 787 6.90 -8.27 44.86
N ASP E 788 7.00 -7.75 46.10
CA ASP E 788 7.54 -8.52 47.23
C ASP E 788 6.43 -9.42 47.74
N ARG E 789 6.67 -10.10 48.88
CA ARG E 789 5.76 -11.16 49.39
C ARG E 789 4.38 -10.56 49.71
N ASN E 790 4.25 -9.24 49.88
CA ASN E 790 2.97 -8.57 50.20
C ASN E 790 2.41 -7.75 49.02
N ILE E 791 2.94 -8.00 47.82
CA ILE E 791 2.49 -7.36 46.55
C ILE E 791 2.88 -5.87 46.59
N ILE E 792 4.08 -5.55 47.11
CA ILE E 792 4.66 -4.17 47.01
C ILE E 792 5.62 -4.14 45.83
N PRO E 793 5.33 -3.31 44.79
CA PRO E 793 6.15 -3.29 43.57
C PRO E 793 7.55 -2.69 43.81
N TYR E 794 8.52 -3.23 43.08
CA TYR E 794 9.84 -2.61 42.97
C TYR E 794 9.76 -1.56 41.88
N TYR E 795 9.12 -0.43 42.13
CA TYR E 795 8.88 0.59 41.08
C TYR E 795 10.23 1.22 40.67
N LYS E 796 11.20 1.28 41.57
CA LYS E 796 12.54 1.85 41.30
C LYS E 796 13.51 0.82 40.70
N GLY E 797 13.01 -0.33 40.30
CA GLY E 797 13.78 -1.51 39.88
C GLY E 797 13.45 -1.94 38.45
N THR E 798 14.10 -1.31 37.48
CA THR E 798 13.95 -1.62 36.05
C THR E 798 15.10 -1.02 35.24
N TRP E 799 15.30 -1.63 34.09
CA TRP E 799 16.43 -1.40 33.15
C TRP E 799 15.86 -1.41 31.74
N GLY E 800 16.35 -0.52 30.91
CA GLY E 800 15.89 -0.37 29.51
C GLY E 800 16.92 0.27 28.64
N ASP E 801 16.64 0.24 27.34
CA ASP E 801 17.42 0.95 26.30
C ASP E 801 16.72 2.28 25.94
N ILE E 802 17.49 3.16 25.31
CA ILE E 802 17.09 4.52 24.93
C ILE E 802 17.47 4.71 23.47
N ARG E 803 16.54 5.27 22.73
CA ARG E 803 16.70 5.46 21.28
C ARG E 803 16.25 6.88 20.99
N LYS E 804 17.11 7.65 20.34
CA LYS E 804 16.79 9.01 19.86
C LYS E 804 15.58 8.99 18.89
N VAL E 805 14.55 9.78 19.18
CA VAL E 805 13.45 10.08 18.20
C VAL E 805 13.91 11.28 17.39
N GLY E 806 14.25 12.40 18.06
CA GLY E 806 14.67 13.60 17.32
C GLY E 806 14.72 14.82 18.19
N SER E 807 15.07 15.96 17.60
N SER E 807 15.03 15.98 17.61
CA SER E 807 15.17 17.28 18.29
CA SER E 807 15.17 17.27 18.33
C SER E 807 13.79 17.94 18.29
C SER E 807 13.86 18.04 18.29
N MET E 808 13.28 18.33 19.46
CA MET E 808 12.01 19.09 19.55
C MET E 808 12.44 20.56 19.60
N GLU E 809 12.41 21.24 18.44
CA GLU E 809 13.10 22.56 18.43
C GLU E 809 12.46 23.50 19.47
N GLU E 810 11.16 23.33 19.69
CA GLU E 810 10.36 24.20 20.57
C GLU E 810 10.73 23.97 22.03
N PHE E 811 11.06 22.73 22.42
CA PHE E 811 11.59 22.46 23.77
C PHE E 811 12.91 23.19 23.94
N LYS E 812 13.75 23.10 22.92
CA LYS E 812 15.06 23.82 22.94
C LYS E 812 14.86 25.32 23.02
N ARG E 813 13.84 25.90 22.39
CA ARG E 813 13.60 27.37 22.42
C ARG E 813 13.08 27.83 23.81
N THR E 814 12.31 26.99 24.51
CA THR E 814 11.42 27.46 25.60
C THR E 814 11.72 26.84 26.97
N VAL E 815 12.40 25.69 27.04
CA VAL E 815 12.57 24.88 28.27
C VAL E 815 14.00 25.07 28.79
N SER E 816 14.17 25.49 30.04
CA SER E 816 15.51 25.47 30.66
C SER E 816 15.98 24.04 30.87
N PHE E 817 17.20 23.73 30.42
CA PHE E 817 17.89 22.46 30.75
C PHE E 817 19.05 22.74 31.68
N LYS E 818 18.95 23.79 32.49
CA LYS E 818 20.04 24.12 33.44
C LYS E 818 19.94 23.24 34.67
N SER E 819 21.00 23.21 35.46
CA SER E 819 21.12 22.29 36.62
C SER E 819 20.04 22.60 37.66
N ARG E 820 19.36 21.56 38.13
CA ARG E 820 18.40 21.73 39.23
C ARG E 820 19.11 21.46 40.54
N ARG E 821 20.45 21.27 40.50
CA ARG E 821 21.27 21.03 41.72
C ARG E 821 21.92 22.35 42.09
N PHE E 822 21.50 22.93 43.23
CA PHE E 822 21.99 24.23 43.70
C PHE E 822 23.46 24.12 44.10
N ALA E 823 24.31 24.94 43.53
CA ALA E 823 25.73 24.93 43.98
C ALA E 823 26.01 26.21 44.76
N LEU F 1 -10.44 55.34 35.92
CA LEU F 1 -9.79 55.99 34.71
C LEU F 1 -8.67 55.04 34.19
N ARG F 2 -7.42 55.24 34.60
CA ARG F 2 -6.28 54.44 34.10
C ARG F 2 -6.28 53.01 34.65
N THR F 3 -5.95 52.06 33.78
CA THR F 3 -5.78 50.62 34.09
C THR F 3 -4.30 50.26 34.23
N THR F 4 -3.40 51.09 33.76
CA THR F 4 -1.94 50.75 33.82
C THR F 4 -1.31 51.54 34.94
N LEU F 5 -0.22 50.98 35.48
CA LEU F 5 0.65 51.66 36.46
C LEU F 5 1.51 52.70 35.72
N GLN F 6 2.00 53.71 36.45
CA GLN F 6 2.75 54.84 35.87
C GLN F 6 4.22 54.50 36.05
N TYR F 7 4.76 53.63 35.20
CA TYR F 7 6.20 53.24 35.27
C TYR F 7 7.05 54.42 34.87
N PRO F 8 8.13 54.71 35.62
CA PRO F 8 9.10 55.71 35.19
C PRO F 8 9.90 55.19 33.99
N ALA F 9 10.57 56.10 33.29
CA ALA F 9 11.55 55.76 32.23
C ALA F 9 12.93 56.06 32.82
N THR F 10 13.67 55.01 33.16
CA THR F 10 14.94 55.13 33.90
C THR F 10 16.09 54.73 32.98
N GLN F 11 16.95 55.70 32.72
CA GLN F 11 18.22 55.50 32.01
C GLN F 11 19.03 54.42 32.76
N VAL F 12 19.54 53.39 32.06
CA VAL F 12 20.42 52.38 32.70
C VAL F 12 21.87 52.69 32.28
N SER F 13 22.14 52.56 31.00
CA SER F 13 23.44 52.96 30.39
CA SER F 13 23.45 52.92 30.39
C SER F 13 23.31 52.90 28.87
N VAL F 14 24.40 53.01 28.18
CA VAL F 14 24.35 52.74 26.72
C VAL F 14 24.78 51.28 26.51
N ALA F 15 24.25 50.60 25.50
CA ALA F 15 24.48 49.16 25.29
C ALA F 15 25.96 48.84 25.09
N LYS F 16 26.70 49.69 24.38
CA LYS F 16 28.10 49.35 23.99
C LYS F 16 28.99 49.44 25.23
N ASN F 17 28.52 50.02 26.33
CA ASN F 17 29.26 50.07 27.61
C ASN F 17 29.20 48.68 28.29
N LEU F 18 28.19 47.86 28.03
CA LEU F 18 28.01 46.58 28.77
C LEU F 18 28.99 45.53 28.23
N LYS F 19 29.75 44.86 29.10
CA LYS F 19 30.62 43.72 28.72
C LYS F 19 29.82 42.42 28.79
N ALA F 20 30.06 41.49 27.85
CA ALA F 20 29.34 40.21 27.83
C ALA F 20 29.44 39.58 29.24
N ASN F 21 28.28 39.27 29.77
CA ASN F 21 28.08 38.43 30.98
C ASN F 21 28.65 39.14 32.23
N GLU F 22 28.78 40.48 32.20
CA GLU F 22 29.17 41.31 33.36
C GLU F 22 27.94 42.10 33.77
N PRO F 23 27.22 41.66 34.84
CA PRO F 23 25.96 42.28 35.25
C PRO F 23 26.13 43.73 35.72
N VAL F 24 25.12 44.53 35.44
CA VAL F 24 25.07 45.95 35.88
C VAL F 24 23.95 46.07 36.87
N SER F 25 24.23 46.69 38.01
CA SER F 25 23.24 46.88 39.11
C SER F 25 22.55 48.23 38.91
N PHE F 26 21.24 48.28 39.09
CA PHE F 26 20.50 49.57 39.01
C PHE F 26 19.22 49.39 39.81
N THR F 27 18.51 50.48 40.12
CA THR F 27 17.22 50.32 40.79
C THR F 27 16.10 50.76 39.85
N TYR F 28 14.99 50.07 39.96
CA TYR F 28 13.80 50.28 39.10
C TYR F 28 12.65 49.45 39.65
N PRO F 29 11.43 50.01 39.81
CA PRO F 29 11.12 51.40 39.42
C PRO F 29 11.33 52.45 40.52
N ASP F 30 12.10 52.12 41.54
CA ASP F 30 12.41 53.03 42.67
C ASP F 30 13.61 52.46 43.42
N THR F 31 14.21 53.24 44.32
CA THR F 31 15.51 52.87 44.92
C THR F 31 15.38 51.65 45.82
N SER F 32 14.16 51.19 46.15
CA SER F 32 13.96 50.00 47.02
C SER F 32 13.83 48.73 46.18
N SER F 33 14.03 48.82 44.86
CA SER F 33 13.78 47.71 43.93
C SER F 33 15.06 47.40 43.16
N PRO F 34 15.93 46.52 43.69
CA PRO F 34 17.21 46.25 43.05
C PRO F 34 16.99 45.40 41.79
N CYS F 35 17.72 45.78 40.72
CA CYS F 35 17.65 45.09 39.43
C CYS F 35 19.07 44.85 38.93
N VAL F 36 19.14 43.98 37.94
CA VAL F 36 20.38 43.70 37.17
C VAL F 36 20.07 43.65 35.67
N ALA F 37 20.99 44.22 34.89
CA ALA F 37 20.99 44.11 33.42
C ALA F 37 22.25 43.35 33.06
N VAL F 38 22.15 42.52 32.01
CA VAL F 38 23.36 41.81 31.52
C VAL F 38 23.24 41.57 30.03
N LYS F 39 24.36 41.78 29.34
CA LYS F 39 24.55 41.39 27.94
C LYS F 39 24.96 39.92 27.94
N LEU F 40 24.09 39.06 27.44
CA LEU F 40 24.30 37.62 27.62
C LEU F 40 25.35 37.12 26.64
N GLY F 41 25.58 37.83 25.54
CA GLY F 41 26.62 37.46 24.56
C GLY F 41 26.06 36.64 23.40
N SER F 42 24.87 36.10 23.53
CA SER F 42 24.18 35.28 22.52
C SER F 42 22.70 35.63 22.54
N PRO F 43 22.04 35.80 21.37
CA PRO F 43 20.67 36.28 21.34
C PRO F 43 19.75 35.38 22.15
N VAL F 44 18.73 35.97 22.77
CA VAL F 44 17.62 35.26 23.44
C VAL F 44 16.34 35.97 23.01
N PRO F 45 15.19 35.27 22.99
CA PRO F 45 13.95 35.95 22.58
C PRO F 45 13.71 37.15 23.51
N GLY F 46 13.36 38.33 22.96
CA GLY F 46 13.12 39.49 23.87
C GLY F 46 14.38 40.04 24.58
N GLY F 47 15.60 39.56 24.19
CA GLY F 47 16.85 40.34 24.34
C GLY F 47 16.84 41.58 23.46
N VAL F 48 17.44 42.64 23.95
CA VAL F 48 17.55 43.92 23.21
C VAL F 48 19.02 44.29 23.06
N GLY F 49 19.26 45.33 22.28
CA GLY F 49 20.59 45.76 21.87
C GLY F 49 20.95 45.20 20.51
N PRO F 50 22.11 45.63 20.02
CA PRO F 50 22.58 45.27 18.70
C PRO F 50 22.54 43.75 18.51
N ASN F 51 22.84 42.97 19.56
CA ASN F 51 22.92 41.49 19.41
C ASN F 51 21.72 40.82 20.08
N ASN F 52 20.65 41.56 20.38
CA ASN F 52 19.38 40.99 20.92
C ASN F 52 19.67 40.11 22.14
N ASP F 53 20.61 40.51 23.00
CA ASP F 53 21.13 39.66 24.07
C ASP F 53 21.09 40.38 25.39
N ILE F 54 20.62 41.64 25.46
CA ILE F 54 20.62 42.34 26.77
C ILE F 54 19.28 42.07 27.47
N VAL F 55 19.36 41.55 28.67
CA VAL F 55 18.16 41.35 29.50
C VAL F 55 18.33 42.02 30.86
N ALA F 56 17.18 42.21 31.51
CA ALA F 56 17.13 42.80 32.87
C ALA F 56 16.01 42.20 33.68
N TYR F 57 16.29 42.10 34.96
CA TYR F 57 15.38 41.47 35.93
C TYR F 57 15.42 42.20 37.26
N SER F 58 14.33 42.12 37.98
CA SER F 58 14.29 42.35 39.45
C SER F 58 15.09 41.21 40.10
N VAL F 59 15.96 41.48 41.06
CA VAL F 59 16.78 40.41 41.69
C VAL F 59 16.14 39.91 43.00
N LEU F 60 15.03 40.48 43.44
CA LEU F 60 14.35 39.98 44.67
C LEU F 60 13.65 38.66 44.36
N CYS F 61 14.01 37.60 45.09
CA CYS F 61 13.41 36.28 44.88
C CYS F 61 11.88 36.42 44.94
N THR F 62 11.16 35.82 44.01
CA THR F 62 9.67 35.89 44.03
C THR F 62 9.04 34.91 45.01
N HIS F 63 9.85 34.10 45.68
CA HIS F 63 9.36 33.23 46.78
C HIS F 63 9.12 34.13 48.02
N MET F 64 10.20 34.53 48.69
CA MET F 64 10.08 35.37 49.92
C MET F 64 11.07 36.52 49.93
N GLY F 65 11.57 36.93 48.77
CA GLY F 65 12.14 38.26 48.61
C GLY F 65 13.61 38.35 49.01
N CYS F 66 14.28 37.25 49.31
CA CYS F 66 15.74 37.37 49.49
C CYS F 66 16.36 37.86 48.18
N PRO F 67 17.39 38.73 48.26
CA PRO F 67 18.08 39.18 47.06
C PRO F 67 18.88 38.02 46.45
N THR F 68 18.63 37.72 45.17
CA THR F 68 19.33 36.64 44.43
C THR F 68 20.69 37.17 43.94
N SER F 69 21.63 36.27 43.68
CA SER F 69 22.90 36.67 43.05
C SER F 69 22.97 36.07 41.65
N TYR F 70 23.45 36.87 40.71
CA TYR F 70 23.69 36.46 39.32
C TYR F 70 24.88 35.52 39.29
N ASP F 71 24.74 34.33 38.75
CA ASP F 71 25.85 33.38 38.53
C ASP F 71 26.29 33.48 37.07
N LYS F 72 27.45 34.10 36.82
CA LYS F 72 28.00 34.27 35.47
C LYS F 72 28.22 32.93 34.78
N SER F 73 28.52 31.86 35.48
CA SER F 73 28.95 30.62 34.79
C SER F 73 27.71 29.87 34.25
N SER F 74 26.55 30.07 34.85
CA SER F 74 25.32 29.37 34.45
C SER F 74 24.35 30.37 33.83
N LYS F 75 24.60 31.68 33.96
CA LYS F 75 23.64 32.74 33.51
C LYS F 75 22.26 32.52 34.18
N THR F 76 22.30 32.45 35.50
CA THR F 76 21.12 32.21 36.34
C THR F 76 21.19 33.16 37.53
N PHE F 77 20.06 33.41 38.14
CA PHE F 77 19.94 34.07 39.46
C PHE F 77 19.61 33.02 40.52
N LYS F 78 20.43 32.95 41.58
CA LYS F 78 20.32 31.93 42.65
C LYS F 78 19.88 32.60 43.93
N CYS F 79 18.86 32.06 44.59
CA CYS F 79 18.39 32.60 45.87
C CYS F 79 19.04 31.87 47.05
N PRO F 80 19.71 32.60 47.98
CA PRO F 80 20.38 31.95 49.08
C PRO F 80 19.45 31.43 50.18
N CYS F 81 18.16 31.76 50.13
CA CYS F 81 17.25 31.48 51.28
C CYS F 81 16.64 30.09 51.21
N HIS F 82 15.93 29.72 50.13
CA HIS F 82 15.40 28.33 49.97
C HIS F 82 15.77 27.78 48.59
N PHE F 83 16.77 28.38 47.94
CA PHE F 83 17.59 27.72 46.89
C PHE F 83 16.82 27.73 45.56
N THR F 84 15.83 28.58 45.39
CA THR F 84 15.24 28.82 44.06
C THR F 84 16.29 29.37 43.07
N GLU F 85 16.24 28.89 41.84
CA GLU F 85 17.15 29.30 40.74
C GLU F 85 16.32 29.70 39.51
N PHE F 86 16.64 30.84 38.89
CA PHE F 86 15.92 31.42 37.74
C PHE F 86 16.84 31.55 36.54
N ASP F 87 16.34 31.18 35.35
CA ASP F 87 17.12 31.14 34.10
C ASP F 87 17.12 32.53 33.45
N ALA F 88 18.26 33.24 33.44
CA ALA F 88 18.34 34.57 32.80
C ALA F 88 18.03 34.48 31.30
N GLU F 89 18.31 33.31 30.70
CA GLU F 89 18.17 33.08 29.25
C GLU F 89 16.74 32.63 28.87
N LYS F 90 15.85 32.37 29.83
CA LYS F 90 14.46 31.96 29.55
C LYS F 90 13.48 32.88 30.29
N ALA F 91 13.70 34.21 30.24
CA ALA F 91 12.69 35.18 30.70
C ALA F 91 12.41 34.87 32.19
N GLY F 92 13.44 34.45 32.93
CA GLY F 92 13.36 34.23 34.38
C GLY F 92 12.58 32.98 34.77
N GLN F 93 12.46 32.01 33.87
CA GLN F 93 11.88 30.69 34.14
C GLN F 93 12.55 30.06 35.37
N MET F 94 11.72 29.62 36.30
CA MET F 94 12.20 28.99 37.55
C MET F 94 12.72 27.58 37.23
N ILE F 95 14.04 27.40 37.30
CA ILE F 95 14.67 26.12 36.95
C ILE F 95 14.28 25.04 37.97
N CYS F 96 14.33 25.39 39.26
N CYS F 96 14.21 25.45 39.24
CA CYS F 96 14.02 24.56 40.46
CA CYS F 96 13.83 24.61 40.39
C CYS F 96 13.76 25.54 41.60
C CYS F 96 13.70 25.58 41.56
N GLY F 97 12.76 25.29 42.44
CA GLY F 97 12.63 26.08 43.68
C GLY F 97 11.20 26.27 44.09
N GLN F 98 11.01 27.22 44.99
CA GLN F 98 9.74 27.18 45.76
C GLN F 98 8.81 28.32 45.34
N ALA F 99 9.24 29.18 44.42
CA ALA F 99 8.43 30.32 43.97
C ALA F 99 7.29 29.84 43.10
N THR F 100 6.27 30.68 42.95
CA THR F 100 5.13 30.45 42.03
C THR F 100 5.02 31.60 41.01
N GLU F 101 6.12 32.31 40.76
CA GLU F 101 6.21 33.38 39.74
C GLU F 101 7.64 33.34 39.20
N ASN F 102 7.77 33.40 37.88
CA ASN F 102 9.08 33.60 37.25
C ASN F 102 9.69 34.94 37.72
N LEU F 103 11.00 35.04 37.61
CA LEU F 103 11.68 36.28 38.05
C LEU F 103 11.20 37.45 37.20
N PRO F 104 10.74 38.57 37.77
CA PRO F 104 10.14 39.66 36.98
C PRO F 104 11.16 40.26 36.03
N ARG F 105 10.76 40.40 34.77
CA ARG F 105 11.62 40.96 33.69
C ARG F 105 11.44 42.48 33.76
N VAL F 106 12.55 43.19 33.81
CA VAL F 106 12.54 44.65 33.54
C VAL F 106 12.54 44.84 32.03
N LEU F 107 11.54 45.55 31.52
CA LEU F 107 11.42 45.88 30.08
C LEU F 107 12.36 47.03 29.73
N LEU F 108 13.27 46.70 28.81
CA LEU F 108 14.29 47.65 28.32
C LEU F 108 13.89 48.17 26.95
N ARG F 109 13.89 49.49 26.81
CA ARG F 109 13.87 50.10 25.46
C ARG F 109 15.31 50.22 24.97
N TYR F 110 15.61 49.71 23.79
CA TYR F 110 16.90 50.00 23.15
C TYR F 110 16.72 51.03 22.04
N ASP F 111 17.43 52.16 22.15
CA ASP F 111 17.37 53.28 21.22
C ASP F 111 18.62 53.26 20.31
N GLU F 112 18.48 52.83 19.07
CA GLU F 112 19.62 52.71 18.13
C GLU F 112 20.24 54.09 17.90
N ALA F 113 19.45 55.15 17.87
CA ALA F 113 19.98 56.49 17.55
C ALA F 113 21.01 56.93 18.61
N SER F 114 20.76 56.65 19.89
CA SER F 114 21.58 57.14 21.02
C SER F 114 22.38 56.00 21.68
N ASP F 115 22.07 54.75 21.38
CA ASP F 115 22.61 53.53 22.03
C ASP F 115 22.08 53.33 23.45
N ALA F 116 21.15 54.16 23.88
CA ALA F 116 20.66 54.21 25.28
C ALA F 116 19.76 52.99 25.56
N LEU F 117 19.95 52.44 26.74
CA LEU F 117 19.07 51.43 27.34
C LEU F 117 18.26 52.14 28.39
N THR F 118 16.95 52.00 28.31
CA THR F 118 16.03 52.61 29.28
C THR F 118 15.08 51.54 29.85
N ALA F 119 14.95 51.49 31.18
CA ALA F 119 13.94 50.64 31.86
C ALA F 119 12.59 51.35 31.79
N VAL F 120 11.57 50.71 31.23
CA VAL F 120 10.27 51.39 30.93
C VAL F 120 9.10 50.60 31.53
N GLY F 121 9.34 49.44 32.13
CA GLY F 121 8.22 48.70 32.74
C GLY F 121 8.74 47.44 33.36
N VAL F 122 7.84 46.66 33.94
CA VAL F 122 8.18 45.37 34.57
C VAL F 122 7.09 44.36 34.18
N ASP F 123 7.53 43.18 33.70
CA ASP F 123 6.65 42.03 33.40
C ASP F 123 6.73 41.06 34.60
N GLY F 124 5.66 41.03 35.41
CA GLY F 124 5.55 40.23 36.62
C GLY F 124 5.55 41.14 37.84
N LEU F 125 5.13 40.62 38.97
CA LEU F 125 5.04 41.43 40.20
C LEU F 125 6.28 41.19 41.06
N ILE F 126 6.95 42.29 41.32
CA ILE F 126 8.15 42.36 42.21
C ILE F 126 7.71 41.92 43.60
N TYR F 127 8.54 41.09 44.24
CA TYR F 127 8.35 40.65 45.64
C TYR F 127 7.97 41.84 46.52
N GLY F 128 7.04 41.57 47.42
CA GLY F 128 6.92 42.38 48.64
C GLY F 128 6.27 43.71 48.36
N ARG F 129 5.39 43.73 47.34
CA ARG F 129 4.67 44.96 46.96
C ARG F 129 3.25 44.65 46.45
N GLN F 130 2.34 45.55 46.77
CA GLN F 130 0.92 45.39 46.34
C GLN F 130 0.84 45.68 44.84
N ALA F 131 1.70 46.57 44.37
CA ALA F 131 1.83 46.91 42.94
C ALA F 131 3.27 47.28 42.63
N ASN F 132 3.69 47.05 41.40
CA ASN F 132 5.09 47.36 41.04
C ASN F 132 5.46 48.80 41.39
N VAL F 133 4.57 49.76 41.19
CA VAL F 133 4.81 51.20 41.48
C VAL F 133 4.12 51.46 42.80
N ILE F 134 4.92 51.81 43.80
CA ILE F 134 4.43 52.17 45.15
C ILE F 134 3.99 53.62 45.14
N ASN G 2 43.50 -46.87 -26.78
CA ASN G 2 43.47 -47.32 -28.21
C ASN G 2 42.42 -48.43 -28.34
N ASP G 3 42.84 -49.64 -28.74
CA ASP G 3 41.91 -50.69 -29.20
C ASP G 3 41.96 -51.97 -28.33
N ARG G 4 42.60 -51.92 -27.16
CA ARG G 4 42.57 -53.05 -26.20
C ARG G 4 42.87 -52.55 -24.80
N ILE G 5 42.58 -53.37 -23.80
CA ILE G 5 42.98 -53.11 -22.40
C ILE G 5 43.58 -54.39 -21.81
N THR G 6 44.41 -54.20 -20.81
CA THR G 6 45.02 -55.30 -20.06
C THR G 6 44.05 -55.64 -18.91
N LEU G 7 43.52 -56.85 -18.91
CA LEU G 7 42.61 -57.33 -17.84
C LEU G 7 43.40 -57.54 -16.55
N PRO G 8 42.76 -57.27 -15.41
CA PRO G 8 43.36 -57.59 -14.13
C PRO G 8 43.37 -59.11 -13.92
N PRO G 9 44.50 -59.68 -13.49
CA PRO G 9 44.56 -61.11 -13.14
C PRO G 9 43.49 -61.51 -12.12
N ALA G 10 43.11 -62.78 -12.09
CA ALA G 10 42.13 -63.26 -11.08
C ALA G 10 42.57 -62.84 -9.69
N ASN G 11 43.87 -62.89 -9.43
CA ASN G 11 44.44 -62.70 -8.07
C ASN G 11 44.93 -61.26 -7.88
N ALA G 12 44.57 -60.32 -8.74
CA ALA G 12 45.06 -58.94 -8.61
C ALA G 12 44.68 -58.37 -7.23
N GLN G 13 45.55 -57.53 -6.68
CA GLN G 13 45.23 -56.74 -5.46
C GLN G 13 44.01 -55.89 -5.75
N ARG G 14 43.03 -55.87 -4.85
CA ARG G 14 41.85 -55.01 -4.99
C ARG G 14 41.70 -54.19 -3.72
N THR G 15 41.57 -52.88 -3.86
CA THR G 15 41.28 -52.00 -2.69
C THR G 15 40.06 -51.14 -2.96
N ASN G 16 39.49 -50.59 -1.90
CA ASN G 16 38.28 -49.76 -2.01
C ASN G 16 38.71 -48.31 -2.23
N MET G 17 37.93 -47.63 -3.04
CA MET G 17 38.18 -46.21 -3.28
C MET G 17 36.82 -45.51 -3.48
N THR G 18 36.49 -44.53 -2.65
CA THR G 18 35.37 -43.63 -2.95
C THR G 18 35.85 -42.70 -4.06
N CYS G 19 34.96 -42.33 -4.96
CA CYS G 19 35.24 -41.29 -5.96
C CYS G 19 35.90 -40.08 -5.27
N HIS G 20 36.92 -39.52 -5.91
CA HIS G 20 37.65 -38.34 -5.40
C HIS G 20 36.74 -37.10 -5.33
N PHE G 21 35.67 -37.06 -6.10
CA PHE G 21 35.07 -35.79 -6.59
C PHE G 21 33.74 -35.49 -5.88
N CYS G 22 32.62 -35.67 -6.53
CA CYS G 22 31.38 -35.05 -5.98
C CYS G 22 30.85 -35.80 -4.76
N ILE G 23 29.93 -35.08 -4.09
CA ILE G 23 29.18 -35.43 -2.88
C ILE G 23 28.65 -36.85 -2.94
N VAL G 24 28.26 -37.33 -4.10
CA VAL G 24 27.57 -38.62 -4.16
C VAL G 24 28.50 -39.69 -3.57
N GLY G 25 29.80 -39.63 -3.84
CA GLY G 25 30.69 -40.58 -3.19
C GLY G 25 30.48 -42.01 -3.67
N CYS G 26 30.33 -42.18 -4.98
CA CYS G 26 30.24 -43.50 -5.62
C CYS G 26 31.41 -44.40 -5.19
N GLY G 27 31.08 -45.67 -4.99
CA GLY G 27 32.03 -46.75 -4.63
C GLY G 27 32.80 -47.23 -5.85
N TYR G 28 34.10 -47.30 -5.73
CA TYR G 28 34.98 -47.94 -6.74
C TYR G 28 35.89 -48.98 -6.10
N HIS G 29 36.38 -49.88 -6.96
CA HIS G 29 37.48 -50.83 -6.72
C HIS G 29 38.71 -50.41 -7.54
N VAL G 30 39.87 -50.48 -6.90
CA VAL G 30 41.17 -50.27 -7.56
C VAL G 30 41.81 -51.64 -7.63
N TYR G 31 42.08 -52.13 -8.84
CA TYR G 31 42.89 -53.34 -9.10
C TYR G 31 44.29 -52.90 -9.46
N LYS G 32 45.28 -53.51 -8.80
CA LYS G 32 46.70 -53.16 -8.99
C LYS G 32 47.46 -54.46 -9.18
N TRP G 33 48.32 -54.47 -10.21
CA TRP G 33 49.06 -55.71 -10.50
C TRP G 33 50.31 -55.41 -11.31
N PRO G 34 51.33 -56.28 -11.29
CA PRO G 34 52.58 -56.00 -12.03
C PRO G 34 52.23 -55.71 -13.50
N GLU G 35 52.92 -54.73 -14.06
CA GLU G 35 52.77 -54.29 -15.45
C GLU G 35 52.77 -55.49 -16.44
N LEU G 36 53.67 -56.42 -16.29
CA LEU G 36 53.90 -57.51 -17.28
C LEU G 36 53.02 -58.73 -17.04
N GLN G 37 52.04 -58.64 -16.13
CA GLN G 37 50.99 -59.69 -15.91
C GLN G 37 49.66 -59.21 -16.49
N GLU G 38 48.80 -60.18 -16.82
CA GLU G 38 47.44 -59.88 -17.24
C GLU G 38 46.52 -61.08 -16.92
N GLY G 39 45.25 -60.73 -16.85
CA GLY G 39 44.13 -61.65 -16.68
C GLY G 39 43.78 -62.32 -18.01
N GLY G 40 43.07 -63.43 -17.93
CA GLY G 40 42.56 -64.11 -19.12
C GLY G 40 41.14 -63.61 -19.39
N ARG G 41 40.65 -63.91 -20.59
CA ARG G 41 39.30 -63.43 -21.00
C ARG G 41 38.21 -64.25 -20.30
N ALA G 42 38.51 -65.48 -19.89
CA ALA G 42 37.52 -66.36 -19.22
C ALA G 42 37.13 -65.70 -17.92
N PRO G 43 35.82 -65.71 -17.55
CA PRO G 43 35.38 -64.91 -16.43
C PRO G 43 36.08 -65.26 -15.10
N GLU G 44 36.44 -66.54 -14.91
CA GLU G 44 37.09 -66.98 -13.67
C GLU G 44 38.59 -66.73 -13.75
N GLN G 45 39.13 -66.19 -14.87
CA GLN G 45 40.58 -65.91 -15.00
C GLN G 45 40.88 -64.41 -15.01
N ASN G 46 39.90 -63.54 -14.75
CA ASN G 46 40.16 -62.10 -14.55
C ASN G 46 39.46 -61.64 -13.28
N ALA G 47 39.96 -60.60 -12.65
CA ALA G 47 39.37 -60.14 -11.36
C ALA G 47 37.96 -59.57 -11.55
N LEU G 48 37.57 -59.18 -12.76
CA LEU G 48 36.21 -58.58 -12.90
C LEU G 48 35.13 -59.69 -12.90
N GLY G 49 35.49 -60.94 -13.09
CA GLY G 49 34.56 -62.09 -13.20
C GLY G 49 33.65 -61.94 -14.42
N LEU G 50 34.11 -61.28 -15.48
CA LEU G 50 33.28 -61.01 -16.69
C LEU G 50 33.86 -61.78 -17.85
N ASP G 51 32.99 -62.21 -18.75
CA ASP G 51 33.35 -63.14 -19.83
C ASP G 51 33.76 -62.29 -21.03
N PHE G 52 35.04 -62.11 -21.27
CA PHE G 52 35.56 -61.32 -22.41
C PHE G 52 35.82 -62.21 -23.62
N ARG G 53 35.38 -63.47 -23.59
CA ARG G 53 35.50 -64.39 -24.75
C ARG G 53 34.45 -64.10 -25.83
N LYS G 54 33.44 -63.34 -25.48
CA LYS G 54 32.43 -62.84 -26.43
C LYS G 54 31.95 -61.46 -25.97
N GLN G 55 31.24 -60.77 -26.84
CA GLN G 55 30.72 -59.41 -26.57
C GLN G 55 29.96 -59.43 -25.24
N LEU G 56 30.26 -58.50 -24.35
CA LEU G 56 29.45 -58.30 -23.15
C LEU G 56 28.13 -57.61 -23.51
N PRO G 57 27.05 -58.00 -22.81
CA PRO G 57 25.77 -57.29 -22.94
C PRO G 57 25.82 -55.91 -22.35
N PRO G 58 24.86 -55.05 -22.73
CA PRO G 58 24.76 -53.74 -22.13
C PRO G 58 24.59 -53.80 -20.60
N LEU G 59 25.23 -52.85 -19.94
CA LEU G 59 25.13 -52.54 -18.49
C LEU G 59 25.94 -53.58 -17.70
N ALA G 60 26.69 -54.45 -18.36
CA ALA G 60 27.50 -55.48 -17.69
C ALA G 60 28.74 -54.85 -17.05
N VAL G 61 29.26 -53.77 -17.63
CA VAL G 61 30.58 -53.23 -17.17
C VAL G 61 30.63 -51.73 -17.52
N THR G 62 31.48 -51.01 -16.80
CA THR G 62 32.00 -49.70 -17.20
C THR G 62 33.50 -49.85 -17.32
N LEU G 63 34.03 -49.85 -18.54
CA LEU G 63 35.49 -50.04 -18.69
C LEU G 63 35.92 -49.43 -20.01
N THR G 64 36.87 -48.51 -19.91
CA THR G 64 37.47 -47.80 -21.06
C THR G 64 38.94 -47.62 -20.77
N PRO G 65 39.79 -47.32 -21.76
CA PRO G 65 41.19 -47.03 -21.51
C PRO G 65 41.41 -45.96 -20.46
N ALA G 66 40.55 -44.94 -20.39
CA ALA G 66 40.72 -43.84 -19.40
C ALA G 66 40.61 -44.36 -17.97
N MET G 67 40.06 -45.57 -17.77
CA MET G 67 39.84 -46.19 -16.43
C MET G 67 41.04 -47.09 -16.07
N THR G 68 42.11 -46.99 -16.86
CA THR G 68 43.34 -47.78 -16.67
C THR G 68 44.55 -46.84 -16.64
N ASN G 69 45.61 -47.32 -16.02
CA ASN G 69 46.93 -46.64 -16.07
C ASN G 69 48.01 -47.59 -15.67
N VAL G 70 49.24 -47.10 -15.87
CA VAL G 70 50.43 -47.81 -15.34
C VAL G 70 51.17 -46.81 -14.46
N VAL G 71 51.30 -47.14 -13.19
CA VAL G 71 51.98 -46.25 -12.20
C VAL G 71 53.39 -46.79 -11.96
N THR G 72 54.30 -45.90 -11.56
CA THR G 72 55.71 -46.23 -11.27
C THR G 72 55.89 -45.86 -9.81
N GLU G 73 56.19 -46.85 -8.96
CA GLU G 73 56.32 -46.61 -7.51
C GLU G 73 57.72 -46.07 -7.23
N HIS G 74 57.93 -45.64 -6.00
CA HIS G 74 59.25 -45.11 -5.54
C HIS G 74 60.35 -46.16 -5.72
N ASN G 75 60.02 -47.44 -5.66
CA ASN G 75 61.01 -48.50 -5.90
C ASN G 75 61.27 -48.71 -7.40
N GLY G 76 60.66 -47.92 -8.28
CA GLY G 76 60.74 -47.94 -9.75
C GLY G 76 59.98 -49.11 -10.38
N ARG G 77 59.26 -49.92 -9.62
CA ARG G 77 58.46 -51.01 -10.24
C ARG G 77 57.20 -50.41 -10.82
N ARG G 78 56.77 -51.01 -11.92
CA ARG G 78 55.58 -50.52 -12.67
C ARG G 78 54.39 -51.46 -12.41
N TYR G 79 53.20 -50.90 -12.24
CA TYR G 79 51.98 -51.68 -11.93
C TYR G 79 50.84 -51.14 -12.77
N ASN G 80 50.12 -52.04 -13.43
CA ASN G 80 48.81 -51.73 -14.01
C ASN G 80 47.90 -51.34 -12.85
N ILE G 81 47.02 -50.34 -13.09
CA ILE G 81 45.88 -50.10 -12.21
C ILE G 81 44.66 -50.05 -13.12
N MET G 82 43.52 -50.36 -12.51
CA MET G 82 42.22 -50.25 -13.14
C MET G 82 41.29 -49.78 -12.02
N VAL G 83 40.64 -48.66 -12.25
CA VAL G 83 39.75 -48.04 -11.24
C VAL G 83 38.33 -48.07 -11.84
N VAL G 84 37.46 -48.93 -11.30
CA VAL G 84 36.13 -49.18 -11.90
C VAL G 84 35.09 -49.14 -10.79
N PRO G 85 33.84 -48.83 -11.13
CA PRO G 85 32.80 -48.73 -10.10
C PRO G 85 32.39 -50.10 -9.54
N ASP G 86 31.97 -50.07 -8.28
CA ASP G 86 31.58 -51.23 -7.46
C ASP G 86 30.09 -51.50 -7.72
N LYS G 87 29.77 -52.61 -8.40
CA LYS G 87 28.36 -53.03 -8.67
C LYS G 87 27.57 -53.26 -7.40
N ALA G 88 28.21 -53.62 -6.29
CA ALA G 88 27.53 -53.97 -5.02
C ALA G 88 27.44 -52.76 -4.10
N CYS G 89 28.00 -51.61 -4.45
CA CYS G 89 27.89 -50.42 -3.57
C CYS G 89 26.48 -49.84 -3.69
N VAL G 90 25.78 -49.65 -2.56
CA VAL G 90 24.36 -49.19 -2.61
C VAL G 90 24.26 -47.76 -3.17
N VAL G 91 25.29 -46.92 -3.05
CA VAL G 91 25.19 -45.51 -3.47
C VAL G 91 24.94 -45.45 -5.01
N ASN G 92 25.83 -46.11 -5.75
CA ASN G 92 25.91 -46.01 -7.24
C ASN G 92 25.52 -47.29 -7.96
N SER G 93 25.46 -48.47 -7.34
CA SER G 93 25.06 -49.75 -8.02
C SER G 93 25.86 -49.90 -9.30
N GLY G 94 27.17 -49.66 -9.23
CA GLY G 94 28.05 -49.88 -10.39
C GLY G 94 28.02 -48.72 -11.39
N LEU G 95 27.33 -47.62 -11.10
CA LEU G 95 27.49 -46.46 -12.00
C LEU G 95 28.79 -45.70 -11.70
N SER G 96 29.28 -45.05 -12.73
CA SER G 96 30.43 -44.16 -12.75
C SER G 96 30.07 -42.92 -13.59
N SER G 97 30.22 -41.72 -13.05
CA SER G 97 30.07 -40.50 -13.87
C SER G 97 31.31 -40.31 -14.76
N THR G 98 31.20 -39.36 -15.70
CA THR G 98 32.37 -39.03 -16.55
C THR G 98 33.52 -38.54 -15.68
N ARG G 99 33.22 -37.94 -14.53
CA ARG G 99 34.31 -37.37 -13.72
C ARG G 99 35.03 -38.46 -12.93
N GLY G 100 34.33 -39.31 -12.18
CA GLY G 100 34.96 -40.40 -11.42
C GLY G 100 35.60 -41.39 -12.35
N GLY G 101 34.98 -41.59 -13.50
CA GLY G 101 35.46 -42.57 -14.47
C GLY G 101 36.89 -42.28 -14.90
N LYS G 102 37.34 -41.02 -14.82
CA LYS G 102 38.70 -40.63 -15.21
C LYS G 102 39.72 -40.86 -14.08
N MET G 103 39.29 -41.36 -12.89
CA MET G 103 40.22 -41.43 -11.73
C MET G 103 41.53 -42.14 -12.15
N ALA G 104 41.49 -43.27 -12.88
CA ALA G 104 42.75 -43.96 -13.23
C ALA G 104 43.70 -42.99 -13.96
N SER G 105 43.16 -42.19 -14.87
CA SER G 105 43.89 -41.28 -15.80
C SER G 105 44.52 -40.15 -14.96
N TYR G 106 43.88 -39.79 -13.85
CA TYR G 106 44.26 -38.62 -12.99
C TYR G 106 45.10 -39.12 -11.81
N MET G 107 45.38 -40.42 -11.69
CA MET G 107 46.43 -40.88 -10.77
C MET G 107 47.78 -40.42 -11.30
N TYR G 108 48.71 -40.12 -10.39
CA TYR G 108 50.01 -39.62 -10.78
C TYR G 108 50.74 -40.72 -11.57
N THR G 109 51.28 -40.29 -12.69
CA THR G 109 52.31 -41.06 -13.44
C THR G 109 53.29 -40.03 -13.99
N PRO G 110 54.56 -40.42 -14.21
CA PRO G 110 55.52 -39.47 -14.74
C PRO G 110 55.26 -39.03 -16.18
N THR G 111 54.46 -39.78 -16.95
CA THR G 111 54.28 -39.57 -18.42
C THR G 111 52.85 -39.15 -18.76
N GLY G 112 51.90 -39.32 -17.85
CA GLY G 112 50.45 -39.09 -18.14
C GLY G 112 49.92 -37.75 -17.67
N ASP G 113 48.61 -37.69 -17.50
CA ASP G 113 47.91 -36.43 -17.23
C ASP G 113 48.42 -35.79 -15.94
N GLY G 114 49.01 -36.57 -15.05
CA GLY G 114 49.54 -36.05 -13.77
C GLY G 114 51.01 -35.71 -13.83
N LYS G 115 51.60 -35.68 -15.03
CA LYS G 115 53.04 -35.41 -15.15
C LYS G 115 53.41 -34.16 -14.33
N GLN G 116 52.59 -33.12 -14.29
CA GLN G 116 53.02 -31.82 -13.75
C GLN G 116 52.64 -31.76 -12.29
N ARG G 117 52.30 -32.87 -11.66
CA ARG G 117 52.04 -32.82 -10.21
C ARG G 117 53.25 -32.19 -9.49
N LEU G 118 53.00 -31.40 -8.45
CA LEU G 118 54.12 -30.97 -7.59
C LEU G 118 54.74 -32.21 -6.91
N LYS G 119 56.06 -32.29 -6.90
CA LYS G 119 56.85 -33.47 -6.46
C LYS G 119 57.83 -33.03 -5.39
N ALA G 120 58.05 -31.75 -5.22
CA ALA G 120 59.07 -31.21 -4.32
C ALA G 120 58.59 -29.83 -3.91
N PRO G 121 59.11 -29.23 -2.84
CA PRO G 121 58.82 -27.83 -2.62
C PRO G 121 59.36 -26.98 -3.78
N ARG G 122 58.65 -25.89 -4.07
CA ARG G 122 59.00 -24.94 -5.16
C ARG G 122 59.10 -23.54 -4.52
N LEU G 123 60.17 -22.84 -4.86
CA LEU G 123 60.47 -21.52 -4.26
C LEU G 123 60.66 -20.50 -5.39
N TYR G 124 59.98 -19.35 -5.33
CA TYR G 124 60.24 -18.24 -6.27
C TYR G 124 61.31 -17.37 -5.62
N ALA G 125 62.56 -17.57 -6.02
CA ALA G 125 63.71 -16.87 -5.39
C ALA G 125 63.87 -15.55 -6.12
N ALA G 126 62.93 -14.62 -5.90
CA ALA G 126 62.84 -13.22 -6.42
C ALA G 126 62.42 -13.13 -7.89
N ASP G 127 63.08 -13.93 -8.75
CA ASP G 127 63.00 -13.67 -10.21
C ASP G 127 62.95 -15.01 -10.95
N GLN G 128 62.78 -16.17 -10.25
CA GLN G 128 62.77 -17.48 -10.94
C GLN G 128 62.29 -18.54 -9.98
N TRP G 129 61.55 -19.50 -10.50
CA TRP G 129 61.12 -20.70 -9.76
C TRP G 129 62.29 -21.67 -9.67
N VAL G 130 62.59 -22.16 -8.48
CA VAL G 130 63.53 -23.29 -8.26
C VAL G 130 62.95 -24.32 -7.31
N ASP G 131 63.51 -25.52 -7.33
CA ASP G 131 63.26 -26.53 -6.29
C ASP G 131 63.92 -26.05 -4.98
N THR G 132 63.34 -26.40 -3.86
CA THR G 132 64.02 -26.26 -2.55
C THR G 132 63.70 -27.49 -1.70
N THR G 133 64.47 -27.66 -0.61
CA THR G 133 64.31 -28.79 0.32
C THR G 133 63.09 -28.51 1.22
N TRP G 134 62.54 -29.59 1.78
CA TRP G 134 61.43 -29.51 2.78
C TRP G 134 61.94 -28.74 4.00
N ASP G 135 63.16 -29.05 4.44
CA ASP G 135 63.74 -28.38 5.63
C ASP G 135 63.77 -26.86 5.39
N HIS G 136 64.19 -26.43 4.21
CA HIS G 136 64.32 -25.00 3.90
C HIS G 136 62.95 -24.37 3.77
N ALA G 137 62.05 -25.05 3.06
CA ALA G 137 60.66 -24.59 2.91
C ALA G 137 60.07 -24.34 4.32
N MET G 138 60.28 -25.28 5.23
CA MET G 138 59.70 -25.19 6.59
C MET G 138 60.41 -24.08 7.39
N ALA G 139 61.75 -23.99 7.32
CA ALA G 139 62.51 -22.89 7.97
C ALA G 139 61.99 -21.52 7.53
N LEU G 140 61.61 -21.35 6.25
CA LEU G 140 61.13 -20.03 5.74
C LEU G 140 59.68 -19.82 6.21
N TYR G 141 58.84 -20.83 5.98
CA TYR G 141 57.38 -20.77 6.21
C TYR G 141 57.14 -20.59 7.73
N ALA G 142 57.64 -21.52 8.53
CA ALA G 142 57.50 -21.47 10.00
C ALA G 142 58.21 -20.21 10.45
N GLY G 143 59.40 -19.88 9.91
CA GLY G 143 60.11 -18.66 10.31
C GLY G 143 59.24 -17.40 10.15
N LEU G 144 58.53 -17.29 9.03
CA LEU G 144 57.65 -16.13 8.79
C LEU G 144 56.44 -16.19 9.74
N ILE G 145 55.86 -17.39 9.91
CA ILE G 145 54.70 -17.54 10.83
C ILE G 145 55.19 -17.16 12.23
N LYS G 146 56.34 -17.65 12.68
CA LYS G 146 56.82 -17.32 14.04
C LYS G 146 57.06 -15.83 14.19
N LYS G 147 57.70 -15.22 13.19
CA LYS G 147 58.02 -13.77 13.27
C LYS G 147 56.69 -13.02 13.39
N THR G 148 55.73 -13.37 12.56
CA THR G 148 54.42 -12.70 12.54
C THR G 148 53.72 -12.90 13.88
N LEU G 149 53.74 -14.11 14.45
CA LEU G 149 53.05 -14.38 15.74
C LEU G 149 53.73 -13.55 16.82
N ASP G 150 55.06 -13.46 16.76
CA ASP G 150 55.83 -12.83 17.87
C ASP G 150 55.55 -11.33 17.88
N LYS G 151 55.46 -10.70 16.71
CA LYS G 151 55.38 -9.23 16.56
C LYS G 151 53.92 -8.83 16.34
N ASP G 152 53.17 -9.50 15.47
CA ASP G 152 51.81 -9.05 15.08
C ASP G 152 50.77 -9.90 15.80
N GLY G 153 51.13 -11.09 16.26
CA GLY G 153 50.12 -12.03 16.74
C GLY G 153 49.47 -12.82 15.60
N PRO G 154 48.54 -13.72 15.94
CA PRO G 154 47.86 -14.55 14.95
C PRO G 154 47.15 -13.81 13.80
N GLN G 155 46.72 -12.59 14.04
CA GLN G 155 45.93 -11.81 13.06
C GLN G 155 46.77 -11.47 11.82
N GLY G 156 48.09 -11.67 11.88
CA GLY G 156 49.00 -11.42 10.76
C GLY G 156 48.99 -12.58 9.77
N VAL G 157 48.50 -13.75 10.21
CA VAL G 157 48.65 -15.06 9.53
C VAL G 157 47.30 -15.46 8.96
N PHE G 158 47.22 -15.53 7.64
CA PHE G 158 46.00 -15.72 6.85
C PHE G 158 46.02 -17.09 6.17
N PHE G 159 44.84 -17.70 6.10
CA PHE G 159 44.61 -18.93 5.32
C PHE G 159 43.35 -18.79 4.49
N SER G 160 43.38 -19.44 3.31
CA SER G 160 42.13 -19.94 2.67
C SER G 160 42.27 -21.45 2.49
N CYS G 161 41.43 -22.21 3.16
CA CYS G 161 41.63 -23.66 3.32
C CYS G 161 40.34 -24.41 3.03
N PHE G 162 40.45 -25.55 2.32
CA PHE G 162 39.31 -26.49 2.19
C PHE G 162 38.70 -26.73 3.57
N ASP G 163 37.39 -26.97 3.60
CA ASP G 163 36.73 -27.51 4.79
C ASP G 163 35.89 -28.74 4.39
N HIS G 164 36.05 -29.23 3.16
CA HIS G 164 35.20 -30.27 2.54
C HIS G 164 35.79 -31.67 2.71
N GLY G 165 35.13 -32.67 2.09
CA GLY G 165 35.56 -34.08 2.12
C GLY G 165 36.16 -34.53 0.79
N GLY G 166 36.31 -35.82 0.62
CA GLY G 166 36.82 -36.36 -0.66
C GLY G 166 38.23 -35.88 -0.89
N ALA G 167 38.71 -35.94 -2.12
CA ALA G 167 40.12 -35.60 -2.37
C ALA G 167 40.34 -34.14 -2.00
N GLY G 168 41.45 -33.83 -1.40
CA GLY G 168 41.77 -32.47 -0.96
C GLY G 168 40.93 -32.06 0.22
N GLY G 169 40.49 -33.08 0.98
CA GLY G 169 39.66 -32.88 2.18
C GLY G 169 39.61 -34.12 3.03
N GLY G 170 38.52 -34.26 3.77
CA GLY G 170 38.26 -35.46 4.59
C GLY G 170 38.67 -35.32 6.05
N PHE G 171 38.30 -36.32 6.85
CA PHE G 171 38.27 -36.14 8.32
C PHE G 171 39.71 -35.97 8.84
N GLU G 172 40.69 -36.71 8.26
CA GLU G 172 42.13 -36.58 8.64
C GLU G 172 42.60 -35.17 8.31
N ASN G 173 42.30 -34.69 7.10
CA ASN G 173 42.90 -33.45 6.56
C ASN G 173 42.22 -32.21 7.18
N THR G 174 40.91 -32.20 7.34
CA THR G 174 40.25 -31.05 8.01
C THR G 174 40.72 -30.96 9.47
N TRP G 175 40.92 -32.09 10.15
CA TRP G 175 41.41 -32.10 11.53
C TRP G 175 42.82 -31.51 11.54
N GLY G 176 43.69 -32.00 10.64
CA GLY G 176 45.10 -31.56 10.71
C GLY G 176 45.23 -30.06 10.49
N THR G 177 44.54 -29.56 9.49
CA THR G 177 44.59 -28.12 9.15
C THR G 177 43.89 -27.29 10.23
N GLY G 178 42.73 -27.77 10.68
CA GLY G 178 41.96 -27.09 11.75
C GLY G 178 42.75 -26.97 13.03
N LYS G 179 43.38 -28.06 13.46
CA LYS G 179 44.22 -28.04 14.66
C LYS G 179 45.35 -27.01 14.48
N LEU G 180 46.00 -26.98 13.32
CA LEU G 180 47.14 -26.07 13.07
C LEU G 180 46.62 -24.64 13.09
N MET G 181 45.56 -24.39 12.36
CA MET G 181 45.05 -23.00 12.19
C MET G 181 44.49 -22.45 13.49
N PHE G 182 43.70 -23.26 14.21
CA PHE G 182 42.84 -22.77 15.31
C PHE G 182 43.46 -23.08 16.68
N SER G 183 44.06 -24.27 16.88
CA SER G 183 44.56 -24.69 18.20
C SER G 183 46.00 -24.25 18.42
N ALA G 184 46.81 -24.24 17.37
CA ALA G 184 48.27 -24.05 17.47
C ALA G 184 48.64 -22.61 17.11
N ILE G 185 48.43 -22.22 15.84
CA ILE G 185 48.63 -20.80 15.41
C ILE G 185 47.60 -19.88 16.12
N GLN G 186 46.35 -20.36 16.23
CA GLN G 186 45.19 -19.67 16.83
C GLN G 186 44.88 -18.42 16.01
N THR G 187 44.91 -18.49 14.68
CA THR G 187 44.47 -17.36 13.80
C THR G 187 42.98 -17.42 13.48
N PRO G 188 42.25 -16.29 13.64
CA PRO G 188 40.91 -16.13 13.08
C PRO G 188 40.84 -15.72 11.61
N MET G 189 42.02 -15.49 10.95
CA MET G 189 42.08 -14.85 9.62
C MET G 189 42.00 -15.97 8.60
N VAL G 190 40.89 -16.70 8.63
CA VAL G 190 40.73 -17.96 7.87
C VAL G 190 39.42 -17.86 7.10
N ARG G 191 39.52 -18.17 5.83
CA ARG G 191 38.33 -18.32 4.97
C ARG G 191 38.35 -19.75 4.48
N ILE G 192 37.25 -20.10 3.80
CA ILE G 192 37.02 -21.50 3.36
C ILE G 192 37.20 -21.52 1.85
N HIS G 193 37.41 -22.69 1.29
CA HIS G 193 37.71 -22.80 -0.17
C HIS G 193 36.68 -22.04 -1.00
N ASN G 194 35.38 -22.04 -0.58
CA ASN G 194 34.30 -21.61 -1.50
C ASN G 194 33.57 -20.37 -0.96
N ARG G 195 34.06 -19.76 0.12
CA ARG G 195 33.33 -18.65 0.74
C ARG G 195 34.32 -17.86 1.58
N PRO G 196 34.28 -16.51 1.48
CA PRO G 196 35.38 -15.66 1.94
C PRO G 196 35.36 -15.28 3.41
N ALA G 197 34.86 -16.16 4.28
CA ALA G 197 34.91 -15.98 5.74
C ALA G 197 34.77 -17.36 6.34
N TYR G 198 34.82 -17.44 7.66
CA TYR G 198 34.68 -18.72 8.36
C TYR G 198 33.22 -18.87 8.77
N ASN G 199 32.47 -19.48 7.88
CA ASN G 199 31.00 -19.46 8.01
C ASN G 199 30.44 -20.75 7.44
N SER G 200 29.10 -20.83 7.42
CA SER G 200 28.34 -22.00 6.92
C SER G 200 27.44 -21.58 5.77
N GLU G 201 27.26 -22.50 4.82
CA GLU G 201 26.30 -22.38 3.73
C GLU G 201 24.88 -22.52 4.31
N CYS G 202 24.71 -22.96 5.56
CA CYS G 202 23.39 -23.45 6.06
C CYS G 202 23.11 -22.87 7.45
N HIS G 203 23.51 -21.65 7.72
CA HIS G 203 23.19 -20.98 9.03
C HIS G 203 21.68 -21.08 9.32
N ALA G 204 20.80 -20.64 8.42
CA ALA G 204 19.36 -20.59 8.68
C ALA G 204 18.84 -21.99 9.00
N THR G 205 18.99 -22.96 8.10
CA THR G 205 18.41 -24.32 8.37
C THR G 205 18.97 -24.92 9.67
N ARG G 206 20.26 -24.72 9.99
CA ARG G 206 20.82 -25.26 11.27
C ARG G 206 20.19 -24.57 12.49
N GLU G 207 20.07 -23.26 12.46
CA GLU G 207 19.47 -22.45 13.57
C GLU G 207 17.99 -22.83 13.73
N MET G 208 17.33 -23.24 12.63
CA MET G 208 15.91 -23.69 12.69
C MET G 208 15.80 -25.12 13.28
N GLY G 209 16.92 -25.82 13.40
CA GLY G 209 17.02 -27.14 14.05
C GLY G 209 17.20 -28.27 13.04
N ILE G 210 17.40 -27.93 11.76
CA ILE G 210 17.47 -28.94 10.67
C ILE G 210 18.84 -28.86 10.00
N GLY G 211 19.73 -29.75 10.43
CA GLY G 211 20.99 -29.97 9.72
C GLY G 211 20.68 -30.35 8.28
N GLU G 212 21.51 -29.87 7.35
CA GLU G 212 21.24 -29.86 5.89
C GLU G 212 21.38 -31.26 5.28
N LEU G 213 21.99 -32.26 5.95
CA LEU G 213 22.04 -33.64 5.40
C LEU G 213 21.26 -34.54 6.33
N ASN G 214 19.94 -34.53 6.19
CA ASN G 214 19.06 -35.13 7.19
C ASN G 214 18.32 -36.34 6.65
N ASN G 215 18.64 -36.90 5.49
CA ASN G 215 17.90 -38.08 4.99
C ASN G 215 18.85 -39.10 4.38
N ALA G 216 18.28 -40.08 3.71
CA ALA G 216 19.07 -41.12 3.03
C ALA G 216 18.77 -40.99 1.52
N TYR G 217 19.68 -41.44 0.68
CA TYR G 217 19.42 -41.49 -0.77
C TYR G 217 18.15 -42.33 -0.98
N GLU G 218 17.92 -43.38 -0.19
CA GLU G 218 16.68 -44.16 -0.33
C GLU G 218 15.45 -43.23 -0.29
N ASP G 219 15.50 -42.14 0.45
CA ASP G 219 14.30 -41.26 0.57
C ASP G 219 13.87 -40.74 -0.82
N ALA G 220 14.84 -40.57 -1.70
CA ALA G 220 14.60 -40.09 -3.07
C ALA G 220 13.82 -41.19 -3.81
N GLN G 221 13.98 -42.45 -3.40
CA GLN G 221 13.28 -43.59 -4.06
C GLN G 221 11.84 -43.70 -3.53
N LEU G 222 11.59 -43.15 -2.34
CA LEU G 222 10.29 -43.30 -1.61
C LEU G 222 9.42 -42.06 -1.81
N ALA G 223 9.96 -40.98 -2.36
CA ALA G 223 9.18 -39.74 -2.51
C ALA G 223 8.00 -39.89 -3.49
N ASP G 224 6.93 -39.18 -3.21
CA ASP G 224 5.88 -38.86 -4.23
C ASP G 224 6.38 -37.77 -5.18
N VAL G 225 7.07 -36.77 -4.64
CA VAL G 225 7.48 -35.55 -5.39
C VAL G 225 8.89 -35.17 -4.98
N ILE G 226 9.76 -34.89 -5.96
CA ILE G 226 11.10 -34.35 -5.58
C ILE G 226 11.16 -32.92 -6.09
N TRP G 227 11.54 -31.96 -5.21
CA TRP G 227 11.92 -30.59 -5.61
C TRP G 227 13.45 -30.55 -5.72
N SER G 228 13.95 -30.02 -6.84
CA SER G 228 15.36 -29.66 -7.10
C SER G 228 15.40 -28.16 -7.28
N ILE G 229 15.91 -27.46 -6.27
CA ILE G 229 15.85 -25.99 -6.11
C ILE G 229 17.28 -25.45 -6.24
N GLY G 230 17.55 -24.60 -7.23
CA GLY G 230 18.91 -24.07 -7.43
C GLY G 230 19.93 -25.18 -7.71
N ASN G 231 19.56 -26.15 -8.55
CA ASN G 231 20.28 -27.46 -8.56
C ASN G 231 20.19 -28.07 -9.96
N ASN G 232 21.27 -28.57 -10.47
CA ASN G 232 21.27 -29.22 -11.82
C ASN G 232 21.81 -30.63 -11.67
N PRO G 233 21.05 -31.54 -11.01
CA PRO G 233 21.66 -32.76 -10.44
C PRO G 233 22.17 -33.84 -11.43
N TYR G 234 21.63 -33.84 -12.64
CA TYR G 234 22.16 -34.77 -13.66
C TYR G 234 23.63 -34.44 -13.87
N GLU G 235 23.99 -33.15 -13.90
CA GLU G 235 25.38 -32.72 -14.17
C GLU G 235 26.19 -32.69 -12.87
N SER G 236 25.57 -32.32 -11.74
CA SER G 236 26.34 -32.01 -10.50
C SER G 236 26.25 -33.10 -9.40
N GLN G 237 25.22 -33.96 -9.35
CA GLN G 237 25.15 -35.12 -8.43
C GLN G 237 24.66 -36.32 -9.24
N THR G 238 25.35 -36.55 -10.34
CA THR G 238 24.90 -37.45 -11.44
C THR G 238 24.33 -38.75 -10.90
N ASN G 239 25.06 -39.54 -10.15
CA ASN G 239 24.65 -40.93 -9.84
C ASN G 239 23.59 -40.96 -8.72
N TYR G 240 23.41 -39.88 -7.97
CA TYR G 240 22.25 -39.82 -7.06
C TYR G 240 21.03 -39.71 -7.95
N PHE G 241 21.08 -38.75 -8.84
CA PHE G 241 19.97 -38.55 -9.80
C PHE G 241 19.69 -39.87 -10.54
N LEU G 242 20.73 -40.48 -11.11
CA LEU G 242 20.54 -41.66 -12.02
C LEU G 242 20.14 -42.91 -11.24
N ASN G 243 20.71 -43.14 -10.06
CA ASN G 243 20.52 -44.43 -9.37
C ASN G 243 19.34 -44.37 -8.38
N HIS G 244 18.90 -43.20 -7.97
CA HIS G 244 17.79 -43.07 -6.99
C HIS G 244 16.60 -42.26 -7.53
N TRP G 245 16.83 -41.09 -8.15
CA TRP G 245 15.70 -40.23 -8.56
C TRP G 245 14.99 -40.87 -9.74
N LEU G 246 15.76 -41.24 -10.75
CA LEU G 246 15.11 -41.69 -12.02
C LEU G 246 14.38 -43.00 -11.80
N PRO G 247 14.90 -43.98 -11.06
CA PRO G 247 14.13 -45.21 -10.82
C PRO G 247 12.79 -44.90 -10.17
N ASN G 248 12.72 -43.89 -9.30
CA ASN G 248 11.42 -43.40 -8.80
C ASN G 248 10.53 -42.94 -9.99
N LEU G 249 11.03 -42.03 -10.81
CA LEU G 249 10.23 -41.42 -11.90
C LEU G 249 9.75 -42.52 -12.86
N GLN G 250 10.57 -43.56 -13.05
CA GLN G 250 10.28 -44.70 -13.98
C GLN G 250 9.31 -45.70 -13.36
N GLY G 251 8.94 -45.60 -12.07
CA GLY G 251 8.00 -46.54 -11.44
C GLY G 251 8.68 -47.79 -10.89
N ALA G 252 10.01 -47.84 -10.86
CA ALA G 252 10.77 -49.03 -10.38
C ALA G 252 10.72 -49.13 -8.85
N THR G 253 10.23 -48.10 -8.14
CA THR G 253 10.24 -48.09 -6.66
C THR G 253 8.83 -48.17 -6.10
N THR G 254 7.82 -48.20 -6.95
CA THR G 254 6.40 -48.21 -6.55
C THR G 254 6.15 -49.37 -5.57
N SER G 255 6.67 -50.55 -5.86
CA SER G 255 6.45 -51.76 -5.02
CA SER G 255 6.41 -51.73 -5.00
C SER G 255 7.07 -51.54 -3.62
N LYS G 256 8.19 -50.84 -3.55
CA LYS G 256 8.86 -50.59 -2.23
C LYS G 256 8.00 -49.66 -1.42
N LYS G 257 7.46 -48.59 -2.05
CA LYS G 257 6.60 -47.64 -1.34
C LYS G 257 5.41 -48.44 -0.75
N LYS G 258 4.71 -49.22 -1.61
CA LYS G 258 3.47 -49.90 -1.19
C LYS G 258 3.77 -50.96 -0.13
N GLU G 259 4.94 -51.58 -0.13
CA GLU G 259 5.33 -52.59 0.88
C GLU G 259 5.56 -51.89 2.22
N ARG G 260 6.17 -50.72 2.18
CA ARG G 260 6.47 -49.96 3.41
C ARG G 260 5.20 -49.36 4.01
N PHE G 261 4.26 -48.89 3.18
CA PHE G 261 3.07 -48.13 3.60
C PHE G 261 1.84 -48.77 2.94
N PRO G 262 1.33 -49.86 3.52
CA PRO G 262 0.27 -50.62 2.85
C PRO G 262 -1.06 -49.88 2.66
N ASN G 263 -1.35 -48.85 3.45
CA ASN G 263 -2.66 -48.14 3.37
C ASN G 263 -2.49 -46.73 2.78
N GLU G 264 -1.54 -46.55 1.89
CA GLU G 264 -1.19 -45.22 1.35
C GLU G 264 -1.18 -45.28 -0.17
N ASN G 265 -1.83 -44.31 -0.81
CA ASN G 265 -1.77 -44.17 -2.28
C ASN G 265 -0.40 -43.63 -2.67
N PHE G 266 0.14 -44.16 -3.73
CA PHE G 266 1.39 -43.69 -4.34
C PHE G 266 1.12 -43.44 -5.80
N PRO G 267 0.86 -42.18 -6.18
CA PRO G 267 0.73 -41.85 -7.60
C PRO G 267 2.09 -41.95 -8.30
N GLN G 268 2.09 -41.82 -9.61
CA GLN G 268 3.35 -41.68 -10.34
C GLN G 268 4.13 -40.47 -9.76
N ALA G 269 5.40 -40.69 -9.55
CA ALA G 269 6.30 -39.68 -8.93
C ALA G 269 6.38 -38.48 -9.86
N ARG G 270 6.56 -37.30 -9.29
CA ARG G 270 6.65 -36.03 -10.02
C ARG G 270 7.87 -35.27 -9.52
N ILE G 271 8.34 -34.34 -10.34
CA ILE G 271 9.59 -33.61 -10.05
C ILE G 271 9.39 -32.13 -10.43
N ILE G 272 9.94 -31.25 -9.60
CA ILE G 272 9.71 -29.80 -9.70
C ILE G 272 11.07 -29.15 -9.59
N PHE G 273 11.43 -28.37 -10.59
CA PHE G 273 12.72 -27.67 -10.67
C PHE G 273 12.47 -26.19 -10.48
N VAL G 274 13.12 -25.63 -9.47
CA VAL G 274 13.17 -24.17 -9.31
C VAL G 274 14.56 -23.71 -9.77
N ASP G 275 14.60 -23.10 -10.93
CA ASP G 275 15.85 -22.73 -11.61
C ASP G 275 15.44 -21.72 -12.66
N PRO G 276 16.04 -20.53 -12.68
CA PRO G 276 15.77 -19.59 -13.79
C PRO G 276 16.06 -20.24 -15.14
N ARG G 277 17.02 -21.17 -15.18
CA ARG G 277 17.55 -21.74 -16.44
C ARG G 277 16.90 -23.09 -16.72
N GLU G 278 16.60 -23.38 -17.99
CA GLU G 278 16.26 -24.74 -18.49
C GLU G 278 17.56 -25.56 -18.68
N THR G 279 17.74 -26.57 -17.85
CA THR G 279 19.00 -27.32 -17.73
C THR G 279 18.87 -28.69 -18.38
N PRO G 280 19.99 -29.36 -18.62
CA PRO G 280 19.98 -30.76 -18.97
C PRO G 280 19.13 -31.61 -18.01
N SER G 281 19.13 -31.29 -16.72
CA SER G 281 18.34 -32.07 -15.71
C SER G 281 16.83 -31.98 -16.02
N VAL G 282 16.41 -30.78 -16.40
CA VAL G 282 14.99 -30.54 -16.72
C VAL G 282 14.67 -31.39 -17.96
N ALA G 283 15.49 -31.25 -18.98
CA ALA G 283 15.30 -31.97 -20.26
C ALA G 283 15.22 -33.46 -20.01
N ILE G 284 16.17 -34.01 -19.25
CA ILE G 284 16.19 -35.47 -18.98
C ILE G 284 14.98 -35.90 -18.13
N ALA G 285 14.58 -35.10 -17.16
CA ALA G 285 13.38 -35.40 -16.34
C ALA G 285 12.18 -35.54 -17.29
N ARG G 286 12.05 -34.62 -18.23
CA ARG G 286 10.89 -34.62 -19.19
C ARG G 286 10.98 -35.86 -20.08
N HIS G 287 12.17 -36.19 -20.58
CA HIS G 287 12.38 -37.40 -21.40
C HIS G 287 11.89 -38.64 -20.62
N VAL G 288 12.24 -38.74 -19.35
CA VAL G 288 11.97 -39.98 -18.57
C VAL G 288 10.49 -40.02 -18.13
N ALA G 289 9.99 -38.93 -17.57
CA ALA G 289 8.71 -38.89 -16.82
C ALA G 289 7.54 -38.43 -17.70
N GLY G 290 7.85 -37.74 -18.80
CA GLY G 290 6.93 -36.94 -19.62
C GLY G 290 6.76 -35.55 -19.12
N ASN G 291 6.27 -34.70 -20.01
CA ASN G 291 6.12 -33.26 -19.73
C ASN G 291 5.14 -33.08 -18.55
N ASP G 292 4.12 -33.93 -18.49
CA ASP G 292 3.03 -33.78 -17.50
C ASP G 292 3.45 -34.08 -16.06
N ARG G 293 4.61 -34.72 -15.85
CA ARG G 293 5.13 -35.08 -14.52
C ARG G 293 6.31 -34.18 -14.11
N VAL G 294 6.56 -33.11 -14.83
CA VAL G 294 7.68 -32.20 -14.55
C VAL G 294 7.14 -30.76 -14.56
N LEU G 295 7.38 -30.03 -13.48
CA LEU G 295 7.12 -28.56 -13.48
C LEU G 295 8.48 -27.89 -13.42
N HIS G 296 8.80 -27.11 -14.46
CA HIS G 296 9.97 -26.21 -14.40
C HIS G 296 9.44 -24.82 -13.98
N LEU G 297 9.73 -24.44 -12.76
N LEU G 297 9.64 -24.46 -12.73
CA LEU G 297 9.41 -23.13 -12.15
CA LEU G 297 9.38 -23.07 -12.30
C LEU G 297 10.58 -22.19 -12.56
C LEU G 297 10.63 -22.25 -12.64
N ALA G 298 10.52 -21.54 -13.75
CA ALA G 298 11.64 -20.78 -14.34
C ALA G 298 11.58 -19.35 -13.81
N ILE G 299 11.84 -19.25 -12.51
CA ILE G 299 11.76 -18.00 -11.74
C ILE G 299 12.72 -16.95 -12.33
N GLU G 300 12.35 -15.68 -12.18
CA GLU G 300 13.32 -14.58 -12.32
C GLU G 300 14.49 -14.81 -11.37
N PRO G 301 15.74 -14.57 -11.82
CA PRO G 301 16.91 -14.60 -10.95
C PRO G 301 16.67 -13.97 -9.56
N GLY G 302 17.01 -14.69 -8.47
CA GLY G 302 17.05 -14.18 -7.08
C GLY G 302 15.67 -14.07 -6.44
N THR G 303 14.61 -14.63 -7.04
CA THR G 303 13.21 -14.47 -6.53
C THR G 303 12.74 -15.68 -5.74
N ASP G 304 13.66 -16.56 -5.34
CA ASP G 304 13.37 -17.76 -4.53
C ASP G 304 12.58 -17.44 -3.25
N THR G 305 12.99 -16.45 -2.46
CA THR G 305 12.23 -16.10 -1.23
C THR G 305 10.75 -15.81 -1.55
N ALA G 306 10.50 -15.01 -2.58
CA ALA G 306 9.13 -14.67 -3.03
C ALA G 306 8.38 -15.93 -3.42
N LEU G 307 9.01 -16.86 -4.13
CA LEU G 307 8.34 -18.14 -4.49
C LEU G 307 7.90 -18.90 -3.22
N PHE G 308 8.82 -19.11 -2.27
CA PHE G 308 8.55 -19.97 -1.11
C PHE G 308 7.54 -19.28 -0.18
N ASN G 309 7.55 -17.96 -0.12
CA ASN G 309 6.62 -17.20 0.75
C ASN G 309 5.21 -17.28 0.12
N GLY G 310 5.13 -17.26 -1.21
CA GLY G 310 3.82 -17.43 -1.87
C GLY G 310 3.31 -18.85 -1.65
N LEU G 311 4.16 -19.84 -1.82
CA LEU G 311 3.71 -21.24 -1.68
C LEU G 311 3.36 -21.49 -0.21
N PHE G 312 4.19 -20.99 0.72
CA PHE G 312 3.91 -21.09 2.19
C PHE G 312 2.53 -20.51 2.47
N THR G 313 2.28 -19.28 2.00
CA THR G 313 1.01 -18.57 2.33
C THR G 313 -0.11 -19.45 1.81
N TYR G 314 0.08 -19.97 0.60
CA TYR G 314 -1.07 -20.68 -0.06
C TYR G 314 -1.38 -22.00 0.67
N VAL G 315 -0.37 -22.80 0.99
CA VAL G 315 -0.61 -24.09 1.70
C VAL G 315 -1.29 -23.78 3.06
N VAL G 316 -0.89 -22.73 3.78
CA VAL G 316 -1.60 -22.38 5.04
C VAL G 316 -3.05 -22.04 4.70
N GLU G 317 -3.26 -21.16 3.75
CA GLU G 317 -4.62 -20.75 3.41
C GLU G 317 -5.47 -21.96 3.01
N GLN G 318 -4.91 -22.94 2.33
CA GLN G 318 -5.65 -24.18 1.91
C GLN G 318 -5.74 -25.21 3.05
N GLY G 319 -5.00 -25.04 4.14
CA GLY G 319 -4.94 -26.05 5.22
C GLY G 319 -4.17 -27.30 4.78
N TRP G 320 -3.31 -27.18 3.74
CA TRP G 320 -2.42 -28.28 3.31
C TRP G 320 -1.14 -28.31 4.14
N ILE G 321 -1.34 -28.29 5.47
CA ILE G 321 -0.26 -28.32 6.47
C ILE G 321 -0.62 -29.40 7.50
N ASP G 322 0.35 -29.74 8.34
CA ASP G 322 0.21 -30.73 9.43
C ASP G 322 0.10 -29.99 10.78
N LYS G 323 -1.13 -29.66 11.11
CA LYS G 323 -1.43 -28.87 12.32
C LYS G 323 -0.96 -29.62 13.57
N PRO G 324 -1.23 -30.93 13.76
CA PRO G 324 -0.72 -31.60 14.95
C PRO G 324 0.80 -31.55 15.06
N PHE G 325 1.52 -31.72 13.94
CA PHE G 325 3.01 -31.61 13.88
C PHE G 325 3.45 -30.21 14.30
N ILE G 326 2.88 -29.16 13.72
CA ILE G 326 3.20 -27.75 14.03
C ILE G 326 3.01 -27.53 15.54
N GLU G 327 1.90 -28.01 16.06
CA GLU G 327 1.51 -27.82 17.48
C GLU G 327 2.52 -28.52 18.41
N ALA G 328 2.85 -29.79 18.13
CA ALA G 328 3.71 -30.62 19.01
C ALA G 328 5.18 -30.24 18.85
N HIS G 329 5.67 -29.95 17.64
CA HIS G 329 7.13 -30.04 17.36
C HIS G 329 7.71 -28.74 16.78
N THR G 330 6.97 -27.63 16.78
CA THR G 330 7.49 -26.39 16.18
C THR G 330 7.24 -25.19 17.10
N LYS G 331 7.92 -24.11 16.74
CA LYS G 331 7.74 -22.80 17.38
C LYS G 331 7.80 -21.75 16.28
N GLY G 332 6.94 -20.74 16.37
CA GLY G 332 7.04 -19.52 15.53
C GLY G 332 6.10 -19.53 14.32
N PHE G 333 5.24 -20.55 14.18
CA PHE G 333 4.40 -20.72 12.97
C PHE G 333 3.54 -19.48 12.78
N ASP G 334 2.77 -19.03 13.80
CA ASP G 334 1.81 -17.92 13.60
C ASP G 334 2.54 -16.64 13.17
N ASP G 335 3.67 -16.32 13.78
CA ASP G 335 4.54 -15.20 13.36
C ASP G 335 4.95 -15.31 11.88
N ALA G 336 5.41 -16.49 11.47
CA ALA G 336 5.90 -16.71 10.07
C ALA G 336 4.74 -16.51 9.07
N VAL G 337 3.55 -16.99 9.40
CA VAL G 337 2.36 -16.78 8.54
C VAL G 337 2.21 -15.28 8.29
N LYS G 338 2.38 -14.42 9.31
CA LYS G 338 2.20 -12.96 9.16
C LYS G 338 3.37 -12.34 8.41
N THR G 339 4.60 -12.60 8.84
CA THR G 339 5.81 -11.98 8.25
C THR G 339 5.92 -12.38 6.78
N ASN G 340 5.54 -13.60 6.43
CA ASN G 340 5.85 -14.18 5.11
C ASN G 340 4.64 -14.09 4.18
N ARG G 341 3.57 -13.37 4.55
CA ARG G 341 2.33 -13.39 3.74
C ARG G 341 2.61 -12.79 2.36
N LEU G 342 2.22 -13.52 1.31
CA LEU G 342 2.39 -13.07 -0.09
C LEU G 342 1.33 -13.78 -0.93
N SER G 343 0.53 -13.02 -1.67
CA SER G 343 -0.59 -13.59 -2.44
C SER G 343 0.03 -14.32 -3.62
N LEU G 344 -0.71 -15.24 -4.22
CA LEU G 344 -0.20 -15.90 -5.46
C LEU G 344 0.00 -14.89 -6.59
N ASP G 345 -0.88 -13.88 -6.76
CA ASP G 345 -0.76 -12.82 -7.79
C ASP G 345 0.56 -12.05 -7.60
N GLU G 346 0.86 -11.57 -6.38
CA GLU G 346 2.16 -10.92 -6.14
C GLU G 346 3.31 -11.87 -6.46
N CYS G 347 3.23 -13.07 -5.88
CA CYS G 347 4.24 -14.13 -6.02
C CYS G 347 4.50 -14.31 -7.53
N SER G 348 3.43 -14.38 -8.35
CA SER G 348 3.53 -14.61 -9.81
C SER G 348 4.18 -13.40 -10.51
N ASN G 349 3.79 -12.18 -10.15
CA ASN G 349 4.40 -10.93 -10.64
C ASN G 349 5.89 -10.87 -10.30
N ILE G 350 6.30 -11.25 -9.08
CA ILE G 350 7.71 -11.14 -8.66
C ILE G 350 8.54 -12.23 -9.37
N THR G 351 8.07 -13.47 -9.35
CA THR G 351 8.85 -14.64 -9.86
C THR G 351 8.71 -14.79 -11.39
N GLY G 352 7.67 -14.22 -11.97
CA GLY G 352 7.31 -14.50 -13.38
C GLY G 352 6.71 -15.87 -13.59
N VAL G 353 6.43 -16.66 -12.57
CA VAL G 353 5.79 -17.96 -12.74
C VAL G 353 4.29 -17.76 -12.69
N PRO G 354 3.52 -18.25 -13.69
CA PRO G 354 2.07 -18.10 -13.67
C PRO G 354 1.42 -18.78 -12.45
N VAL G 355 0.31 -18.19 -12.00
CA VAL G 355 -0.47 -18.66 -10.84
C VAL G 355 -0.83 -20.13 -11.03
N ASP G 356 -1.28 -20.56 -12.22
CA ASP G 356 -1.70 -21.97 -12.40
C ASP G 356 -0.54 -22.89 -12.07
N MET G 357 0.69 -22.54 -12.46
CA MET G 357 1.85 -23.38 -12.14
CA MET G 357 1.89 -23.36 -12.14
C MET G 357 2.18 -23.33 -10.62
N LEU G 358 2.04 -22.18 -9.95
CA LEU G 358 2.23 -22.12 -8.47
C LEU G 358 1.22 -23.05 -7.80
N LYS G 359 -0.05 -22.97 -8.21
CA LYS G 359 -1.14 -23.83 -7.68
C LYS G 359 -0.82 -25.31 -7.90
N ARG G 360 -0.36 -25.67 -9.10
CA ARG G 360 -0.09 -27.10 -9.41
C ARG G 360 1.11 -27.63 -8.56
N ALA G 361 2.17 -26.84 -8.41
CA ALA G 361 3.35 -27.22 -7.62
C ALA G 361 2.84 -27.59 -6.22
N ALA G 362 1.99 -26.75 -5.64
CA ALA G 362 1.43 -26.91 -4.27
C ALA G 362 0.50 -28.13 -4.22
N GLU G 363 -0.38 -28.27 -5.22
CA GLU G 363 -1.32 -29.40 -5.36
C GLU G 363 -0.54 -30.73 -5.40
N TRP G 364 0.47 -30.86 -6.26
CA TRP G 364 1.27 -32.10 -6.35
C TRP G 364 1.93 -32.41 -5.00
N SER G 365 2.41 -31.37 -4.32
CA SER G 365 3.43 -31.45 -3.26
C SER G 365 2.78 -31.52 -1.86
N TYR G 366 1.66 -30.83 -1.63
CA TYR G 366 1.18 -30.58 -0.25
C TYR G 366 -0.29 -30.99 -0.03
N LYS G 367 -1.11 -31.00 -1.09
CA LYS G 367 -2.53 -31.40 -0.95
C LYS G 367 -2.59 -32.86 -0.54
N PRO G 368 -3.38 -33.24 0.49
CA PRO G 368 -3.42 -34.63 0.91
C PRO G 368 -3.82 -35.55 -0.26
N LYS G 369 -3.22 -36.71 -0.25
CA LYS G 369 -3.55 -37.84 -1.16
C LYS G 369 -4.93 -38.40 -0.77
N ALA G 370 -5.54 -39.22 -1.60
CA ALA G 370 -6.91 -39.70 -1.34
C ALA G 370 -6.94 -40.56 -0.06
N SER G 371 -5.87 -41.32 0.21
CA SER G 371 -5.78 -42.23 1.39
C SER G 371 -5.59 -41.38 2.66
N GLY G 372 -5.31 -40.10 2.52
CA GLY G 372 -5.42 -39.14 3.64
C GLY G 372 -4.09 -38.55 4.03
N GLN G 373 -2.99 -39.22 3.69
CA GLN G 373 -1.63 -38.75 4.06
C GLN G 373 -1.20 -37.61 3.13
N ALA G 374 -0.35 -36.71 3.62
CA ALA G 374 0.30 -35.67 2.84
C ALA G 374 1.26 -36.38 1.87
N PRO G 375 1.48 -35.84 0.67
CA PRO G 375 2.52 -36.41 -0.19
C PRO G 375 3.89 -36.39 0.54
N ARG G 376 4.72 -37.37 0.23
CA ARG G 376 6.14 -37.41 0.69
C ARG G 376 6.95 -36.59 -0.31
N THR G 377 7.28 -35.36 0.06
CA THR G 377 7.94 -34.40 -0.81
C THR G 377 9.35 -34.11 -0.32
N MET G 378 10.32 -34.61 -1.04
CA MET G 378 11.74 -34.38 -0.69
C MET G 378 12.15 -33.08 -1.35
N HIS G 379 12.63 -32.11 -0.57
CA HIS G 379 13.03 -30.78 -1.05
C HIS G 379 14.57 -30.71 -1.09
N ALA G 380 15.15 -30.74 -2.26
CA ALA G 380 16.62 -30.81 -2.41
C ALA G 380 17.04 -29.45 -2.94
N TYR G 381 18.11 -28.82 -2.43
CA TYR G 381 18.54 -27.50 -2.91
C TYR G 381 20.07 -27.51 -3.01
N GLU G 382 20.64 -26.62 -3.81
CA GLU G 382 22.12 -26.46 -3.80
C GLU G 382 22.42 -25.00 -4.15
N LYS G 383 23.39 -24.72 -5.03
CA LYS G 383 24.07 -23.41 -5.09
C LYS G 383 23.24 -22.33 -5.77
N GLY G 384 22.17 -22.68 -6.46
CA GLY G 384 21.29 -21.66 -7.02
C GLY G 384 20.65 -20.89 -5.88
N ILE G 385 20.48 -21.50 -4.69
CA ILE G 385 19.92 -20.70 -3.55
C ILE G 385 21.05 -20.49 -2.54
N ILE G 386 21.96 -21.45 -2.37
CA ILE G 386 23.05 -21.22 -1.39
C ILE G 386 23.90 -20.00 -1.78
N TRP G 387 24.23 -19.85 -3.07
CA TRP G 387 24.86 -18.63 -3.63
C TRP G 387 23.81 -17.73 -4.27
N GLY G 388 22.60 -17.75 -3.72
CA GLY G 388 21.48 -16.95 -4.25
C GLY G 388 21.33 -15.64 -3.50
N ASN G 389 20.20 -14.99 -3.78
CA ASN G 389 19.82 -13.65 -3.29
C ASN G 389 19.47 -13.72 -1.80
N ASP G 390 20.49 -13.69 -0.97
CA ASP G 390 20.37 -13.67 0.50
C ASP G 390 20.16 -15.10 0.98
N ASN G 391 21.29 -15.80 1.09
CA ASN G 391 21.40 -17.21 1.49
C ASN G 391 20.54 -17.46 2.75
N TYR G 392 20.69 -16.61 3.75
CA TYR G 392 19.99 -16.80 5.05
C TYR G 392 18.47 -16.72 4.84
N VAL G 393 18.01 -15.73 4.09
CA VAL G 393 16.54 -15.48 3.95
C VAL G 393 15.91 -16.59 3.09
N ILE G 394 16.59 -17.01 2.03
CA ILE G 394 15.95 -18.05 1.16
C ILE G 394 15.75 -19.30 1.98
N GLN G 395 16.75 -19.70 2.75
CA GLN G 395 16.57 -20.93 3.54
C GLN G 395 15.49 -20.72 4.59
N SER G 396 15.39 -19.51 5.18
CA SER G 396 14.33 -19.21 6.18
C SER G 396 12.96 -19.53 5.54
N ALA G 397 12.80 -19.06 4.31
CA ALA G 397 11.50 -19.12 3.58
C ALA G 397 11.20 -20.56 3.19
N LEU G 398 12.19 -21.26 2.67
CA LEU G 398 12.02 -22.65 2.25
C LEU G 398 11.79 -23.59 3.44
N LEU G 399 12.60 -23.46 4.50
CA LEU G 399 12.42 -24.41 5.62
C LEU G 399 11.05 -24.14 6.24
N ASP G 400 10.55 -22.90 6.21
CA ASP G 400 9.19 -22.57 6.75
C ASP G 400 8.14 -23.45 6.06
N LEU G 401 8.24 -23.55 4.73
CA LEU G 401 7.28 -24.36 3.92
C LEU G 401 7.41 -25.84 4.28
N VAL G 402 8.64 -26.32 4.39
CA VAL G 402 8.94 -27.73 4.70
C VAL G 402 8.45 -28.13 6.09
N ILE G 403 8.74 -27.33 7.09
CA ILE G 403 8.33 -27.66 8.49
C ILE G 403 6.80 -27.66 8.54
N ALA G 404 6.12 -26.67 7.94
CA ALA G 404 4.65 -26.58 8.04
C ALA G 404 4.01 -27.82 7.42
N THR G 405 4.65 -28.36 6.39
CA THR G 405 4.11 -29.50 5.60
C THR G 405 4.70 -30.82 6.10
N HIS G 406 5.50 -30.78 7.16
CA HIS G 406 6.05 -32.01 7.76
C HIS G 406 6.85 -32.75 6.72
N ASN G 407 7.62 -32.05 5.90
CA ASN G 407 8.50 -32.72 4.92
C ASN G 407 9.94 -32.81 5.41
N VAL G 408 10.13 -32.96 6.72
CA VAL G 408 11.37 -33.49 7.36
C VAL G 408 11.00 -34.63 8.29
N GLY G 409 11.82 -35.64 8.41
CA GLY G 409 11.56 -36.69 9.40
C GLY G 409 10.66 -37.81 8.91
N ARG G 410 9.92 -37.65 7.80
CA ARG G 410 9.07 -38.73 7.25
CA ARG G 410 9.08 -38.74 7.25
C ARG G 410 9.88 -39.39 6.13
N ARG G 411 9.80 -40.70 6.01
CA ARG G 411 10.54 -41.38 4.91
C ARG G 411 10.01 -40.84 3.56
N GLY G 412 10.91 -40.71 2.61
CA GLY G 412 10.55 -40.13 1.32
C GLY G 412 10.49 -38.63 1.39
N THR G 413 10.97 -37.99 2.49
CA THR G 413 10.99 -36.52 2.59
C THR G 413 12.42 -36.04 2.91
N GLY G 414 12.52 -34.86 3.48
CA GLY G 414 13.82 -34.24 3.77
C GLY G 414 13.86 -32.89 3.15
N CYS G 415 14.60 -31.97 3.74
CA CYS G 415 14.93 -30.70 3.11
C CYS G 415 16.44 -30.60 3.20
N VAL G 416 17.10 -30.89 2.08
CA VAL G 416 18.50 -31.33 2.15
C VAL G 416 19.32 -30.58 1.10
N ARG G 417 20.53 -30.25 1.47
CA ARG G 417 21.56 -29.96 0.46
C ARG G 417 21.75 -31.18 -0.43
N MET G 418 21.88 -30.92 -1.70
CA MET G 418 22.41 -31.94 -2.67
C MET G 418 23.91 -32.11 -2.50
N GLY G 419 24.62 -31.10 -1.98
CA GLY G 419 26.04 -31.19 -1.67
C GLY G 419 26.88 -30.81 -2.87
N GLY G 420 28.18 -30.61 -2.64
CA GLY G 420 29.15 -30.20 -3.66
C GLY G 420 30.27 -31.17 -3.69
N HIS G 421 31.26 -31.01 -2.83
CA HIS G 421 32.25 -32.06 -2.52
C HIS G 421 31.56 -33.09 -1.63
N GLN G 422 32.25 -34.17 -1.30
CA GLN G 422 31.92 -34.98 -0.13
C GLN G 422 32.21 -34.12 1.11
N GLU G 423 31.74 -34.61 2.22
CA GLU G 423 31.91 -33.93 3.53
C GLU G 423 32.89 -34.73 4.39
N GLY G 424 33.60 -34.05 5.25
CA GLY G 424 34.65 -34.69 6.03
C GLY G 424 35.20 -33.75 7.07
N TYR G 425 34.30 -33.10 7.81
CA TYR G 425 34.65 -32.00 8.75
C TYR G 425 34.88 -32.52 10.17
N THR G 426 36.09 -32.33 10.71
CA THR G 426 36.35 -32.45 12.16
C THR G 426 37.37 -31.37 12.50
N ARG G 427 37.01 -30.37 13.32
CA ARG G 427 37.92 -29.23 13.62
C ARG G 427 37.63 -28.72 15.01
N PRO G 428 38.63 -28.09 15.65
CA PRO G 428 38.40 -27.26 16.80
C PRO G 428 37.47 -26.14 16.40
N PRO G 429 36.83 -25.45 17.40
CA PRO G 429 35.97 -24.31 17.11
C PRO G 429 36.82 -23.20 16.50
N TYR G 430 36.19 -22.39 15.65
CA TYR G 430 36.81 -21.17 15.08
C TYR G 430 37.17 -20.20 16.20
N PRO G 431 38.42 -19.73 16.33
CA PRO G 431 38.84 -19.02 17.53
C PRO G 431 38.52 -17.51 17.58
N GLY G 432 37.81 -16.93 16.63
CA GLY G 432 37.27 -15.56 16.78
C GLY G 432 35.78 -15.48 17.18
N ASP G 433 35.30 -14.25 17.36
CA ASP G 433 33.92 -13.88 17.73
C ASP G 433 33.22 -13.16 16.57
N LYS G 434 33.96 -12.77 15.50
CA LYS G 434 33.48 -11.90 14.38
C LYS G 434 33.53 -12.69 13.06
N LYS G 435 32.66 -12.40 12.09
CA LYS G 435 32.81 -12.90 10.70
C LYS G 435 33.69 -11.87 9.96
N ILE G 436 34.74 -12.38 9.36
CA ILE G 436 35.75 -11.49 8.72
C ILE G 436 35.80 -11.85 7.24
N TYR G 437 35.54 -10.85 6.40
CA TYR G 437 35.61 -10.97 4.92
C TYR G 437 37.07 -10.97 4.49
N ILE G 438 37.65 -12.16 4.48
CA ILE G 438 39.11 -12.32 4.26
C ILE G 438 39.54 -11.66 2.95
N ASP G 439 38.89 -11.92 1.82
CA ASP G 439 39.36 -11.30 0.57
C ASP G 439 39.54 -9.79 0.72
N GLN G 440 38.57 -9.11 1.36
CA GLN G 440 38.52 -7.63 1.50
C GLN G 440 39.70 -7.22 2.39
N GLU G 441 40.03 -8.02 3.41
CA GLU G 441 41.17 -7.74 4.35
C GLU G 441 42.47 -7.83 3.53
N LEU G 442 42.60 -8.88 2.70
CA LEU G 442 43.77 -9.00 1.77
C LEU G 442 43.84 -7.82 0.82
N ILE G 443 42.77 -7.47 0.15
CA ILE G 443 42.73 -6.37 -0.83
C ILE G 443 43.12 -5.04 -0.17
N LYS G 444 42.76 -4.84 1.09
CA LYS G 444 43.08 -3.62 1.86
C LYS G 444 44.50 -3.65 2.44
N GLY G 445 45.29 -4.70 2.20
CA GLY G 445 46.69 -4.70 2.63
C GLY G 445 46.93 -5.40 3.93
N LYS G 446 45.94 -6.09 4.51
CA LYS G 446 46.17 -6.79 5.82
C LYS G 446 46.91 -8.08 5.59
N GLY G 447 47.55 -8.56 6.64
CA GLY G 447 48.25 -9.86 6.64
C GLY G 447 49.68 -9.80 6.13
N ARG G 448 50.53 -10.68 6.66
CA ARG G 448 51.95 -10.82 6.28
C ARG G 448 52.14 -12.02 5.35
N ILE G 449 51.39 -13.07 5.63
CA ILE G 449 51.52 -14.37 4.95
C ILE G 449 50.11 -14.88 4.66
N MET G 450 49.92 -15.43 3.48
CA MET G 450 48.62 -16.00 3.09
C MET G 450 48.92 -17.35 2.48
N THR G 451 48.26 -18.37 3.00
CA THR G 451 48.36 -19.74 2.47
C THR G 451 47.05 -20.12 1.81
N TRP G 452 47.08 -20.43 0.52
CA TRP G 452 45.99 -21.16 -0.17
C TRP G 452 46.26 -22.64 -0.01
N TRP G 453 45.31 -23.34 0.60
CA TRP G 453 45.53 -24.76 0.98
C TRP G 453 44.42 -25.59 0.33
N GLY G 454 44.75 -26.23 -0.79
CA GLY G 454 43.74 -27.09 -1.40
C GLY G 454 42.60 -26.29 -1.96
N CYS G 455 42.89 -25.09 -2.49
CA CYS G 455 41.90 -24.25 -3.17
C CYS G 455 42.65 -23.19 -4.02
N ASN G 456 41.91 -22.54 -4.92
CA ASN G 456 42.51 -21.62 -5.91
C ASN G 456 41.59 -20.46 -6.13
N ASN G 457 41.60 -19.49 -5.20
CA ASN G 457 40.59 -18.44 -5.26
C ASN G 457 40.92 -17.47 -6.40
N PHE G 458 42.04 -17.63 -7.10
CA PHE G 458 42.30 -16.84 -8.31
C PHE G 458 41.20 -17.19 -9.32
N GLN G 459 40.78 -18.45 -9.35
CA GLN G 459 39.72 -18.90 -10.27
C GLN G 459 38.34 -18.89 -9.60
N THR G 460 38.22 -18.76 -8.28
CA THR G 460 36.94 -19.15 -7.62
C THR G 460 36.47 -18.13 -6.58
N SER G 461 37.22 -17.07 -6.30
CA SER G 461 36.67 -16.01 -5.41
C SER G 461 35.50 -15.30 -6.12
N ASN G 462 34.58 -14.75 -5.32
CA ASN G 462 33.68 -13.71 -5.88
C ASN G 462 34.56 -12.46 -6.09
N ASN G 463 34.17 -11.58 -7.02
CA ASN G 463 34.93 -10.32 -7.27
C ASN G 463 36.40 -10.74 -7.52
N ALA G 464 36.61 -11.77 -8.34
CA ALA G 464 37.90 -12.47 -8.49
C ALA G 464 38.96 -11.52 -9.05
N GLN G 465 38.61 -10.57 -9.92
CA GLN G 465 39.64 -9.74 -10.58
C GLN G 465 40.24 -8.81 -9.51
N ALA G 466 39.44 -8.23 -8.62
CA ALA G 466 39.98 -7.35 -7.56
C ALA G 466 40.94 -8.13 -6.66
N LEU G 467 40.59 -9.37 -6.33
CA LEU G 467 41.48 -10.23 -5.51
C LEU G 467 42.78 -10.53 -6.26
N ARG G 468 42.72 -11.01 -7.49
CA ARG G 468 43.94 -11.32 -8.27
C ARG G 468 44.79 -10.09 -8.40
N GLU G 469 44.24 -8.97 -8.79
CA GLU G 469 45.06 -7.76 -8.94
CA GLU G 469 45.04 -7.73 -8.95
C GLU G 469 45.80 -7.49 -7.62
N ALA G 470 45.10 -7.52 -6.50
CA ALA G 470 45.71 -7.12 -5.22
C ALA G 470 46.76 -8.16 -4.84
N ILE G 471 46.54 -9.44 -5.09
CA ILE G 471 47.51 -10.46 -4.63
C ILE G 471 48.76 -10.38 -5.53
N LEU G 472 48.55 -10.23 -6.83
CA LEU G 472 49.70 -10.10 -7.78
C LEU G 472 50.56 -8.89 -7.36
N GLN G 473 49.92 -7.76 -7.03
CA GLN G 473 50.67 -6.53 -6.68
C GLN G 473 51.40 -6.75 -5.36
N ARG G 474 50.74 -7.31 -4.37
CA ARG G 474 51.37 -7.51 -3.02
C ARG G 474 52.49 -8.54 -3.09
N SER G 475 52.32 -9.56 -3.92
CA SER G 475 53.33 -10.61 -4.19
C SER G 475 54.56 -9.97 -4.83
N ALA G 476 54.36 -9.03 -5.74
CA ALA G 476 55.46 -8.44 -6.53
C ALA G 476 56.35 -7.63 -5.58
N ILE G 477 55.75 -6.98 -4.58
CA ILE G 477 56.56 -6.22 -3.58
C ILE G 477 57.57 -7.14 -2.90
N VAL G 478 57.12 -8.31 -2.48
CA VAL G 478 57.97 -9.34 -1.83
C VAL G 478 59.01 -9.83 -2.84
N LYS G 479 58.61 -10.07 -4.08
CA LYS G 479 59.57 -10.52 -5.14
C LYS G 479 60.67 -9.47 -5.31
N GLN G 480 60.29 -8.19 -5.40
CA GLN G 480 61.23 -7.04 -5.55
C GLN G 480 62.22 -7.07 -4.38
N ALA G 481 61.74 -7.30 -3.16
CA ALA G 481 62.55 -7.16 -1.93
C ALA G 481 63.58 -8.30 -1.84
N MET G 482 63.24 -9.48 -2.36
N MET G 482 63.26 -9.48 -2.35
CA MET G 482 64.08 -10.69 -2.29
CA MET G 482 64.15 -10.66 -2.27
C MET G 482 65.26 -10.58 -3.29
C MET G 482 65.37 -10.50 -3.22
N GLN G 483 65.27 -9.58 -4.18
CA GLN G 483 66.23 -9.50 -5.32
C GLN G 483 67.54 -8.86 -4.91
N LYS G 484 67.59 -8.02 -3.87
CA LYS G 484 68.84 -7.47 -3.29
C LYS G 484 69.67 -8.58 -2.64
N ALA G 485 69.02 -9.66 -2.20
CA ALA G 485 69.67 -10.64 -1.31
C ALA G 485 70.78 -11.41 -2.07
N ARG G 486 71.93 -11.58 -1.44
CA ARG G 486 73.07 -12.38 -1.94
C ARG G 486 73.60 -13.19 -0.75
N GLY G 487 73.49 -14.50 -0.81
CA GLY G 487 74.13 -15.39 0.17
C GLY G 487 73.40 -15.29 1.48
N ALA G 488 72.13 -14.92 1.46
CA ALA G 488 71.36 -14.67 2.71
C ALA G 488 71.13 -15.99 3.43
N THR G 489 71.23 -15.99 4.75
CA THR G 489 70.73 -17.12 5.58
C THR G 489 69.19 -17.16 5.49
N THR G 490 68.59 -18.29 5.81
CA THR G 490 67.12 -18.44 5.88
C THR G 490 66.58 -17.34 6.81
N GLU G 491 67.19 -17.17 7.97
CA GLU G 491 66.73 -16.18 8.98
C GLU G 491 66.81 -14.78 8.37
N GLU G 492 67.90 -14.45 7.66
CA GLU G 492 68.01 -13.13 6.97
C GLU G 492 66.86 -12.95 5.98
N MET G 493 66.55 -13.99 5.22
CA MET G 493 65.51 -13.88 4.15
C MET G 493 64.14 -13.72 4.83
N VAL G 494 63.89 -14.46 5.89
CA VAL G 494 62.66 -14.24 6.70
C VAL G 494 62.52 -12.75 7.03
N ASP G 495 63.60 -12.12 7.52
CA ASP G 495 63.61 -10.67 7.86
C ASP G 495 63.41 -9.78 6.60
N VAL G 496 64.05 -10.11 5.47
CA VAL G 496 63.82 -9.35 4.19
C VAL G 496 62.33 -9.41 3.79
N ILE G 497 61.75 -10.60 3.81
CA ILE G 497 60.35 -10.85 3.40
C ILE G 497 59.41 -10.13 4.38
N TYR G 498 59.67 -10.27 5.67
CA TYR G 498 58.84 -9.60 6.70
C TYR G 498 58.84 -8.09 6.47
N GLU G 499 59.99 -7.50 6.20
CA GLU G 499 60.13 -6.04 5.94
C GLU G 499 59.29 -5.66 4.72
N ALA G 500 59.30 -6.48 3.65
CA ALA G 500 58.53 -6.20 2.42
C ALA G 500 57.05 -6.13 2.80
N THR G 501 56.59 -7.04 3.63
CA THR G 501 55.15 -7.12 4.04
C THR G 501 54.82 -5.92 4.93
N GLN G 502 55.80 -5.14 5.40
CA GLN G 502 55.51 -3.89 6.13
C GLN G 502 55.31 -2.76 5.11
N ASN G 503 55.71 -2.98 3.86
CA ASN G 503 55.54 -2.00 2.78
C ASN G 503 54.47 -2.47 1.80
N GLY G 504 53.46 -3.21 2.26
CA GLY G 504 52.31 -3.66 1.46
C GLY G 504 52.48 -5.04 0.86
N GLY G 505 53.65 -5.66 1.01
CA GLY G 505 53.92 -7.01 0.51
C GLY G 505 53.03 -8.04 1.19
N LEU G 506 52.94 -9.22 0.58
CA LEU G 506 52.32 -10.42 1.14
C LEU G 506 53.15 -11.61 0.68
N PHE G 507 53.57 -12.45 1.60
CA PHE G 507 54.18 -13.76 1.27
C PHE G 507 53.04 -14.70 0.92
N VAL G 508 53.12 -15.41 -0.19
CA VAL G 508 52.02 -16.29 -0.67
C VAL G 508 52.55 -17.73 -0.74
N THR G 509 51.90 -18.65 -0.02
CA THR G 509 52.15 -20.10 -0.06
C THR G 509 50.91 -20.81 -0.64
N SER G 510 51.15 -21.76 -1.54
CA SER G 510 50.13 -22.69 -2.03
C SER G 510 50.51 -24.13 -1.65
N ILE G 511 49.56 -24.84 -1.13
CA ILE G 511 49.74 -26.28 -0.78
C ILE G 511 48.73 -27.04 -1.65
N ASN G 512 49.22 -27.87 -2.56
CA ASN G 512 48.38 -28.17 -3.74
C ASN G 512 48.90 -29.43 -4.42
N LEU G 513 48.11 -29.98 -5.33
CA LEU G 513 48.65 -31.04 -6.23
C LEU G 513 49.45 -30.48 -7.41
N TYR G 514 49.13 -29.27 -7.85
CA TYR G 514 49.66 -28.67 -9.08
C TYR G 514 50.09 -27.24 -8.82
N PRO G 515 50.82 -26.63 -9.78
CA PRO G 515 51.14 -25.19 -9.70
C PRO G 515 49.92 -24.25 -9.66
N THR G 516 48.99 -24.44 -10.59
CA THR G 516 47.78 -23.64 -10.82
C THR G 516 48.12 -22.21 -11.21
N LYS G 517 47.09 -21.41 -11.49
CA LYS G 517 47.29 -19.96 -11.72
C LYS G 517 47.86 -19.31 -10.47
N LEU G 518 47.73 -19.96 -9.32
CA LEU G 518 48.37 -19.36 -8.11
C LEU G 518 49.88 -19.18 -8.27
N ALA G 519 50.54 -20.04 -9.06
CA ALA G 519 52.01 -19.95 -9.23
C ALA G 519 52.35 -18.56 -9.82
N GLU G 520 51.38 -17.81 -10.36
CA GLU G 520 51.64 -16.44 -10.90
C GLU G 520 52.02 -15.53 -9.73
N ALA G 521 51.58 -15.88 -8.52
CA ALA G 521 51.77 -15.02 -7.32
C ALA G 521 52.55 -15.73 -6.21
N ALA G 522 52.53 -17.06 -6.11
CA ALA G 522 53.12 -17.82 -4.98
C ALA G 522 54.64 -17.57 -4.93
N HIS G 523 55.15 -17.43 -3.69
CA HIS G 523 56.58 -17.53 -3.37
C HIS G 523 57.02 -18.95 -3.02
N LEU G 524 56.06 -19.78 -2.60
CA LEU G 524 56.36 -21.13 -2.04
C LEU G 524 55.18 -22.03 -2.36
N MET G 525 55.48 -23.20 -2.90
CA MET G 525 54.44 -24.20 -3.14
C MET G 525 54.89 -25.54 -2.53
N LEU G 526 53.96 -26.20 -1.88
CA LEU G 526 54.24 -27.49 -1.20
C LEU G 526 53.38 -28.56 -1.85
N PRO G 527 53.98 -29.74 -2.09
CA PRO G 527 53.28 -30.83 -2.73
C PRO G 527 52.44 -31.72 -1.83
N ALA G 528 51.17 -31.87 -2.21
CA ALA G 528 50.21 -32.70 -1.49
C ALA G 528 49.91 -34.00 -2.25
N ALA G 529 49.20 -34.88 -1.54
CA ALA G 529 48.84 -36.24 -1.97
C ALA G 529 47.33 -36.39 -1.90
N HIS G 530 46.75 -37.14 -2.85
CA HIS G 530 45.29 -37.32 -3.00
C HIS G 530 44.96 -38.78 -2.66
N PRO G 531 43.67 -39.12 -2.50
CA PRO G 531 43.29 -40.45 -1.99
C PRO G 531 43.76 -41.60 -2.90
N GLY G 532 44.31 -42.68 -2.32
CA GLY G 532 45.04 -43.69 -3.10
C GLY G 532 46.53 -43.55 -2.97
N GLU G 533 47.04 -42.32 -2.90
CA GLU G 533 48.42 -42.01 -2.43
C GLU G 533 48.45 -41.93 -0.90
N MET G 534 47.27 -41.92 -0.31
CA MET G 534 47.03 -41.86 1.15
C MET G 534 45.69 -42.56 1.44
N ASN G 535 45.52 -42.98 2.69
CA ASN G 535 44.20 -43.35 3.25
C ASN G 535 43.41 -42.07 3.43
N LEU G 536 42.07 -42.15 3.25
CA LEU G 536 41.25 -40.95 3.49
C LEU G 536 39.81 -41.37 3.78
N THR G 537 39.22 -40.72 4.77
CA THR G 537 37.80 -40.91 5.11
C THR G 537 37.00 -39.66 4.78
N SER G 538 35.75 -39.88 4.39
N SER G 538 35.78 -39.87 4.31
CA SER G 538 34.79 -38.83 4.04
CA SER G 538 34.76 -38.80 4.16
C SER G 538 33.41 -39.48 4.00
C SER G 538 33.40 -39.47 3.98
N MET G 539 32.37 -38.65 4.00
CA MET G 539 30.98 -39.09 3.84
C MET G 539 30.33 -38.38 2.67
N ASN G 540 29.27 -39.00 2.19
CA ASN G 540 28.51 -38.44 1.05
C ASN G 540 27.26 -37.68 1.54
N GLY G 541 26.37 -37.35 0.60
CA GLY G 541 25.20 -36.50 0.87
C GLY G 541 24.13 -37.17 1.74
N GLU G 542 24.31 -38.43 2.15
CA GLU G 542 23.46 -39.15 3.14
C GLU G 542 24.32 -39.55 4.35
N ARG G 543 25.49 -38.93 4.52
CA ARG G 543 26.31 -39.09 5.75
C ARG G 543 26.99 -40.47 5.76
N ARG G 544 27.13 -41.11 4.61
CA ARG G 544 27.71 -42.46 4.53
C ARG G 544 29.24 -42.33 4.56
N ILE G 545 29.89 -42.61 5.69
CA ILE G 545 31.40 -42.53 5.80
C ILE G 545 32.02 -43.80 5.20
N ARG G 546 33.03 -43.61 4.36
CA ARG G 546 33.85 -44.70 3.82
C ARG G 546 35.32 -44.37 3.97
N LEU G 547 36.13 -45.41 4.03
CA LEU G 547 37.59 -45.34 3.84
C LEU G 547 37.99 -45.57 2.38
N SER G 548 38.73 -44.61 1.81
CA SER G 548 39.45 -44.80 0.52
C SER G 548 40.85 -45.33 0.88
N GLU G 549 41.26 -46.45 0.29
CA GLU G 549 42.51 -47.14 0.75
C GLU G 549 43.71 -46.66 -0.06
N LYS G 550 44.85 -46.47 0.64
CA LYS G 550 46.14 -46.25 -0.05
C LYS G 550 46.47 -47.49 -0.91
N PHE G 551 46.95 -47.27 -2.15
CA PHE G 551 47.36 -48.39 -3.05
C PHE G 551 48.61 -48.00 -3.84
N MET G 552 49.13 -46.78 -3.70
CA MET G 552 50.35 -46.34 -4.43
C MET G 552 51.05 -45.17 -3.69
N ASP G 553 52.24 -44.88 -4.11
CA ASP G 553 53.03 -43.82 -3.52
C ASP G 553 52.63 -42.50 -4.15
N PRO G 554 52.67 -41.42 -3.39
CA PRO G 554 52.57 -40.07 -3.96
C PRO G 554 53.76 -39.79 -4.88
N PRO G 555 53.68 -38.79 -5.81
CA PRO G 555 54.83 -38.35 -6.59
C PRO G 555 55.93 -37.73 -5.71
N GLY G 556 57.19 -38.08 -5.93
CA GLY G 556 58.31 -37.45 -5.21
C GLY G 556 58.05 -37.41 -3.71
N THR G 557 58.19 -36.24 -3.09
CA THR G 557 58.04 -36.10 -1.63
C THR G 557 56.70 -35.46 -1.31
N ALA G 558 55.70 -35.63 -2.16
CA ALA G 558 54.31 -35.16 -1.84
C ALA G 558 53.75 -35.88 -0.61
N MET G 559 52.96 -35.18 0.20
CA MET G 559 52.54 -35.59 1.54
C MET G 559 51.06 -35.34 1.75
N ALA G 560 50.44 -36.23 2.50
CA ALA G 560 49.06 -36.00 2.96
C ALA G 560 48.98 -34.63 3.62
N ASP G 561 47.87 -33.96 3.44
CA ASP G 561 47.73 -32.59 3.94
C ASP G 561 47.83 -32.56 5.48
N CYS G 562 47.26 -33.58 6.15
CA CYS G 562 47.30 -33.61 7.64
C CYS G 562 48.74 -33.74 8.09
N LEU G 563 49.61 -34.37 7.29
CA LEU G 563 51.04 -34.59 7.64
C LEU G 563 51.87 -33.34 7.31
N ILE G 564 51.41 -32.54 6.35
CA ILE G 564 52.03 -31.22 6.07
C ILE G 564 51.70 -30.30 7.27
N ALA G 565 50.46 -30.32 7.74
CA ALA G 565 50.05 -29.55 8.93
C ALA G 565 50.95 -29.97 10.12
N ALA G 566 51.19 -31.27 10.31
CA ALA G 566 52.04 -31.76 11.41
C ALA G 566 53.48 -31.27 11.19
N ARG G 567 53.96 -31.32 9.98
CA ARG G 567 55.34 -30.89 9.71
C ARG G 567 55.51 -29.41 10.09
N ILE G 568 54.53 -28.56 9.74
CA ILE G 568 54.50 -27.12 10.04
C ILE G 568 54.42 -26.95 11.56
N ALA G 569 53.48 -27.61 12.25
CA ALA G 569 53.34 -27.53 13.73
C ALA G 569 54.67 -27.89 14.40
N ASN G 570 55.36 -28.92 13.90
CA ASN G 570 56.57 -29.47 14.59
C ASN G 570 57.76 -28.54 14.32
N ALA G 571 57.80 -27.90 13.14
CA ALA G 571 58.84 -26.90 12.83
C ALA G 571 58.62 -25.72 13.78
N LEU G 572 57.36 -25.34 13.96
CA LEU G 572 57.09 -24.14 14.83
C LEU G 572 57.36 -24.52 16.28
N ARG G 573 57.06 -25.74 16.66
CA ARG G 573 57.32 -26.16 18.06
C ARG G 573 58.83 -26.10 18.35
N ASP G 574 59.63 -26.74 17.47
CA ASP G 574 61.12 -26.79 17.58
C ASP G 574 61.66 -25.36 17.63
N MET G 575 61.13 -24.44 16.82
CA MET G 575 61.59 -23.02 16.83
C MET G 575 61.33 -22.38 18.20
N TYR G 576 60.11 -22.50 18.72
CA TYR G 576 59.77 -21.90 20.03
C TYR G 576 60.58 -22.56 21.13
N GLN G 577 60.76 -23.87 21.12
CA GLN G 577 61.59 -24.51 22.15
C GLN G 577 62.98 -23.87 22.14
N LYS G 578 63.61 -23.77 20.97
CA LYS G 578 64.99 -23.26 20.81
C LYS G 578 65.09 -21.81 21.33
N ASP G 579 64.00 -21.07 21.12
CA ASP G 579 63.85 -19.63 21.47
C ASP G 579 63.55 -19.46 22.97
N GLY G 580 63.50 -20.53 23.76
CA GLY G 580 63.23 -20.45 25.21
C GLY G 580 61.79 -20.03 25.49
N LYS G 581 60.84 -20.41 24.62
CA LYS G 581 59.42 -20.00 24.77
C LYS G 581 58.57 -21.25 25.03
N ALA G 582 58.50 -21.70 26.29
CA ALA G 582 57.79 -22.94 26.68
C ALA G 582 56.28 -22.84 26.34
N GLU G 583 55.62 -21.73 26.70
CA GLU G 583 54.14 -21.60 26.51
C GLU G 583 53.83 -21.67 25.00
N MET G 584 54.61 -20.95 24.18
CA MET G 584 54.30 -20.85 22.73
C MET G 584 54.61 -22.22 22.13
N ALA G 585 55.70 -22.90 22.54
CA ALA G 585 56.03 -24.26 22.07
C ALA G 585 54.87 -25.21 22.40
N ALA G 586 54.28 -25.11 23.60
CA ALA G 586 53.19 -26.04 23.99
C ALA G 586 51.95 -25.90 23.08
N GLN G 587 51.66 -24.74 22.47
CA GLN G 587 50.51 -24.59 21.55
C GLN G 587 50.67 -25.56 20.38
N PHE G 588 51.90 -26.01 20.09
CA PHE G 588 52.21 -26.78 18.86
C PHE G 588 52.37 -28.27 19.20
N GLU G 589 52.07 -28.67 20.44
CA GLU G 589 52.06 -30.10 20.80
C GLU G 589 50.86 -30.77 20.09
N GLY G 590 50.91 -32.09 20.00
CA GLY G 590 49.76 -32.88 19.53
C GLY G 590 49.85 -33.17 18.05
N PHE G 591 51.03 -33.05 17.41
CA PHE G 591 51.17 -33.38 15.97
C PHE G 591 52.26 -34.46 15.75
N ASP G 592 52.41 -35.38 16.70
CA ASP G 592 53.35 -36.53 16.63
C ASP G 592 52.68 -37.59 15.76
N TRP G 593 52.55 -37.29 14.49
CA TRP G 593 51.76 -38.12 13.54
C TRP G 593 52.74 -38.72 12.54
N LYS G 594 52.64 -40.02 12.28
CA LYS G 594 53.51 -40.68 11.28
C LYS G 594 52.70 -41.08 10.06
N THR G 595 51.39 -41.19 10.23
CA THR G 595 50.48 -41.61 9.14
C THR G 595 49.13 -40.90 9.32
N GLU G 596 48.34 -40.86 8.27
CA GLU G 596 47.08 -40.11 8.27
C GLU G 596 46.12 -40.74 9.29
N GLU G 597 46.21 -42.06 9.54
CA GLU G 597 45.30 -42.72 10.52
C GLU G 597 45.47 -42.00 11.86
N ASP G 598 46.67 -41.53 12.16
CA ASP G 598 46.98 -40.84 13.46
C ASP G 598 46.09 -39.61 13.59
N ALA G 599 45.90 -38.84 12.51
CA ALA G 599 44.95 -37.69 12.41
C ALA G 599 43.50 -38.13 12.62
N PHE G 600 43.05 -39.22 11.99
CA PHE G 600 41.68 -39.77 12.22
C PHE G 600 41.49 -40.06 13.73
N ASN G 601 42.48 -40.73 14.37
CA ASN G 601 42.42 -41.10 15.81
C ASN G 601 42.40 -39.83 16.66
N ASP G 602 43.12 -38.79 16.25
CA ASP G 602 43.32 -37.61 17.14
C ASP G 602 42.10 -36.67 17.05
N GLY G 603 41.32 -36.72 15.97
CA GLY G 603 40.22 -35.76 15.72
C GLY G 603 38.89 -36.45 15.79
N PHE G 604 38.51 -37.04 14.66
CA PHE G 604 37.23 -37.77 14.51
C PHE G 604 36.98 -38.69 15.72
N ARG G 605 37.92 -39.56 16.04
CA ARG G 605 37.70 -40.56 17.08
C ARG G 605 37.80 -39.94 18.49
N ARG G 606 38.22 -38.69 18.66
CA ARG G 606 38.27 -38.12 20.04
C ARG G 606 37.08 -37.21 20.34
N ALA G 607 36.28 -36.87 19.32
CA ALA G 607 35.15 -35.94 19.51
C ALA G 607 34.30 -36.45 20.68
N GLY G 608 34.07 -35.62 21.68
CA GLY G 608 33.08 -35.92 22.74
C GLY G 608 33.63 -36.90 23.75
N GLN G 609 34.92 -37.30 23.62
CA GLN G 609 35.47 -38.31 24.51
C GLN G 609 36.02 -37.62 25.76
N PRO G 610 36.06 -38.38 26.87
CA PRO G 610 36.69 -37.91 28.11
C PRO G 610 38.12 -37.37 27.93
N GLY G 611 38.39 -36.17 28.47
CA GLY G 611 39.69 -35.50 28.38
C GLY G 611 39.99 -34.88 27.02
N ALA G 612 39.14 -34.98 26.01
CA ALA G 612 39.35 -34.34 24.69
C ALA G 612 39.06 -32.83 24.77
N PRO G 613 39.67 -31.99 23.90
CA PRO G 613 39.29 -30.58 23.83
C PRO G 613 37.98 -30.43 23.03
N ALA G 614 37.47 -29.20 22.87
CA ALA G 614 36.28 -28.90 22.02
C ALA G 614 36.57 -29.34 20.58
N ILE G 615 35.69 -30.16 20.02
CA ILE G 615 35.86 -30.75 18.66
C ILE G 615 34.49 -30.72 18.00
N ASP G 616 34.40 -30.03 16.87
CA ASP G 616 33.18 -30.01 16.01
C ASP G 616 33.36 -31.09 14.94
N SER G 617 32.54 -32.11 14.94
CA SER G 617 32.75 -33.27 14.02
C SER G 617 31.43 -33.70 13.43
N GLN G 618 31.39 -34.00 12.15
CA GLN G 618 30.19 -34.63 11.51
C GLN G 618 30.03 -36.08 11.99
N GLY G 619 31.00 -36.65 12.68
CA GLY G 619 30.90 -37.99 13.29
C GLY G 619 30.12 -37.97 14.61
N GLY G 620 30.07 -36.80 15.23
CA GLY G 620 29.59 -36.64 16.60
C GLY G 620 30.38 -37.49 17.62
N SER G 621 29.73 -37.69 18.76
CA SER G 621 30.41 -38.22 19.95
C SER G 621 30.55 -39.73 19.81
N THR G 622 29.89 -40.40 18.84
CA THR G 622 30.10 -41.86 18.61
C THR G 622 31.14 -42.08 17.54
N GLY G 623 31.87 -41.06 17.11
CA GLY G 623 32.91 -41.20 16.06
C GLY G 623 33.98 -42.23 16.43
N HIS G 624 34.27 -42.39 17.72
CA HIS G 624 35.27 -43.33 18.25
C HIS G 624 34.94 -44.76 17.88
N LEU G 625 33.67 -45.10 17.61
CA LEU G 625 33.29 -46.49 17.22
C LEU G 625 33.85 -46.83 15.83
N VAL G 626 34.12 -45.82 15.01
CA VAL G 626 34.69 -46.00 13.65
C VAL G 626 36.22 -46.16 13.79
N THR G 627 36.77 -47.17 13.12
CA THR G 627 38.24 -47.30 12.90
C THR G 627 38.43 -47.59 11.41
N TYR G 628 39.66 -47.47 10.93
CA TYR G 628 39.97 -47.89 9.55
C TYR G 628 39.56 -49.35 9.36
N ASP G 629 39.96 -50.24 10.26
CA ASP G 629 39.69 -51.71 10.07
C ASP G 629 38.18 -51.95 10.05
N ARG G 630 37.40 -51.31 10.90
CA ARG G 630 35.92 -51.50 10.84
C ARG G 630 35.35 -50.96 9.52
N LEU G 631 35.79 -49.81 9.05
CA LEU G 631 35.39 -49.30 7.70
C LEU G 631 35.79 -50.25 6.58
N ARG G 632 36.99 -50.81 6.62
CA ARG G 632 37.43 -51.79 5.60
C ARG G 632 36.41 -52.94 5.51
N LYS G 633 35.98 -53.46 6.68
CA LYS G 633 35.03 -54.59 6.79
C LYS G 633 33.67 -54.14 6.28
N SER G 634 33.29 -52.89 6.50
CA SER G 634 32.02 -52.35 5.93
C SER G 634 32.06 -52.30 4.40
N GLY G 635 33.24 -52.18 3.78
CA GLY G 635 33.33 -51.98 2.34
C GLY G 635 32.86 -50.60 1.88
N ASN G 636 32.53 -50.49 0.61
CA ASN G 636 32.12 -49.21 -0.01
C ASN G 636 30.73 -48.82 0.52
N ASN G 637 30.04 -49.69 1.25
CA ASN G 637 28.71 -49.29 1.80
C ASN G 637 28.93 -48.49 3.09
N GLY G 638 30.07 -48.70 3.76
CA GLY G 638 30.41 -47.94 4.97
C GLY G 638 29.29 -47.97 6.01
N VAL G 639 29.01 -46.80 6.58
CA VAL G 639 27.92 -46.64 7.60
C VAL G 639 27.43 -45.20 7.51
N GLN G 640 26.11 -45.02 7.60
CA GLN G 640 25.53 -43.67 7.68
C GLN G 640 25.70 -43.13 9.09
N LEU G 641 26.31 -41.96 9.21
CA LEU G 641 26.53 -41.31 10.50
C LEU G 641 25.22 -40.70 10.96
N PRO G 642 25.00 -40.54 12.30
CA PRO G 642 25.93 -41.04 13.30
C PRO G 642 25.85 -42.55 13.53
N VAL G 643 26.97 -43.14 13.96
CA VAL G 643 26.99 -44.56 14.38
C VAL G 643 26.19 -44.69 15.68
N VAL G 644 25.32 -45.68 15.71
CA VAL G 644 24.45 -45.98 16.87
C VAL G 644 25.15 -47.06 17.70
N SER G 645 25.81 -48.02 17.05
CA SER G 645 26.41 -49.17 17.75
C SER G 645 27.49 -49.84 16.88
N TRP G 646 28.35 -50.56 17.57
CA TRP G 646 29.37 -51.43 16.94
C TRP G 646 29.50 -52.68 17.79
N ASP G 647 29.52 -53.83 17.15
CA ASP G 647 30.20 -55.00 17.76
C ASP G 647 30.73 -55.92 16.65
N GLU G 648 31.53 -56.91 17.01
CA GLU G 648 32.12 -57.87 16.04
C GLU G 648 31.03 -58.52 15.17
N SER G 649 29.86 -58.78 15.75
CA SER G 649 28.83 -59.67 15.13
C SER G 649 28.02 -58.87 14.12
N LYS G 650 27.69 -57.60 14.41
CA LYS G 650 26.84 -56.81 13.47
C LYS G 650 27.59 -55.70 12.76
N GLY G 651 28.88 -55.47 13.12
CA GLY G 651 29.66 -54.32 12.61
C GLY G 651 29.00 -52.98 12.94
N LEU G 652 29.36 -51.97 12.17
CA LEU G 652 28.89 -50.57 12.36
C LEU G 652 27.41 -50.45 11.98
N VAL G 653 26.61 -49.98 12.92
CA VAL G 653 25.13 -49.77 12.69
C VAL G 653 24.93 -48.27 12.74
N GLY G 654 24.22 -47.73 11.75
CA GLY G 654 24.17 -46.28 11.55
C GLY G 654 22.75 -45.74 11.58
N THR G 655 22.63 -44.53 11.05
CA THR G 655 21.38 -43.76 11.08
C THR G 655 20.94 -43.43 9.65
N GLU G 656 19.72 -43.83 9.28
CA GLU G 656 19.25 -43.59 7.91
C GLU G 656 18.73 -42.18 7.78
N MET G 657 17.84 -41.75 8.71
CA MET G 657 17.14 -40.46 8.56
C MET G 657 17.21 -39.73 9.91
N LEU G 658 17.45 -38.44 9.90
CA LEU G 658 17.38 -37.57 11.11
C LEU G 658 15.94 -37.03 11.30
N TYR G 659 15.64 -36.62 12.52
CA TYR G 659 14.38 -35.93 12.91
C TYR G 659 13.14 -36.83 12.75
N THR G 660 13.29 -38.14 12.84
CA THR G 660 12.13 -39.05 12.65
C THR G 660 11.21 -38.99 13.87
N GLU G 661 11.66 -38.50 15.04
CA GLU G 661 10.77 -38.40 16.22
C GLU G 661 10.37 -36.95 16.47
N GLY G 662 10.56 -36.02 15.53
CA GLY G 662 10.20 -34.59 15.69
C GLY G 662 11.06 -33.88 16.73
N LYS G 663 12.20 -34.46 17.08
CA LYS G 663 13.16 -33.79 18.00
C LYS G 663 14.26 -33.13 17.15
N PHE G 664 14.31 -31.81 17.15
CA PHE G 664 15.19 -30.99 16.30
C PHE G 664 16.40 -30.49 17.10
N ASP G 665 17.42 -30.03 16.39
CA ASP G 665 18.68 -29.54 17.01
C ASP G 665 18.50 -28.09 17.45
N THR G 666 17.63 -27.83 18.40
CA THR G 666 17.40 -26.51 19.04
C THR G 666 17.32 -26.64 20.56
N ASP G 667 17.34 -25.51 21.25
CA ASP G 667 17.27 -25.46 22.74
C ASP G 667 16.08 -26.33 23.22
N ASP G 668 14.92 -26.25 22.56
CA ASP G 668 13.66 -26.86 23.06
C ASP G 668 13.29 -28.09 22.22
N GLY G 669 14.16 -28.55 21.32
CA GLY G 669 13.87 -29.78 20.54
C GLY G 669 12.78 -29.52 19.52
N LYS G 670 12.39 -28.27 19.35
CA LYS G 670 11.36 -27.90 18.35
C LYS G 670 12.03 -27.28 17.11
N ALA G 671 11.41 -27.46 15.96
CA ALA G 671 11.80 -26.77 14.70
C ALA G 671 11.29 -25.35 14.84
N HIS G 672 12.10 -24.40 14.45
CA HIS G 672 11.79 -22.97 14.61
C HIS G 672 11.55 -22.33 13.25
N PHE G 673 10.34 -21.83 13.04
CA PHE G 673 10.01 -20.95 11.88
C PHE G 673 10.78 -19.65 12.01
N LYS G 674 11.08 -19.08 10.86
CA LYS G 674 11.81 -17.80 10.76
C LYS G 674 11.08 -16.87 9.81
N PRO G 675 11.17 -15.56 10.05
CA PRO G 675 10.70 -14.55 9.10
C PRO G 675 11.62 -14.55 7.86
N ALA G 676 11.04 -14.24 6.70
CA ALA G 676 11.71 -14.23 5.39
C ALA G 676 11.23 -13.01 4.63
N PRO G 677 11.83 -11.82 4.90
CA PRO G 677 11.43 -10.59 4.22
C PRO G 677 11.87 -10.65 2.76
N TRP G 678 11.00 -10.16 1.88
CA TRP G 678 11.30 -10.05 0.43
C TRP G 678 11.80 -8.63 0.19
N ASN G 679 13.09 -8.50 -0.11
CA ASN G 679 13.79 -7.21 -0.22
C ASN G 679 14.16 -6.91 -1.67
N GLY G 680 13.79 -7.76 -2.67
CA GLY G 680 14.35 -7.57 -4.01
C GLY G 680 15.84 -7.92 -4.04
N LEU G 681 16.51 -7.61 -5.13
CA LEU G 681 17.96 -7.85 -5.28
C LEU G 681 18.68 -6.87 -4.38
N PRO G 682 19.89 -7.22 -3.91
CA PRO G 682 20.73 -6.25 -3.22
C PRO G 682 21.03 -5.09 -4.17
N ALA G 683 21.18 -3.90 -3.62
CA ALA G 683 21.56 -2.66 -4.34
C ALA G 683 22.83 -2.86 -5.16
N THR G 684 23.85 -3.52 -4.62
CA THR G 684 25.14 -3.68 -5.34
C THR G 684 24.82 -4.41 -6.65
N VAL G 685 24.03 -5.48 -6.57
CA VAL G 685 23.66 -6.33 -7.76
C VAL G 685 22.67 -5.57 -8.67
N GLN G 686 21.65 -4.94 -8.08
CA GLN G 686 20.63 -4.15 -8.84
C GLN G 686 21.31 -3.06 -9.68
N GLN G 687 22.34 -2.40 -9.14
CA GLN G 687 23.13 -1.35 -9.87
C GLN G 687 23.74 -1.94 -11.15
N GLN G 688 24.32 -3.13 -11.08
CA GLN G 688 24.85 -3.81 -12.30
C GLN G 688 23.70 -4.09 -13.27
N LYS G 689 22.57 -4.61 -12.78
CA LYS G 689 21.43 -5.04 -13.64
C LYS G 689 20.85 -3.82 -14.35
N ASP G 690 20.87 -2.67 -13.67
CA ASP G 690 20.31 -1.39 -14.19
C ASP G 690 21.19 -0.83 -15.29
N LYS G 691 22.48 -1.12 -15.24
CA LYS G 691 23.56 -0.56 -16.11
C LYS G 691 23.78 -1.50 -17.32
N TYR G 692 23.64 -2.80 -17.15
CA TYR G 692 24.10 -3.83 -18.11
C TYR G 692 22.93 -4.70 -18.53
N ARG G 693 23.09 -5.43 -19.64
CA ARG G 693 22.01 -6.09 -20.40
C ARG G 693 21.80 -7.55 -19.93
N PHE G 694 22.84 -8.29 -19.62
CA PHE G 694 22.77 -9.76 -19.47
C PHE G 694 22.91 -10.21 -18.02
N TRP G 695 22.01 -11.08 -17.58
CA TRP G 695 22.16 -11.88 -16.35
C TRP G 695 23.27 -12.92 -16.54
N LEU G 696 24.36 -12.81 -15.76
CA LEU G 696 25.57 -13.66 -15.95
C LEU G 696 25.48 -14.83 -14.97
N ASN G 697 24.50 -15.66 -15.24
CA ASN G 697 24.36 -16.93 -14.52
C ASN G 697 25.62 -17.74 -14.79
N ASN G 698 25.89 -18.70 -13.89
CA ASN G 698 27.19 -19.39 -13.90
C ASN G 698 27.08 -20.68 -13.09
N GLY G 699 27.98 -21.63 -13.33
CA GLY G 699 27.96 -22.88 -12.57
C GLY G 699 28.61 -24.01 -13.36
N ARG G 700 28.09 -25.21 -13.17
CA ARG G 700 28.78 -26.45 -13.52
C ARG G 700 28.42 -26.93 -14.89
N ASN G 701 29.40 -27.63 -15.45
CA ASN G 701 29.32 -28.50 -16.65
C ASN G 701 29.55 -29.92 -16.21
N ASN G 702 28.78 -30.88 -16.72
CA ASN G 702 28.86 -32.29 -16.28
C ASN G 702 30.31 -32.81 -16.46
N GLU G 703 31.01 -32.41 -17.53
CA GLU G 703 32.27 -33.10 -17.87
C GLU G 703 33.42 -32.50 -17.07
N VAL G 704 33.32 -31.21 -16.77
CA VAL G 704 34.43 -30.46 -16.10
C VAL G 704 34.29 -30.50 -14.59
N TRP G 705 35.34 -30.92 -13.91
CA TRP G 705 35.40 -30.92 -12.43
C TRP G 705 36.06 -29.61 -12.00
N GLN G 706 35.26 -28.72 -11.42
CA GLN G 706 35.79 -27.62 -10.56
C GLN G 706 36.75 -26.72 -11.32
N THR G 707 37.94 -26.42 -10.77
CA THR G 707 38.92 -25.53 -11.43
C THR G 707 39.70 -26.29 -12.52
N ALA G 708 39.29 -27.49 -12.89
CA ALA G 708 39.90 -28.20 -14.05
C ALA G 708 41.40 -28.49 -13.76
N TYR G 709 41.79 -28.62 -12.49
CA TYR G 709 43.20 -28.81 -12.06
C TYR G 709 43.77 -30.10 -12.69
N HIS G 710 42.98 -31.19 -12.77
CA HIS G 710 43.34 -32.34 -13.64
C HIS G 710 42.90 -32.12 -15.09
N ASP G 711 41.69 -31.63 -15.34
CA ASP G 711 41.11 -31.63 -16.69
C ASP G 711 41.96 -30.76 -17.64
N GLN G 712 42.65 -29.74 -17.13
CA GLN G 712 43.50 -28.86 -17.96
C GLN G 712 44.61 -29.65 -18.66
N TYR G 713 44.94 -30.86 -18.18
CA TYR G 713 46.03 -31.68 -18.78
C TYR G 713 45.49 -32.83 -19.59
N ASN G 714 44.18 -32.96 -19.65
CA ASN G 714 43.50 -34.07 -20.34
C ASN G 714 43.21 -33.62 -21.79
N SER G 715 43.75 -34.33 -22.79
CA SER G 715 43.67 -33.92 -24.20
C SER G 715 42.19 -33.96 -24.64
N LEU G 716 41.45 -34.94 -24.14
CA LEU G 716 40.00 -35.09 -24.49
C LEU G 716 39.25 -33.91 -23.93
N MET G 717 39.57 -33.49 -22.73
CA MET G 717 38.82 -32.34 -22.14
C MET G 717 39.14 -31.04 -22.89
N GLN G 718 40.42 -30.85 -23.22
CA GLN G 718 40.94 -29.60 -23.82
C GLN G 718 40.42 -29.48 -25.26
N GLU G 719 40.21 -30.61 -25.94
CA GLU G 719 39.58 -30.68 -27.26
C GLU G 719 38.11 -30.24 -27.17
N ARG G 720 37.42 -30.69 -26.13
CA ARG G 720 35.96 -30.48 -25.96
C ARG G 720 35.70 -29.05 -25.52
N TYR G 721 36.46 -28.59 -24.53
CA TYR G 721 36.26 -27.32 -23.80
C TYR G 721 37.59 -26.59 -23.74
N PRO G 722 38.13 -26.13 -24.88
CA PRO G 722 39.41 -25.43 -24.87
C PRO G 722 39.35 -24.10 -24.11
N MET G 723 38.14 -23.55 -24.01
CA MET G 723 37.88 -22.27 -23.32
C MET G 723 36.57 -22.39 -22.57
N ALA G 724 36.45 -21.64 -21.51
CA ALA G 724 35.16 -21.47 -20.83
C ALA G 724 34.12 -21.00 -21.85
N TYR G 725 32.95 -21.60 -21.80
CA TYR G 725 31.86 -21.27 -22.72
C TYR G 725 30.78 -20.51 -21.96
N ILE G 726 30.07 -19.72 -22.75
CA ILE G 726 28.89 -18.92 -22.30
C ILE G 726 27.73 -19.34 -23.19
N GLU G 727 26.71 -19.95 -22.54
CA GLU G 727 25.42 -20.27 -23.17
C GLU G 727 24.70 -18.94 -23.41
N MET G 728 24.24 -18.73 -24.62
CA MET G 728 23.57 -17.48 -25.00
C MET G 728 22.32 -17.80 -25.82
N ASN G 729 21.28 -17.01 -25.62
CA ASN G 729 20.08 -17.12 -26.50
C ASN G 729 20.45 -16.87 -27.97
N PRO G 730 19.98 -17.71 -28.92
CA PRO G 730 20.34 -17.58 -30.34
C PRO G 730 19.94 -16.26 -30.97
N ASP G 731 18.82 -15.68 -30.52
CA ASP G 731 18.43 -14.35 -31.01
C ASP G 731 19.35 -13.27 -30.46
N ASP G 732 19.80 -13.40 -29.22
CA ASP G 732 20.76 -12.41 -28.67
C ASP G 732 22.04 -12.54 -29.49
N CYS G 733 22.39 -13.78 -29.82
CA CYS G 733 23.65 -14.03 -30.60
C CYS G 733 23.63 -13.31 -31.97
N LYS G 734 22.57 -13.52 -32.75
CA LYS G 734 22.35 -12.81 -34.02
C LYS G 734 22.48 -11.30 -33.83
N GLN G 735 21.86 -10.75 -32.78
CA GLN G 735 21.92 -9.30 -32.53
C GLN G 735 23.38 -8.87 -32.29
N LEU G 736 24.23 -9.73 -31.66
CA LEU G 736 25.67 -9.45 -31.40
C LEU G 736 26.61 -9.98 -32.51
N ASP G 737 26.05 -10.57 -33.57
CA ASP G 737 26.80 -11.16 -34.71
C ASP G 737 27.83 -12.14 -34.17
N VAL G 738 27.38 -13.03 -33.30
CA VAL G 738 28.21 -14.13 -32.78
C VAL G 738 27.51 -15.46 -33.06
N THR G 739 28.33 -16.49 -33.13
CA THR G 739 27.92 -17.89 -33.24
C THR G 739 28.86 -18.77 -32.45
N GLY G 740 28.57 -20.05 -32.44
CA GLY G 740 29.41 -21.07 -31.78
C GLY G 740 30.87 -20.89 -32.12
N GLY G 741 31.70 -20.70 -31.11
CA GLY G 741 33.16 -20.67 -31.31
C GLY G 741 33.69 -19.27 -31.59
N ASP G 742 32.87 -18.24 -31.47
CA ASP G 742 33.38 -16.86 -31.36
C ASP G 742 33.77 -16.63 -29.93
N ILE G 743 34.74 -15.76 -29.73
CA ILE G 743 35.13 -15.37 -28.35
C ILE G 743 34.45 -14.06 -28.06
N VAL G 744 33.91 -13.89 -26.86
CA VAL G 744 33.34 -12.63 -26.36
C VAL G 744 34.10 -12.18 -25.15
N GLU G 745 34.08 -10.86 -24.94
CA GLU G 745 34.37 -10.23 -23.63
C GLU G 745 33.06 -10.10 -22.85
N VAL G 746 33.05 -10.54 -21.62
CA VAL G 746 31.93 -10.35 -20.64
C VAL G 746 32.45 -9.39 -19.56
N TYR G 747 31.75 -8.30 -19.25
CA TYR G 747 32.34 -7.23 -18.40
C TYR G 747 31.23 -6.46 -17.70
N ASN G 748 31.60 -5.87 -16.56
CA ASN G 748 30.70 -4.95 -15.83
C ASN G 748 31.63 -4.06 -15.00
N ASP G 749 31.13 -3.42 -13.93
CA ASP G 749 32.02 -2.56 -13.12
C ASP G 749 33.02 -3.41 -12.34
N PHE G 750 32.75 -4.67 -12.04
CA PHE G 750 33.63 -5.50 -11.20
C PHE G 750 34.80 -6.08 -12.00
N GLY G 751 34.63 -6.33 -13.29
CA GLY G 751 35.73 -6.94 -14.05
C GLY G 751 35.36 -7.25 -15.48
N SER G 752 36.30 -7.92 -16.11
CA SER G 752 36.33 -8.23 -17.55
C SER G 752 36.83 -9.65 -17.66
N THR G 753 36.12 -10.51 -18.40
CA THR G 753 36.61 -11.86 -18.69
C THR G 753 36.17 -12.24 -20.09
N PHE G 754 36.56 -13.44 -20.48
CA PHE G 754 36.42 -13.92 -21.87
C PHE G 754 35.81 -15.29 -21.83
N ALA G 755 35.05 -15.61 -22.90
CA ALA G 755 34.38 -16.90 -23.02
C ALA G 755 34.16 -17.23 -24.50
N MET G 756 34.01 -18.50 -24.81
CA MET G 756 33.64 -18.87 -26.19
C MET G 756 32.11 -19.01 -26.23
N VAL G 757 31.47 -18.40 -27.26
CA VAL G 757 29.99 -18.35 -27.43
C VAL G 757 29.45 -19.76 -27.69
N TYR G 758 28.40 -20.13 -26.94
CA TYR G 758 27.70 -21.43 -27.11
C TYR G 758 26.22 -21.14 -27.26
N PRO G 759 25.71 -20.95 -28.48
CA PRO G 759 24.28 -20.70 -28.65
C PRO G 759 23.49 -21.88 -28.08
N VAL G 760 22.42 -21.56 -27.34
CA VAL G 760 21.60 -22.57 -26.62
C VAL G 760 20.18 -22.08 -26.75
N ALA G 761 19.36 -22.86 -27.41
CA ALA G 761 17.97 -22.42 -27.71
C ALA G 761 17.19 -22.13 -26.42
N GLU G 762 17.43 -22.92 -25.37
CA GLU G 762 16.73 -22.93 -24.08
C GLU G 762 17.03 -21.70 -23.22
N ILE G 763 18.14 -20.99 -23.45
CA ILE G 763 18.52 -19.81 -22.63
C ILE G 763 17.52 -18.69 -22.93
N LYS G 764 17.01 -17.99 -21.90
CA LYS G 764 16.06 -16.89 -22.13
C LYS G 764 16.80 -15.66 -22.68
N ARG G 765 16.15 -14.88 -23.55
CA ARG G 765 16.66 -13.55 -23.95
C ARG G 765 17.08 -12.75 -22.69
N GLY G 766 18.24 -12.07 -22.75
CA GLY G 766 18.80 -11.25 -21.66
C GLY G 766 19.45 -12.11 -20.57
N GLN G 767 19.51 -13.44 -20.71
CA GLN G 767 20.16 -14.35 -19.73
C GLN G 767 21.33 -15.04 -20.46
N THR G 768 22.30 -15.52 -19.68
CA THR G 768 23.44 -16.33 -20.19
C THR G 768 23.77 -17.37 -19.13
N PHE G 769 24.64 -18.30 -19.44
CA PHE G 769 25.20 -19.16 -18.41
C PHE G 769 26.64 -19.44 -18.77
N MET G 770 27.59 -19.03 -17.92
CA MET G 770 29.02 -19.26 -18.19
C MET G 770 29.57 -20.32 -17.19
N LEU G 771 30.36 -21.23 -17.71
CA LEU G 771 31.18 -22.20 -16.92
C LEU G 771 32.01 -21.41 -15.89
N PHE G 772 31.84 -21.74 -14.61
CA PHE G 772 32.56 -21.09 -13.49
C PHE G 772 33.97 -21.69 -13.38
N GLY G 773 34.86 -20.96 -12.72
CA GLY G 773 36.06 -21.57 -12.13
C GLY G 773 37.12 -21.98 -13.15
N TYR G 774 37.01 -21.70 -14.44
CA TYR G 774 37.85 -22.41 -15.44
C TYR G 774 39.28 -21.84 -15.60
N VAL G 775 40.09 -22.59 -16.34
CA VAL G 775 41.54 -22.27 -16.57
C VAL G 775 41.75 -21.31 -17.72
N ASN G 776 40.73 -21.04 -18.55
CA ASN G 776 40.83 -20.17 -19.74
C ASN G 776 39.52 -19.39 -19.79
N GLY G 777 39.48 -18.24 -19.11
CA GLY G 777 38.34 -17.35 -18.98
C GLY G 777 37.66 -17.58 -17.66
N ILE G 778 38.10 -16.85 -16.62
CA ILE G 778 37.60 -17.00 -15.25
C ILE G 778 36.29 -16.20 -15.10
N GLN G 779 35.19 -16.87 -14.78
CA GLN G 779 33.85 -16.24 -14.72
C GLN G 779 33.74 -15.27 -13.54
N GLY G 780 34.38 -15.59 -12.44
CA GLY G 780 34.16 -14.82 -11.18
C GLY G 780 34.60 -13.40 -11.28
N ASP G 781 35.40 -13.02 -12.26
CA ASP G 781 35.81 -11.60 -12.48
C ASP G 781 34.60 -10.64 -12.48
N VAL G 782 33.45 -11.13 -12.91
CA VAL G 782 32.25 -10.26 -13.05
C VAL G 782 31.27 -10.41 -11.86
N THR G 783 31.52 -11.31 -10.93
CA THR G 783 30.71 -11.43 -9.70
C THR G 783 31.02 -10.27 -8.76
N THR G 784 29.99 -9.85 -8.02
CA THR G 784 30.14 -8.66 -7.15
C THR G 784 30.74 -9.07 -5.83
N ASP G 785 31.04 -8.05 -5.03
CA ASP G 785 31.51 -8.25 -3.64
C ASP G 785 30.36 -8.51 -2.67
N TRP G 786 29.12 -8.51 -3.15
CA TRP G 786 27.96 -8.57 -2.22
C TRP G 786 27.86 -9.94 -1.52
N THR G 787 27.68 -9.88 -0.22
CA THR G 787 27.41 -11.07 0.60
C THR G 787 26.23 -10.84 1.55
N ASP G 788 25.67 -11.95 2.02
CA ASP G 788 24.55 -11.91 2.98
C ASP G 788 25.10 -11.52 4.37
N ARG G 789 24.26 -11.65 5.39
CA ARG G 789 24.63 -11.19 6.78
C ARG G 789 25.73 -12.08 7.36
N ASN G 790 25.97 -13.27 6.80
CA ASN G 790 27.02 -14.20 7.31
C ASN G 790 28.22 -14.25 6.33
N ILE G 791 28.29 -13.32 5.38
CA ILE G 791 29.37 -13.22 4.36
C ILE G 791 29.26 -14.42 3.41
N ILE G 792 28.05 -14.75 2.98
CA ILE G 792 27.79 -15.76 1.90
C ILE G 792 27.54 -14.98 0.63
N PRO G 793 28.40 -15.13 -0.39
CA PRO G 793 28.24 -14.37 -1.61
C PRO G 793 27.06 -14.78 -2.48
N TYR G 794 26.52 -13.81 -3.19
CA TYR G 794 25.49 -14.02 -4.24
C TYR G 794 26.24 -14.28 -5.56
N TYR G 795 26.92 -15.41 -5.64
CA TYR G 795 27.73 -15.71 -6.83
C TYR G 795 26.81 -15.74 -8.07
N LYS G 796 25.53 -16.12 -7.90
CA LYS G 796 24.63 -16.29 -9.07
C LYS G 796 23.96 -14.97 -9.45
N GLY G 797 24.34 -13.86 -8.80
CA GLY G 797 23.70 -12.55 -8.92
C GLY G 797 24.66 -11.51 -9.45
N THR G 798 24.66 -11.39 -10.75
CA THR G 798 25.46 -10.39 -11.47
C THR G 798 24.94 -10.27 -12.91
N TRP G 799 25.14 -9.06 -13.43
CA TRP G 799 24.71 -8.58 -14.76
C TRP G 799 25.93 -7.95 -15.42
N GLY G 800 26.03 -8.05 -16.74
CA GLY G 800 27.06 -7.35 -17.51
C GLY G 800 26.77 -7.33 -18.98
N ASP G 801 27.68 -6.74 -19.73
CA ASP G 801 27.56 -6.60 -21.21
C ASP G 801 28.53 -7.57 -21.88
N ILE G 802 28.26 -7.81 -23.15
CA ILE G 802 28.97 -8.80 -24.01
C ILE G 802 29.41 -8.11 -25.31
N ARG G 803 30.69 -8.23 -25.63
CA ARG G 803 31.31 -7.63 -26.83
C ARG G 803 32.00 -8.75 -27.60
N LYS G 804 31.73 -8.87 -28.89
CA LYS G 804 32.47 -9.79 -29.78
C LYS G 804 33.96 -9.38 -29.83
N VAL G 805 34.84 -10.33 -29.52
CA VAL G 805 36.28 -10.21 -29.89
C VAL G 805 36.45 -10.73 -31.31
N GLY G 806 35.99 -11.94 -31.60
CA GLY G 806 36.14 -12.46 -32.97
C GLY G 806 35.89 -13.94 -33.09
N SER G 807 35.98 -14.45 -34.33
N SER G 807 36.00 -14.47 -34.30
CA SER G 807 35.84 -15.90 -34.67
CA SER G 807 35.81 -15.90 -34.56
C SER G 807 37.14 -16.64 -34.33
C SER G 807 37.11 -16.66 -34.33
N MET G 808 37.06 -17.63 -33.43
CA MET G 808 38.21 -18.55 -33.22
C MET G 808 37.99 -19.71 -34.20
N GLU G 809 38.64 -19.67 -35.37
CA GLU G 809 38.34 -20.69 -36.42
C GLU G 809 38.61 -22.10 -35.89
N GLU G 810 39.63 -22.26 -35.07
CA GLU G 810 40.01 -23.59 -34.55
C GLU G 810 38.95 -24.16 -33.60
N PHE G 811 38.29 -23.32 -32.80
CA PHE G 811 37.13 -23.76 -31.98
C PHE G 811 36.04 -24.30 -32.89
N LYS G 812 35.73 -23.58 -33.97
CA LYS G 812 34.63 -23.94 -34.91
C LYS G 812 35.00 -25.25 -35.58
N ARG G 813 36.30 -25.51 -35.78
CA ARG G 813 36.76 -26.71 -36.50
C ARG G 813 36.62 -27.92 -35.58
N THR G 814 36.90 -27.77 -34.26
CA THR G 814 37.21 -28.88 -33.33
C THR G 814 36.13 -29.07 -32.26
N VAL G 815 35.33 -28.05 -31.93
CA VAL G 815 34.44 -28.06 -30.74
C VAL G 815 33.00 -28.30 -31.22
N SER G 816 32.32 -29.29 -30.64
CA SER G 816 30.85 -29.40 -30.82
C SER G 816 30.15 -28.24 -30.10
N PHE G 817 29.23 -27.57 -30.79
CA PHE G 817 28.31 -26.57 -30.17
C PHE G 817 26.90 -27.13 -30.27
N LYS G 818 26.76 -28.46 -30.35
CA LYS G 818 25.45 -29.14 -30.34
C LYS G 818 24.80 -29.09 -28.96
N SER G 819 23.51 -29.33 -28.96
CA SER G 819 22.70 -29.16 -27.74
C SER G 819 23.15 -30.17 -26.67
N ARG G 820 23.31 -29.68 -25.42
CA ARG G 820 23.63 -30.56 -24.28
C ARG G 820 22.34 -30.88 -23.53
N ARG G 821 21.17 -30.46 -24.05
CA ARG G 821 19.86 -30.87 -23.49
C ARG G 821 19.36 -32.06 -24.31
N PHE G 822 19.29 -33.24 -23.70
CA PHE G 822 18.83 -34.49 -24.33
C PHE G 822 17.35 -34.39 -24.72
N ALA G 823 17.07 -34.74 -25.96
CA ALA G 823 15.68 -34.71 -26.49
C ALA G 823 15.18 -36.15 -26.54
N LEU H 1 55.27 -60.79 -30.91
CA LEU H 1 55.40 -60.63 -32.42
C LEU H 1 54.65 -59.35 -32.84
N ARG H 2 53.37 -59.45 -33.14
CA ARG H 2 52.62 -58.34 -33.72
C ARG H 2 52.12 -57.40 -32.61
N THR H 3 52.03 -56.10 -32.91
CA THR H 3 51.56 -55.08 -31.94
C THR H 3 50.14 -54.67 -32.32
N THR H 4 49.71 -55.03 -33.51
CA THR H 4 48.39 -54.59 -34.03
C THR H 4 47.40 -55.73 -34.09
N LEU H 5 46.14 -55.38 -33.91
CA LEU H 5 45.04 -56.34 -34.02
C LEU H 5 44.89 -56.70 -35.52
N GLN H 6 44.34 -57.88 -35.78
CA GLN H 6 44.08 -58.37 -37.14
C GLN H 6 42.66 -57.94 -37.50
N TYR H 7 42.44 -56.72 -38.00
CA TYR H 7 41.09 -56.26 -38.37
C TYR H 7 40.69 -56.88 -39.69
N PRO H 8 39.44 -57.36 -39.82
CA PRO H 8 38.98 -57.84 -41.11
C PRO H 8 38.76 -56.63 -42.04
N ALA H 9 38.67 -56.91 -43.33
CA ALA H 9 38.28 -55.91 -44.35
C ALA H 9 36.86 -56.29 -44.74
N THR H 10 35.91 -55.48 -44.30
CA THR H 10 34.48 -55.80 -44.48
C THR H 10 33.89 -54.80 -45.47
N GLN H 11 33.43 -55.28 -46.64
CA GLN H 11 32.65 -54.48 -47.59
C GLN H 11 31.40 -53.91 -46.88
N VAL H 12 31.13 -52.61 -47.02
CA VAL H 12 29.89 -52.00 -46.45
C VAL H 12 28.89 -51.88 -47.61
N SER H 13 29.22 -51.05 -48.57
CA SER H 13 28.47 -50.88 -49.84
CA SER H 13 28.46 -50.85 -49.83
C SER H 13 29.32 -50.00 -50.76
N VAL H 14 28.70 -49.42 -51.75
CA VAL H 14 29.43 -48.48 -52.62
C VAL H 14 28.96 -47.10 -52.19
N ALA H 15 29.78 -46.08 -52.31
CA ALA H 15 29.45 -44.73 -51.78
C ALA H 15 28.25 -44.17 -52.52
N LYS H 16 28.07 -44.46 -53.83
CA LYS H 16 27.00 -43.74 -54.56
C LYS H 16 25.63 -44.29 -54.16
N ASN H 17 25.56 -45.42 -53.45
CA ASN H 17 24.27 -45.99 -52.99
C ASN H 17 23.83 -45.33 -51.69
N LEU H 18 24.70 -44.67 -50.95
CA LEU H 18 24.30 -43.99 -49.68
C LEU H 18 23.52 -42.71 -49.97
N LYS H 19 22.37 -42.52 -49.30
CA LYS H 19 21.57 -41.27 -49.39
C LYS H 19 22.02 -40.36 -48.24
N ALA H 20 22.11 -39.05 -48.52
CA ALA H 20 22.51 -38.01 -47.55
C ALA H 20 21.67 -38.20 -46.28
N ASN H 21 22.41 -38.38 -45.19
CA ASN H 21 21.87 -38.35 -43.81
C ASN H 21 20.94 -39.56 -43.60
N GLU H 22 21.09 -40.65 -44.39
CA GLU H 22 20.31 -41.90 -44.18
C GLU H 22 21.28 -42.99 -43.73
N PRO H 23 21.32 -43.33 -42.42
CA PRO H 23 22.27 -44.30 -41.88
C PRO H 23 22.12 -45.71 -42.47
N VAL H 24 23.24 -46.39 -42.60
CA VAL H 24 23.35 -47.79 -43.08
C VAL H 24 23.87 -48.61 -41.92
N SER H 25 23.12 -49.59 -41.49
CA SER H 25 23.56 -50.50 -40.42
C SER H 25 24.44 -51.57 -41.02
N PHE H 26 25.49 -51.90 -40.30
CA PHE H 26 26.32 -53.09 -40.60
C PHE H 26 26.99 -53.52 -39.31
N THR H 27 27.66 -54.67 -39.38
CA THR H 27 28.43 -55.19 -38.23
C THR H 27 29.91 -55.18 -38.60
N TYR H 28 30.76 -54.86 -37.61
CA TYR H 28 32.21 -54.74 -37.76
C TYR H 28 32.81 -54.59 -36.37
N PRO H 29 33.86 -55.33 -36.01
CA PRO H 29 34.53 -56.32 -36.87
C PRO H 29 34.04 -57.79 -36.77
N ASP H 30 32.83 -57.97 -36.22
CA ASP H 30 32.13 -59.27 -36.10
C ASP H 30 30.63 -58.95 -35.92
N THR H 31 29.80 -59.99 -36.01
CA THR H 31 28.32 -59.85 -36.02
C THR H 31 27.78 -59.38 -34.67
N SER H 32 28.59 -59.32 -33.61
CA SER H 32 28.13 -58.82 -32.29
C SER H 32 28.46 -57.33 -32.10
N SER H 33 29.01 -56.64 -33.10
CA SER H 33 29.47 -55.24 -33.02
C SER H 33 28.67 -54.40 -34.02
N PRO H 34 27.52 -53.82 -33.60
CA PRO H 34 26.69 -53.05 -34.51
C PRO H 34 27.39 -51.73 -34.79
N CYS H 35 27.32 -51.33 -36.06
CA CYS H 35 27.88 -50.05 -36.56
C CYS H 35 26.85 -49.36 -37.45
N VAL H 36 27.14 -48.09 -37.74
CA VAL H 36 26.36 -47.23 -38.67
C VAL H 36 27.35 -46.42 -39.50
N ALA H 37 27.14 -46.40 -40.82
CA ALA H 37 27.79 -45.47 -41.77
C ALA H 37 26.75 -44.46 -42.20
N VAL H 38 27.17 -43.20 -42.40
CA VAL H 38 26.24 -42.16 -42.92
C VAL H 38 26.99 -41.21 -43.82
N LYS H 39 26.35 -40.83 -44.92
CA LYS H 39 26.80 -39.71 -45.77
C LYS H 39 26.26 -38.42 -45.18
N LEU H 40 27.13 -37.61 -44.56
CA LEU H 40 26.65 -36.43 -43.80
C LEU H 40 26.15 -35.34 -44.74
N GLY H 41 26.62 -35.29 -45.99
CA GLY H 41 26.13 -34.31 -46.98
C GLY H 41 27.02 -33.07 -47.04
N SER H 42 27.88 -32.89 -46.04
CA SER H 42 28.84 -31.78 -45.98
C SER H 42 30.15 -32.34 -45.47
N PRO H 43 31.30 -31.98 -46.06
CA PRO H 43 32.60 -32.52 -45.65
C PRO H 43 32.92 -32.36 -44.16
N VAL H 44 33.44 -33.40 -43.54
CA VAL H 44 33.95 -33.27 -42.15
C VAL H 44 35.37 -33.83 -42.19
N PRO H 45 36.26 -33.34 -41.32
CA PRO H 45 37.65 -33.84 -41.39
C PRO H 45 37.69 -35.38 -41.30
N GLY H 46 38.46 -36.04 -42.16
CA GLY H 46 38.48 -37.53 -42.13
C GLY H 46 37.11 -38.19 -42.46
N GLY H 47 36.16 -37.45 -43.05
CA GLY H 47 35.14 -38.01 -43.96
C GLY H 47 35.77 -38.59 -45.23
N VAL H 48 35.14 -39.60 -45.80
CA VAL H 48 35.61 -40.27 -47.05
C VAL H 48 34.50 -40.25 -48.08
N GLY H 49 34.83 -40.74 -49.28
CA GLY H 49 33.93 -40.71 -50.44
C GLY H 49 34.18 -39.44 -51.24
N PRO H 50 33.45 -39.27 -52.35
CA PRO H 50 33.62 -38.13 -53.26
C PRO H 50 33.54 -36.79 -52.54
N ASN H 51 32.66 -36.67 -51.54
CA ASN H 51 32.38 -35.38 -50.87
C ASN H 51 32.97 -35.37 -49.45
N ASN H 52 33.88 -36.31 -49.15
CA ASN H 52 34.66 -36.33 -47.90
C ASN H 52 33.71 -36.24 -46.69
N ASP H 53 32.56 -36.89 -46.78
CA ASP H 53 31.43 -36.65 -45.84
C ASP H 53 30.84 -37.96 -45.34
N ILE H 54 31.43 -39.12 -45.70
CA ILE H 54 30.99 -40.45 -45.17
C ILE H 54 31.81 -40.84 -43.94
N VAL H 55 31.08 -41.08 -42.85
CA VAL H 55 31.69 -41.49 -41.57
C VAL H 55 30.96 -42.74 -41.07
N ALA H 56 31.68 -43.49 -40.20
CA ALA H 56 31.07 -44.68 -39.57
C ALA H 56 31.53 -44.81 -38.11
N TYR H 57 30.69 -45.39 -37.30
CA TYR H 57 30.90 -45.51 -35.86
C TYR H 57 30.36 -46.86 -35.37
N SER H 58 30.97 -47.40 -34.33
CA SER H 58 30.31 -48.39 -33.43
C SER H 58 29.13 -47.64 -32.78
N VAL H 59 27.93 -48.23 -32.70
CA VAL H 59 26.78 -47.55 -32.04
C VAL H 59 26.66 -47.93 -30.57
N LEU H 60 27.51 -48.81 -30.07
CA LEU H 60 27.41 -49.19 -28.63
C LEU H 60 27.97 -48.03 -27.77
N CYS H 61 27.14 -47.48 -26.92
CA CYS H 61 27.58 -46.39 -26.03
C CYS H 61 28.85 -46.83 -25.29
N THR H 62 29.83 -45.95 -25.19
CA THR H 62 31.13 -46.25 -24.53
C THR H 62 31.03 -46.07 -23.02
N HIS H 63 29.86 -45.68 -22.54
CA HIS H 63 29.55 -45.60 -21.07
C HIS H 63 29.35 -47.03 -20.54
N MET H 64 28.23 -47.68 -20.89
CA MET H 64 27.83 -49.02 -20.41
C MET H 64 27.11 -49.79 -21.53
N GLY H 65 27.30 -49.38 -22.79
CA GLY H 65 27.13 -50.25 -23.97
C GLY H 65 25.71 -50.30 -24.48
N CYS H 66 24.78 -49.50 -23.95
CA CYS H 66 23.45 -49.45 -24.54
C CYS H 66 23.58 -49.01 -26.01
N PRO H 67 22.87 -49.67 -26.93
CA PRO H 67 22.94 -49.24 -28.30
C PRO H 67 22.34 -47.85 -28.42
N THR H 68 23.10 -46.97 -29.09
CA THR H 68 22.70 -45.58 -29.33
C THR H 68 21.82 -45.51 -30.58
N SER H 69 21.09 -44.41 -30.70
CA SER H 69 20.27 -44.15 -31.89
C SER H 69 20.87 -42.98 -32.64
N TYR H 70 20.98 -43.06 -33.95
CA TYR H 70 21.38 -41.91 -34.78
C TYR H 70 20.20 -40.93 -34.95
N ASP H 71 20.39 -39.67 -34.56
CA ASP H 71 19.38 -38.60 -34.77
C ASP H 71 19.73 -37.83 -36.06
N LYS H 72 18.96 -38.02 -37.15
CA LYS H 72 19.18 -37.34 -38.45
C LYS H 72 19.09 -35.82 -38.33
N SER H 73 18.29 -35.29 -37.45
CA SER H 73 18.06 -33.83 -37.37
C SER H 73 19.29 -33.15 -36.73
N SER H 74 20.02 -33.80 -35.82
CA SER H 74 21.20 -33.18 -35.15
C SER H 74 22.51 -33.82 -35.62
N LYS H 75 22.45 -34.92 -36.38
CA LYS H 75 23.65 -35.71 -36.79
C LYS H 75 24.47 -36.09 -35.53
N THR H 76 23.78 -36.66 -34.55
CA THR H 76 24.37 -37.17 -33.29
C THR H 76 23.87 -38.58 -33.05
N PHE H 77 24.56 -39.28 -32.17
CA PHE H 77 24.17 -40.60 -31.62
C PHE H 77 23.76 -40.37 -30.17
N LYS H 78 22.56 -40.85 -29.81
CA LYS H 78 21.99 -40.55 -28.47
C LYS H 78 21.81 -41.88 -27.74
N CYS H 79 22.34 -41.94 -26.51
CA CYS H 79 22.17 -43.13 -25.68
C CYS H 79 20.90 -43.05 -24.84
N PRO H 80 20.04 -44.09 -24.86
CA PRO H 80 18.81 -44.04 -24.08
C PRO H 80 18.95 -44.38 -22.59
N CYS H 81 20.13 -44.86 -22.13
CA CYS H 81 20.28 -45.39 -20.76
C CYS H 81 20.61 -44.24 -19.79
N HIS H 82 21.70 -43.48 -19.99
CA HIS H 82 22.07 -42.34 -19.12
C HIS H 82 22.37 -41.09 -19.95
N PHE H 83 21.91 -41.03 -21.20
CA PHE H 83 21.66 -39.75 -21.93
C PHE H 83 22.96 -39.15 -22.49
N THR H 84 24.00 -39.94 -22.64
CA THR H 84 25.22 -39.50 -23.36
C THR H 84 24.86 -39.24 -24.83
N GLU H 85 25.37 -38.12 -25.38
N GLU H 85 25.47 -38.21 -25.41
CA GLU H 85 25.21 -37.74 -26.81
CA GLU H 85 25.21 -37.84 -26.82
C GLU H 85 26.59 -37.61 -27.44
C GLU H 85 26.56 -37.56 -27.47
N PHE H 86 26.77 -38.11 -28.65
CA PHE H 86 28.05 -38.07 -29.38
C PHE H 86 27.84 -37.38 -30.71
N ASP H 87 28.79 -36.56 -31.12
CA ASP H 87 28.75 -35.74 -32.36
C ASP H 87 29.31 -36.54 -33.53
N ALA H 88 28.49 -36.96 -34.47
CA ALA H 88 29.01 -37.69 -35.68
C ALA H 88 29.88 -36.80 -36.59
N GLU H 89 29.75 -35.48 -36.48
CA GLU H 89 30.50 -34.47 -37.27
C GLU H 89 31.84 -34.11 -36.59
N LYS H 90 32.12 -34.64 -35.39
CA LYS H 90 33.33 -34.27 -34.64
C LYS H 90 33.98 -35.55 -34.15
N ALA H 91 34.04 -36.54 -35.04
CA ALA H 91 34.71 -37.82 -34.76
C ALA H 91 34.21 -38.36 -33.41
N GLY H 92 32.91 -38.38 -33.17
CA GLY H 92 32.28 -39.04 -32.02
C GLY H 92 32.54 -38.31 -30.70
N GLN H 93 32.95 -37.04 -30.75
CA GLN H 93 33.16 -36.20 -29.55
C GLN H 93 31.89 -36.28 -28.69
N MET H 94 32.06 -36.50 -27.40
CA MET H 94 30.94 -36.56 -26.44
C MET H 94 30.47 -35.11 -26.22
N ILE H 95 29.24 -34.80 -26.62
CA ILE H 95 28.63 -33.45 -26.44
C ILE H 95 28.35 -33.22 -24.94
N CYS H 96 27.76 -34.22 -24.28
N CYS H 96 27.87 -34.27 -24.28
CA CYS H 96 27.30 -34.24 -22.85
CA CYS H 96 27.42 -34.28 -22.85
C CYS H 96 27.12 -35.72 -22.48
C CYS H 96 27.20 -35.74 -22.50
N GLY H 97 27.57 -36.15 -21.30
CA GLY H 97 27.27 -37.52 -20.83
C GLY H 97 28.34 -38.09 -19.92
N GLN H 98 28.19 -39.39 -19.68
CA GLN H 98 28.89 -40.03 -18.57
C GLN H 98 30.07 -40.85 -19.11
N ALA H 99 30.18 -41.02 -20.43
CA ALA H 99 31.30 -41.81 -21.01
C ALA H 99 32.63 -41.09 -20.76
N THR H 100 33.72 -41.85 -20.85
CA THR H 100 35.11 -41.32 -20.80
C THR H 100 35.88 -41.70 -22.09
N GLU H 101 35.17 -42.01 -23.15
CA GLU H 101 35.75 -42.30 -24.48
C GLU H 101 34.78 -41.76 -25.54
N ASN H 102 35.32 -41.15 -26.57
CA ASN H 102 34.50 -40.73 -27.72
C ASN H 102 33.94 -42.01 -28.37
N LEU H 103 32.87 -41.85 -29.13
CA LEU H 103 32.27 -42.99 -29.81
C LEU H 103 33.28 -43.55 -30.80
N PRO H 104 33.63 -44.84 -30.78
CA PRO H 104 34.67 -45.36 -31.67
C PRO H 104 34.32 -45.18 -33.15
N ARG H 105 35.32 -44.75 -33.93
CA ARG H 105 35.20 -44.49 -35.40
C ARG H 105 35.58 -45.79 -36.11
N VAL H 106 34.71 -46.21 -36.99
CA VAL H 106 35.02 -47.29 -37.94
C VAL H 106 35.76 -46.64 -39.12
N LEU H 107 37.00 -47.04 -39.29
CA LEU H 107 37.87 -46.52 -40.35
C LEU H 107 37.45 -47.11 -41.70
N LEU H 108 37.01 -46.24 -42.61
CA LEU H 108 36.53 -46.67 -43.95
C LEU H 108 37.60 -46.36 -44.96
N ARG H 109 37.83 -47.29 -45.88
CA ARG H 109 38.65 -47.03 -47.10
C ARG H 109 37.66 -46.81 -48.25
N TYR H 110 37.77 -45.66 -48.90
CA TYR H 110 37.02 -45.35 -50.12
C TYR H 110 37.94 -45.70 -51.30
N ASP H 111 37.48 -46.60 -52.16
CA ASP H 111 38.20 -47.01 -53.39
C ASP H 111 37.55 -46.33 -54.60
N GLU H 112 38.20 -45.32 -55.17
CA GLU H 112 37.62 -44.50 -56.25
C GLU H 112 37.41 -45.38 -57.48
N ALA H 113 38.26 -46.37 -57.70
CA ALA H 113 38.21 -47.25 -58.88
C ALA H 113 36.90 -48.06 -58.89
N SER H 114 36.45 -48.55 -57.71
CA SER H 114 35.27 -49.46 -57.60
C SER H 114 34.05 -48.74 -56.99
N ASP H 115 34.26 -47.58 -56.36
CA ASP H 115 33.27 -46.85 -55.50
C ASP H 115 33.03 -47.57 -54.16
N ALA H 116 33.75 -48.66 -53.84
CA ALA H 116 33.56 -49.49 -52.62
C ALA H 116 33.94 -48.71 -51.38
N LEU H 117 33.16 -48.91 -50.34
CA LEU H 117 33.52 -48.49 -48.97
C LEU H 117 33.83 -49.80 -48.24
N THR H 118 34.97 -49.85 -47.56
CA THR H 118 35.42 -51.04 -46.81
C THR H 118 35.76 -50.58 -45.40
N ALA H 119 35.19 -51.25 -44.41
CA ALA H 119 35.57 -51.03 -42.99
C ALA H 119 36.90 -51.78 -42.78
N VAL H 120 37.96 -51.08 -42.36
CA VAL H 120 39.30 -51.74 -42.22
C VAL H 120 39.93 -51.59 -40.84
N GLY H 121 39.31 -50.84 -39.93
CA GLY H 121 39.84 -50.70 -38.58
C GLY H 121 38.87 -49.97 -37.69
N VAL H 122 39.28 -49.75 -36.45
CA VAL H 122 38.48 -49.00 -35.45
C VAL H 122 39.44 -48.13 -34.67
N ASP H 123 39.09 -46.86 -34.54
CA ASP H 123 39.78 -45.83 -33.72
C ASP H 123 38.97 -45.69 -32.41
N GLY H 124 39.53 -46.22 -31.33
CA GLY H 124 38.89 -46.29 -30.02
C GLY H 124 38.48 -47.72 -29.72
N LEU H 125 38.16 -48.02 -28.48
CA LEU H 125 37.83 -49.39 -28.03
C LEU H 125 36.31 -49.54 -27.90
N ILE H 126 35.75 -50.44 -28.71
CA ILE H 126 34.30 -50.74 -28.65
C ILE H 126 33.93 -51.21 -27.23
N TYR H 127 32.74 -50.81 -26.76
CA TYR H 127 32.15 -51.25 -25.49
C TYR H 127 32.21 -52.78 -25.32
N GLY H 128 32.57 -53.20 -24.12
CA GLY H 128 32.23 -54.54 -23.61
C GLY H 128 33.18 -55.59 -24.19
N ARG H 129 34.40 -55.16 -24.58
CA ARG H 129 35.44 -56.07 -25.12
C ARG H 129 36.84 -55.75 -24.57
N GLN H 130 37.66 -56.79 -24.46
CA GLN H 130 39.06 -56.63 -24.03
C GLN H 130 39.86 -56.00 -25.18
N ALA H 131 39.56 -56.41 -26.42
CA ALA H 131 40.21 -55.90 -27.65
C ALA H 131 39.10 -55.75 -28.70
N ASN H 132 39.26 -54.88 -29.67
CA ASN H 132 38.22 -54.72 -30.70
C ASN H 132 38.00 -56.04 -31.42
N VAL H 133 39.06 -56.82 -31.56
CA VAL H 133 38.99 -58.10 -32.28
C VAL H 133 38.98 -59.16 -31.20
N ILE H 134 37.92 -59.94 -31.17
CA ILE H 134 37.73 -61.01 -30.18
C ILE H 134 38.31 -62.30 -30.75
PB MGD I . -16.58 22.60 11.57
O1B MGD I . -16.89 22.92 12.99
O2B MGD I . -16.79 23.68 10.59
O3B MGD I . -17.35 21.24 11.27
O3A MGD I . -18.76 20.15 9.60
PA MGD I . -17.19 20.33 9.93
O1A MGD I . -16.47 21.07 8.88
O2A MGD I . -16.77 19.00 10.43
O5' MGD I . -15.06 22.07 11.48
C5' MGD I . -13.96 22.97 11.56
C4' MGD I . -12.83 22.20 12.24
O4' MGD I . -11.55 22.75 11.85
C3' MGD I . -12.86 22.18 13.77
O3' MGD I . -12.49 20.91 14.34
C2' MGD I . -11.88 23.31 14.09
O2' MGD I . -11.24 23.23 15.34
C1' MGD I . -10.83 23.20 12.98
N9 MGD I . -10.22 24.45 12.57
C8 MGD I . -10.62 25.76 12.74
N7 MGD I . -9.81 26.63 12.20
C5 MGD I . -8.86 25.86 11.53
C6 MGD I . -7.73 26.24 10.76
O6 MGD I . -7.32 27.38 10.43
N1 MGD I . -7.10 25.10 10.27
C2 MGD I . -7.42 23.79 10.54
N2 MGD I . -6.68 22.82 9.99
N3 MGD I . -8.42 23.42 11.36
C4 MGD I . -9.11 24.52 11.76
C10 MGD I . -19.54 21.30 9.19
C11 MGD I . -20.63 20.77 8.29
O11 MGD I . -21.46 19.97 9.14
C12 MGD I . -21.32 21.88 7.55
S12 MGD I . -20.49 23.38 7.17
C13 MGD I . -22.61 21.68 7.17
S13 MGD I . -23.46 22.94 6.31
C14 MGD I . -23.37 20.46 7.58
N15 MGD I . -24.48 20.89 8.41
C16 MGD I . -25.22 19.89 8.98
C17 MGD I . -26.60 20.02 9.20
O17 MGD I . -27.32 21.01 8.92
N18 MGD I . -27.17 18.98 9.88
C19 MGD I . -26.48 17.87 10.27
N19 MGD I . -27.17 16.90 10.90
N20 MGD I . -25.19 17.69 10.03
C21 MGD I . -24.57 18.71 9.37
N22 MGD I . -23.27 18.52 9.08
C23 MGD I . -22.48 19.39 8.27
PB MGD J . -29.85 25.80 9.33
O1B MGD J . -30.28 26.04 10.74
O2B MGD J . -28.88 24.71 9.00
O3B MGD J . -29.33 27.21 8.76
O3A MGD J . -27.55 28.50 7.48
PA MGD J . -29.06 27.99 7.37
O1A MGD J . -29.23 26.98 6.25
O2A MGD J . -29.93 29.21 7.38
O5' MGD J . -31.16 25.44 8.41
C5' MGD J . -32.00 26.51 7.85
C4' MGD J . -33.46 26.16 8.04
O4' MGD J . -33.79 24.99 7.24
C3' MGD J . -33.96 25.80 9.46
O3' MGD J . -34.62 26.91 10.07
C2' MGD J . -34.90 24.59 9.25
O2' MGD J . -36.10 24.67 9.96
C1' MGD J . -35.06 24.63 7.74
N9 MGD J . -35.52 23.40 7.11
C8 MGD J . -35.42 22.12 7.57
N7 MGD J . -35.91 21.22 6.75
C5 MGD J . -36.39 21.97 5.69
C6 MGD J . -36.98 21.53 4.49
O6 MGD J . -37.25 20.35 4.19
N1 MGD J . -37.30 22.61 3.67
C2 MGD J . -37.03 23.93 3.95
N2 MGD J . -37.42 24.85 3.07
N3 MGD J . -36.46 24.35 5.07
C4 MGD J . -36.16 23.31 5.88
C10 MGD J . -26.52 27.53 7.47
C11 MGD J . -25.17 28.17 7.48
O11 MGD J . -25.06 28.96 8.67
C12 MGD J . -23.98 27.25 7.35
S12 MGD J . -24.13 25.99 6.20
C13 MGD J . -22.81 27.39 7.93
S13 MGD J . -21.43 26.37 7.67
C14 MGD J . -22.69 28.46 9.00
N15 MGD J . -22.76 27.92 10.37
C16 MGD J . -23.20 28.76 11.41
C17 MGD J . -23.18 28.31 12.74
O17 MGD J . -22.72 27.25 13.10
N18 MGD J . -23.79 29.14 13.68
C19 MGD J . -24.36 30.34 13.36
N19 MGD J . -24.97 31.07 14.34
N20 MGD J . -24.34 30.77 12.12
C21 MGD J . -23.79 29.99 11.13
N22 MGD J . -23.83 30.47 9.88
C23 MGD J . -23.76 29.53 8.78
MO MO K . -22.04 24.85 6.05
FE1 F3S L . -18.95 37.14 11.80
FE3 F3S L . -20.52 38.96 10.74
FE4 F3S L . -21.11 36.37 10.32
S1 F3S L . -19.48 39.15 12.77
S2 F3S L . -20.28 35.33 12.32
S3 F3S L . -19.23 37.40 9.52
S4 F3S L . -22.62 38.08 10.75
C1 PGE M . -17.54 25.59 -2.67
C1 PGE M . -17.49 25.77 -3.83
O1 PGE M . -18.65 26.45 -2.24
O1 PGE M . -18.41 26.84 -3.86
C2 PGE M . -16.94 26.01 -4.00
C2 PGE M . -16.30 26.03 -4.70
O2 PGE M . -17.48 25.24 -5.09
O2 PGE M . -16.59 25.73 -6.07
C3 PGE M . -16.58 25.06 -6.20
C3 PGE M . -15.76 24.67 -6.55
C4 PGE M . -17.14 24.06 -7.20
C4 PGE M . -16.60 23.46 -6.85
O4 PGE M . -15.87 22.22 -4.45
O4 PGE M . -17.70 19.69 -7.75
C6 PGE M . -16.17 21.25 -5.41
C6 PGE M . -16.71 20.03 -6.78
C5 PGE M . -17.16 21.77 -6.44
C5 PGE M . -17.04 21.28 -6.05
O3 PGE M . -16.52 22.76 -7.26
O3 PGE M . -16.03 22.28 -6.31
C1 GOL N . -22.08 45.65 0.72
O1 GOL N . -22.04 44.48 1.52
C2 GOL N . -23.27 45.62 -0.23
O2 GOL N . -23.02 45.24 -1.60
C3 GOL N . -23.97 46.92 -0.13
O3 GOL N . -23.09 47.98 -0.45
AS AST O . -20.44 25.63 3.29
O1 AST O . -20.77 25.65 1.45
O2 AST O . -21.57 24.89 4.37
O3 AST O . -18.91 25.60 4.12
C1 EDO P . -11.32 52.64 4.80
C1 EDO P . -9.73 49.15 6.50
O1 EDO P . -11.40 51.27 5.10
O1 EDO P . -9.12 49.88 7.45
C2 EDO P . -11.89 52.85 3.46
C2 EDO P . -10.99 48.83 7.08
O2 EDO P . -11.60 51.79 2.55
O2 EDO P . -11.70 50.06 7.45
C1 EDO Q . -12.92 50.13 5.33
O1 EDO Q . -11.87 49.29 5.78
C2 EDO Q . -13.19 50.05 3.86
O2 EDO Q . -12.18 49.51 2.92
C1 PEG R . 13.36 12.52 13.24
O1 PEG R . 14.26 13.61 13.10
C2 PEG R . 13.40 11.57 12.09
O2 PEG R . 12.27 10.70 12.10
C3 PEG R . 12.58 9.44 12.69
C4 PEG R . 12.88 9.63 14.14
O4 PEG R . 12.79 8.42 14.91
C1 EDO S . -7.89 -0.34 0.15
O1 EDO S . -8.39 0.96 0.02
C2 EDO S . -6.53 -0.29 -0.41
O2 EDO S . -6.53 0.07 -1.78
C1 EDO T . -20.12 29.58 -12.21
O1 EDO T . -20.01 28.63 -11.14
C2 EDO T . -21.38 29.45 -13.00
O2 EDO T . -21.65 28.11 -13.50
C1 IPA U . -19.23 30.36 -6.18
C2 IPA U . -18.49 31.54 -6.78
C3 IPA U . -19.29 32.69 -7.28
O2 IPA U . -17.62 31.09 -7.86
C1 EDO V . -46.49 43.85 15.01
O1 EDO V . -45.30 43.19 14.59
C2 EDO V . -47.70 43.07 14.60
O2 EDO V . -47.96 42.90 13.17
C1 EDO W . -31.76 12.47 -6.96
O1 EDO W . -31.10 13.71 -7.31
C2 EDO W . -32.79 11.92 -7.92
O2 EDO W . -33.71 12.92 -8.47
C1 EDO X . -24.14 33.43 25.51
O1 EDO X . -24.34 32.71 24.26
C2 EDO X . -25.39 33.60 26.38
O2 EDO X . -25.23 34.06 27.80
C1 PEG Y . -23.46 51.52 13.87
O1 PEG Y . -22.27 50.99 13.30
C2 PEG Y . -24.62 50.56 13.73
O2 PEG Y . -25.83 51.27 13.96
C3 PEG Y . -26.82 50.97 12.99
C4 PEG Y . -27.22 49.52 13.12
O4 PEG Y . -28.14 49.35 14.15
FE1 FES Z . -29.17 45.62 21.59
FE2 FES Z . -27.85 45.45 19.22
S1 FES Z . -29.29 43.94 20.15
S2 FES Z . -27.98 47.21 20.60
MO MO AA . -11.83 -6.75 -49.27
PB MGD BA . -6.47 -10.58 -43.83
O1B MGD BA . -6.80 -11.57 -42.79
O2B MGD BA . -7.32 -9.37 -43.95
O3B MGD BA . -6.49 -11.38 -45.25
O3A MGD BA . -7.18 -11.43 -47.64
PA MGD BA . -5.89 -11.16 -46.73
O1A MGD BA . -5.42 -9.76 -46.94
O2A MGD BA . -4.98 -12.29 -47.05
O5' MGD BA . -4.90 -10.08 -43.62
C5' MGD BA . -3.77 -10.74 -44.18
C4' MGD BA . -2.66 -10.73 -43.17
O4' MGD BA . -2.15 -9.38 -42.94
C3' MGD BA . -2.98 -11.28 -41.78
O3' MGD BA . -2.56 -12.66 -41.70
C2' MGD BA . -2.28 -10.32 -40.80
O2' MGD BA . -1.54 -11.01 -39.82
C1' MGD BA . -1.39 -9.53 -41.77
N9 MGD BA . -0.93 -8.23 -41.31
C8 MGD BA . -1.45 -7.42 -40.34
N7 MGD BA . -0.76 -6.31 -40.15
C5 MGD BA . 0.28 -6.38 -41.05
C6 MGD BA . 1.33 -5.46 -41.31
O6 MGD BA . 1.60 -4.37 -40.80
N1 MGD BA . 2.11 -5.93 -42.35
C2 MGD BA . 1.91 -7.09 -43.05
N2 MGD BA . 2.87 -7.41 -43.94
N3 MGD BA . 0.99 -7.99 -42.76
C4 MGD BA . 0.17 -7.54 -41.79
C10 MGD BA . -8.26 -10.45 -47.55
C11 MGD BA . -9.26 -10.78 -48.63
O11 MGD BA . -9.77 -12.07 -48.32
C12 MGD BA . -10.35 -9.71 -48.77
S12 MGD BA . -9.88 -8.05 -48.82
C13 MGD BA . -11.64 -10.06 -48.96
S13 MGD BA . -12.86 -8.84 -49.28
C14 MGD BA . -12.04 -11.52 -48.92
N15 MGD BA . -12.73 -11.86 -47.69
C16 MGD BA . -12.74 -13.15 -47.18
C17 MGD BA . -13.49 -13.48 -46.04
O17 MGD BA . -14.24 -12.71 -45.43
N18 MGD BA . -13.29 -14.77 -45.55
C19 MGD BA . -12.47 -15.67 -46.17
N19 MGD BA . -12.28 -16.87 -45.60
N20 MGD BA . -11.76 -15.33 -47.22
C21 MGD BA . -11.94 -14.10 -47.77
N22 MGD BA . -11.19 -13.78 -48.87
C23 MGD BA . -10.87 -12.43 -49.16
PB MGD CA . -19.56 -7.12 -46.85
O1B MGD CA . -19.92 -8.23 -45.93
O2B MGD CA . -18.74 -7.54 -48.04
O3B MGD CA . -18.89 -5.96 -45.94
O3A MGD CA . -17.08 -4.31 -45.80
PA MGD CA . -18.59 -4.45 -46.43
O1A MGD CA . -18.54 -4.27 -47.90
O2A MGD CA . -19.41 -3.52 -45.57
O5' MGD CA . -20.87 -6.34 -47.28
C5' MGD CA . -21.73 -6.89 -48.29
C4' MGD CA . -23.14 -6.49 -47.91
O4' MGD CA . -23.96 -6.57 -49.11
C3' MGD CA . -23.85 -7.36 -46.86
O3' MGD CA . -24.73 -6.58 -46.03
C2' MGD CA . -24.66 -8.34 -47.73
O2' MGD CA . -25.79 -8.87 -47.11
C1' MGD CA . -25.03 -7.46 -48.93
N9 MGD CA . -25.19 -8.14 -50.21
C8 MGD CA . -24.71 -9.36 -50.63
N7 MGD CA . -25.03 -9.65 -51.86
C5 MGD CA . -25.66 -8.51 -52.33
C6 MGD CA . -26.19 -8.22 -53.61
O6 MGD CA . -26.24 -8.96 -54.61
N1 MGD CA . -26.75 -6.94 -53.63
C2 MGD CA . -26.86 -6.08 -52.55
N2 MGD CA . -27.37 -4.85 -52.76
N3 MGD CA . -26.32 -6.34 -51.37
C4 MGD CA . -25.79 -7.59 -51.31
C10 MGD CA . -16.05 -5.16 -46.35
C11 MGD CA . -14.75 -4.42 -46.18
O11 MGD CA . -14.47 -4.37 -44.77
C12 MGD CA . -13.65 -5.01 -46.96
S12 MGD CA . -13.94 -5.91 -48.47
C13 MGD CA . -12.39 -4.89 -46.53
S13 MGD CA . -11.06 -5.59 -47.43
C14 MGD CA . -12.04 -4.19 -45.25
N15 MGD CA . -11.39 -5.18 -44.41
C16 MGD CA . -11.23 -4.82 -43.06
C17 MGD CA . -10.14 -5.30 -42.32
O17 MGD CA . -9.23 -6.01 -42.79
N18 MGD CA . -10.10 -4.86 -41.01
C19 MGD CA . -11.06 -4.07 -40.42
N19 MGD CA . -10.91 -3.73 -39.15
N20 MGD CA . -12.05 -3.58 -41.14
C21 MGD CA . -12.14 -3.97 -42.44
N22 MGD CA . -13.16 -3.43 -43.14
C23 MGD CA . -13.31 -3.58 -44.56
FE1 F3S DA . -15.36 -19.55 -53.54
FE3 F3S DA . -13.19 -20.70 -54.54
FE4 F3S DA . -12.89 -18.43 -53.12
S1 F3S DA . -14.99 -21.80 -53.71
S2 F3S DA . -14.68 -18.57 -51.64
S3 F3S DA . -13.94 -18.67 -55.12
S4 F3S DA . -11.57 -20.28 -53.03
AS AST EA . -11.71 -5.54 -52.36
O1 AST EA . -13.40 -5.84 -52.42
O2 AST EA . -11.22 -6.01 -50.74
O3 AST EA . -10.65 -4.62 -53.60
C1 IPA FA . -16.52 -25.18 -67.87
C2 IPA FA . -15.10 -24.99 -68.53
C3 IPA FA . -14.93 -23.99 -69.66
O2 IPA FA . -14.49 -26.19 -68.97
C1 EDO GA . -32.54 -34.76 -50.43
O1 EDO GA . -32.92 -36.10 -49.98
C2 EDO GA . -33.56 -33.77 -50.89
O2 EDO GA . -34.68 -33.47 -50.04
C1 GOL HA . -35.96 8.11 -31.36
O1 GOL HA . -35.20 7.21 -30.56
C2 GOL HA . -36.92 7.38 -32.26
O2 GOL HA . -36.48 6.03 -32.47
C3 GOL HA . -38.35 7.38 -31.76
O3 GOL HA . -39.30 7.32 -32.83
C1 GOL IA . -24.37 18.76 -46.34
O1 GOL IA . -24.36 17.90 -47.45
C2 GOL IA . -25.78 19.17 -46.05
O2 GOL IA . -25.91 19.43 -44.65
C3 GOL IA . -26.13 20.31 -46.97
O3 GOL IA . -25.27 20.29 -48.11
C1 EDO JA . 11.73 -8.43 -71.21
O1 EDO JA . 11.99 -7.08 -71.57
C2 EDO JA . 10.27 -8.51 -70.91
O2 EDO JA . 9.91 -8.37 -69.50
C1 EDO KA . -3.32 -14.65 -13.07
C1 EDO KA . -4.94 -16.06 -12.64
O1 EDO KA . -4.13 -13.73 -12.35
O1 EDO KA . -4.17 -15.17 -13.45
C2 EDO KA . -4.06 -15.77 -13.78
C2 EDO KA . -5.17 -17.42 -13.23
O2 EDO KA . -4.99 -16.57 -13.04
O2 EDO KA . -4.64 -17.60 -14.53
C1 GOL LA . -4.14 -20.19 -64.42
O1 GOL LA . -3.92 -19.29 -65.47
C2 GOL LA . -4.97 -21.34 -64.87
O2 GOL LA . -4.04 -22.41 -65.08
C3 GOL LA . -6.11 -21.60 -63.94
O3 GOL LA . -6.45 -20.44 -63.17
C1 EDO MA . -9.99 8.95 -29.98
O1 EDO MA . -9.17 10.13 -29.96
C2 EDO MA . -11.42 9.19 -30.40
O2 EDO MA . -11.53 10.42 -31.12
C1 EDO NA . -11.58 -2.24 -58.05
O1 EDO NA . -10.51 -2.95 -57.36
C2 EDO NA . -11.38 -0.81 -58.41
O2 EDO NA . -11.09 -0.48 -59.83
C1 EDO OA . -10.59 3.51 -58.07
O1 EDO OA . -10.05 2.86 -59.19
C2 EDO OA . -12.06 3.49 -58.19
O2 EDO OA . -12.55 2.20 -57.86
FE1 FES PA . -9.92 -33.52 -46.59
FE2 FES PA . -9.94 -31.82 -48.76
S1 FES PA . -9.39 -31.30 -46.61
S2 FES PA . -10.19 -34.08 -48.75
C1 EDO QA . -17.97 -25.04 -39.54
O1 EDO QA . -17.39 -23.82 -40.11
C2 EDO QA . -17.22 -25.67 -38.41
O2 EDO QA . -17.97 -26.80 -37.85
PB MGD RA . -2.47 10.78 41.89
O1B MGD RA . -2.03 11.90 40.99
O2B MGD RA . -2.10 11.00 43.32
O3B MGD RA . -1.92 9.41 41.26
O3A MGD RA . -0.81 7.31 41.78
PA MGD RA . -2.32 7.92 41.76
O1A MGD RA . -3.06 7.95 43.06
O2A MGD RA . -2.99 7.20 40.61
O5' MGD RA . -4.05 10.49 41.67
C5' MGD RA . -4.99 11.36 42.25
C4' MGD RA . -6.18 11.40 41.30
O4' MGD RA . -7.34 11.81 42.07
C3' MGD RA . -6.06 12.35 40.10
O3' MGD RA . -6.66 11.73 38.96
C2' MGD RA . -6.85 13.57 40.58
O2' MGD RA . -7.39 14.41 39.62
C1' MGD RA . -7.94 12.93 41.44
N9 MGD RA . -8.40 13.76 42.55
C8 MGD RA . -7.79 14.80 43.20
N7 MGD RA . -8.45 15.25 44.22
C5 MGD RA . -9.56 14.41 44.29
C6 MGD RA . -10.64 14.39 45.21
O6 MGD RA . -10.85 15.15 46.17
N1 MGD RA . -11.50 13.36 44.92
C2 MGD RA . -11.41 12.49 43.85
N2 MGD RA . -12.35 11.53 43.79
N3 MGD RA . -10.42 12.51 42.97
C4 MGD RA . -9.52 13.48 43.27
C10 MGD RA . 0.08 7.78 42.82
C11 MGD RA . 1.03 6.64 43.16
O11 MGD RA . 1.85 6.41 42.00
C12 MGD RA . 1.84 6.93 44.36
S12 MGD RA . 1.26 8.00 45.66
C13 MGD RA . 3.01 6.33 44.48
S13 MGD RA . 4.01 6.72 45.86
C14 MGD RA . 3.60 5.48 43.41
N15 MGD RA . 4.80 6.18 42.95
C16 MGD RA . 5.44 5.70 41.83
C17 MGD RA . 6.84 5.78 41.65
O17 MGD RA . 7.67 6.23 42.48
N18 MGD RA . 7.32 5.26 40.46
C19 MGD RA . 6.50 4.73 39.50
N19 MGD RA . 7.06 4.27 38.33
N20 MGD RA . 5.21 4.64 39.68
C21 MGD RA . 4.66 5.14 40.81
N22 MGD RA . 3.31 4.97 40.95
C23 MGD RA . 2.62 5.25 42.21
MO MO SA . 2.95 8.21 47.31
PB MGD TA . 11.00 9.76 44.93
O1B MGD TA . 11.56 10.72 43.98
O2B MGD TA . 9.84 8.87 44.59
O3B MGD TA . 10.70 10.61 46.26
O3A MGD TA . 9.03 11.07 48.06
PA MGD TA . 10.45 10.36 47.84
O1A MGD TA . 10.41 8.91 48.18
O2A MGD TA . 11.39 11.29 48.52
O5' MGD TA . 12.20 8.74 45.42
C5' MGD TA . 13.20 9.17 46.39
C4' MGD TA . 14.55 8.65 45.97
O4' MGD TA . 14.62 7.21 45.84
C3' MGD TA . 15.05 9.16 44.59
O3' MGD TA . 15.86 10.30 44.83
C2' MGD TA . 15.80 7.96 43.97
O2' MGD TA . 17.04 8.29 43.39
C1' MGD TA . 15.85 7.00 45.16
N9 MGD TA . 16.04 5.59 44.83
C8 MGD TA . 15.72 4.91 43.67
N7 MGD TA . 16.00 3.63 43.74
C5 MGD TA . 16.57 3.46 44.98
C6 MGD TA . 17.06 2.31 45.62
O6 MGD TA . 17.13 1.17 45.16
N1 MGD TA . 17.44 2.57 46.93
C2 MGD TA . 17.46 3.83 47.51
N2 MGD TA . 17.99 3.94 48.72
N3 MGD TA . 17.02 4.91 46.91
C4 MGD TA . 16.57 4.66 45.67
C10 MGD TA . 7.86 10.52 47.48
C11 MGD TA . 6.66 11.15 48.08
O11 MGD TA . 6.73 12.51 47.67
C12 MGD TA . 5.37 10.50 47.61
S12 MGD TA . 5.22 8.78 47.79
C13 MGD TA . 4.30 11.24 47.28
S13 MGD TA . 2.76 10.48 46.96
C14 MGD TA . 4.35 12.75 47.17
N15 MGD TA . 4.42 13.19 45.78
C16 MGD TA . 5.05 14.38 45.44
C17 MGD TA . 5.02 14.87 44.15
O17 MGD TA . 4.39 14.34 43.21
N18 MGD TA . 5.81 15.98 43.89
C19 MGD TA . 6.53 16.63 44.87
N19 MGD TA . 7.28 17.69 44.52
N20 MGD TA . 6.54 16.18 46.10
C21 MGD TA . 5.82 15.07 46.39
N22 MGD TA . 5.83 14.64 47.67
C23 MGD TA . 5.57 13.27 47.97
FE1 F3S UA . 2.17 21.75 50.54
FE3 F3S UA . 3.98 22.23 52.41
FE4 F3S UA . 4.09 19.92 51.09
S1 F3S UA . 3.12 23.82 51.03
S2 F3S UA . 3.24 20.48 49.01
S3 F3S UA . 2.38 20.50 52.46
S4 F3S UA . 5.86 21.21 51.71
C1 IPA VA . -16.81 -13.00 38.22
C2 IPA VA . -15.54 -12.82 37.37
C3 IPA VA . -15.69 -12.49 35.91
O2 IPA VA . -14.80 -11.76 37.95
AS AST WA . 1.33 7.29 50.06
O1 AST WA . -0.08 8.09 49.48
O2 AST WA . 1.56 6.21 51.58
O3 AST WA . 2.41 7.41 48.65
C1 EDO XA . 25.30 -5.41 42.28
O1 EDO XA . 26.13 -5.11 43.45
C2 EDO XA . 23.83 -5.70 42.56
O2 EDO XA . 22.91 -5.50 41.42
C1 EDO YA . -2.06 28.08 65.25
O1 EDO YA . -2.96 26.96 65.53
C2 EDO YA . -2.31 29.11 64.15
O2 EDO YA . -3.17 28.66 63.09
C1 EDO ZA . -14.48 14.45 27.68
O1 EDO ZA . -15.61 15.11 27.09
C2 EDO ZA . -14.81 13.71 28.94
O2 EDO ZA . -15.37 14.50 30.06
C1 EDO AB . 23.58 1.04 37.47
O1 EDO AB . 24.89 1.55 37.93
C2 EDO AB . 23.59 -0.06 36.38
O2 EDO AB . 23.15 0.28 35.05
C1 EDO BB . 0.28 5.77 60.86
O1 EDO BB . -0.10 4.75 59.91
C2 EDO BB . -0.33 5.68 62.22
O2 EDO BB . 0.41 6.50 63.15
C1 GOL CB . 5.57 -11.47 55.41
O1 GOL CB . 6.37 -12.24 56.31
C2 GOL CB . 4.13 -11.30 55.85
O2 GOL CB . 3.87 -10.00 56.37
C3 GOL CB . 3.19 -11.60 54.69
O3 GOL CB . 2.03 -10.76 54.68
C1 GOL DB . -3.11 3.35 56.59
O1 GOL DB . -2.55 2.27 57.33
C2 GOL DB . -2.28 3.81 55.42
O2 GOL DB . -2.14 2.68 54.55
C3 GOL DB . -0.93 4.37 55.85
O3 GOL DB . -0.26 5.09 54.80
C1 GOL EB . -2.57 -1.00 55.84
O1 GOL EB . -3.45 -0.69 56.91
C2 GOL EB . -3.33 -1.26 54.58
O2 GOL EB . -3.96 -2.54 54.62
C3 GOL EB . -4.36 -0.21 54.31
O3 GOL EB . -3.71 1.04 54.13
FE1 FES FB . 14.19 32.72 47.55
FE2 FES FB . 12.68 31.32 49.36
S1 FES FB . 13.88 30.48 47.63
S2 FES FB . 13.19 33.55 49.42
MO MO GB . 31.02 -26.36 -3.91
PB MGD HB . 38.71 -26.34 -6.46
O1B MGD HB . 38.99 -26.68 -7.87
O2B MGD HB . 37.75 -27.25 -5.75
O3B MGD HB . 38.33 -24.79 -6.40
O3A MGD HB . 36.80 -23.16 -5.36
PA MGD HB . 38.22 -23.89 -5.03
O1A MGD HB . 38.16 -24.79 -3.87
O2A MGD HB . 39.18 -22.78 -5.16
O5' MGD HB . 40.10 -26.23 -5.64
C5' MGD HB . 40.85 -27.41 -5.32
C4' MGD HB . 42.33 -27.09 -5.41
O4' MGD HB . 43.01 -28.08 -4.58
C3' MGD HB . 42.97 -27.16 -6.81
O3' MGD HB . 43.97 -26.16 -6.98
C2' MGD HB . 43.56 -28.60 -6.79
O2' MGD HB . 44.62 -28.79 -7.68
C1' MGD HB . 43.97 -28.79 -5.32
N9 MGD HB . 43.92 -30.13 -4.76
C8 MGD HB . 43.23 -31.24 -5.20
N7 MGD HB . 43.38 -32.30 -4.44
C5 MGD HB . 44.22 -31.83 -3.41
C6 MGD HB . 44.80 -32.53 -2.30
O6 MGD HB . 44.62 -33.71 -1.96
N1 MGD HB . 45.53 -31.66 -1.47
C2 MGD HB . 45.76 -30.33 -1.75
N2 MGD HB . 46.49 -29.62 -0.87
N3 MGD HB . 45.28 -29.71 -2.83
C4 MGD HB . 44.52 -30.51 -3.59
C10 MGD HB . 35.61 -23.99 -5.41
C11 MGD HB . 34.45 -23.12 -4.97
O11 MGD HB . 34.26 -22.15 -5.99
C12 MGD HB . 33.20 -23.89 -4.70
S12 MGD HB . 33.28 -25.56 -4.13
C13 MGD HB . 32.03 -23.28 -4.91
S13 MGD HB . 30.56 -24.18 -4.61
C14 MGD HB . 31.89 -21.89 -5.50
N15 MGD HB . 31.22 -22.02 -6.78
C16 MGD HB . 31.11 -20.90 -7.54
C17 MGD HB . 29.99 -20.59 -8.33
O17 MGD HB . 28.98 -21.31 -8.48
N18 MGD HB . 30.08 -19.42 -9.08
C19 MGD HB . 31.22 -18.64 -9.07
N19 MGD HB . 31.23 -17.55 -9.84
N20 MGD HB . 32.22 -18.88 -8.25
C21 MGD HB . 32.19 -20.00 -7.51
N22 MGD HB . 33.23 -20.20 -6.66
C23 MGD HB . 33.25 -21.21 -5.64
PB MGD IB . 25.45 -25.06 -10.26
O1B MGD IB . 25.68 -25.19 -11.76
O2B MGD IB . 26.42 -24.29 -9.44
O3B MGD IB . 25.26 -26.51 -9.62
O3A MGD IB . 25.84 -28.14 -7.85
PA MGD IB . 24.61 -27.22 -8.31
O1A MGD IB . 24.27 -26.16 -7.31
O2A MGD IB . 23.48 -28.12 -8.79
O5' MGD IB . 24.04 -24.28 -10.04
C5' MGD IB . 22.75 -24.95 -9.91
C4' MGD IB . 21.71 -24.14 -10.63
O4' MGD IB . 21.44 -22.91 -9.93
C3' MGD IB . 22.07 -23.71 -12.06
O3' MGD IB . 21.45 -24.64 -12.95
C2' MGD IB . 21.49 -22.29 -12.20
O2' MGD IB . 20.73 -22.10 -13.37
C1' MGD IB . 20.71 -22.15 -10.89
N9 MGD IB . 20.49 -20.80 -10.42
C8 MGD IB . 21.22 -19.65 -10.67
N7 MGD IB . 20.72 -18.59 -10.07
C5 MGD IB . 19.61 -19.06 -9.40
C6 MGD IB . 18.69 -18.37 -8.58
O6 MGD IB . 18.69 -17.17 -8.29
N1 MGD IB . 17.75 -19.25 -8.04
C2 MGD IB . 17.67 -20.58 -8.30
N2 MGD IB . 16.70 -21.28 -7.72
N3 MGD IB . 18.50 -21.22 -9.11
C4 MGD IB . 19.45 -20.41 -9.60
C10 MGD IB . 27.04 -27.54 -7.35
C11 MGD IB . 27.91 -28.59 -6.78
O11 MGD IB . 28.25 -29.47 -7.85
C12 MGD IB . 29.14 -28.08 -6.13
S12 MGD IB . 28.93 -26.76 -4.99
C13 MGD IB . 30.33 -28.64 -6.19
S13 MGD IB . 31.72 -28.13 -5.25
C14 MGD IB . 30.54 -29.77 -7.17
N15 MGD IB . 31.17 -29.28 -8.36
C16 MGD IB . 31.03 -30.02 -9.56
C17 MGD IB . 31.77 -29.71 -10.68
O17 MGD IB . 32.68 -28.86 -10.73
N18 MGD IB . 31.44 -30.41 -11.83
C19 MGD IB . 30.49 -31.37 -11.90
N19 MGD IB . 30.18 -31.88 -13.13
N20 MGD IB . 29.77 -31.69 -10.84
C21 MGD IB . 30.03 -30.99 -9.67
N22 MGD IB . 29.32 -31.36 -8.58
C23 MGD IB . 29.20 -30.44 -7.47
FE1 F3S JB . 32.21 -39.35 -8.77
FE3 F3S JB . 29.80 -40.52 -8.61
FE4 F3S JB . 29.97 -37.84 -8.29
S1 F3S JB . 31.48 -41.12 -10.06
S2 F3S JB . 31.81 -37.31 -9.63
S3 F3S JB . 30.86 -39.41 -6.93
S4 F3S JB . 28.39 -38.95 -9.46
C1 GOL KB . 19.89 -46.51 -0.81
O1 GOL KB . 19.80 -47.31 0.35
C2 GOL KB . 20.72 -45.32 -0.45
O2 GOL KB . 20.42 -44.95 0.92
C3 GOL KB . 22.17 -45.66 -0.74
O3 GOL KB . 22.81 -44.62 -1.42
AS AST LB . 31.01 -27.42 -0.80
O1 AST LB . 30.46 -26.36 -2.04
O2 AST LB . 29.96 -27.33 0.75
O3 AST LB . 32.62 -28.02 -0.92
C1 PGE MB . 68.33 -28.68 5.64
O1 PGE MB . 67.81 -29.03 4.26
C2 PGE MB . 68.83 -27.25 5.76
O2 PGE MB . 67.74 -26.34 5.66
C3 PGE MB . 67.78 -25.24 6.57
C4 PGE MB . 67.64 -23.94 5.80
O4 PGE MB . 68.96 -20.71 2.98
C6 PGE MB . 69.63 -21.68 3.86
C5 PGE MB . 68.84 -23.00 3.94
O3 PGE MB . 68.92 -23.59 5.23
C1 IPA NB . 30.23 -52.74 0.85
C2 IPA NB . 30.76 -53.35 -0.50
C3 IPA NB . 31.80 -52.67 -1.33
O2 IPA NB . 29.79 -53.52 -1.45
C1 EDO OB . 29.43 -28.49 5.93
C1 EDO OB . 30.29 -27.43 7.63
O1 EDO OB . 29.66 -28.46 4.52
O1 EDO OB . 30.07 -27.90 8.97
C2 EDO OB . 30.45 -27.86 6.82
C2 EDO OB . 31.19 -28.24 6.73
O2 EDO OB . 30.94 -26.63 6.33
O2 EDO OB . 30.77 -28.23 5.38
C1 EDO PB . 23.61 -19.05 -33.95
O1 EDO PB . 23.51 -17.93 -33.08
C2 EDO PB . 23.09 -18.66 -35.27
O2 EDO PB . 23.47 -17.33 -35.61
C1 EDO QB . 49.93 -61.86 -8.54
O1 EDO QB . 50.85 -60.77 -8.51
C2 EDO QB . 48.62 -61.29 -8.82
O2 EDO QB . 48.64 -60.30 -9.85
C1 EDO RB . -3.52 -23.71 12.51
O1 EDO RB . -4.89 -23.75 13.04
C2 EDO RB . -2.43 -23.46 13.53
O2 EDO RB . -1.56 -24.58 13.77
C1 GOL SB . 21.91 -13.86 12.42
O1 GOL SB . 20.73 -13.55 11.67
C2 GOL SB . 22.96 -14.37 11.47
O2 GOL SB . 24.31 -14.02 11.86
C3 GOL SB . 22.70 -15.82 11.16
O3 GOL SB . 23.59 -16.76 11.74
C1 EDO TB . 31.26 -23.75 9.66
O1 EDO TB . 30.46 -24.89 9.86
C2 EDO TB . 32.59 -24.20 9.26
O2 EDO TB . 32.52 -25.16 8.33
C1 EDO UB . 24.26 -51.78 -13.48
O1 EDO UB . 25.41 -51.78 -12.64
C2 EDO UB . 23.92 -50.38 -13.88
O2 EDO UB . 22.54 -50.31 -14.28
FE1 FES VB . 25.03 -44.81 -22.61
FE2 FES VB . 25.19 -44.90 -19.87
S1 FES VB . 24.88 -43.11 -21.16
S2 FES VB . 25.08 -46.61 -21.34
#